data_2L5C
#
_entry.id   2L5C
#
_entity_poly.entity_id   1
_entity_poly.type   'polypeptide(L)'
_entity_poly.pdbx_seq_one_letter_code
;CTDVSHKVLRSETVLDFMFNFYHQTEEHKFQEQVSKELIGLVVLTKYNNKTYRVDDIDWDQNPKSTFKKADGSEVSFLEY
YRKQYNQEITDLKQPVLVSQPKRRRGPGGTLPGPAMLIPELCYLTGLTDKMRND
;
_entity_poly.pdbx_strand_id   A
#
# COMPACT_ATOMS: atom_id res chain seq x y z
N CYS A 1 -0.88 19.06 -28.96
CA CYS A 1 -0.33 17.88 -28.25
C CYS A 1 1.19 17.99 -28.10
N THR A 2 1.71 19.19 -28.30
CA THR A 2 3.14 19.43 -28.20
C THR A 2 3.50 20.13 -26.88
N ASP A 3 4.23 19.42 -26.03
CA ASP A 3 4.64 19.97 -24.73
C ASP A 3 3.42 20.39 -23.91
N VAL A 4 2.93 19.48 -23.07
CA VAL A 4 1.78 19.76 -22.24
C VAL A 4 1.94 19.18 -20.84
N SER A 5 1.36 19.87 -19.87
CA SER A 5 1.43 19.45 -18.49
C SER A 5 0.30 18.45 -18.17
N HIS A 6 0.69 17.24 -17.78
CA HIS A 6 -0.28 16.20 -17.45
C HIS A 6 -0.82 16.36 -16.04
N LYS A 7 -2.14 16.42 -15.92
CA LYS A 7 -2.80 16.55 -14.63
C LYS A 7 -2.61 15.29 -13.80
N VAL A 8 -1.46 15.19 -13.13
CA VAL A 8 -1.11 14.03 -12.31
C VAL A 8 -1.93 12.79 -12.69
N LEU A 9 -1.53 12.16 -13.79
CA LEU A 9 -2.21 10.97 -14.27
C LEU A 9 -1.67 9.72 -13.59
N ARG A 10 -2.16 9.45 -12.39
CA ARG A 10 -1.77 8.30 -11.61
C ARG A 10 -2.95 7.87 -10.78
N SER A 11 -2.75 6.86 -9.97
CA SER A 11 -3.82 6.36 -9.13
C SER A 11 -4.28 7.39 -8.13
N GLU A 12 -4.86 6.88 -7.06
CA GLU A 12 -5.34 7.68 -5.96
C GLU A 12 -4.91 6.97 -4.69
N THR A 13 -4.21 5.87 -4.94
CA THR A 13 -3.65 5.03 -3.90
C THR A 13 -2.43 5.70 -3.31
N VAL A 14 -1.70 5.01 -2.45
CA VAL A 14 -0.52 5.62 -1.89
C VAL A 14 0.45 5.89 -3.01
N LEU A 15 0.83 4.89 -3.81
CA LEU A 15 1.73 5.10 -4.93
C LEU A 15 1.34 6.38 -5.64
N ASP A 16 0.04 6.65 -5.70
CA ASP A 16 -0.44 7.87 -6.33
C ASP A 16 0.07 9.04 -5.51
N PHE A 17 -0.10 8.95 -4.19
CA PHE A 17 0.36 9.97 -3.28
C PHE A 17 1.90 10.00 -3.25
N MET A 18 2.52 8.90 -2.78
CA MET A 18 3.98 8.80 -2.73
C MET A 18 4.60 9.36 -4.03
N PHE A 19 3.88 9.24 -5.15
CA PHE A 19 4.37 9.76 -6.44
C PHE A 19 4.34 11.28 -6.43
N ASN A 20 3.16 11.82 -6.13
CA ASN A 20 2.95 13.25 -6.03
C ASN A 20 4.16 13.90 -5.37
N PHE A 21 4.73 13.12 -4.47
CA PHE A 21 5.89 13.50 -3.71
C PHE A 21 7.18 13.52 -4.51
N TYR A 22 7.48 12.43 -5.18
CA TYR A 22 8.71 12.36 -5.97
C TYR A 22 8.76 13.53 -6.94
N HIS A 23 7.62 14.19 -7.13
CA HIS A 23 7.55 15.35 -8.00
C HIS A 23 8.02 16.59 -7.24
N GLN A 24 7.78 16.58 -5.92
CA GLN A 24 8.18 17.68 -5.04
C GLN A 24 9.43 17.35 -4.22
N THR A 25 9.21 16.70 -3.09
CA THR A 25 10.28 16.33 -2.17
C THR A 25 11.38 15.51 -2.85
N GLU A 26 12.57 15.53 -2.24
CA GLU A 26 13.71 14.80 -2.77
C GLU A 26 13.51 13.30 -2.59
N GLU A 27 14.62 12.58 -2.40
CA GLU A 27 14.57 11.14 -2.18
C GLU A 27 14.44 10.80 -0.69
N HIS A 28 15.47 11.15 0.09
CA HIS A 28 15.49 10.86 1.53
C HIS A 28 14.29 11.47 2.26
N LYS A 29 14.18 12.80 2.23
CA LYS A 29 13.06 13.47 2.90
C LYS A 29 11.77 12.79 2.52
N PHE A 30 11.55 12.73 1.22
CA PHE A 30 10.38 12.10 0.63
C PHE A 30 9.99 10.85 1.39
N GLN A 31 10.72 9.76 1.18
CA GLN A 31 10.43 8.48 1.82
C GLN A 31 9.93 8.66 3.25
N GLU A 32 10.55 9.58 3.96
CA GLU A 32 10.16 9.86 5.34
C GLU A 32 8.71 10.35 5.44
N GLN A 33 8.45 11.51 4.84
CA GLN A 33 7.11 12.10 4.84
C GLN A 33 6.04 11.12 4.38
N VAL A 34 6.21 10.62 3.18
CA VAL A 34 5.26 9.68 2.61
C VAL A 34 5.06 8.45 3.48
N SER A 35 6.14 7.71 3.75
CA SER A 35 6.03 6.51 4.60
C SER A 35 5.08 6.80 5.73
N LYS A 36 5.30 7.94 6.35
CA LYS A 36 4.49 8.42 7.45
C LYS A 36 3.03 8.50 7.04
N GLU A 37 2.80 9.27 5.98
CA GLU A 37 1.45 9.44 5.47
C GLU A 37 0.77 8.10 5.33
N LEU A 38 1.39 7.21 4.59
CA LEU A 38 0.85 5.87 4.40
C LEU A 38 0.75 5.17 5.76
N ILE A 39 1.62 5.54 6.71
CA ILE A 39 1.63 4.92 8.05
C ILE A 39 0.39 5.29 8.86
N GLY A 40 -0.12 4.30 9.62
CA GLY A 40 -1.32 4.50 10.41
C GLY A 40 -2.50 4.89 9.54
N LEU A 41 -2.28 4.84 8.24
CA LEU A 41 -3.28 5.20 7.25
C LEU A 41 -3.91 3.99 6.59
N VAL A 42 -5.23 3.86 6.68
CA VAL A 42 -5.89 2.73 6.03
C VAL A 42 -5.99 2.99 4.56
N VAL A 43 -5.87 1.93 3.80
CA VAL A 43 -5.94 2.04 2.38
C VAL A 43 -6.75 0.91 1.82
N LEU A 44 -7.82 1.24 1.12
CA LEU A 44 -8.60 0.18 0.53
C LEU A 44 -8.02 -0.12 -0.81
N THR A 45 -7.59 -1.34 -0.95
CA THR A 45 -7.00 -1.79 -2.18
C THR A 45 -8.08 -2.12 -3.17
N LYS A 46 -7.76 -2.03 -4.44
CA LYS A 46 -8.77 -2.30 -5.45
C LYS A 46 -8.88 -3.79 -5.69
N TYR A 47 -8.00 -4.57 -5.02
CA TYR A 47 -8.00 -6.03 -5.17
C TYR A 47 -9.43 -6.52 -5.17
N ASN A 48 -10.09 -6.21 -4.08
CA ASN A 48 -11.47 -6.56 -3.86
C ASN A 48 -12.06 -5.56 -2.87
N ASN A 49 -11.43 -4.38 -2.85
CA ASN A 49 -11.81 -3.28 -1.97
C ASN A 49 -11.56 -3.62 -0.51
N LYS A 50 -10.28 -3.72 -0.13
CA LYS A 50 -9.96 -4.03 1.26
C LYS A 50 -9.11 -2.96 1.91
N THR A 51 -9.57 -2.48 3.05
CA THR A 51 -8.88 -1.42 3.76
C THR A 51 -7.81 -1.95 4.71
N TYR A 52 -6.62 -1.41 4.56
CA TYR A 52 -5.49 -1.81 5.38
C TYR A 52 -4.72 -0.63 5.92
N ARG A 53 -4.59 -0.55 7.23
CA ARG A 53 -3.86 0.54 7.82
C ARG A 53 -2.38 0.32 7.58
N VAL A 54 -1.84 0.89 6.51
CA VAL A 54 -0.43 0.73 6.24
C VAL A 54 0.33 1.41 7.37
N ASP A 55 1.14 0.63 8.07
CA ASP A 55 1.91 1.13 9.20
C ASP A 55 3.39 0.88 8.97
N ASP A 56 3.69 0.23 7.86
CA ASP A 56 5.04 -0.09 7.49
C ASP A 56 5.19 -0.08 5.98
N ILE A 57 6.31 0.42 5.50
CA ILE A 57 6.58 0.43 4.08
C ILE A 57 7.86 -0.32 3.81
N ASP A 58 7.74 -1.53 3.33
CA ASP A 58 8.91 -2.32 3.04
C ASP A 58 9.52 -1.83 1.74
N TRP A 59 10.37 -0.82 1.84
CA TRP A 59 11.03 -0.24 0.68
C TRP A 59 12.01 -1.21 0.04
N ASP A 60 11.88 -2.50 0.39
CA ASP A 60 12.69 -3.54 -0.17
C ASP A 60 11.90 -4.24 -1.28
N GLN A 61 10.77 -4.83 -0.89
CA GLN A 61 9.90 -5.50 -1.84
C GLN A 61 9.20 -4.50 -2.75
N ASN A 62 8.62 -5.02 -3.81
CA ASN A 62 7.86 -4.23 -4.76
C ASN A 62 6.81 -5.14 -5.37
N PRO A 63 5.76 -4.58 -5.99
CA PRO A 63 4.68 -5.38 -6.56
C PRO A 63 5.14 -6.37 -7.63
N LYS A 64 6.44 -6.54 -7.76
CA LYS A 64 6.98 -7.48 -8.72
C LYS A 64 7.73 -8.61 -8.01
N SER A 65 8.27 -8.27 -6.84
CA SER A 65 9.00 -9.25 -6.03
C SER A 65 8.06 -10.32 -5.54
N THR A 66 8.60 -11.46 -5.11
CA THR A 66 7.76 -12.55 -4.63
C THR A 66 7.66 -12.59 -3.12
N PHE A 67 6.49 -12.99 -2.65
CA PHE A 67 6.21 -13.11 -1.22
C PHE A 67 5.33 -14.32 -1.01
N LYS A 68 5.40 -14.93 0.17
CA LYS A 68 4.58 -16.10 0.39
C LYS A 68 3.34 -15.73 1.18
N LYS A 69 2.26 -15.46 0.43
CA LYS A 69 0.92 -15.07 0.92
C LYS A 69 0.76 -15.06 2.43
N ALA A 70 1.71 -14.46 3.14
CA ALA A 70 1.65 -14.38 4.59
C ALA A 70 1.67 -15.76 5.25
N ASP A 71 1.20 -16.77 4.52
CA ASP A 71 1.14 -18.12 5.04
C ASP A 71 2.27 -18.96 4.48
N GLY A 72 2.54 -18.78 3.20
CA GLY A 72 3.61 -19.53 2.58
C GLY A 72 3.49 -19.70 1.07
N SER A 73 2.35 -19.39 0.48
CA SER A 73 2.24 -19.50 -0.97
C SER A 73 3.01 -18.33 -1.57
N GLU A 74 4.10 -18.64 -2.27
CA GLU A 74 4.97 -17.62 -2.82
C GLU A 74 4.54 -17.14 -4.21
N VAL A 75 4.05 -15.90 -4.28
CA VAL A 75 3.63 -15.28 -5.53
C VAL A 75 4.19 -13.87 -5.63
N SER A 76 4.64 -13.49 -6.81
CA SER A 76 5.12 -12.13 -7.00
C SER A 76 3.94 -11.22 -6.73
N PHE A 77 4.11 -10.30 -5.78
CA PHE A 77 3.06 -9.39 -5.38
C PHE A 77 2.06 -9.10 -6.50
N LEU A 78 2.56 -8.73 -7.67
CA LEU A 78 1.68 -8.42 -8.78
C LEU A 78 0.66 -9.53 -9.01
N GLU A 79 1.15 -10.77 -9.09
CA GLU A 79 0.28 -11.92 -9.30
C GLU A 79 -0.80 -11.99 -8.24
N TYR A 80 -0.37 -11.88 -6.99
CA TYR A 80 -1.28 -11.91 -5.87
C TYR A 80 -2.51 -11.05 -6.13
N TYR A 81 -2.28 -9.81 -6.52
CA TYR A 81 -3.34 -8.84 -6.75
C TYR A 81 -4.02 -9.00 -8.12
N ARG A 82 -3.23 -8.84 -9.18
CA ARG A 82 -3.74 -8.94 -10.54
C ARG A 82 -4.34 -10.30 -10.88
N LYS A 83 -3.66 -11.37 -10.51
CA LYS A 83 -4.11 -12.70 -10.84
C LYS A 83 -5.08 -13.32 -9.84
N GLN A 84 -5.02 -12.95 -8.57
CA GLN A 84 -5.95 -13.52 -7.59
C GLN A 84 -7.09 -12.57 -7.26
N TYR A 85 -6.91 -11.28 -7.53
CA TYR A 85 -7.94 -10.30 -7.24
C TYR A 85 -8.35 -9.50 -8.48
N ASN A 86 -7.53 -9.60 -9.52
CA ASN A 86 -7.77 -8.93 -10.80
C ASN A 86 -7.31 -7.47 -10.77
N GLN A 87 -6.27 -7.16 -10.00
CA GLN A 87 -5.77 -5.80 -9.95
C GLN A 87 -4.42 -5.69 -10.67
N GLU A 88 -4.49 -5.37 -11.95
CA GLU A 88 -3.29 -5.20 -12.75
C GLU A 88 -2.54 -3.95 -12.32
N ILE A 89 -1.42 -4.19 -11.68
CA ILE A 89 -0.59 -3.13 -11.15
C ILE A 89 0.15 -2.37 -12.24
N THR A 90 1.16 -3.02 -12.82
CA THR A 90 1.96 -2.43 -13.88
C THR A 90 2.83 -1.30 -13.34
N ASP A 91 2.55 -0.90 -12.11
CA ASP A 91 3.28 0.15 -11.44
C ASP A 91 3.96 -0.48 -10.24
N LEU A 92 4.68 -1.55 -10.52
CA LEU A 92 5.36 -2.32 -9.50
C LEU A 92 6.70 -1.72 -9.21
N LYS A 93 6.80 -0.43 -9.44
CA LYS A 93 8.04 0.27 -9.23
C LYS A 93 8.11 0.87 -7.83
N GLN A 94 7.04 0.77 -7.04
CA GLN A 94 7.08 1.31 -5.71
C GLN A 94 7.25 0.18 -4.72
N PRO A 95 7.53 0.48 -3.45
CA PRO A 95 7.73 -0.55 -2.44
C PRO A 95 6.44 -1.20 -2.01
N VAL A 96 6.42 -1.65 -0.77
CA VAL A 96 5.25 -2.29 -0.22
C VAL A 96 4.79 -1.56 1.01
N LEU A 97 3.57 -1.83 1.38
CA LEU A 97 2.98 -1.21 2.55
C LEU A 97 2.52 -2.30 3.48
N VAL A 98 3.42 -2.76 4.33
CA VAL A 98 3.07 -3.79 5.28
C VAL A 98 2.18 -3.13 6.32
N SER A 99 0.89 -3.36 6.10
CA SER A 99 -0.16 -2.76 6.89
C SER A 99 -0.51 -3.56 8.13
N GLN A 100 -1.04 -2.84 9.10
CA GLN A 100 -1.55 -3.41 10.31
C GLN A 100 -3.04 -3.65 10.10
N PRO A 101 -3.45 -4.90 9.80
CA PRO A 101 -4.84 -5.21 9.50
C PRO A 101 -5.67 -5.63 10.71
N LYS A 102 -6.97 -5.71 10.51
CA LYS A 102 -7.91 -6.09 11.55
C LYS A 102 -8.35 -7.55 11.40
N ARG A 103 -7.51 -8.36 10.74
CA ARG A 103 -7.81 -9.76 10.53
C ARG A 103 -7.48 -10.56 11.79
N ARG A 104 -7.85 -9.99 12.93
CA ARG A 104 -7.61 -10.58 14.25
C ARG A 104 -7.74 -12.09 14.27
N ARG A 105 -6.61 -12.78 14.40
CA ARG A 105 -6.60 -14.23 14.46
C ARG A 105 -6.98 -14.66 15.87
N GLY A 106 -7.23 -13.65 16.72
CA GLY A 106 -7.60 -13.87 18.09
C GLY A 106 -7.83 -12.57 18.83
N PRO A 107 -9.05 -12.35 19.32
CA PRO A 107 -9.42 -11.11 20.04
C PRO A 107 -8.46 -10.74 21.15
N GLY A 108 -8.24 -9.44 21.32
CA GLY A 108 -7.34 -8.95 22.34
C GLY A 108 -6.27 -8.05 21.75
N GLY A 109 -6.67 -7.20 20.81
CA GLY A 109 -5.73 -6.30 20.15
C GLY A 109 -4.53 -7.02 19.60
N THR A 110 -3.35 -6.50 19.94
CA THR A 110 -2.05 -7.05 19.52
C THR A 110 -2.05 -7.44 18.05
N LEU A 111 -3.04 -6.95 17.36
CA LEU A 111 -3.27 -7.20 15.94
C LEU A 111 -2.95 -8.63 15.47
N PRO A 112 -3.35 -8.90 14.21
CA PRO A 112 -3.10 -10.14 13.51
C PRO A 112 -1.92 -10.03 12.54
N GLY A 113 -1.97 -10.82 11.48
CA GLY A 113 -0.92 -10.81 10.47
C GLY A 113 -1.03 -9.63 9.50
N PRO A 114 0.05 -8.83 9.33
CA PRO A 114 0.10 -7.65 8.46
C PRO A 114 -0.46 -7.83 7.05
N ALA A 115 -0.41 -6.73 6.29
CA ALA A 115 -0.88 -6.70 4.91
C ALA A 115 0.15 -6.06 3.98
N MET A 116 1.02 -6.88 3.37
CA MET A 116 2.00 -6.32 2.44
C MET A 116 1.22 -5.81 1.25
N LEU A 117 0.97 -4.52 1.28
CA LEU A 117 0.15 -3.84 0.30
C LEU A 117 0.90 -3.29 -0.90
N ILE A 118 0.14 -3.03 -1.97
CA ILE A 118 0.69 -2.43 -3.18
C ILE A 118 0.34 -0.95 -3.21
N PRO A 119 1.35 -0.08 -3.12
CA PRO A 119 1.12 1.37 -3.12
C PRO A 119 0.21 1.77 -4.27
N GLU A 120 0.32 1.05 -5.37
CA GLU A 120 -0.45 1.35 -6.59
C GLU A 120 -1.93 0.99 -6.50
N LEU A 121 -2.29 0.01 -5.70
CA LEU A 121 -3.69 -0.40 -5.61
C LEU A 121 -4.35 -0.02 -4.28
N CYS A 122 -3.57 0.44 -3.31
CA CYS A 122 -4.12 0.82 -2.00
C CYS A 122 -4.67 2.25 -2.01
N TYR A 123 -5.90 2.40 -2.49
CA TYR A 123 -6.57 3.70 -2.56
C TYR A 123 -6.50 4.42 -1.20
N LEU A 124 -5.89 5.61 -1.20
CA LEU A 124 -5.77 6.39 0.01
C LEU A 124 -7.16 6.65 0.60
N THR A 125 -7.37 6.23 1.84
CA THR A 125 -8.66 6.41 2.51
C THR A 125 -8.64 7.60 3.45
N GLY A 126 -7.58 7.69 4.26
CA GLY A 126 -7.49 8.76 5.22
C GLY A 126 -8.35 8.45 6.41
N LEU A 127 -8.84 7.23 6.40
CA LEU A 127 -9.71 6.69 7.42
C LEU A 127 -9.00 6.48 8.73
N THR A 128 -7.71 6.13 8.65
CA THR A 128 -6.88 5.88 9.81
C THR A 128 -7.27 4.56 10.46
N ASP A 129 -8.55 4.21 10.32
CA ASP A 129 -9.13 2.99 10.90
C ASP A 129 -8.31 2.55 12.09
N LYS A 130 -8.46 3.32 13.16
CA LYS A 130 -7.78 3.09 14.42
C LYS A 130 -7.61 1.60 14.66
N MET A 131 -8.71 0.88 14.60
CA MET A 131 -8.67 -0.58 14.72
C MET A 131 -7.99 -1.10 16.00
N ARG A 132 -8.22 -2.41 16.27
CA ARG A 132 -7.63 -3.11 17.42
C ARG A 132 -7.70 -2.29 18.70
N ASN A 133 -6.98 -2.75 19.73
CA ASN A 133 -6.97 -2.07 21.02
C ASN A 133 -5.55 -1.98 21.58
N ASP A 134 -4.58 -2.45 20.81
CA ASP A 134 -3.18 -2.44 21.23
C ASP A 134 -2.68 -0.99 21.40
N CYS A 1 -2.00 13.81 -27.99
CA CYS A 1 -0.62 14.10 -27.51
C CYS A 1 -0.50 15.55 -27.06
N THR A 2 -1.45 16.38 -27.48
CA THR A 2 -1.47 17.79 -27.11
C THR A 2 -2.14 18.01 -25.76
N ASP A 3 -1.66 17.29 -24.74
CA ASP A 3 -2.22 17.40 -23.41
C ASP A 3 -1.56 18.53 -22.62
N VAL A 4 -2.37 19.50 -22.19
CA VAL A 4 -1.87 20.64 -21.42
C VAL A 4 -2.07 20.41 -19.94
N SER A 5 -1.18 21.02 -19.15
CA SER A 5 -1.23 20.90 -17.70
C SER A 5 -1.33 19.45 -17.26
N HIS A 6 -1.75 19.23 -16.02
CA HIS A 6 -1.88 17.87 -15.48
C HIS A 6 -3.12 17.74 -14.61
N LYS A 7 -4.10 17.01 -15.09
CA LYS A 7 -5.34 16.78 -14.36
C LYS A 7 -5.32 15.39 -13.73
N VAL A 8 -4.74 15.33 -12.53
CA VAL A 8 -4.60 14.07 -11.80
C VAL A 8 -4.53 12.87 -12.74
N LEU A 9 -3.38 12.69 -13.38
CA LEU A 9 -3.17 11.60 -14.30
C LEU A 9 -2.62 10.38 -13.57
N ARG A 10 -2.95 10.27 -12.28
CA ARG A 10 -2.50 9.17 -11.46
C ARG A 10 -3.64 8.74 -10.54
N SER A 11 -3.56 7.53 -10.04
CA SER A 11 -4.62 7.04 -9.16
C SER A 11 -4.69 7.82 -7.87
N GLU A 12 -5.25 7.19 -6.86
CA GLU A 12 -5.42 7.81 -5.57
C GLU A 12 -4.91 6.93 -4.47
N THR A 13 -4.15 5.90 -4.83
CA THR A 13 -3.58 5.01 -3.84
C THR A 13 -2.35 5.66 -3.25
N VAL A 14 -1.68 4.98 -2.34
CA VAL A 14 -0.50 5.58 -1.77
C VAL A 14 0.50 5.85 -2.89
N LEU A 15 0.85 4.85 -3.69
CA LEU A 15 1.78 5.06 -4.79
C LEU A 15 1.38 6.33 -5.52
N ASP A 16 0.08 6.57 -5.61
CA ASP A 16 -0.45 7.73 -6.27
C ASP A 16 -0.12 8.98 -5.43
N PHE A 17 -0.11 8.81 -4.11
CA PHE A 17 0.30 9.87 -3.21
C PHE A 17 1.84 9.95 -3.19
N MET A 18 2.49 8.87 -2.72
CA MET A 18 3.95 8.79 -2.68
C MET A 18 4.53 9.37 -4.00
N PHE A 19 3.80 9.21 -5.11
CA PHE A 19 4.26 9.75 -6.40
C PHE A 19 4.16 11.26 -6.40
N ASN A 20 2.97 11.75 -6.06
CA ASN A 20 2.70 13.18 -5.96
C ASN A 20 3.87 13.86 -5.29
N PHE A 21 4.52 13.07 -4.44
CA PHE A 21 5.67 13.50 -3.67
C PHE A 21 6.94 13.58 -4.49
N TYR A 22 7.27 12.51 -5.20
CA TYR A 22 8.47 12.50 -6.01
C TYR A 22 8.49 13.73 -6.93
N HIS A 23 7.31 14.33 -7.10
CA HIS A 23 7.18 15.53 -7.92
C HIS A 23 7.63 16.76 -7.13
N GLN A 24 7.40 16.72 -5.81
CA GLN A 24 7.77 17.81 -4.90
C GLN A 24 9.04 17.51 -4.13
N THR A 25 8.86 16.83 -3.00
CA THR A 25 9.97 16.48 -2.11
C THR A 25 11.09 15.75 -2.83
N GLU A 26 12.27 15.75 -2.21
CA GLU A 26 13.44 15.08 -2.77
C GLU A 26 13.25 13.57 -2.74
N GLU A 27 14.36 12.83 -2.66
CA GLU A 27 14.31 11.39 -2.58
C GLU A 27 14.26 10.92 -1.11
N HIS A 28 15.26 11.34 -0.33
CA HIS A 28 15.35 10.96 1.08
C HIS A 28 14.20 11.53 1.89
N LYS A 29 14.09 12.86 1.94
CA LYS A 29 13.01 13.51 2.68
C LYS A 29 11.71 12.84 2.34
N PHE A 30 11.46 12.76 1.03
CA PHE A 30 10.28 12.15 0.49
C PHE A 30 9.92 10.87 1.24
N GLN A 31 10.64 9.78 0.98
CA GLN A 31 10.36 8.49 1.61
C GLN A 31 9.91 8.66 3.05
N GLU A 32 10.56 9.57 3.76
CA GLU A 32 10.23 9.82 5.16
C GLU A 32 8.78 10.29 5.31
N GLN A 33 8.47 11.46 4.77
CA GLN A 33 7.12 12.04 4.84
C GLN A 33 6.06 11.04 4.40
N VAL A 34 6.19 10.55 3.18
CA VAL A 34 5.24 9.62 2.63
C VAL A 34 5.08 8.39 3.51
N SER A 35 6.17 7.66 3.75
CA SER A 35 6.10 6.46 4.59
C SER A 35 5.16 6.72 5.74
N LYS A 36 5.36 7.86 6.36
CA LYS A 36 4.54 8.31 7.48
C LYS A 36 3.09 8.39 7.06
N GLU A 37 2.84 9.17 6.04
CA GLU A 37 1.49 9.36 5.52
C GLU A 37 0.82 8.01 5.38
N LEU A 38 1.46 7.12 4.63
CA LEU A 38 0.92 5.78 4.44
C LEU A 38 0.81 5.08 5.80
N ILE A 39 1.68 5.43 6.75
CA ILE A 39 1.68 4.81 8.07
C ILE A 39 0.44 5.19 8.88
N GLY A 40 -0.08 4.22 9.65
CA GLY A 40 -1.28 4.43 10.43
C GLY A 40 -2.44 4.84 9.54
N LEU A 41 -2.21 4.75 8.24
CA LEU A 41 -3.20 5.14 7.25
C LEU A 41 -3.85 3.93 6.60
N VAL A 42 -5.16 3.83 6.69
CA VAL A 42 -5.87 2.71 6.06
C VAL A 42 -5.97 2.96 4.58
N VAL A 43 -5.82 1.92 3.82
CA VAL A 43 -5.89 2.04 2.41
C VAL A 43 -6.71 0.93 1.81
N LEU A 44 -7.77 1.28 1.11
CA LEU A 44 -8.55 0.25 0.49
C LEU A 44 -7.96 -0.02 -0.86
N THR A 45 -7.53 -1.23 -1.01
CA THR A 45 -6.92 -1.65 -2.24
C THR A 45 -7.97 -1.94 -3.28
N LYS A 46 -7.62 -1.79 -4.54
CA LYS A 46 -8.60 -2.00 -5.58
C LYS A 46 -8.75 -3.51 -5.84
N TYR A 47 -7.89 -4.33 -5.19
CA TYR A 47 -7.95 -5.79 -5.36
C TYR A 47 -9.40 -6.22 -5.40
N ASN A 48 -10.04 -6.04 -4.26
CA ASN A 48 -11.42 -6.36 -4.07
C ASN A 48 -12.00 -5.36 -3.07
N ASN A 49 -11.33 -4.20 -3.01
CA ASN A 49 -11.71 -3.12 -2.13
C ASN A 49 -11.45 -3.46 -0.67
N LYS A 50 -10.18 -3.59 -0.27
CA LYS A 50 -9.89 -3.91 1.12
C LYS A 50 -9.04 -2.85 1.80
N THR A 51 -9.53 -2.38 2.93
CA THR A 51 -8.86 -1.33 3.69
C THR A 51 -7.82 -1.91 4.65
N TYR A 52 -6.61 -1.39 4.53
CA TYR A 52 -5.50 -1.83 5.36
C TYR A 52 -4.71 -0.67 5.93
N ARG A 53 -4.61 -0.60 7.25
CA ARG A 53 -3.84 0.46 7.86
C ARG A 53 -2.37 0.20 7.62
N VAL A 54 -1.80 0.79 6.58
CA VAL A 54 -0.39 0.62 6.31
C VAL A 54 0.37 1.28 7.43
N ASP A 55 1.18 0.48 8.13
CA ASP A 55 1.97 0.97 9.25
C ASP A 55 3.45 0.73 9.00
N ASP A 56 3.74 0.11 7.86
CA ASP A 56 5.08 -0.20 7.47
C ASP A 56 5.21 -0.17 5.97
N ILE A 57 6.35 0.29 5.48
CA ILE A 57 6.60 0.32 4.05
C ILE A 57 7.87 -0.45 3.74
N ASP A 58 7.73 -1.66 3.23
CA ASP A 58 8.88 -2.46 2.92
C ASP A 58 9.54 -1.93 1.65
N TRP A 59 10.42 -0.95 1.82
CA TRP A 59 11.13 -0.36 0.70
C TRP A 59 12.23 -1.28 0.17
N ASP A 60 12.06 -2.57 0.41
CA ASP A 60 12.98 -3.57 -0.06
C ASP A 60 12.31 -4.41 -1.13
N GLN A 61 10.98 -4.50 -1.02
CA GLN A 61 10.17 -5.26 -1.95
C GLN A 61 9.44 -4.33 -2.92
N ASN A 62 8.66 -4.93 -3.79
CA ASN A 62 7.87 -4.18 -4.77
C ASN A 62 6.81 -5.11 -5.36
N PRO A 63 5.77 -4.57 -6.03
CA PRO A 63 4.71 -5.39 -6.62
C PRO A 63 5.21 -6.41 -7.62
N LYS A 64 6.52 -6.59 -7.71
CA LYS A 64 7.10 -7.57 -8.60
C LYS A 64 7.80 -8.65 -7.80
N SER A 65 8.34 -8.26 -6.64
CA SER A 65 9.03 -9.17 -5.74
C SER A 65 8.07 -10.26 -5.29
N THR A 66 8.61 -11.39 -4.83
CA THR A 66 7.76 -12.48 -4.39
C THR A 66 7.59 -12.51 -2.87
N PHE A 67 6.42 -12.96 -2.44
CA PHE A 67 6.10 -13.05 -1.03
C PHE A 67 5.23 -14.27 -0.77
N LYS A 68 5.36 -14.87 0.39
CA LYS A 68 4.55 -16.02 0.67
C LYS A 68 3.30 -15.59 1.43
N LYS A 69 2.24 -15.35 0.64
CA LYS A 69 0.92 -14.90 1.11
C LYS A 69 0.69 -14.94 2.61
N ALA A 70 1.61 -14.36 3.37
CA ALA A 70 1.49 -14.32 4.81
C ALA A 70 1.38 -15.70 5.44
N ASP A 71 1.05 -16.70 4.63
CA ASP A 71 0.89 -18.05 5.13
C ASP A 71 1.96 -18.96 4.55
N GLY A 72 2.34 -18.71 3.31
CA GLY A 72 3.36 -19.50 2.68
C GLY A 72 3.31 -19.54 1.17
N SER A 73 2.14 -19.33 0.56
CA SER A 73 2.08 -19.35 -0.90
C SER A 73 2.95 -18.20 -1.42
N GLU A 74 4.05 -18.55 -2.09
CA GLU A 74 4.98 -17.55 -2.58
C GLU A 74 4.64 -17.07 -4.00
N VAL A 75 4.18 -15.82 -4.09
CA VAL A 75 3.81 -15.20 -5.35
C VAL A 75 4.44 -13.83 -5.49
N SER A 76 4.77 -13.46 -6.73
CA SER A 76 5.26 -12.13 -6.96
C SER A 76 4.07 -11.21 -6.73
N PHE A 77 4.20 -10.31 -5.76
CA PHE A 77 3.12 -9.42 -5.37
C PHE A 77 2.12 -9.12 -6.48
N LEU A 78 2.62 -8.75 -7.65
CA LEU A 78 1.76 -8.43 -8.77
C LEU A 78 0.72 -9.52 -9.00
N GLU A 79 1.17 -10.76 -9.08
CA GLU A 79 0.27 -11.89 -9.29
C GLU A 79 -0.83 -11.93 -8.25
N TYR A 80 -0.43 -11.90 -7.00
CA TYR A 80 -1.37 -11.91 -5.91
C TYR A 80 -2.55 -11.00 -6.19
N TYR A 81 -2.27 -9.77 -6.59
CA TYR A 81 -3.31 -8.78 -6.84
C TYR A 81 -3.95 -8.90 -8.23
N ARG A 82 -3.14 -8.72 -9.26
CA ARG A 82 -3.61 -8.78 -10.64
C ARG A 82 -4.20 -10.13 -11.05
N LYS A 83 -3.59 -11.21 -10.59
CA LYS A 83 -4.06 -12.54 -10.97
C LYS A 83 -5.09 -13.14 -10.01
N GLN A 84 -5.03 -12.82 -8.72
CA GLN A 84 -6.01 -13.38 -7.78
C GLN A 84 -7.12 -12.38 -7.48
N TYR A 85 -6.89 -11.10 -7.77
CA TYR A 85 -7.90 -10.08 -7.51
C TYR A 85 -8.22 -9.27 -8.77
N ASN A 86 -7.41 -9.45 -9.80
CA ASN A 86 -7.59 -8.77 -11.08
C ASN A 86 -7.11 -7.31 -11.05
N GLN A 87 -6.13 -6.99 -10.21
CA GLN A 87 -5.63 -5.63 -10.16
C GLN A 87 -4.28 -5.53 -10.86
N GLU A 88 -4.32 -5.28 -12.16
CA GLU A 88 -3.10 -5.16 -12.93
C GLU A 88 -2.35 -3.92 -12.47
N ILE A 89 -1.26 -4.18 -11.78
CA ILE A 89 -0.43 -3.13 -11.22
C ILE A 89 0.36 -2.39 -12.28
N THR A 90 1.38 -3.05 -12.82
CA THR A 90 2.23 -2.47 -13.84
C THR A 90 3.12 -1.37 -13.27
N ASP A 91 2.75 -0.92 -12.06
CA ASP A 91 3.51 0.10 -11.37
C ASP A 91 4.21 -0.55 -10.21
N LEU A 92 4.93 -1.61 -10.52
CA LEU A 92 5.64 -2.37 -9.51
C LEU A 92 6.97 -1.74 -9.21
N LYS A 93 7.02 -0.44 -9.38
CA LYS A 93 8.22 0.30 -9.14
C LYS A 93 8.26 0.87 -7.73
N GLN A 94 7.17 0.76 -6.98
CA GLN A 94 7.19 1.27 -5.64
C GLN A 94 7.33 0.15 -4.64
N PRO A 95 7.60 0.46 -3.37
CA PRO A 95 7.78 -0.57 -2.35
C PRO A 95 6.46 -1.20 -1.96
N VAL A 96 6.40 -1.64 -0.72
CA VAL A 96 5.21 -2.26 -0.21
C VAL A 96 4.73 -1.56 1.02
N LEU A 97 3.50 -1.81 1.37
CA LEU A 97 2.93 -1.22 2.56
C LEU A 97 2.46 -2.32 3.47
N VAL A 98 3.34 -2.78 4.33
CA VAL A 98 3.00 -3.84 5.26
C VAL A 98 2.09 -3.21 6.32
N SER A 99 0.81 -3.44 6.10
CA SER A 99 -0.27 -2.89 6.91
C SER A 99 -0.68 -3.78 8.08
N GLN A 100 -1.27 -3.17 9.08
CA GLN A 100 -1.80 -3.89 10.21
C GLN A 100 -3.26 -4.24 9.91
N PRO A 101 -3.55 -5.51 9.60
CA PRO A 101 -4.90 -5.96 9.24
C PRO A 101 -5.94 -5.70 10.32
N LYS A 102 -7.21 -5.91 9.97
CA LYS A 102 -8.31 -5.71 10.88
C LYS A 102 -9.02 -7.03 11.20
N ARG A 103 -8.26 -8.12 11.28
CA ARG A 103 -8.80 -9.44 11.56
C ARG A 103 -9.83 -9.39 12.70
N ARG A 104 -9.35 -9.21 13.92
CA ARG A 104 -10.22 -9.13 15.08
C ARG A 104 -10.06 -7.80 15.79
N ARG A 105 -11.06 -6.94 15.67
CA ARG A 105 -11.03 -5.62 16.29
C ARG A 105 -11.45 -5.71 17.76
N GLY A 106 -11.52 -6.93 18.28
CA GLY A 106 -11.90 -7.13 19.66
C GLY A 106 -10.73 -7.27 20.60
N PRO A 107 -10.67 -8.40 21.34
CA PRO A 107 -9.61 -8.67 22.31
C PRO A 107 -8.22 -8.79 21.69
N GLY A 108 -7.25 -8.07 22.25
CA GLY A 108 -5.89 -8.14 21.77
C GLY A 108 -5.55 -7.01 20.81
N GLY A 109 -4.87 -6.00 21.32
CA GLY A 109 -4.49 -4.87 20.48
C GLY A 109 -3.46 -5.27 19.44
N THR A 110 -2.81 -4.27 18.83
CA THR A 110 -1.79 -4.48 17.78
C THR A 110 -2.09 -5.73 16.94
N LEU A 111 -2.47 -5.57 15.69
CA LEU A 111 -2.74 -6.76 14.92
C LEU A 111 -1.48 -7.41 14.40
N PRO A 112 -1.59 -8.71 14.11
CA PRO A 112 -0.53 -9.51 13.54
C PRO A 112 -0.73 -9.74 12.05
N GLY A 113 0.03 -10.68 11.52
CA GLY A 113 -0.02 -11.04 10.10
C GLY A 113 -0.40 -9.89 9.20
N PRO A 114 0.52 -8.94 9.03
CA PRO A 114 0.34 -7.74 8.23
C PRO A 114 -0.23 -7.94 6.82
N ALA A 115 -0.39 -6.81 6.13
CA ALA A 115 -0.89 -6.77 4.76
C ALA A 115 0.14 -6.12 3.86
N MET A 116 1.01 -6.92 3.26
CA MET A 116 2.00 -6.35 2.36
C MET A 116 1.23 -5.83 1.17
N LEU A 117 0.97 -4.54 1.23
CA LEU A 117 0.15 -3.85 0.25
C LEU A 117 0.91 -3.28 -0.93
N ILE A 118 0.19 -3.09 -2.04
CA ILE A 118 0.76 -2.49 -3.23
C ILE A 118 0.39 -1.01 -3.28
N PRO A 119 1.32 -0.12 -2.91
CA PRO A 119 1.10 1.32 -2.99
C PRO A 119 0.24 1.71 -4.17
N GLU A 120 0.40 0.99 -5.29
CA GLU A 120 -0.33 1.30 -6.52
C GLU A 120 -1.84 1.00 -6.45
N LEU A 121 -2.22 -0.01 -5.70
CA LEU A 121 -3.62 -0.40 -5.61
C LEU A 121 -4.29 0.04 -4.30
N CYS A 122 -3.52 0.46 -3.31
CA CYS A 122 -4.08 0.86 -2.02
C CYS A 122 -4.62 2.29 -2.02
N TYR A 123 -5.84 2.44 -2.54
CA TYR A 123 -6.51 3.75 -2.60
C TYR A 123 -6.48 4.44 -1.24
N LEU A 124 -5.79 5.57 -1.18
CA LEU A 124 -5.70 6.37 0.02
C LEU A 124 -7.09 6.63 0.59
N THR A 125 -7.31 6.21 1.83
CA THR A 125 -8.62 6.40 2.47
C THR A 125 -8.62 7.62 3.36
N GLY A 126 -7.56 7.76 4.14
CA GLY A 126 -7.47 8.86 5.06
C GLY A 126 -8.32 8.58 6.27
N LEU A 127 -8.79 7.35 6.28
CA LEU A 127 -9.64 6.84 7.33
C LEU A 127 -8.86 6.67 8.61
N THR A 128 -7.59 6.32 8.45
CA THR A 128 -6.69 6.13 9.57
C THR A 128 -7.05 4.84 10.32
N ASP A 129 -8.36 4.52 10.32
CA ASP A 129 -8.87 3.34 10.99
C ASP A 129 -7.95 2.95 12.12
N LYS A 130 -7.72 3.92 13.00
CA LYS A 130 -6.86 3.77 14.15
C LYS A 130 -6.60 2.31 14.45
N MET A 131 -7.66 1.61 14.80
CA MET A 131 -7.59 0.17 15.09
C MET A 131 -6.42 -0.22 16.03
N ARG A 132 -6.60 -1.35 16.72
CA ARG A 132 -5.59 -1.90 17.63
C ARG A 132 -4.69 -0.82 18.25
N ASN A 133 -3.46 -1.20 18.56
CA ASN A 133 -2.50 -0.26 19.15
C ASN A 133 -1.44 0.15 18.13
N ASP A 134 -1.11 -0.78 17.23
CA ASP A 134 -0.10 -0.52 16.21
C ASP A 134 -0.74 0.10 14.96
N CYS A 1 17.55 2.87 -14.31
CA CYS A 1 17.70 3.43 -15.68
C CYS A 1 16.68 4.53 -15.93
N THR A 2 16.27 5.21 -14.86
CA THR A 2 15.29 6.30 -14.94
C THR A 2 13.99 5.83 -15.58
N ASP A 3 13.01 6.73 -15.63
CA ASP A 3 11.71 6.42 -16.22
C ASP A 3 11.59 7.04 -17.60
N VAL A 4 10.91 6.34 -18.51
CA VAL A 4 10.72 6.83 -19.86
C VAL A 4 9.35 6.44 -20.42
N SER A 5 8.82 7.33 -21.27
CA SER A 5 7.53 7.13 -21.89
C SER A 5 6.47 6.69 -20.89
N HIS A 6 6.20 7.52 -19.90
CA HIS A 6 5.22 7.21 -18.88
C HIS A 6 3.83 7.73 -19.28
N LYS A 7 2.89 6.81 -19.48
CA LYS A 7 1.54 7.17 -19.85
C LYS A 7 0.79 7.77 -18.68
N VAL A 8 0.95 9.09 -18.50
CA VAL A 8 0.33 9.83 -17.41
C VAL A 8 -0.03 8.93 -16.22
N LEU A 9 0.96 8.62 -15.40
CA LEU A 9 0.77 7.78 -14.24
C LEU A 9 0.02 8.51 -13.13
N ARG A 10 -0.95 7.82 -12.53
CA ARG A 10 -1.75 8.37 -11.47
C ARG A 10 -2.70 7.34 -10.92
N SER A 11 -3.14 7.60 -9.72
CA SER A 11 -4.08 6.77 -9.01
C SER A 11 -4.65 7.61 -7.90
N GLU A 12 -4.99 6.95 -6.82
CA GLU A 12 -5.49 7.60 -5.63
C GLU A 12 -5.01 6.83 -4.44
N THR A 13 -4.27 5.77 -4.77
CA THR A 13 -3.67 4.90 -3.79
C THR A 13 -2.44 5.58 -3.23
N VAL A 14 -1.72 4.92 -2.33
CA VAL A 14 -0.53 5.53 -1.81
C VAL A 14 0.43 5.75 -2.96
N LEU A 15 0.71 4.73 -3.76
CA LEU A 15 1.56 4.90 -4.94
C LEU A 15 1.20 6.22 -5.60
N ASP A 16 -0.11 6.47 -5.75
CA ASP A 16 -0.56 7.72 -6.36
C ASP A 16 0.04 8.85 -5.58
N PHE A 17 -0.03 8.73 -4.26
CA PHE A 17 0.51 9.74 -3.36
C PHE A 17 2.07 9.69 -3.35
N MET A 18 2.65 8.60 -2.83
CA MET A 18 4.11 8.43 -2.76
C MET A 18 4.81 8.92 -4.05
N PHE A 19 4.44 8.37 -5.20
CA PHE A 19 5.08 8.79 -6.45
C PHE A 19 4.81 10.27 -6.72
N ASN A 20 3.57 10.67 -6.51
CA ASN A 20 3.19 12.08 -6.67
C ASN A 20 4.27 12.94 -6.03
N PHE A 21 4.76 12.43 -4.91
CA PHE A 21 5.80 13.08 -4.13
C PHE A 21 7.10 13.17 -4.88
N TYR A 22 7.48 12.07 -5.54
CA TYR A 22 8.73 12.06 -6.28
C TYR A 22 8.74 13.18 -7.30
N HIS A 23 7.54 13.65 -7.66
CA HIS A 23 7.39 14.75 -8.61
C HIS A 23 7.58 16.09 -7.88
N GLN A 24 7.91 16.01 -6.59
CA GLN A 24 8.11 17.21 -5.76
C GLN A 24 9.30 17.04 -4.82
N THR A 25 9.04 16.41 -3.68
CA THR A 25 10.05 16.18 -2.66
C THR A 25 11.25 15.40 -3.21
N GLU A 26 12.39 15.50 -2.52
CA GLU A 26 13.60 14.80 -2.94
C GLU A 26 13.44 13.30 -2.74
N GLU A 27 14.55 12.61 -2.53
CA GLU A 27 14.52 11.17 -2.28
C GLU A 27 14.39 10.85 -0.80
N HIS A 28 15.43 11.19 -0.03
CA HIS A 28 15.44 10.92 1.41
C HIS A 28 14.26 11.56 2.12
N LYS A 29 14.14 12.88 2.07
CA LYS A 29 13.02 13.57 2.72
C LYS A 29 11.73 12.86 2.35
N PHE A 30 11.51 12.76 1.05
CA PHE A 30 10.35 12.11 0.51
C PHE A 30 10.01 10.84 1.27
N GLN A 31 10.81 9.80 1.08
CA GLN A 31 10.60 8.51 1.74
C GLN A 31 10.13 8.67 3.18
N GLU A 32 10.61 9.71 3.84
CA GLU A 32 10.22 9.98 5.22
C GLU A 32 8.77 10.43 5.28
N GLN A 33 8.47 11.57 4.67
CA GLN A 33 7.12 12.12 4.64
C GLN A 33 6.10 11.06 4.27
N VAL A 34 6.20 10.59 3.03
CA VAL A 34 5.28 9.60 2.50
C VAL A 34 5.15 8.38 3.40
N SER A 35 6.23 7.63 3.62
CA SER A 35 6.16 6.43 4.46
C SER A 35 5.19 6.67 5.59
N LYS A 36 5.43 7.77 6.27
CA LYS A 36 4.60 8.21 7.39
C LYS A 36 3.16 8.35 6.95
N GLU A 37 2.95 9.17 5.93
CA GLU A 37 1.62 9.40 5.42
C GLU A 37 0.89 8.08 5.27
N LEU A 38 1.51 7.15 4.57
CA LEU A 38 0.95 5.82 4.41
C LEU A 38 0.86 5.13 5.77
N ILE A 39 1.78 5.47 6.69
CA ILE A 39 1.79 4.85 8.02
C ILE A 39 0.54 5.23 8.81
N GLY A 40 0.10 4.29 9.65
CA GLY A 40 -1.11 4.51 10.45
C GLY A 40 -2.28 4.93 9.59
N LEU A 41 -2.09 4.87 8.28
CA LEU A 41 -3.10 5.27 7.32
C LEU A 41 -3.75 4.04 6.69
N VAL A 42 -5.07 3.93 6.78
CA VAL A 42 -5.76 2.79 6.16
C VAL A 42 -5.88 3.03 4.68
N VAL A 43 -5.76 1.95 3.93
CA VAL A 43 -5.86 2.06 2.51
C VAL A 43 -6.69 0.94 1.94
N LEU A 44 -7.72 1.32 1.23
CA LEU A 44 -8.58 0.31 0.61
C LEU A 44 -8.02 -0.03 -0.74
N THR A 45 -7.61 -1.25 -0.87
CA THR A 45 -7.03 -1.71 -2.10
C THR A 45 -8.05 -1.97 -3.16
N LYS A 46 -7.60 -2.07 -4.40
CA LYS A 46 -8.50 -2.27 -5.50
C LYS A 46 -8.63 -3.75 -5.84
N TYR A 47 -7.89 -4.60 -5.10
CA TYR A 47 -7.95 -6.04 -5.32
C TYR A 47 -9.40 -6.48 -5.32
N ASN A 48 -10.07 -6.07 -4.26
CA ASN A 48 -11.47 -6.37 -4.05
C ASN A 48 -12.03 -5.38 -3.04
N ASN A 49 -11.43 -4.18 -3.04
CA ASN A 49 -11.83 -3.10 -2.14
C ASN A 49 -11.59 -3.48 -0.68
N LYS A 50 -10.34 -3.46 -0.23
CA LYS A 50 -10.05 -3.82 1.15
C LYS A 50 -9.16 -2.81 1.87
N THR A 51 -9.63 -2.33 3.00
CA THR A 51 -8.91 -1.31 3.77
C THR A 51 -7.88 -1.94 4.69
N TYR A 52 -6.66 -1.44 4.60
CA TYR A 52 -5.57 -1.93 5.42
C TYR A 52 -4.78 -0.78 5.98
N ARG A 53 -4.61 -0.75 7.29
CA ARG A 53 -3.89 0.34 7.89
C ARG A 53 -2.40 0.14 7.67
N VAL A 54 -1.87 0.75 6.62
CA VAL A 54 -0.45 0.62 6.37
C VAL A 54 0.29 1.32 7.48
N ASP A 55 1.00 0.52 8.27
CA ASP A 55 1.77 1.03 9.40
C ASP A 55 3.24 0.74 9.19
N ASP A 56 3.54 0.18 8.03
CA ASP A 56 4.90 -0.14 7.66
C ASP A 56 5.04 -0.12 6.16
N ILE A 57 6.18 0.37 5.69
CA ILE A 57 6.45 0.38 4.27
C ILE A 57 7.72 -0.39 4.01
N ASP A 58 7.59 -1.60 3.51
CA ASP A 58 8.77 -2.40 3.23
C ASP A 58 9.40 -1.91 1.94
N TRP A 59 10.26 -0.91 2.07
CA TRP A 59 10.96 -0.33 0.93
C TRP A 59 11.94 -1.31 0.30
N ASP A 60 11.85 -2.58 0.71
CA ASP A 60 12.67 -3.63 0.14
C ASP A 60 11.91 -4.27 -1.02
N GLN A 61 10.75 -4.83 -0.71
CA GLN A 61 9.90 -5.45 -1.70
C GLN A 61 9.24 -4.42 -2.61
N ASN A 62 8.62 -4.93 -3.66
CA ASN A 62 7.88 -4.12 -4.61
C ASN A 62 6.83 -5.02 -5.25
N PRO A 63 5.78 -4.46 -5.87
CA PRO A 63 4.73 -5.27 -6.46
C PRO A 63 5.21 -6.22 -7.56
N LYS A 64 6.51 -6.36 -7.71
CA LYS A 64 7.07 -7.25 -8.71
C LYS A 64 7.85 -8.38 -8.05
N SER A 65 8.28 -8.14 -6.81
CA SER A 65 9.02 -9.13 -6.04
C SER A 65 8.05 -10.20 -5.55
N THR A 66 8.57 -11.35 -5.13
CA THR A 66 7.70 -12.42 -4.66
C THR A 66 7.59 -12.46 -3.14
N PHE A 67 6.42 -12.87 -2.68
CA PHE A 67 6.12 -12.99 -1.25
C PHE A 67 5.25 -14.21 -1.03
N LYS A 68 5.31 -14.79 0.15
CA LYS A 68 4.51 -15.96 0.39
C LYS A 68 3.25 -15.60 1.18
N LYS A 69 2.17 -15.36 0.41
CA LYS A 69 0.83 -14.98 0.90
C LYS A 69 0.66 -14.96 2.40
N ALA A 70 1.60 -14.35 3.11
CA ALA A 70 1.53 -14.27 4.57
C ALA A 70 1.55 -15.64 5.23
N ASP A 71 1.11 -16.67 4.51
CA ASP A 71 1.05 -18.01 5.03
C ASP A 71 2.19 -18.84 4.49
N GLY A 72 2.48 -18.66 3.20
CA GLY A 72 3.57 -19.40 2.60
C GLY A 72 3.47 -19.58 1.09
N SER A 73 2.32 -19.31 0.49
CA SER A 73 2.23 -19.43 -0.95
C SER A 73 2.99 -18.25 -1.56
N GLU A 74 4.09 -18.55 -2.23
CA GLU A 74 4.95 -17.52 -2.79
C GLU A 74 4.53 -17.07 -4.19
N VAL A 75 4.04 -15.82 -4.27
CA VAL A 75 3.64 -15.22 -5.53
C VAL A 75 4.18 -13.80 -5.62
N SER A 76 4.56 -13.40 -6.83
CA SER A 76 5.02 -12.05 -7.03
C SER A 76 3.88 -11.12 -6.67
N PHE A 77 4.13 -10.19 -5.77
CA PHE A 77 3.11 -9.26 -5.32
C PHE A 77 2.11 -8.95 -6.43
N LEU A 78 2.62 -8.62 -7.61
CA LEU A 78 1.76 -8.31 -8.73
C LEU A 78 0.78 -9.44 -9.00
N GLU A 79 1.31 -10.66 -9.08
CA GLU A 79 0.49 -11.83 -9.32
C GLU A 79 -0.62 -11.94 -8.29
N TYR A 80 -0.24 -11.78 -7.03
CA TYR A 80 -1.20 -11.86 -5.95
C TYR A 80 -2.43 -11.00 -6.23
N TYR A 81 -2.21 -9.77 -6.65
CA TYR A 81 -3.29 -8.83 -6.91
C TYR A 81 -3.90 -8.99 -8.30
N ARG A 82 -3.07 -8.77 -9.31
CA ARG A 82 -3.50 -8.86 -10.71
C ARG A 82 -4.02 -10.25 -11.10
N LYS A 83 -3.40 -11.30 -10.60
CA LYS A 83 -3.81 -12.65 -10.95
C LYS A 83 -4.80 -13.28 -9.97
N GLN A 84 -4.73 -12.92 -8.68
CA GLN A 84 -5.66 -13.50 -7.71
C GLN A 84 -6.92 -12.66 -7.57
N TYR A 85 -6.75 -11.35 -7.66
CA TYR A 85 -7.88 -10.42 -7.54
C TYR A 85 -8.19 -9.69 -8.83
N ASN A 86 -7.27 -9.76 -9.79
CA ASN A 86 -7.43 -9.11 -11.09
C ASN A 86 -7.06 -7.62 -11.04
N GLN A 87 -6.09 -7.26 -10.19
CA GLN A 87 -5.67 -5.87 -10.11
C GLN A 87 -4.32 -5.67 -10.79
N GLU A 88 -4.38 -5.36 -12.07
CA GLU A 88 -3.16 -5.12 -12.84
C GLU A 88 -2.48 -3.86 -12.33
N ILE A 89 -1.38 -4.09 -11.64
CA ILE A 89 -0.60 -3.02 -11.05
C ILE A 89 0.12 -2.17 -12.07
N THR A 90 1.17 -2.74 -12.66
CA THR A 90 1.97 -2.06 -13.67
C THR A 90 2.81 -0.95 -13.06
N ASP A 91 2.48 -0.60 -11.82
CA ASP A 91 3.20 0.43 -11.10
C ASP A 91 3.91 -0.25 -9.95
N LEU A 92 4.60 -1.32 -10.29
CA LEU A 92 5.32 -2.13 -9.33
C LEU A 92 6.66 -1.50 -9.04
N LYS A 93 6.70 -0.20 -9.20
CA LYS A 93 7.91 0.52 -8.98
C LYS A 93 7.99 1.08 -7.57
N GLN A 94 6.89 1.01 -6.81
CA GLN A 94 6.94 1.50 -5.46
C GLN A 94 7.09 0.33 -4.51
N PRO A 95 7.48 0.57 -3.26
CA PRO A 95 7.67 -0.52 -2.31
C PRO A 95 6.38 -1.16 -1.88
N VAL A 96 6.37 -1.63 -0.64
CA VAL A 96 5.19 -2.27 -0.10
C VAL A 96 4.72 -1.56 1.13
N LEU A 97 3.49 -1.83 1.49
CA LEU A 97 2.89 -1.24 2.65
C LEU A 97 2.41 -2.32 3.58
N VAL A 98 3.28 -2.76 4.45
CA VAL A 98 2.92 -3.79 5.39
C VAL A 98 2.00 -3.16 6.42
N SER A 99 0.72 -3.41 6.19
CA SER A 99 -0.37 -2.87 6.98
C SER A 99 -0.75 -3.75 8.15
N GLN A 100 -1.39 -3.14 9.13
CA GLN A 100 -1.89 -3.85 10.28
C GLN A 100 -3.40 -4.07 10.06
N PRO A 101 -3.79 -5.26 9.56
CA PRO A 101 -5.18 -5.60 9.23
C PRO A 101 -6.13 -5.63 10.43
N LYS A 102 -7.28 -6.28 10.24
CA LYS A 102 -8.29 -6.41 11.27
C LYS A 102 -8.22 -7.75 12.01
N ARG A 103 -7.52 -8.72 11.42
CA ARG A 103 -7.38 -10.03 12.03
C ARG A 103 -6.47 -9.94 13.27
N ARG A 104 -7.08 -9.90 14.45
CA ARG A 104 -6.32 -9.79 15.69
C ARG A 104 -6.04 -11.14 16.32
N ARG A 105 -4.98 -11.19 17.11
CA ARG A 105 -4.58 -12.41 17.82
C ARG A 105 -4.09 -12.02 19.21
N GLY A 106 -4.07 -10.71 19.45
CA GLY A 106 -3.64 -10.18 20.73
C GLY A 106 -3.65 -8.66 20.73
N PRO A 107 -4.65 -8.05 21.38
CA PRO A 107 -4.80 -6.59 21.44
C PRO A 107 -3.59 -5.88 22.05
N GLY A 108 -3.30 -4.69 21.53
CA GLY A 108 -2.17 -3.92 22.02
C GLY A 108 -1.57 -3.03 20.93
N GLY A 109 -2.44 -2.35 20.19
CA GLY A 109 -1.98 -1.47 19.13
C GLY A 109 -1.36 -2.24 17.98
N THR A 110 -1.17 -1.57 16.83
CA THR A 110 -0.59 -2.19 15.63
C THR A 110 -1.04 -3.64 15.53
N LEU A 111 -2.06 -3.91 14.72
CA LEU A 111 -2.56 -5.25 14.66
C LEU A 111 -1.51 -6.23 14.16
N PRO A 112 -1.75 -7.51 14.35
CA PRO A 112 -0.88 -8.57 13.89
C PRO A 112 -1.24 -9.02 12.47
N GLY A 113 -0.59 -10.08 12.03
CA GLY A 113 -0.82 -10.61 10.68
C GLY A 113 -1.01 -9.51 9.67
N PRO A 114 0.07 -8.78 9.37
CA PRO A 114 0.09 -7.64 8.45
C PRO A 114 -0.51 -7.87 7.06
N ALA A 115 -0.46 -6.79 6.27
CA ALA A 115 -0.96 -6.77 4.90
C ALA A 115 0.07 -6.13 3.98
N MET A 116 0.95 -6.93 3.38
CA MET A 116 1.94 -6.37 2.47
C MET A 116 1.16 -5.86 1.28
N LEU A 117 0.90 -4.56 1.33
CA LEU A 117 0.08 -3.89 0.36
C LEU A 117 0.84 -3.31 -0.84
N ILE A 118 0.10 -3.11 -1.92
CA ILE A 118 0.66 -2.50 -3.12
C ILE A 118 0.28 -1.03 -3.16
N PRO A 119 1.27 -0.14 -3.05
CA PRO A 119 1.03 1.29 -3.06
C PRO A 119 0.11 1.68 -4.20
N GLU A 120 0.24 0.97 -5.32
CA GLU A 120 -0.53 1.25 -6.54
C GLU A 120 -2.02 0.91 -6.45
N LEU A 121 -2.39 -0.04 -5.60
CA LEU A 121 -3.79 -0.43 -5.52
C LEU A 121 -4.45 -0.03 -4.20
N CYS A 122 -3.66 0.40 -3.22
CA CYS A 122 -4.20 0.79 -1.92
C CYS A 122 -4.75 2.22 -1.93
N TYR A 123 -5.96 2.39 -2.47
CA TYR A 123 -6.63 3.68 -2.55
C TYR A 123 -6.60 4.41 -1.21
N LEU A 124 -5.86 5.52 -1.15
CA LEU A 124 -5.76 6.32 0.05
C LEU A 124 -7.14 6.58 0.62
N THR A 125 -7.37 6.11 1.85
CA THR A 125 -8.67 6.28 2.50
C THR A 125 -8.68 7.52 3.38
N GLY A 126 -7.65 7.66 4.20
CA GLY A 126 -7.58 8.77 5.11
C GLY A 126 -8.44 8.46 6.31
N LEU A 127 -8.85 7.20 6.34
CA LEU A 127 -9.70 6.67 7.39
C LEU A 127 -8.99 6.76 8.72
N THR A 128 -7.66 6.80 8.64
CA THR A 128 -6.79 6.95 9.81
C THR A 128 -6.62 5.65 10.57
N ASP A 129 -7.67 4.87 10.60
CA ASP A 129 -7.64 3.64 11.32
C ASP A 129 -7.32 3.91 12.79
N LYS A 130 -8.37 4.11 13.55
CA LYS A 130 -8.26 4.35 14.97
C LYS A 130 -7.89 3.07 15.68
N MET A 131 -8.40 2.00 15.11
CA MET A 131 -8.16 0.63 15.53
C MET A 131 -6.77 0.42 16.16
N ARG A 132 -6.64 -0.69 16.91
CA ARG A 132 -5.38 -1.02 17.59
C ARG A 132 -5.04 0.04 18.64
N ASN A 133 -4.70 -0.41 19.84
CA ASN A 133 -4.37 0.49 20.95
C ASN A 133 -3.28 1.50 20.60
N ASP A 134 -2.70 1.37 19.41
CA ASP A 134 -1.65 2.28 18.97
C ASP A 134 -2.17 3.71 18.86
N CYS A 1 5.83 -0.48 -25.10
CA CYS A 1 4.84 0.46 -24.51
C CYS A 1 5.39 1.89 -24.46
N THR A 2 4.61 2.83 -24.96
CA THR A 2 5.02 4.23 -24.97
C THR A 2 4.63 4.92 -23.67
N ASP A 3 5.61 5.55 -23.03
CA ASP A 3 5.38 6.25 -21.77
C ASP A 3 6.12 7.58 -21.75
N VAL A 4 5.38 8.66 -21.94
CA VAL A 4 5.96 10.01 -21.93
C VAL A 4 4.99 11.06 -21.42
N SER A 5 5.55 12.09 -20.79
CA SER A 5 4.79 13.19 -20.24
C SER A 5 3.59 12.71 -19.42
N HIS A 6 3.84 12.40 -18.15
CA HIS A 6 2.80 11.94 -17.24
C HIS A 6 2.02 10.77 -17.83
N LYS A 7 2.47 9.56 -17.52
CA LYS A 7 1.82 8.34 -18.00
C LYS A 7 1.01 7.72 -16.89
N VAL A 8 -0.19 8.26 -16.68
CA VAL A 8 -1.08 7.80 -15.61
C VAL A 8 -0.32 7.15 -14.46
N LEU A 9 0.21 7.99 -13.58
CA LEU A 9 0.94 7.48 -12.42
C LEU A 9 0.07 6.45 -11.71
N ARG A 10 -0.98 6.92 -11.05
CA ARG A 10 -1.93 6.06 -10.40
C ARG A 10 -3.11 6.83 -9.83
N SER A 11 -4.07 6.09 -9.30
CA SER A 11 -5.25 6.68 -8.73
C SER A 11 -5.36 6.56 -7.22
N GLU A 12 -5.47 7.72 -6.62
CA GLU A 12 -5.65 7.94 -5.20
C GLU A 12 -4.99 6.95 -4.24
N THR A 13 -4.31 5.94 -4.75
CA THR A 13 -3.68 5.00 -3.86
C THR A 13 -2.46 5.64 -3.25
N VAL A 14 -1.79 4.97 -2.33
CA VAL A 14 -0.62 5.59 -1.78
C VAL A 14 0.33 5.88 -2.93
N LEU A 15 0.65 4.88 -3.75
CA LEU A 15 1.49 5.14 -4.91
C LEU A 15 1.02 6.41 -5.60
N ASP A 16 -0.31 6.60 -5.69
CA ASP A 16 -0.83 7.81 -6.30
C ASP A 16 -0.23 9.00 -5.55
N PHE A 17 -0.26 8.88 -4.21
CA PHE A 17 0.30 9.91 -3.32
C PHE A 17 1.83 9.90 -3.35
N MET A 18 2.45 8.81 -2.86
CA MET A 18 3.91 8.68 -2.85
C MET A 18 4.49 9.21 -4.17
N PHE A 19 3.73 9.10 -5.27
CA PHE A 19 4.19 9.60 -6.58
C PHE A 19 4.21 11.12 -6.56
N ASN A 20 3.06 11.70 -6.19
CA ASN A 20 2.91 13.14 -6.07
C ASN A 20 4.16 13.72 -5.41
N PHE A 21 4.75 12.89 -4.59
CA PHE A 21 5.93 13.23 -3.83
C PHE A 21 7.22 13.20 -4.63
N TYR A 22 7.43 12.13 -5.41
CA TYR A 22 8.65 12.03 -6.19
C TYR A 22 8.76 13.23 -7.14
N HIS A 23 7.64 13.93 -7.33
CA HIS A 23 7.61 15.11 -8.19
C HIS A 23 7.99 16.36 -7.39
N GLN A 24 8.28 16.16 -6.10
CA GLN A 24 8.67 17.25 -5.20
C GLN A 24 9.89 16.88 -4.37
N THR A 25 9.63 16.19 -3.27
CA THR A 25 10.67 15.78 -2.35
C THR A 25 11.72 14.90 -3.03
N GLU A 26 12.92 14.86 -2.45
CA GLU A 26 14.02 14.05 -2.99
C GLU A 26 13.71 12.56 -2.85
N GLU A 27 14.77 11.77 -2.68
CA GLU A 27 14.61 10.33 -2.50
C GLU A 27 14.45 9.98 -1.02
N HIS A 28 15.52 10.21 -0.24
CA HIS A 28 15.51 9.90 1.19
C HIS A 28 14.40 10.63 1.95
N LYS A 29 14.41 11.96 1.93
CA LYS A 29 13.36 12.73 2.62
C LYS A 29 12.02 12.16 2.25
N PHE A 30 11.79 12.10 0.95
CA PHE A 30 10.58 11.56 0.40
C PHE A 30 10.14 10.32 1.17
N GLN A 31 10.82 9.21 0.93
CA GLN A 31 10.51 7.93 1.58
C GLN A 31 10.09 8.11 3.03
N GLU A 32 10.62 9.13 3.69
CA GLU A 32 10.28 9.41 5.08
C GLU A 32 8.88 9.99 5.20
N GLN A 33 8.68 11.18 4.63
CA GLN A 33 7.38 11.86 4.67
C GLN A 33 6.25 10.93 4.24
N VAL A 34 6.36 10.43 3.03
CA VAL A 34 5.34 9.55 2.49
C VAL A 34 5.11 8.34 3.37
N SER A 35 6.15 7.55 3.63
CA SER A 35 6.00 6.36 4.48
C SER A 35 5.03 6.68 5.59
N LYS A 36 5.33 7.78 6.27
CA LYS A 36 4.51 8.27 7.36
C LYS A 36 3.06 8.41 6.94
N GLU A 37 2.84 9.20 5.90
CA GLU A 37 1.50 9.41 5.39
C GLU A 37 0.79 8.08 5.27
N LEU A 38 1.41 7.16 4.56
CA LEU A 38 0.86 5.82 4.39
C LEU A 38 0.80 5.12 5.77
N ILE A 39 1.72 5.49 6.68
CA ILE A 39 1.78 4.88 8.01
C ILE A 39 0.52 5.19 8.83
N GLY A 40 0.12 4.22 9.67
CA GLY A 40 -1.08 4.36 10.49
C GLY A 40 -2.29 4.76 9.67
N LEU A 41 -2.13 4.73 8.35
CA LEU A 41 -3.17 5.12 7.42
C LEU A 41 -3.83 3.91 6.75
N VAL A 42 -5.15 3.79 6.87
CA VAL A 42 -5.84 2.68 6.23
C VAL A 42 -5.96 2.95 4.75
N VAL A 43 -5.82 1.92 3.97
CA VAL A 43 -5.92 2.06 2.56
C VAL A 43 -6.75 0.96 1.98
N LEU A 44 -7.82 1.33 1.30
CA LEU A 44 -8.63 0.32 0.68
C LEU A 44 -8.06 0.06 -0.68
N THR A 45 -7.60 -1.15 -0.85
CA THR A 45 -7.01 -1.56 -2.08
C THR A 45 -8.04 -1.84 -3.12
N LYS A 46 -7.61 -1.91 -4.37
CA LYS A 46 -8.55 -2.14 -5.45
C LYS A 46 -8.66 -3.62 -5.75
N TYR A 47 -7.81 -4.44 -5.11
CA TYR A 47 -7.85 -5.89 -5.31
C TYR A 47 -9.29 -6.36 -5.34
N ASN A 48 -9.97 -6.07 -4.25
CA ASN A 48 -11.36 -6.41 -4.06
C ASN A 48 -11.94 -5.43 -3.04
N ASN A 49 -11.33 -4.25 -3.00
CA ASN A 49 -11.73 -3.18 -2.09
C ASN A 49 -11.47 -3.55 -0.64
N LYS A 50 -10.20 -3.55 -0.21
CA LYS A 50 -9.91 -3.89 1.18
C LYS A 50 -9.07 -2.86 1.90
N THR A 51 -9.57 -2.41 3.05
CA THR A 51 -8.89 -1.39 3.83
C THR A 51 -7.83 -1.96 4.75
N TYR A 52 -6.63 -1.41 4.66
CA TYR A 52 -5.50 -1.85 5.47
C TYR A 52 -4.70 -0.68 6.02
N ARG A 53 -4.57 -0.61 7.33
CA ARG A 53 -3.80 0.47 7.93
C ARG A 53 -2.32 0.23 7.67
N VAL A 54 -1.79 0.81 6.61
CA VAL A 54 -0.38 0.65 6.33
C VAL A 54 0.39 1.29 7.47
N ASP A 55 1.13 0.47 8.21
CA ASP A 55 1.92 0.94 9.33
C ASP A 55 3.39 0.68 9.09
N ASP A 56 3.67 0.17 7.91
CA ASP A 56 5.03 -0.12 7.51
C ASP A 56 5.13 -0.11 6.00
N ILE A 57 6.26 0.33 5.49
CA ILE A 57 6.49 0.34 4.07
C ILE A 57 7.73 -0.47 3.75
N ASP A 58 7.54 -1.69 3.27
CA ASP A 58 8.69 -2.53 2.95
C ASP A 58 9.34 -2.03 1.67
N TRP A 59 10.24 -1.05 1.82
CA TRP A 59 10.94 -0.50 0.68
C TRP A 59 11.97 -1.48 0.12
N ASP A 60 11.98 -2.67 0.67
CA ASP A 60 12.88 -3.71 0.21
C ASP A 60 12.20 -4.49 -0.90
N GLN A 61 10.88 -4.56 -0.82
CA GLN A 61 10.07 -5.27 -1.79
C GLN A 61 9.34 -4.31 -2.70
N ASN A 62 8.60 -4.87 -3.65
CA ASN A 62 7.81 -4.09 -4.60
C ASN A 62 6.74 -4.99 -5.21
N PRO A 63 5.69 -4.43 -5.84
CA PRO A 63 4.64 -5.24 -6.45
C PRO A 63 5.15 -6.19 -7.52
N LYS A 64 6.47 -6.32 -7.62
CA LYS A 64 7.07 -7.21 -8.59
C LYS A 64 7.83 -8.32 -7.87
N SER A 65 8.32 -8.00 -6.67
CA SER A 65 9.05 -8.96 -5.85
C SER A 65 8.11 -10.06 -5.38
N THR A 66 8.65 -11.18 -4.92
CA THR A 66 7.82 -12.29 -4.47
C THR A 66 7.67 -12.31 -2.96
N PHE A 67 6.51 -12.77 -2.52
CA PHE A 67 6.18 -12.87 -1.11
C PHE A 67 5.30 -14.08 -0.89
N LYS A 68 5.35 -14.65 0.30
CA LYS A 68 4.52 -15.81 0.56
C LYS A 68 3.30 -15.38 1.38
N LYS A 69 2.21 -15.11 0.65
CA LYS A 69 0.91 -14.66 1.19
C LYS A 69 0.76 -14.77 2.69
N ALA A 70 1.68 -14.15 3.42
CA ALA A 70 1.65 -14.20 4.88
C ALA A 70 1.78 -15.63 5.38
N ASP A 71 0.82 -16.48 5.00
CA ASP A 71 0.82 -17.87 5.40
C ASP A 71 2.02 -18.59 4.79
N GLY A 72 2.23 -18.40 3.49
CA GLY A 72 3.36 -19.04 2.85
C GLY A 72 3.22 -19.26 1.35
N SER A 73 2.12 -18.84 0.73
CA SER A 73 2.00 -18.99 -0.72
C SER A 73 2.87 -17.93 -1.37
N GLU A 74 3.95 -18.34 -2.03
CA GLU A 74 4.89 -17.42 -2.63
C GLU A 74 4.51 -16.99 -4.05
N VAL A 75 4.12 -15.72 -4.19
CA VAL A 75 3.77 -15.14 -5.49
C VAL A 75 4.27 -13.71 -5.58
N SER A 76 4.78 -13.33 -6.74
CA SER A 76 5.24 -11.96 -6.90
C SER A 76 4.04 -11.07 -6.65
N PHE A 77 4.17 -10.16 -5.70
CA PHE A 77 3.09 -9.27 -5.32
C PHE A 77 2.13 -8.98 -6.46
N LEU A 78 2.66 -8.60 -7.60
CA LEU A 78 1.83 -8.29 -8.76
C LEU A 78 0.83 -9.41 -9.03
N GLU A 79 1.34 -10.63 -9.12
CA GLU A 79 0.51 -11.80 -9.38
C GLU A 79 -0.61 -11.91 -8.37
N TYR A 80 -0.25 -11.84 -7.10
CA TYR A 80 -1.20 -11.91 -6.03
C TYR A 80 -2.43 -11.04 -6.32
N TYR A 81 -2.19 -9.79 -6.67
CA TYR A 81 -3.26 -8.83 -6.92
C TYR A 81 -3.87 -8.94 -8.31
N ARG A 82 -3.03 -8.76 -9.33
CA ARG A 82 -3.48 -8.79 -10.72
C ARG A 82 -4.04 -10.15 -11.14
N LYS A 83 -3.41 -11.23 -10.72
CA LYS A 83 -3.84 -12.56 -11.12
C LYS A 83 -4.88 -13.19 -10.18
N GLN A 84 -4.85 -12.87 -8.89
CA GLN A 84 -5.82 -13.45 -7.97
C GLN A 84 -6.97 -12.48 -7.66
N TYR A 85 -6.77 -11.20 -7.95
CA TYR A 85 -7.80 -10.20 -7.70
C TYR A 85 -8.15 -9.40 -8.95
N ASN A 86 -7.29 -9.50 -9.97
CA ASN A 86 -7.47 -8.83 -11.25
C ASN A 86 -7.02 -7.36 -11.22
N GLN A 87 -6.06 -7.02 -10.36
CA GLN A 87 -5.56 -5.67 -10.30
C GLN A 87 -4.22 -5.56 -10.98
N GLU A 88 -4.26 -5.21 -12.26
CA GLU A 88 -3.04 -5.06 -13.02
C GLU A 88 -2.21 -3.93 -12.47
N ILE A 89 -1.16 -4.31 -11.78
CA ILE A 89 -0.23 -3.35 -11.25
C ILE A 89 0.85 -3.12 -12.27
N THR A 90 1.08 -1.88 -12.61
CA THR A 90 2.04 -1.56 -13.63
C THR A 90 2.99 -0.48 -13.14
N ASP A 91 2.87 -0.19 -11.85
CA ASP A 91 3.71 0.78 -11.19
C ASP A 91 4.37 0.07 -10.04
N LEU A 92 4.70 -1.19 -10.29
CA LEU A 92 5.32 -2.04 -9.32
C LEU A 92 6.68 -1.53 -8.91
N LYS A 93 7.01 -0.34 -9.40
CA LYS A 93 8.25 0.27 -9.08
C LYS A 93 8.25 0.82 -7.67
N GLN A 94 7.12 0.73 -6.95
CA GLN A 94 7.08 1.25 -5.61
C GLN A 94 7.25 0.14 -4.61
N PRO A 95 7.47 0.47 -3.33
CA PRO A 95 7.66 -0.53 -2.30
C PRO A 95 6.36 -1.20 -1.92
N VAL A 96 6.29 -1.62 -0.68
CA VAL A 96 5.11 -2.27 -0.16
C VAL A 96 4.65 -1.56 1.06
N LEU A 97 3.43 -1.81 1.42
CA LEU A 97 2.86 -1.21 2.61
C LEU A 97 2.42 -2.31 3.53
N VAL A 98 3.34 -2.75 4.39
CA VAL A 98 3.00 -3.79 5.33
C VAL A 98 2.10 -3.16 6.38
N SER A 99 0.82 -3.40 6.16
CA SER A 99 -0.24 -2.84 6.97
C SER A 99 -0.57 -3.65 8.21
N GLN A 100 -1.10 -2.95 9.19
CA GLN A 100 -1.55 -3.53 10.42
C GLN A 100 -3.07 -3.73 10.30
N PRO A 101 -3.55 -4.94 9.98
CA PRO A 101 -4.97 -5.21 9.81
C PRO A 101 -5.66 -5.64 11.10
N LYS A 102 -6.99 -5.71 11.04
CA LYS A 102 -7.79 -6.15 12.16
C LYS A 102 -8.25 -7.58 11.97
N ARG A 103 -7.37 -8.40 11.40
CA ARG A 103 -7.67 -9.80 11.12
C ARG A 103 -7.77 -10.63 12.41
N ARG A 104 -7.66 -9.98 13.56
CA ARG A 104 -7.74 -10.67 14.84
C ARG A 104 -9.11 -11.30 15.05
N ARG A 105 -9.32 -12.48 14.47
CA ARG A 105 -10.59 -13.18 14.60
C ARG A 105 -10.79 -13.69 16.01
N GLY A 106 -9.73 -13.59 16.82
CA GLY A 106 -9.80 -14.05 18.19
C GLY A 106 -10.09 -12.94 19.17
N PRO A 107 -9.12 -12.59 20.01
CA PRO A 107 -9.26 -11.53 21.02
C PRO A 107 -9.58 -10.17 20.42
N GLY A 108 -9.38 -9.11 21.20
CA GLY A 108 -9.65 -7.77 20.72
C GLY A 108 -8.38 -7.09 20.26
N GLY A 109 -7.52 -6.74 21.21
CA GLY A 109 -6.27 -6.10 20.88
C GLY A 109 -5.33 -7.02 20.13
N THR A 110 -4.06 -7.01 20.54
CA THR A 110 -3.02 -7.84 19.93
C THR A 110 -3.29 -8.08 18.45
N LEU A 111 -2.69 -7.26 17.60
CA LEU A 111 -2.91 -7.37 16.16
C LEU A 111 -2.72 -8.78 15.63
N PRO A 112 -3.16 -8.97 14.38
CA PRO A 112 -3.04 -10.21 13.63
C PRO A 112 -1.90 -10.13 12.61
N GLY A 113 -2.07 -10.85 11.51
CA GLY A 113 -1.07 -10.87 10.45
C GLY A 113 -1.18 -9.68 9.50
N PRO A 114 -0.10 -8.90 9.34
CA PRO A 114 -0.05 -7.70 8.48
C PRO A 114 -0.60 -7.87 7.06
N ALA A 115 -0.53 -6.76 6.31
CA ALA A 115 -1.00 -6.72 4.93
C ALA A 115 0.05 -6.07 4.02
N MET A 116 0.93 -6.87 3.42
CA MET A 116 1.92 -6.30 2.52
C MET A 116 1.16 -5.81 1.31
N LEU A 117 0.87 -4.51 1.34
CA LEU A 117 0.06 -3.86 0.34
C LEU A 117 0.83 -3.31 -0.86
N ILE A 118 0.10 -3.08 -1.95
CA ILE A 118 0.66 -2.50 -3.15
C ILE A 118 0.30 -1.02 -3.23
N PRO A 119 1.23 -0.13 -2.88
CA PRO A 119 1.03 1.32 -2.98
C PRO A 119 0.17 1.69 -4.18
N GLU A 120 0.37 0.97 -5.28
CA GLU A 120 -0.33 1.22 -6.53
C GLU A 120 -1.84 0.98 -6.45
N LEU A 121 -2.26 -0.02 -5.70
CA LEU A 121 -3.67 -0.38 -5.60
C LEU A 121 -4.35 0.07 -4.28
N CYS A 122 -3.58 0.51 -3.29
CA CYS A 122 -4.15 0.91 -2.00
C CYS A 122 -4.69 2.34 -1.98
N TYR A 123 -5.93 2.52 -2.43
CA TYR A 123 -6.60 3.83 -2.46
C TYR A 123 -6.55 4.47 -1.06
N LEU A 124 -5.84 5.58 -0.94
CA LEU A 124 -5.74 6.30 0.32
C LEU A 124 -7.14 6.57 0.90
N THR A 125 -7.37 6.14 2.12
CA THR A 125 -8.67 6.35 2.77
C THR A 125 -8.64 7.54 3.71
N GLY A 126 -7.58 7.62 4.50
CA GLY A 126 -7.47 8.69 5.46
C GLY A 126 -8.34 8.39 6.65
N LEU A 127 -8.83 7.16 6.63
CA LEU A 127 -9.71 6.62 7.65
C LEU A 127 -8.99 6.43 8.96
N THR A 128 -7.70 6.13 8.87
CA THR A 128 -6.87 5.91 10.05
C THR A 128 -7.22 4.58 10.71
N ASP A 129 -8.48 4.20 10.54
CA ASP A 129 -9.03 2.98 11.12
C ASP A 129 -8.22 2.58 12.35
N LYS A 130 -8.40 3.39 13.38
CA LYS A 130 -7.74 3.24 14.66
C LYS A 130 -7.46 1.78 14.97
N MET A 131 -8.49 0.96 14.88
CA MET A 131 -8.33 -0.48 15.06
C MET A 131 -7.70 -0.86 16.41
N ARG A 132 -7.65 -2.17 16.70
CA ARG A 132 -7.07 -2.69 17.92
C ARG A 132 -7.63 -1.99 19.16
N ASN A 133 -6.97 -2.19 20.30
CA ASN A 133 -7.39 -1.57 21.54
C ASN A 133 -6.28 -0.73 22.16
N ASP A 134 -5.07 -0.88 21.64
CA ASP A 134 -3.92 -0.13 22.13
C ASP A 134 -4.01 1.34 21.72
N CYS A 1 -7.01 15.11 -2.04
CA CYS A 1 -7.86 15.86 -3.00
C CYS A 1 -7.28 17.25 -3.28
N THR A 2 -6.26 17.61 -2.51
CA THR A 2 -5.61 18.91 -2.67
C THR A 2 -4.47 18.83 -3.68
N ASP A 3 -4.71 18.13 -4.78
CA ASP A 3 -3.70 17.97 -5.83
C ASP A 3 -4.31 18.19 -7.20
N VAL A 4 -3.49 18.68 -8.13
CA VAL A 4 -3.95 18.93 -9.50
C VAL A 4 -4.55 17.68 -10.14
N SER A 5 -5.62 17.88 -10.89
CA SER A 5 -6.28 16.78 -11.56
C SER A 5 -6.14 16.90 -13.08
N HIS A 6 -6.77 15.97 -13.79
CA HIS A 6 -6.74 15.94 -15.25
C HIS A 6 -5.32 15.72 -15.77
N LYS A 7 -5.19 15.51 -17.08
CA LYS A 7 -3.89 15.28 -17.71
C LYS A 7 -3.21 14.04 -17.12
N VAL A 8 -3.42 12.91 -17.78
CA VAL A 8 -2.85 11.62 -17.38
C VAL A 8 -2.27 11.63 -15.97
N LEU A 9 -3.06 11.19 -15.01
CA LEU A 9 -2.65 11.13 -13.62
C LEU A 9 -1.89 9.85 -13.33
N ARG A 10 -2.04 9.34 -12.10
CA ARG A 10 -1.38 8.13 -11.68
C ARG A 10 -1.97 7.65 -10.38
N SER A 11 -3.02 6.90 -10.50
CA SER A 11 -3.73 6.34 -9.37
C SER A 11 -4.22 7.40 -8.42
N GLU A 12 -4.70 6.90 -7.29
CA GLU A 12 -5.21 7.72 -6.19
C GLU A 12 -4.78 7.06 -4.90
N THR A 13 -4.00 6.00 -5.08
CA THR A 13 -3.46 5.22 -3.97
C THR A 13 -2.24 5.92 -3.40
N VAL A 14 -1.55 5.27 -2.47
CA VAL A 14 -0.36 5.88 -1.90
C VAL A 14 0.72 5.97 -2.96
N LEU A 15 0.46 5.33 -4.07
CA LEU A 15 1.36 5.39 -5.21
C LEU A 15 1.13 6.71 -5.89
N ASP A 16 -0.14 7.12 -5.88
CA ASP A 16 -0.55 8.39 -6.45
C ASP A 16 -0.04 9.49 -5.54
N PHE A 17 -0.09 9.22 -4.24
CA PHE A 17 0.38 10.15 -3.24
C PHE A 17 1.91 10.22 -3.25
N MET A 18 2.52 9.10 -2.88
CA MET A 18 3.98 8.97 -2.84
C MET A 18 4.62 9.52 -4.13
N PHE A 19 3.99 9.28 -5.29
CA PHE A 19 4.50 9.83 -6.55
C PHE A 19 4.42 11.35 -6.54
N ASN A 20 3.22 11.83 -6.21
CA ASN A 20 2.95 13.26 -6.11
C ASN A 20 4.11 13.95 -5.41
N PHE A 21 4.70 13.19 -4.52
CA PHE A 21 5.81 13.61 -3.71
C PHE A 21 7.11 13.70 -4.47
N TYR A 22 7.42 12.67 -5.25
CA TYR A 22 8.66 12.70 -6.02
C TYR A 22 8.68 13.91 -6.94
N HIS A 23 7.51 14.50 -7.13
CA HIS A 23 7.39 15.71 -7.95
C HIS A 23 7.69 16.95 -7.11
N GLN A 24 8.07 16.73 -5.85
CA GLN A 24 8.36 17.81 -4.91
C GLN A 24 9.56 17.47 -4.02
N THR A 25 9.28 16.77 -2.93
CA THR A 25 10.28 16.39 -1.95
C THR A 25 11.40 15.56 -2.56
N GLU A 26 12.49 15.39 -1.80
CA GLU A 26 13.65 14.62 -2.27
C GLU A 26 13.67 13.22 -1.66
N GLU A 27 14.18 12.26 -2.43
CA GLU A 27 14.25 10.85 -2.03
C GLU A 27 14.33 10.63 -0.52
N HIS A 28 15.30 11.24 0.17
CA HIS A 28 15.44 11.03 1.61
C HIS A 28 14.23 11.58 2.38
N LYS A 29 14.01 12.90 2.30
CA LYS A 29 12.87 13.50 2.98
C LYS A 29 11.61 12.78 2.54
N PHE A 30 11.40 12.83 1.24
CA PHE A 30 10.27 12.19 0.60
C PHE A 30 9.89 10.90 1.30
N GLN A 31 10.67 9.85 1.09
CA GLN A 31 10.41 8.54 1.70
C GLN A 31 9.90 8.67 3.13
N GLU A 32 10.50 9.57 3.89
CA GLU A 32 10.11 9.79 5.27
C GLU A 32 8.66 10.27 5.36
N GLN A 33 8.39 11.45 4.81
CA GLN A 33 7.03 12.01 4.83
C GLN A 33 5.99 11.01 4.37
N VAL A 34 6.13 10.56 3.13
CA VAL A 34 5.18 9.61 2.58
C VAL A 34 5.02 8.41 3.47
N SER A 35 6.10 7.67 3.71
CA SER A 35 6.05 6.48 4.58
C SER A 35 5.09 6.75 5.72
N LYS A 36 5.29 7.90 6.34
CA LYS A 36 4.47 8.33 7.46
C LYS A 36 3.01 8.41 7.05
N GLU A 37 2.74 9.21 6.03
CA GLU A 37 1.39 9.39 5.54
C GLU A 37 0.71 8.05 5.41
N LEU A 38 1.36 7.14 4.70
CA LEU A 38 0.81 5.80 4.52
C LEU A 38 0.75 5.08 5.87
N ILE A 39 1.67 5.44 6.78
CA ILE A 39 1.73 4.82 8.11
C ILE A 39 0.50 5.16 8.96
N GLY A 40 -0.01 4.14 9.68
CA GLY A 40 -1.19 4.30 10.49
C GLY A 40 -2.39 4.69 9.65
N LEU A 41 -2.19 4.68 8.34
CA LEU A 41 -3.21 5.06 7.37
C LEU A 41 -3.81 3.84 6.68
N VAL A 42 -5.13 3.72 6.70
CA VAL A 42 -5.79 2.61 6.03
C VAL A 42 -5.85 2.87 4.55
N VAL A 43 -5.76 1.81 3.79
CA VAL A 43 -5.82 1.94 2.37
C VAL A 43 -6.65 0.82 1.79
N LEU A 44 -7.71 1.18 1.09
CA LEU A 44 -8.50 0.15 0.48
C LEU A 44 -7.90 -0.14 -0.85
N THR A 45 -7.49 -1.36 -1.00
CA THR A 45 -6.88 -1.79 -2.22
C THR A 45 -7.92 -2.14 -3.24
N LYS A 46 -7.59 -1.95 -4.50
CA LYS A 46 -8.54 -2.22 -5.54
C LYS A 46 -8.69 -3.72 -5.78
N TYR A 47 -7.84 -4.53 -5.10
CA TYR A 47 -7.90 -5.99 -5.26
C TYR A 47 -9.36 -6.43 -5.32
N ASN A 48 -10.05 -6.09 -4.25
CA ASN A 48 -11.44 -6.38 -4.10
C ASN A 48 -12.02 -5.38 -3.09
N ASN A 49 -11.34 -4.24 -3.02
CA ASN A 49 -11.72 -3.15 -2.12
C ASN A 49 -11.49 -3.53 -0.67
N LYS A 50 -10.22 -3.66 -0.26
CA LYS A 50 -9.93 -4.02 1.12
C LYS A 50 -9.06 -2.99 1.80
N THR A 51 -9.52 -2.51 2.95
CA THR A 51 -8.82 -1.47 3.69
C THR A 51 -7.77 -2.04 4.64
N TYR A 52 -6.57 -1.50 4.53
CA TYR A 52 -5.46 -1.95 5.38
C TYR A 52 -4.66 -0.79 5.92
N ARG A 53 -4.51 -0.72 7.24
CA ARG A 53 -3.73 0.35 7.83
C ARG A 53 -2.24 0.09 7.60
N VAL A 54 -1.71 0.71 6.55
CA VAL A 54 -0.29 0.58 6.26
C VAL A 54 0.46 1.28 7.37
N ASP A 55 1.31 0.54 8.06
CA ASP A 55 2.10 1.07 9.16
C ASP A 55 3.57 0.80 8.90
N ASP A 56 3.82 0.13 7.79
CA ASP A 56 5.17 -0.21 7.38
C ASP A 56 5.29 -0.15 5.87
N ILE A 57 6.42 0.34 5.39
CA ILE A 57 6.67 0.40 3.97
C ILE A 57 7.93 -0.37 3.66
N ASP A 58 7.79 -1.57 3.13
CA ASP A 58 8.95 -2.37 2.80
C ASP A 58 9.61 -1.84 1.54
N TRP A 59 10.48 -0.84 1.72
CA TRP A 59 11.20 -0.25 0.59
C TRP A 59 12.30 -1.16 0.07
N ASP A 60 12.02 -2.47 0.09
CA ASP A 60 12.93 -3.46 -0.39
C ASP A 60 12.23 -4.30 -1.44
N GLN A 61 10.92 -4.40 -1.29
CA GLN A 61 10.08 -5.17 -2.20
C GLN A 61 9.36 -4.24 -3.17
N ASN A 62 8.32 -4.77 -3.79
CA ASN A 62 7.50 -4.04 -4.75
C ASN A 62 6.46 -4.98 -5.33
N PRO A 63 5.42 -4.46 -6.02
CA PRO A 63 4.38 -5.31 -6.60
C PRO A 63 4.90 -6.16 -7.74
N LYS A 64 6.17 -6.48 -7.71
CA LYS A 64 6.76 -7.32 -8.73
C LYS A 64 7.70 -8.32 -8.08
N SER A 65 7.85 -8.19 -6.76
CA SER A 65 8.69 -9.10 -5.97
C SER A 65 7.81 -10.22 -5.44
N THR A 66 8.41 -11.32 -4.98
CA THR A 66 7.61 -12.42 -4.48
C THR A 66 7.50 -12.42 -2.96
N PHE A 67 6.38 -12.93 -2.48
CA PHE A 67 6.09 -13.01 -1.05
C PHE A 67 5.20 -14.20 -0.79
N LYS A 68 5.26 -14.74 0.41
CA LYS A 68 4.41 -15.89 0.71
C LYS A 68 3.22 -15.43 1.54
N LYS A 69 2.12 -15.16 0.83
CA LYS A 69 0.83 -14.70 1.38
C LYS A 69 0.74 -14.78 2.88
N ALA A 70 1.67 -14.13 3.59
CA ALA A 70 1.68 -14.14 5.04
C ALA A 70 1.81 -15.57 5.56
N ASP A 71 0.81 -16.40 5.26
CA ASP A 71 0.81 -17.79 5.67
C ASP A 71 1.98 -18.53 5.06
N GLY A 72 2.15 -18.41 3.74
CA GLY A 72 3.27 -19.07 3.10
C GLY A 72 3.10 -19.34 1.61
N SER A 73 1.99 -18.90 1.00
CA SER A 73 1.85 -19.09 -0.43
C SER A 73 2.72 -18.04 -1.14
N GLU A 74 3.77 -18.49 -1.81
CA GLU A 74 4.71 -17.58 -2.45
C GLU A 74 4.31 -17.17 -3.87
N VAL A 75 3.93 -15.90 -4.02
CA VAL A 75 3.57 -15.34 -5.31
C VAL A 75 4.05 -13.90 -5.42
N SER A 76 4.48 -13.50 -6.61
CA SER A 76 4.90 -12.13 -6.80
C SER A 76 3.71 -11.24 -6.53
N PHE A 77 3.89 -10.25 -5.65
CA PHE A 77 2.80 -9.35 -5.29
C PHE A 77 1.86 -9.10 -6.46
N LEU A 78 2.44 -8.76 -7.61
CA LEU A 78 1.63 -8.49 -8.79
C LEU A 78 0.65 -9.64 -9.03
N GLU A 79 1.16 -10.86 -9.03
CA GLU A 79 0.33 -12.04 -9.24
C GLU A 79 -0.79 -12.11 -8.22
N TYR A 80 -0.40 -12.07 -6.95
CA TYR A 80 -1.35 -12.09 -5.86
C TYR A 80 -2.57 -11.21 -6.14
N TYR A 81 -2.30 -9.98 -6.54
CA TYR A 81 -3.35 -9.01 -6.79
C TYR A 81 -3.99 -9.14 -8.17
N ARG A 82 -3.19 -8.93 -9.20
CA ARG A 82 -3.65 -9.01 -10.58
C ARG A 82 -4.29 -10.35 -10.94
N LYS A 83 -3.69 -11.44 -10.50
CA LYS A 83 -4.20 -12.76 -10.85
C LYS A 83 -5.21 -13.35 -9.87
N GLN A 84 -5.13 -13.02 -8.58
CA GLN A 84 -6.07 -13.57 -7.63
C GLN A 84 -7.20 -12.59 -7.32
N TYR A 85 -7.00 -11.31 -7.62
CA TYR A 85 -8.01 -10.31 -7.36
C TYR A 85 -8.38 -9.51 -8.61
N ASN A 86 -7.55 -9.65 -9.64
CA ASN A 86 -7.76 -8.98 -10.93
C ASN A 86 -7.28 -7.52 -10.93
N GLN A 87 -6.22 -7.21 -10.17
CA GLN A 87 -5.70 -5.86 -10.16
C GLN A 87 -4.39 -5.78 -10.91
N GLU A 88 -4.48 -5.46 -12.19
CA GLU A 88 -3.28 -5.34 -13.02
C GLU A 88 -2.38 -4.26 -12.52
N ILE A 89 -1.34 -4.65 -11.84
CA ILE A 89 -0.39 -3.70 -11.34
C ILE A 89 0.69 -3.53 -12.39
N THR A 90 0.82 -2.30 -12.85
CA THR A 90 1.77 -1.98 -13.89
C THR A 90 2.65 -0.84 -13.44
N ASP A 91 2.51 -0.54 -12.16
CA ASP A 91 3.27 0.50 -11.50
C ASP A 91 3.91 -0.15 -10.30
N LEU A 92 4.43 -1.34 -10.54
CA LEU A 92 5.04 -2.16 -9.52
C LEU A 92 6.44 -1.69 -9.23
N LYS A 93 6.70 -0.45 -9.60
CA LYS A 93 7.99 0.11 -9.40
C LYS A 93 8.13 0.73 -8.03
N GLN A 94 7.14 0.57 -7.15
CA GLN A 94 7.28 1.14 -5.83
C GLN A 94 7.30 0.04 -4.77
N PRO A 95 7.66 0.35 -3.52
CA PRO A 95 7.78 -0.67 -2.48
C PRO A 95 6.45 -1.25 -2.07
N VAL A 96 6.40 -1.67 -0.82
CA VAL A 96 5.20 -2.27 -0.27
C VAL A 96 4.77 -1.52 0.96
N LEU A 97 3.56 -1.78 1.36
CA LEU A 97 3.02 -1.15 2.54
C LEU A 97 2.50 -2.24 3.44
N VAL A 98 3.36 -2.76 4.27
CA VAL A 98 2.97 -3.80 5.18
C VAL A 98 2.15 -3.17 6.29
N SER A 99 0.85 -3.39 6.19
CA SER A 99 -0.09 -2.87 7.16
C SER A 99 0.17 -3.63 8.44
N GLN A 100 0.38 -2.93 9.54
CA GLN A 100 0.75 -3.63 10.77
C GLN A 100 -0.41 -3.88 11.73
N PRO A 101 -0.63 -5.16 12.13
CA PRO A 101 -1.66 -5.54 13.11
C PRO A 101 -1.63 -4.70 14.37
N LYS A 102 -2.33 -5.17 15.41
CA LYS A 102 -2.40 -4.47 16.68
C LYS A 102 -1.00 -4.15 17.23
N ARG A 103 -0.52 -2.96 16.91
CA ARG A 103 0.80 -2.53 17.36
C ARG A 103 0.79 -2.23 18.86
N ARG A 104 -0.41 -2.17 19.44
CA ARG A 104 -0.56 -1.90 20.86
C ARG A 104 -1.08 -3.13 21.59
N ARG A 105 -0.31 -3.61 22.57
CA ARG A 105 -0.69 -4.78 23.34
C ARG A 105 -1.42 -4.37 24.61
N GLY A 106 -1.53 -3.07 24.84
CA GLY A 106 -2.21 -2.57 26.03
C GLY A 106 -3.65 -3.00 26.08
N PRO A 107 -4.52 -2.41 25.24
CA PRO A 107 -5.95 -2.73 25.18
C PRO A 107 -6.22 -4.17 24.79
N GLY A 108 -7.46 -4.46 24.42
CA GLY A 108 -7.83 -5.80 24.03
C GLY A 108 -7.73 -6.02 22.53
N GLY A 109 -8.76 -5.56 21.81
CA GLY A 109 -8.78 -5.74 20.36
C GLY A 109 -8.49 -7.16 19.95
N THR A 110 -8.15 -7.32 18.68
CA THR A 110 -7.83 -8.63 18.11
C THR A 110 -7.48 -8.47 16.65
N LEU A 111 -6.71 -7.43 16.36
CA LEU A 111 -6.35 -7.12 15.00
C LEU A 111 -5.89 -8.32 14.21
N PRO A 112 -5.93 -8.17 12.90
CA PRO A 112 -5.49 -9.18 11.96
C PRO A 112 -4.06 -9.00 11.49
N GLY A 113 -3.52 -10.07 10.95
CA GLY A 113 -2.15 -10.08 10.46
C GLY A 113 -1.88 -8.95 9.49
N PRO A 114 -0.59 -8.58 9.26
CA PRO A 114 -0.25 -7.48 8.38
C PRO A 114 -0.80 -7.62 6.97
N ALA A 115 -0.52 -6.60 6.17
CA ALA A 115 -0.97 -6.56 4.79
C ALA A 115 0.09 -5.94 3.90
N MET A 116 0.92 -6.76 3.29
CA MET A 116 1.93 -6.23 2.39
C MET A 116 1.17 -5.69 1.20
N LEU A 117 0.92 -4.38 1.26
CA LEU A 117 0.10 -3.68 0.29
C LEU A 117 0.86 -3.14 -0.90
N ILE A 118 0.11 -2.89 -1.96
CA ILE A 118 0.66 -2.29 -3.17
C ILE A 118 0.40 -0.79 -3.11
N PRO A 119 1.45 0.04 -3.13
CA PRO A 119 1.27 1.49 -3.10
C PRO A 119 0.35 1.91 -4.24
N GLU A 120 0.41 1.14 -5.33
CA GLU A 120 -0.40 1.41 -6.54
C GLU A 120 -1.86 1.00 -6.41
N LEU A 121 -2.16 -0.01 -5.61
CA LEU A 121 -3.53 -0.46 -5.45
C LEU A 121 -4.15 0.02 -4.14
N CYS A 122 -3.31 0.48 -3.22
CA CYS A 122 -3.77 0.97 -1.90
C CYS A 122 -4.45 2.33 -1.99
N TYR A 123 -5.68 2.36 -2.48
CA TYR A 123 -6.41 3.62 -2.60
C TYR A 123 -6.39 4.37 -1.27
N LEU A 124 -5.76 5.54 -1.25
CA LEU A 124 -5.67 6.36 -0.06
C LEU A 124 -7.05 6.59 0.54
N THR A 125 -7.24 6.19 1.80
CA THR A 125 -8.52 6.36 2.45
C THR A 125 -8.51 7.54 3.41
N GLY A 126 -7.44 7.64 4.20
CA GLY A 126 -7.35 8.71 5.16
C GLY A 126 -8.29 8.42 6.30
N LEU A 127 -8.77 7.19 6.25
CA LEU A 127 -9.72 6.65 7.22
C LEU A 127 -9.11 6.43 8.58
N THR A 128 -7.83 6.04 8.61
CA THR A 128 -7.15 5.76 9.86
C THR A 128 -7.71 4.47 10.46
N ASP A 129 -8.95 4.20 10.08
CA ASP A 129 -9.72 3.03 10.55
C ASP A 129 -9.28 2.62 11.93
N LYS A 130 -9.83 3.30 12.93
CA LYS A 130 -9.56 2.99 14.30
C LYS A 130 -9.64 1.48 14.45
N MET A 131 -10.81 0.94 14.12
CA MET A 131 -11.09 -0.50 14.14
C MET A 131 -10.54 -1.23 15.37
N ARG A 132 -11.03 -2.45 15.60
CA ARG A 132 -10.58 -3.28 16.69
C ARG A 132 -10.73 -2.60 18.04
N ASN A 133 -11.41 -3.28 18.97
CA ASN A 133 -11.65 -2.74 20.30
C ASN A 133 -10.34 -2.37 21.00
N ASP A 134 -9.21 -2.65 20.36
CA ASP A 134 -7.91 -2.32 20.93
C ASP A 134 -7.77 -0.81 21.11
N CYS A 1 -10.06 14.74 -29.05
CA CYS A 1 -9.44 15.18 -27.78
C CYS A 1 -8.04 15.74 -28.03
N THR A 2 -7.08 14.84 -28.23
CA THR A 2 -5.69 15.23 -28.48
C THR A 2 -5.16 16.17 -27.41
N ASP A 3 -3.94 16.67 -27.61
CA ASP A 3 -3.30 17.57 -26.67
C ASP A 3 -3.14 16.92 -25.30
N VAL A 4 -2.47 17.62 -24.38
CA VAL A 4 -2.25 17.12 -23.03
C VAL A 4 -2.23 18.24 -22.01
N SER A 5 -2.97 18.03 -20.92
CA SER A 5 -3.04 18.99 -19.85
C SER A 5 -3.00 18.30 -18.49
N HIS A 6 -3.81 17.26 -18.35
CA HIS A 6 -3.87 16.50 -17.10
C HIS A 6 -2.63 15.64 -16.91
N LYS A 7 -1.61 16.22 -16.26
CA LYS A 7 -0.37 15.52 -15.98
C LYS A 7 -0.62 14.12 -15.46
N VAL A 8 -0.76 13.20 -16.39
CA VAL A 8 -1.04 11.80 -16.11
C VAL A 8 -1.70 11.61 -14.75
N LEU A 9 -3.02 11.72 -14.72
CA LEU A 9 -3.76 11.53 -13.48
C LEU A 9 -3.61 10.09 -13.03
N ARG A 10 -2.49 9.79 -12.37
CA ARG A 10 -2.21 8.46 -11.91
C ARG A 10 -3.26 7.98 -10.91
N SER A 11 -2.95 6.91 -10.22
CA SER A 11 -3.84 6.33 -9.22
C SER A 11 -4.32 7.36 -8.22
N GLU A 12 -4.86 6.83 -7.14
CA GLU A 12 -5.35 7.63 -6.03
C GLU A 12 -4.91 6.94 -4.77
N THR A 13 -4.24 5.81 -5.01
CA THR A 13 -3.68 4.98 -3.96
C THR A 13 -2.47 5.68 -3.38
N VAL A 14 -1.76 5.02 -2.48
CA VAL A 14 -0.58 5.65 -1.91
C VAL A 14 0.40 5.95 -3.03
N LEU A 15 0.75 4.95 -3.83
CA LEU A 15 1.65 5.17 -4.95
C LEU A 15 1.27 6.46 -5.66
N ASP A 16 -0.04 6.72 -5.74
CA ASP A 16 -0.51 7.95 -6.37
C ASP A 16 0.02 9.12 -5.55
N PHE A 17 -0.11 8.99 -4.22
CA PHE A 17 0.39 10.02 -3.32
C PHE A 17 1.93 10.03 -3.32
N MET A 18 2.53 8.91 -2.85
CA MET A 18 3.98 8.78 -2.80
C MET A 18 4.61 9.33 -4.11
N PHE A 19 3.87 9.23 -5.23
CA PHE A 19 4.35 9.75 -6.51
C PHE A 19 4.35 11.27 -6.49
N ASN A 20 3.17 11.82 -6.20
CA ASN A 20 2.97 13.26 -6.09
C ASN A 20 4.18 13.88 -5.42
N PHE A 21 4.73 13.09 -4.53
CA PHE A 21 5.88 13.45 -3.73
C PHE A 21 7.18 13.49 -4.50
N TYR A 22 7.51 12.39 -5.18
CA TYR A 22 8.76 12.35 -5.92
C TYR A 22 8.86 13.56 -6.86
N HIS A 23 7.72 14.19 -7.12
CA HIS A 23 7.68 15.38 -7.96
C HIS A 23 8.11 16.61 -7.15
N GLN A 24 7.79 16.60 -5.86
CA GLN A 24 8.15 17.69 -4.95
C GLN A 24 9.40 17.39 -4.14
N THR A 25 9.19 16.69 -3.03
CA THR A 25 10.27 16.32 -2.12
C THR A 25 11.38 15.54 -2.83
N GLU A 26 12.56 15.53 -2.22
CA GLU A 26 13.71 14.81 -2.78
C GLU A 26 13.52 13.31 -2.61
N GLU A 27 14.63 12.58 -2.46
CA GLU A 27 14.58 11.15 -2.28
C GLU A 27 14.47 10.77 -0.79
N HIS A 28 15.37 11.32 0.02
CA HIS A 28 15.41 11.02 1.46
C HIS A 28 14.22 11.62 2.22
N LYS A 29 14.12 12.95 2.22
CA LYS A 29 13.00 13.61 2.91
C LYS A 29 11.70 12.95 2.51
N PHE A 30 11.57 12.75 1.21
CA PHE A 30 10.41 12.13 0.63
C PHE A 30 9.99 10.88 1.40
N GLN A 31 10.73 9.78 1.20
CA GLN A 31 10.43 8.52 1.86
C GLN A 31 9.94 8.71 3.27
N GLU A 32 10.55 9.64 3.98
CA GLU A 32 10.18 9.93 5.35
C GLU A 32 8.71 10.36 5.44
N GLN A 33 8.40 11.52 4.87
CA GLN A 33 7.04 12.05 4.89
C GLN A 33 6.00 11.05 4.40
N VAL A 34 6.22 10.52 3.22
CA VAL A 34 5.29 9.57 2.63
C VAL A 34 5.14 8.33 3.48
N SER A 35 6.23 7.62 3.72
CA SER A 35 6.18 6.41 4.53
C SER A 35 5.31 6.66 5.74
N LYS A 36 5.34 7.89 6.22
CA LYS A 36 4.57 8.29 7.39
C LYS A 36 3.12 8.41 7.00
N GLU A 37 2.91 9.16 5.95
CA GLU A 37 1.61 9.40 5.42
C GLU A 37 0.86 8.08 5.27
N LEU A 38 1.49 7.13 4.61
CA LEU A 38 0.91 5.82 4.44
C LEU A 38 0.81 5.12 5.80
N ILE A 39 1.70 5.48 6.74
CA ILE A 39 1.71 4.87 8.08
C ILE A 39 0.48 5.25 8.91
N GLY A 40 0.00 4.27 9.69
CA GLY A 40 -1.19 4.47 10.51
C GLY A 40 -2.38 4.86 9.65
N LEU A 41 -2.18 4.81 8.34
CA LEU A 41 -3.17 5.19 7.38
C LEU A 41 -3.78 3.98 6.70
N VAL A 42 -5.10 3.85 6.74
CA VAL A 42 -5.76 2.73 6.07
C VAL A 42 -5.83 2.99 4.60
N VAL A 43 -5.79 1.93 3.85
CA VAL A 43 -5.87 2.04 2.43
C VAL A 43 -6.70 0.92 1.87
N LEU A 44 -7.77 1.28 1.18
CA LEU A 44 -8.59 0.25 0.59
C LEU A 44 -8.04 -0.05 -0.77
N THR A 45 -7.61 -1.28 -0.90
CA THR A 45 -7.03 -1.73 -2.13
C THR A 45 -8.07 -2.04 -3.16
N LYS A 46 -7.66 -2.07 -4.42
CA LYS A 46 -8.57 -2.33 -5.49
C LYS A 46 -8.83 -3.82 -5.61
N TYR A 47 -7.92 -4.60 -5.02
CA TYR A 47 -7.99 -6.07 -5.04
C TYR A 47 -9.44 -6.52 -5.06
N ASN A 48 -10.11 -6.18 -3.98
CA ASN A 48 -11.49 -6.49 -3.79
C ASN A 48 -12.06 -5.47 -2.81
N ASN A 49 -11.45 -4.28 -2.85
CA ASN A 49 -11.82 -3.18 -1.98
C ASN A 49 -11.53 -3.50 -0.53
N LYS A 50 -10.25 -3.63 -0.16
CA LYS A 50 -9.93 -3.95 1.22
C LYS A 50 -9.07 -2.90 1.90
N THR A 51 -9.55 -2.44 3.05
CA THR A 51 -8.86 -1.39 3.79
C THR A 51 -7.82 -1.97 4.72
N TYR A 52 -6.61 -1.43 4.63
CA TYR A 52 -5.51 -1.88 5.46
C TYR A 52 -4.71 -0.72 6.03
N ARG A 53 -4.58 -0.67 7.35
CA ARG A 53 -3.81 0.38 7.97
C ARG A 53 -2.32 0.16 7.69
N VAL A 54 -1.81 0.79 6.63
CA VAL A 54 -0.40 0.66 6.33
C VAL A 54 0.37 1.34 7.44
N ASP A 55 1.16 0.55 8.15
CA ASP A 55 1.96 1.06 9.26
C ASP A 55 3.43 0.78 9.01
N ASP A 56 3.69 0.15 7.87
CA ASP A 56 5.04 -0.18 7.48
C ASP A 56 5.14 -0.15 5.96
N ILE A 57 6.27 0.33 5.46
CA ILE A 57 6.50 0.35 4.03
C ILE A 57 7.74 -0.44 3.71
N ASP A 58 7.55 -1.66 3.22
CA ASP A 58 8.68 -2.49 2.88
C ASP A 58 9.33 -1.98 1.61
N TRP A 59 10.23 -1.00 1.76
CA TRP A 59 10.92 -0.42 0.62
C TRP A 59 11.95 -1.40 0.06
N ASP A 60 12.02 -2.57 0.65
CA ASP A 60 12.92 -3.60 0.18
C ASP A 60 12.24 -4.39 -0.93
N GLN A 61 10.92 -4.46 -0.85
CA GLN A 61 10.12 -5.18 -1.82
C GLN A 61 9.38 -4.24 -2.75
N ASN A 62 8.69 -4.83 -3.71
CA ASN A 62 7.88 -4.08 -4.67
C ASN A 62 6.82 -5.01 -5.24
N PRO A 63 5.77 -4.49 -5.88
CA PRO A 63 4.70 -5.32 -6.43
C PRO A 63 5.17 -6.32 -7.49
N LYS A 64 6.48 -6.57 -7.54
CA LYS A 64 7.01 -7.54 -8.48
C LYS A 64 7.71 -8.66 -7.71
N SER A 65 8.26 -8.29 -6.55
CA SER A 65 8.95 -9.25 -5.67
C SER A 65 7.96 -10.29 -5.17
N THR A 66 8.48 -11.40 -4.66
CA THR A 66 7.62 -12.47 -4.16
C THR A 66 7.44 -12.43 -2.65
N PHE A 67 6.24 -12.81 -2.23
CA PHE A 67 5.88 -12.86 -0.82
C PHE A 67 5.01 -14.07 -0.57
N LYS A 68 5.03 -14.59 0.63
CA LYS A 68 4.22 -15.76 0.90
C LYS A 68 2.92 -15.37 1.58
N LYS A 69 1.88 -15.18 0.75
CA LYS A 69 0.52 -14.79 1.16
C LYS A 69 0.30 -14.70 2.66
N ALA A 70 1.20 -14.01 3.36
CA ALA A 70 1.07 -13.85 4.80
C ALA A 70 1.03 -15.17 5.55
N ASP A 71 0.78 -16.26 4.83
CA ASP A 71 0.68 -17.57 5.44
C ASP A 71 1.78 -18.50 4.94
N GLY A 72 2.09 -18.39 3.67
CA GLY A 72 3.12 -19.24 3.11
C GLY A 72 3.13 -19.37 1.59
N SER A 73 1.97 -19.30 0.94
CA SER A 73 1.95 -19.39 -0.51
C SER A 73 2.73 -18.21 -1.07
N GLU A 74 3.86 -18.50 -1.73
CA GLU A 74 4.73 -17.46 -2.24
C GLU A 74 4.40 -17.05 -3.68
N VAL A 75 3.88 -15.83 -3.84
CA VAL A 75 3.55 -15.27 -5.13
C VAL A 75 4.11 -13.86 -5.24
N SER A 76 4.60 -13.50 -6.42
CA SER A 76 5.08 -12.16 -6.62
C SER A 76 3.90 -11.22 -6.45
N PHE A 77 4.03 -10.26 -5.53
CA PHE A 77 2.97 -9.32 -5.22
C PHE A 77 2.02 -9.08 -6.38
N LEU A 78 2.56 -8.70 -7.53
CA LEU A 78 1.72 -8.42 -8.69
C LEU A 78 0.75 -9.57 -8.94
N GLU A 79 1.26 -10.79 -8.95
CA GLU A 79 0.44 -11.97 -9.17
C GLU A 79 -0.70 -12.04 -8.16
N TYR A 80 -0.35 -11.90 -6.89
CA TYR A 80 -1.34 -11.94 -5.84
C TYR A 80 -2.56 -11.08 -6.17
N TYR A 81 -2.30 -9.85 -6.59
CA TYR A 81 -3.36 -8.90 -6.89
C TYR A 81 -3.96 -9.07 -8.28
N ARG A 82 -3.13 -8.92 -9.29
CA ARG A 82 -3.55 -9.02 -10.68
C ARG A 82 -4.12 -10.40 -11.04
N LYS A 83 -3.51 -11.46 -10.52
CA LYS A 83 -3.96 -12.80 -10.85
C LYS A 83 -5.02 -13.36 -9.90
N GLN A 84 -5.02 -12.99 -8.62
CA GLN A 84 -6.03 -13.52 -7.71
C GLN A 84 -7.18 -12.53 -7.52
N TYR A 85 -6.93 -11.25 -7.79
CA TYR A 85 -7.97 -10.25 -7.62
C TYR A 85 -8.25 -9.49 -8.92
N ASN A 86 -7.36 -9.65 -9.90
CA ASN A 86 -7.50 -9.01 -11.21
C ASN A 86 -7.02 -7.56 -11.20
N GLN A 87 -6.11 -7.21 -10.29
CA GLN A 87 -5.59 -5.86 -10.23
C GLN A 87 -4.25 -5.75 -10.92
N GLU A 88 -4.30 -5.45 -12.20
CA GLU A 88 -3.08 -5.28 -12.97
C GLU A 88 -2.36 -4.03 -12.52
N ILE A 89 -1.27 -4.26 -11.83
CA ILE A 89 -0.47 -3.19 -11.27
C ILE A 89 0.30 -2.43 -12.33
N THR A 90 1.35 -3.06 -12.85
CA THR A 90 2.19 -2.46 -13.89
C THR A 90 3.00 -1.30 -13.32
N ASP A 91 2.65 -0.90 -12.11
CA ASP A 91 3.35 0.17 -11.41
C ASP A 91 4.00 -0.42 -10.20
N LEU A 92 4.67 -1.54 -10.44
CA LEU A 92 5.31 -2.29 -9.39
C LEU A 92 6.64 -1.67 -9.06
N LYS A 93 6.80 -0.43 -9.46
CA LYS A 93 8.01 0.28 -9.24
C LYS A 93 8.07 0.88 -7.83
N GLN A 94 6.99 0.79 -7.06
CA GLN A 94 7.03 1.34 -5.72
C GLN A 94 7.19 0.22 -4.71
N PRO A 95 7.44 0.56 -3.44
CA PRO A 95 7.63 -0.46 -2.40
C PRO A 95 6.33 -1.14 -2.01
N VAL A 96 6.28 -1.56 -0.76
CA VAL A 96 5.11 -2.21 -0.23
C VAL A 96 4.64 -1.51 1.01
N LEU A 97 3.42 -1.78 1.39
CA LEU A 97 2.86 -1.17 2.57
C LEU A 97 2.34 -2.24 3.49
N VAL A 98 3.21 -2.73 4.36
CA VAL A 98 2.84 -3.76 5.30
C VAL A 98 1.99 -3.12 6.38
N SER A 99 0.67 -3.33 6.23
CA SER A 99 -0.34 -2.77 7.12
C SER A 99 -0.37 -3.48 8.46
N GLN A 100 0.09 -2.77 9.48
CA GLN A 100 0.16 -3.33 10.82
C GLN A 100 -0.69 -2.54 11.82
N PRO A 101 -1.01 -3.14 12.99
CA PRO A 101 -1.82 -2.49 14.02
C PRO A 101 -1.33 -1.08 14.37
N LYS A 102 -2.04 -0.41 15.26
CA LYS A 102 -1.69 0.95 15.66
C LYS A 102 -0.39 0.97 16.47
N ARG A 103 -0.38 0.29 17.62
CA ARG A 103 0.79 0.25 18.48
C ARG A 103 1.29 -1.18 18.68
N ARG A 104 0.70 -1.88 19.65
CA ARG A 104 1.10 -3.25 19.95
C ARG A 104 0.11 -4.25 19.37
N ARG A 105 0.14 -5.48 19.87
CA ARG A 105 -0.76 -6.54 19.39
C ARG A 105 -2.21 -6.16 19.66
N GLY A 106 -2.42 -5.32 20.67
CA GLY A 106 -3.77 -4.90 21.01
C GLY A 106 -4.55 -5.97 21.76
N PRO A 107 -4.43 -6.01 23.09
CA PRO A 107 -5.14 -6.99 23.92
C PRO A 107 -6.66 -6.89 23.79
N GLY A 108 -7.24 -7.78 22.99
CA GLY A 108 -8.67 -7.78 22.78
C GLY A 108 -9.04 -7.98 21.33
N GLY A 109 -8.58 -7.07 20.48
CA GLY A 109 -8.85 -7.17 19.06
C GLY A 109 -7.76 -7.89 18.31
N THR A 110 -8.10 -8.46 17.17
CA THR A 110 -7.13 -9.16 16.35
C THR A 110 -6.52 -8.23 15.31
N LEU A 111 -6.08 -7.07 15.78
CA LEU A 111 -5.48 -6.06 14.89
C LEU A 111 -4.38 -6.67 14.04
N PRO A 112 -3.42 -7.36 14.72
CA PRO A 112 -2.24 -7.94 14.10
C PRO A 112 -2.49 -8.76 12.86
N GLY A 113 -1.48 -8.74 12.03
CA GLY A 113 -1.47 -9.44 10.78
C GLY A 113 -1.24 -8.50 9.63
N PRO A 114 0.03 -8.11 9.43
CA PRO A 114 0.43 -7.19 8.38
C PRO A 114 -0.16 -7.49 7.02
N ALA A 115 -0.34 -6.42 6.25
CA ALA A 115 -0.85 -6.52 4.89
C ALA A 115 0.15 -5.93 3.92
N MET A 116 0.98 -6.78 3.32
CA MET A 116 1.95 -6.28 2.37
C MET A 116 1.15 -5.76 1.19
N LEU A 117 0.93 -4.47 1.23
CA LEU A 117 0.09 -3.78 0.26
C LEU A 117 0.84 -3.20 -0.93
N ILE A 118 0.08 -3.01 -2.01
CA ILE A 118 0.63 -2.41 -3.22
C ILE A 118 0.30 -0.92 -3.24
N PRO A 119 1.30 -0.05 -3.15
CA PRO A 119 1.08 1.39 -3.15
C PRO A 119 0.17 1.78 -4.29
N GLU A 120 0.27 1.04 -5.38
CA GLU A 120 -0.50 1.31 -6.60
C GLU A 120 -1.97 0.93 -6.51
N LEU A 121 -2.31 -0.05 -5.69
CA LEU A 121 -3.69 -0.50 -5.59
C LEU A 121 -4.37 -0.09 -4.28
N CYS A 122 -3.60 0.40 -3.31
CA CYS A 122 -4.17 0.81 -2.02
C CYS A 122 -4.70 2.24 -2.03
N TYR A 123 -5.93 2.39 -2.54
CA TYR A 123 -6.58 3.70 -2.61
C TYR A 123 -6.51 4.42 -1.27
N LEU A 124 -5.86 5.58 -1.25
CA LEU A 124 -5.72 6.38 -0.05
C LEU A 124 -7.09 6.64 0.57
N THR A 125 -7.26 6.23 1.83
CA THR A 125 -8.53 6.43 2.52
C THR A 125 -8.46 7.61 3.47
N GLY A 126 -7.37 7.69 4.23
CA GLY A 126 -7.23 8.75 5.19
C GLY A 126 -8.18 8.50 6.33
N LEU A 127 -8.70 7.29 6.28
CA LEU A 127 -9.67 6.79 7.24
C LEU A 127 -9.07 6.55 8.60
N THR A 128 -7.80 6.18 8.64
CA THR A 128 -7.12 5.88 9.89
C THR A 128 -7.66 4.55 10.42
N ASP A 129 -8.85 4.23 9.93
CA ASP A 129 -9.59 3.02 10.31
C ASP A 129 -9.10 2.48 11.62
N LYS A 130 -9.45 3.21 12.66
CA LYS A 130 -9.10 2.86 14.02
C LYS A 130 -9.12 1.35 14.17
N MET A 131 -10.20 0.76 13.70
CA MET A 131 -10.34 -0.70 13.67
C MET A 131 -10.17 -1.36 15.03
N ARG A 132 -10.56 -2.63 15.08
CA ARG A 132 -10.42 -3.44 16.27
C ARG A 132 -10.99 -2.78 17.51
N ASN A 133 -10.65 -3.31 18.68
CA ASN A 133 -11.13 -2.75 19.94
C ASN A 133 -10.74 -1.28 20.04
N ASP A 134 -9.75 -0.87 19.25
CA ASP A 134 -9.29 0.51 19.26
C ASP A 134 -10.39 1.46 18.78
N CYS A 1 3.97 26.49 -16.96
CA CYS A 1 3.00 25.54 -17.57
C CYS A 1 3.38 24.11 -17.26
N THR A 2 2.70 23.52 -16.29
CA THR A 2 2.98 22.13 -15.89
C THR A 2 1.72 21.28 -15.93
N ASP A 3 1.86 20.03 -16.35
CA ASP A 3 0.75 19.09 -16.44
C ASP A 3 -0.31 19.58 -17.43
N VAL A 4 -0.37 18.91 -18.58
CA VAL A 4 -1.35 19.25 -19.61
C VAL A 4 -2.41 18.18 -19.76
N SER A 5 -3.63 18.63 -20.06
CA SER A 5 -4.76 17.73 -20.23
C SER A 5 -4.82 16.69 -19.11
N HIS A 6 -5.14 15.45 -19.45
CA HIS A 6 -5.22 14.37 -18.47
C HIS A 6 -3.89 14.22 -17.73
N LYS A 7 -3.78 14.92 -16.60
CA LYS A 7 -2.57 14.85 -15.78
C LYS A 7 -2.34 13.44 -15.30
N VAL A 8 -1.66 12.64 -16.14
CA VAL A 8 -1.37 11.25 -15.85
C VAL A 8 -2.08 10.74 -14.60
N LEU A 9 -3.35 10.40 -14.76
CA LEU A 9 -4.11 9.87 -13.64
C LEU A 9 -3.45 8.58 -13.17
N ARG A 10 -2.46 8.74 -12.31
CA ARG A 10 -1.68 7.62 -11.81
C ARG A 10 -2.56 6.75 -10.95
N SER A 11 -3.17 7.38 -9.96
CA SER A 11 -4.05 6.71 -9.04
C SER A 11 -4.56 7.65 -7.98
N GLU A 12 -5.02 7.06 -6.89
CA GLU A 12 -5.52 7.79 -5.75
C GLU A 12 -5.05 7.06 -4.51
N THR A 13 -4.32 5.98 -4.78
CA THR A 13 -3.73 5.13 -3.77
C THR A 13 -2.52 5.83 -3.21
N VAL A 14 -1.85 5.24 -2.22
CA VAL A 14 -0.67 5.88 -1.71
C VAL A 14 0.31 6.10 -2.85
N LEU A 15 0.66 5.06 -3.62
CA LEU A 15 1.56 5.24 -4.76
C LEU A 15 1.18 6.51 -5.50
N ASP A 16 -0.13 6.77 -5.60
CA ASP A 16 -0.61 7.99 -6.24
C ASP A 16 -0.08 9.17 -5.43
N PHE A 17 -0.22 9.06 -4.11
CA PHE A 17 0.27 10.08 -3.18
C PHE A 17 1.82 10.10 -3.18
N MET A 18 2.42 9.01 -2.70
CA MET A 18 3.87 8.87 -2.65
C MET A 18 4.51 9.40 -3.96
N PHE A 19 3.79 9.27 -5.07
CA PHE A 19 4.30 9.77 -6.37
C PHE A 19 4.27 11.28 -6.38
N ASN A 20 3.10 11.83 -6.04
CA ASN A 20 2.90 13.27 -5.98
C ASN A 20 4.10 13.92 -5.31
N PHE A 21 4.70 13.13 -4.44
CA PHE A 21 5.86 13.51 -3.67
C PHE A 21 7.15 13.53 -4.48
N TYR A 22 7.44 12.42 -5.15
CA TYR A 22 8.66 12.34 -5.94
C TYR A 22 8.76 13.53 -6.89
N HIS A 23 7.62 14.17 -7.13
CA HIS A 23 7.59 15.35 -7.99
C HIS A 23 8.07 16.58 -7.21
N GLN A 24 7.79 16.59 -5.91
CA GLN A 24 8.20 17.69 -5.02
C GLN A 24 9.44 17.34 -4.21
N THR A 25 9.22 16.65 -3.10
CA THR A 25 10.27 16.26 -2.20
C THR A 25 11.36 15.44 -2.89
N GLU A 26 12.56 15.44 -2.31
CA GLU A 26 13.69 14.70 -2.86
C GLU A 26 13.47 13.20 -2.70
N GLU A 27 14.56 12.46 -2.56
CA GLU A 27 14.49 11.02 -2.36
C GLU A 27 14.39 10.65 -0.89
N HIS A 28 15.42 11.01 -0.12
CA HIS A 28 15.47 10.69 1.32
C HIS A 28 14.29 11.31 2.08
N LYS A 29 14.20 12.64 2.07
CA LYS A 29 13.10 13.32 2.76
C LYS A 29 11.79 12.65 2.40
N PHE A 30 11.56 12.61 1.10
CA PHE A 30 10.37 12.01 0.53
C PHE A 30 9.98 10.73 1.28
N GLN A 31 10.71 9.65 1.04
CA GLN A 31 10.42 8.37 1.67
C GLN A 31 9.93 8.54 3.09
N GLU A 32 10.57 9.43 3.82
CA GLU A 32 10.19 9.69 5.21
C GLU A 32 8.75 10.22 5.32
N GLN A 33 8.51 11.41 4.77
CA GLN A 33 7.18 12.03 4.82
C GLN A 33 6.09 11.07 4.37
N VAL A 34 6.23 10.57 3.15
CA VAL A 34 5.25 9.65 2.60
C VAL A 34 5.07 8.43 3.47
N SER A 35 6.15 7.68 3.71
CA SER A 35 6.08 6.48 4.55
C SER A 35 5.15 6.76 5.72
N LYS A 36 5.38 7.91 6.31
CA LYS A 36 4.60 8.37 7.44
C LYS A 36 3.13 8.42 7.07
N GLU A 37 2.85 9.20 6.04
CA GLU A 37 1.49 9.36 5.56
C GLU A 37 0.81 8.02 5.41
N LEU A 38 1.44 7.14 4.64
CA LEU A 38 0.90 5.80 4.44
C LEU A 38 0.81 5.10 5.79
N ILE A 39 1.74 5.40 6.70
CA ILE A 39 1.75 4.78 8.02
C ILE A 39 0.55 5.22 8.85
N GLY A 40 -0.01 4.28 9.61
CA GLY A 40 -1.19 4.56 10.41
C GLY A 40 -2.37 4.92 9.54
N LEU A 41 -2.17 4.83 8.23
CA LEU A 41 -3.18 5.17 7.25
C LEU A 41 -3.79 3.94 6.61
N VAL A 42 -5.10 3.80 6.72
CA VAL A 42 -5.78 2.67 6.10
C VAL A 42 -5.96 2.92 4.63
N VAL A 43 -5.78 1.87 3.86
CA VAL A 43 -5.90 1.99 2.44
C VAL A 43 -6.72 0.88 1.86
N LEU A 44 -7.79 1.24 1.18
CA LEU A 44 -8.61 0.24 0.57
C LEU A 44 -8.06 -0.05 -0.80
N THR A 45 -7.62 -1.27 -0.96
CA THR A 45 -7.03 -1.69 -2.19
C THR A 45 -8.06 -1.99 -3.24
N LYS A 46 -7.62 -2.04 -4.48
CA LYS A 46 -8.54 -2.28 -5.57
C LYS A 46 -8.60 -3.77 -5.91
N TYR A 47 -7.86 -4.59 -5.16
CA TYR A 47 -7.86 -6.03 -5.38
C TYR A 47 -9.29 -6.52 -5.39
N ASN A 48 -10.00 -6.09 -4.37
CA ASN A 48 -11.40 -6.43 -4.17
C ASN A 48 -11.99 -5.47 -3.14
N ASN A 49 -11.39 -4.27 -3.09
CA ASN A 49 -11.82 -3.22 -2.16
C ASN A 49 -11.55 -3.62 -0.72
N LYS A 50 -10.30 -3.55 -0.28
CA LYS A 50 -9.99 -3.93 1.10
C LYS A 50 -9.10 -2.91 1.79
N THR A 51 -9.56 -2.45 2.95
CA THR A 51 -8.85 -1.43 3.72
C THR A 51 -7.77 -2.02 4.60
N TYR A 52 -6.57 -1.47 4.46
CA TYR A 52 -5.42 -1.91 5.24
C TYR A 52 -4.63 -0.73 5.73
N ARG A 53 -4.53 -0.61 7.03
CA ARG A 53 -3.82 0.50 7.61
C ARG A 53 -2.33 0.26 7.54
N VAL A 54 -1.73 0.78 6.47
CA VAL A 54 -0.31 0.65 6.27
C VAL A 54 0.40 1.30 7.43
N ASP A 55 1.23 0.52 8.12
CA ASP A 55 1.99 1.01 9.26
C ASP A 55 3.47 0.76 9.03
N ASP A 56 3.77 0.19 7.87
CA ASP A 56 5.12 -0.09 7.48
C ASP A 56 5.24 -0.07 5.98
N ILE A 57 6.36 0.42 5.46
CA ILE A 57 6.58 0.45 4.04
C ILE A 57 7.82 -0.34 3.69
N ASP A 58 7.64 -1.55 3.18
CA ASP A 58 8.77 -2.37 2.83
C ASP A 58 9.33 -1.90 1.50
N TRP A 59 10.22 -0.91 1.56
CA TRP A 59 10.83 -0.36 0.37
C TRP A 59 11.84 -1.33 -0.21
N ASP A 60 12.05 -2.43 0.49
CA ASP A 60 12.96 -3.46 0.03
C ASP A 60 12.29 -4.29 -1.04
N GLN A 61 10.96 -4.38 -0.94
CA GLN A 61 10.16 -5.15 -1.88
C GLN A 61 9.38 -4.23 -2.81
N ASN A 62 8.73 -4.83 -3.79
CA ASN A 62 7.90 -4.13 -4.74
C ASN A 62 6.86 -5.09 -5.30
N PRO A 63 5.80 -4.60 -5.96
CA PRO A 63 4.75 -5.47 -6.50
C PRO A 63 5.27 -6.45 -7.54
N LYS A 64 6.58 -6.54 -7.68
CA LYS A 64 7.17 -7.46 -8.63
C LYS A 64 7.92 -8.57 -7.89
N SER A 65 8.30 -8.27 -6.66
CA SER A 65 9.01 -9.23 -5.81
C SER A 65 8.02 -10.28 -5.32
N THR A 66 8.52 -11.42 -4.85
CA THR A 66 7.64 -12.48 -4.37
C THR A 66 7.51 -12.47 -2.86
N PHE A 67 6.35 -12.91 -2.39
CA PHE A 67 6.07 -12.96 -0.95
C PHE A 67 5.15 -14.15 -0.67
N LYS A 68 5.23 -14.68 0.54
CA LYS A 68 4.38 -15.80 0.88
C LYS A 68 3.18 -15.32 1.68
N LYS A 69 2.08 -15.08 0.96
CA LYS A 69 0.79 -14.60 1.48
C LYS A 69 0.62 -14.64 3.00
N ALA A 70 1.58 -14.07 3.72
CA ALA A 70 1.51 -14.03 5.18
C ALA A 70 1.44 -15.41 5.81
N ASP A 71 1.00 -16.41 5.04
CA ASP A 71 0.86 -17.76 5.55
C ASP A 71 1.90 -18.68 4.93
N GLY A 72 2.20 -18.45 3.67
CA GLY A 72 3.19 -19.27 3.01
C GLY A 72 3.06 -19.32 1.49
N SER A 73 1.86 -19.12 0.95
CA SER A 73 1.72 -19.14 -0.50
C SER A 73 2.62 -18.05 -1.08
N GLU A 74 3.65 -18.46 -1.81
CA GLU A 74 4.61 -17.53 -2.36
C GLU A 74 4.28 -17.11 -3.78
N VAL A 75 3.88 -15.84 -3.93
CA VAL A 75 3.56 -15.27 -5.23
C VAL A 75 4.10 -13.86 -5.35
N SER A 76 4.50 -13.49 -6.56
CA SER A 76 4.97 -12.14 -6.79
C SER A 76 3.83 -11.19 -6.47
N PHE A 77 4.07 -10.23 -5.60
CA PHE A 77 3.05 -9.29 -5.20
C PHE A 77 2.07 -9.00 -6.32
N LEU A 78 2.60 -8.69 -7.50
CA LEU A 78 1.76 -8.39 -8.65
C LEU A 78 0.78 -9.52 -8.90
N GLU A 79 1.29 -10.74 -8.95
CA GLU A 79 0.47 -11.92 -9.18
C GLU A 79 -0.66 -12.00 -8.17
N TYR A 80 -0.30 -11.90 -6.91
CA TYR A 80 -1.27 -11.94 -5.84
C TYR A 80 -2.48 -11.06 -6.17
N TYR A 81 -2.22 -9.82 -6.54
CA TYR A 81 -3.28 -8.86 -6.83
C TYR A 81 -3.89 -9.03 -8.22
N ARG A 82 -3.06 -8.82 -9.24
CA ARG A 82 -3.50 -8.91 -10.63
C ARG A 82 -4.03 -10.29 -11.03
N LYS A 83 -3.38 -11.34 -10.58
CA LYS A 83 -3.80 -12.69 -10.94
C LYS A 83 -4.85 -13.31 -10.02
N GLN A 84 -4.83 -12.99 -8.72
CA GLN A 84 -5.81 -13.58 -7.81
C GLN A 84 -6.99 -12.63 -7.56
N TYR A 85 -6.78 -11.35 -7.81
CA TYR A 85 -7.84 -10.37 -7.59
C TYR A 85 -8.18 -9.59 -8.86
N ASN A 86 -7.30 -9.69 -9.85
CA ASN A 86 -7.49 -9.02 -11.14
C ASN A 86 -7.08 -7.54 -11.07
N GLN A 87 -6.10 -7.19 -10.22
CA GLN A 87 -5.64 -5.83 -10.14
C GLN A 87 -4.31 -5.65 -10.84
N GLU A 88 -4.38 -5.33 -12.12
CA GLU A 88 -3.19 -5.12 -12.90
C GLU A 88 -2.46 -3.88 -12.43
N ILE A 89 -1.37 -4.11 -11.73
CA ILE A 89 -0.56 -3.06 -11.16
C ILE A 89 0.19 -2.28 -12.22
N THR A 90 1.22 -2.90 -12.78
CA THR A 90 2.04 -2.27 -13.81
C THR A 90 2.91 -1.16 -13.24
N ASP A 91 2.59 -0.75 -12.02
CA ASP A 91 3.34 0.29 -11.33
C ASP A 91 4.05 -0.36 -10.18
N LEU A 92 4.70 -1.48 -10.49
CA LEU A 92 5.40 -2.25 -9.50
C LEU A 92 6.75 -1.66 -9.18
N LYS A 93 6.90 -0.41 -9.54
CA LYS A 93 8.13 0.30 -9.29
C LYS A 93 8.07 0.98 -7.94
N GLN A 94 6.96 0.78 -7.22
CA GLN A 94 6.80 1.36 -5.90
C GLN A 94 7.06 0.28 -4.86
N PRO A 95 7.23 0.66 -3.58
CA PRO A 95 7.50 -0.30 -2.52
C PRO A 95 6.24 -1.02 -2.06
N VAL A 96 6.27 -1.44 -0.81
CA VAL A 96 5.16 -2.13 -0.21
C VAL A 96 4.71 -1.42 1.02
N LEU A 97 3.52 -1.74 1.44
CA LEU A 97 2.95 -1.15 2.63
C LEU A 97 2.48 -2.25 3.54
N VAL A 98 3.36 -2.71 4.41
CA VAL A 98 3.01 -3.76 5.32
C VAL A 98 2.09 -3.12 6.37
N SER A 99 0.81 -3.36 6.12
CA SER A 99 -0.28 -2.79 6.90
C SER A 99 -0.74 -3.65 8.07
N GLN A 100 -1.34 -2.98 9.03
CA GLN A 100 -1.91 -3.64 10.17
C GLN A 100 -3.40 -3.88 9.86
N PRO A 101 -3.80 -5.14 9.59
CA PRO A 101 -5.19 -5.47 9.24
C PRO A 101 -6.23 -4.90 10.20
N LYS A 102 -7.50 -5.10 9.86
CA LYS A 102 -8.61 -4.62 10.66
C LYS A 102 -8.79 -5.46 11.92
N ARG A 103 -7.78 -5.41 12.80
CA ARG A 103 -7.75 -6.15 14.05
C ARG A 103 -8.50 -7.48 14.04
N ARG A 104 -8.60 -8.09 15.21
CA ARG A 104 -9.28 -9.36 15.37
C ARG A 104 -10.51 -9.23 16.28
N ARG A 105 -11.49 -10.10 16.06
CA ARG A 105 -12.71 -10.09 16.86
C ARG A 105 -12.44 -10.51 18.29
N GLY A 106 -11.32 -11.19 18.51
CA GLY A 106 -10.97 -11.63 19.85
C GLY A 106 -10.65 -10.46 20.76
N PRO A 107 -9.37 -10.28 21.11
CA PRO A 107 -8.91 -9.20 21.98
C PRO A 107 -9.36 -7.83 21.48
N GLY A 108 -9.58 -6.91 22.42
CA GLY A 108 -10.02 -5.57 22.07
C GLY A 108 -9.00 -4.82 21.25
N GLY A 109 -7.82 -5.42 21.06
CA GLY A 109 -6.78 -4.77 20.29
C GLY A 109 -5.85 -5.77 19.61
N THR A 110 -4.57 -5.41 19.56
CA THR A 110 -3.54 -6.22 18.92
C THR A 110 -4.03 -6.86 17.63
N LEU A 111 -3.90 -6.10 16.54
CA LEU A 111 -4.29 -6.56 15.22
C LEU A 111 -3.61 -7.89 14.87
N PRO A 112 -4.08 -8.56 13.80
CA PRO A 112 -3.53 -9.84 13.32
C PRO A 112 -2.31 -9.68 12.41
N GLY A 113 -2.21 -10.60 11.47
CA GLY A 113 -1.10 -10.63 10.51
C GLY A 113 -1.17 -9.53 9.46
N PRO A 114 -0.11 -8.71 9.33
CA PRO A 114 -0.04 -7.57 8.41
C PRO A 114 -0.56 -7.80 6.99
N ALA A 115 -0.50 -6.71 6.20
CA ALA A 115 -0.93 -6.69 4.81
C ALA A 115 0.11 -6.02 3.92
N MET A 116 1.02 -6.80 3.34
CA MET A 116 2.02 -6.21 2.45
C MET A 116 1.26 -5.73 1.22
N LEU A 117 0.95 -4.44 1.26
CA LEU A 117 0.14 -3.79 0.25
C LEU A 117 0.91 -3.26 -0.95
N ILE A 118 0.14 -2.94 -1.97
CA ILE A 118 0.67 -2.33 -3.17
C ILE A 118 0.25 -0.86 -3.16
N PRO A 119 1.21 0.05 -2.94
CA PRO A 119 0.93 1.49 -2.92
C PRO A 119 0.11 1.91 -4.14
N GLU A 120 0.29 1.18 -5.23
CA GLU A 120 -0.41 1.48 -6.48
C GLU A 120 -1.90 1.16 -6.43
N LEU A 121 -2.27 0.13 -5.68
CA LEU A 121 -3.68 -0.26 -5.59
C LEU A 121 -4.31 0.11 -4.24
N CYS A 122 -3.49 0.59 -3.31
CA CYS A 122 -3.96 0.98 -1.96
C CYS A 122 -4.69 2.33 -1.99
N TYR A 123 -5.92 2.37 -2.47
CA TYR A 123 -6.68 3.61 -2.53
C TYR A 123 -6.64 4.35 -1.19
N LEU A 124 -6.00 5.52 -1.17
CA LEU A 124 -5.90 6.32 0.03
C LEU A 124 -7.28 6.54 0.64
N THR A 125 -7.46 6.10 1.88
CA THR A 125 -8.75 6.25 2.56
C THR A 125 -8.76 7.47 3.47
N GLY A 126 -7.69 7.63 4.23
CA GLY A 126 -7.61 8.72 5.17
C GLY A 126 -8.45 8.40 6.37
N LEU A 127 -8.89 7.14 6.37
CA LEU A 127 -9.75 6.59 7.39
C LEU A 127 -9.03 6.44 8.71
N THR A 128 -7.74 6.09 8.66
CA THR A 128 -6.95 5.90 9.87
C THR A 128 -7.43 4.66 10.62
N ASP A 129 -8.68 4.29 10.33
CA ASP A 129 -9.38 3.19 10.97
C ASP A 129 -8.63 2.71 12.19
N LYS A 130 -8.39 3.67 13.09
CA LYS A 130 -7.70 3.50 14.35
C LYS A 130 -7.24 2.08 14.62
N MET A 131 -8.15 1.14 14.47
CA MET A 131 -7.81 -0.29 14.61
C MET A 131 -7.64 -0.75 16.06
N ARG A 132 -6.87 -1.84 16.19
CA ARG A 132 -6.55 -2.48 17.46
C ARG A 132 -6.10 -1.47 18.53
N ASN A 133 -5.56 -1.97 19.63
CA ASN A 133 -5.11 -1.12 20.74
C ASN A 133 -4.37 0.13 20.24
N ASP A 134 -3.52 -0.05 19.25
CA ASP A 134 -2.76 1.07 18.69
C ASP A 134 -3.47 1.66 17.48
N CYS A 1 5.80 13.88 -29.73
CA CYS A 1 5.22 13.27 -28.50
C CYS A 1 3.70 13.42 -28.49
N THR A 2 3.07 12.87 -27.46
CA THR A 2 1.63 12.94 -27.32
C THR A 2 1.22 13.48 -25.96
N ASP A 3 1.97 14.48 -25.48
CA ASP A 3 1.70 15.10 -24.18
C ASP A 3 1.75 14.06 -23.06
N VAL A 4 2.90 13.98 -22.40
CA VAL A 4 3.08 13.02 -21.31
C VAL A 4 3.17 13.71 -19.95
N SER A 5 2.72 13.00 -18.93
CA SER A 5 2.71 13.50 -17.56
C SER A 5 2.09 14.89 -17.45
N HIS A 6 0.81 14.93 -17.10
CA HIS A 6 0.09 16.19 -16.96
C HIS A 6 -1.28 15.97 -16.32
N LYS A 7 -1.64 16.83 -15.37
CA LYS A 7 -2.91 16.73 -14.68
C LYS A 7 -3.00 15.38 -13.96
N VAL A 8 -2.28 15.30 -12.82
CA VAL A 8 -2.24 14.09 -11.99
C VAL A 8 -2.65 12.82 -12.75
N LEU A 9 -1.69 12.22 -13.44
CA LEU A 9 -1.94 11.00 -14.20
C LEU A 9 -1.48 9.77 -13.40
N ARG A 10 -2.12 9.56 -12.26
CA ARG A 10 -1.79 8.43 -11.41
C ARG A 10 -3.03 8.04 -10.62
N SER A 11 -2.90 7.02 -9.79
CA SER A 11 -4.01 6.56 -9.00
C SER A 11 -4.47 7.57 -7.98
N GLU A 12 -5.03 7.04 -6.92
CA GLU A 12 -5.48 7.82 -5.78
C GLU A 12 -5.02 7.07 -4.55
N THR A 13 -4.32 5.97 -4.83
CA THR A 13 -3.74 5.10 -3.83
C THR A 13 -2.54 5.78 -3.21
N VAL A 14 -1.82 5.09 -2.35
CA VAL A 14 -0.65 5.70 -1.76
C VAL A 14 0.31 6.02 -2.87
N LEU A 15 0.68 5.03 -3.71
CA LEU A 15 1.56 5.27 -4.82
C LEU A 15 1.16 6.56 -5.51
N ASP A 16 -0.15 6.83 -5.57
CA ASP A 16 -0.63 8.06 -6.18
C ASP A 16 -0.11 9.22 -5.35
N PHE A 17 -0.24 9.08 -4.03
CA PHE A 17 0.26 10.09 -3.11
C PHE A 17 1.80 10.11 -3.13
N MET A 18 2.43 8.98 -2.70
CA MET A 18 3.88 8.86 -2.68
C MET A 18 4.47 9.44 -3.99
N PHE A 19 3.72 9.34 -5.10
CA PHE A 19 4.20 9.88 -6.38
C PHE A 19 4.18 11.41 -6.35
N ASN A 20 3.02 11.95 -5.97
CA ASN A 20 2.84 13.39 -5.84
C ASN A 20 4.06 14.00 -5.18
N PHE A 21 4.67 13.18 -4.36
CA PHE A 21 5.85 13.54 -3.61
C PHE A 21 7.13 13.54 -4.44
N TYR A 22 7.39 12.45 -5.15
CA TYR A 22 8.60 12.38 -5.95
C TYR A 22 8.64 13.54 -6.95
N HIS A 23 7.50 14.20 -7.11
CA HIS A 23 7.40 15.35 -8.00
C HIS A 23 7.75 16.65 -7.26
N GLN A 24 8.13 16.51 -5.98
CA GLN A 24 8.46 17.66 -5.15
C GLN A 24 9.61 17.36 -4.17
N THR A 25 9.37 16.46 -3.21
CA THR A 25 10.37 16.13 -2.22
C THR A 25 11.53 15.35 -2.84
N GLU A 26 12.69 15.40 -2.17
CA GLU A 26 13.88 14.71 -2.65
C GLU A 26 13.68 13.19 -2.66
N GLU A 27 14.78 12.46 -2.54
CA GLU A 27 14.72 11.00 -2.50
C GLU A 27 14.58 10.49 -1.07
N HIS A 28 15.49 10.92 -0.19
CA HIS A 28 15.49 10.50 1.21
C HIS A 28 14.34 11.12 2.00
N LYS A 29 14.31 12.46 2.09
CA LYS A 29 13.24 13.13 2.82
C LYS A 29 11.91 12.53 2.40
N PHE A 30 11.74 12.47 1.09
CA PHE A 30 10.55 11.90 0.50
C PHE A 30 10.14 10.64 1.23
N GLN A 31 10.87 9.56 0.99
CA GLN A 31 10.58 8.26 1.61
C GLN A 31 10.14 8.39 3.07
N GLU A 32 10.65 9.41 3.76
CA GLU A 32 10.31 9.63 5.15
C GLU A 32 8.88 10.15 5.29
N GLN A 33 8.64 11.35 4.78
CA GLN A 33 7.31 11.98 4.84
C GLN A 33 6.21 11.03 4.40
N VAL A 34 6.31 10.56 3.18
CA VAL A 34 5.32 9.66 2.62
C VAL A 34 5.14 8.42 3.48
N SER A 35 6.21 7.65 3.67
CA SER A 35 6.11 6.43 4.49
C SER A 35 5.16 6.69 5.63
N LYS A 36 5.46 7.78 6.32
CA LYS A 36 4.67 8.23 7.46
C LYS A 36 3.21 8.38 7.07
N GLU A 37 2.96 9.18 6.05
CA GLU A 37 1.62 9.42 5.59
C GLU A 37 0.89 8.09 5.44
N LEU A 38 1.49 7.20 4.66
CA LEU A 38 0.92 5.88 4.48
C LEU A 38 0.84 5.16 5.84
N ILE A 39 1.78 5.47 6.75
CA ILE A 39 1.77 4.84 8.09
C ILE A 39 0.55 5.29 8.88
N GLY A 40 0.10 4.42 9.78
CA GLY A 40 -1.08 4.72 10.58
C GLY A 40 -2.27 5.10 9.73
N LEU A 41 -2.10 5.02 8.40
CA LEU A 41 -3.13 5.36 7.45
C LEU A 41 -3.75 4.11 6.88
N VAL A 42 -5.05 4.10 6.66
CA VAL A 42 -5.71 2.92 6.09
C VAL A 42 -5.91 3.12 4.62
N VAL A 43 -5.80 2.03 3.89
CA VAL A 43 -5.92 2.11 2.47
C VAL A 43 -6.73 0.96 1.91
N LEU A 44 -7.79 1.28 1.20
CA LEU A 44 -8.58 0.23 0.60
C LEU A 44 -7.99 -0.08 -0.74
N THR A 45 -7.63 -1.31 -0.93
CA THR A 45 -7.07 -1.74 -2.17
C THR A 45 -8.15 -1.89 -3.19
N LYS A 46 -7.79 -1.92 -4.46
CA LYS A 46 -8.79 -1.95 -5.51
C LYS A 46 -9.29 -3.34 -5.87
N TYR A 47 -8.52 -4.38 -5.56
CA TYR A 47 -8.94 -5.72 -5.96
C TYR A 47 -10.28 -6.08 -5.35
N ASN A 48 -10.25 -6.63 -4.16
CA ASN A 48 -11.45 -7.01 -3.47
C ASN A 48 -11.93 -5.85 -2.60
N ASN A 49 -11.41 -4.67 -2.94
CA ASN A 49 -11.74 -3.45 -2.21
C ASN A 49 -11.47 -3.67 -0.73
N LYS A 50 -10.20 -3.72 -0.33
CA LYS A 50 -9.91 -3.97 1.07
C LYS A 50 -9.06 -2.92 1.77
N THR A 51 -9.58 -2.43 2.89
CA THR A 51 -8.91 -1.40 3.67
C THR A 51 -7.86 -2.02 4.56
N TYR A 52 -6.66 -1.50 4.46
CA TYR A 52 -5.56 -1.99 5.24
C TYR A 52 -4.82 -0.84 5.84
N ARG A 53 -4.90 -0.74 7.13
CA ARG A 53 -4.26 0.32 7.82
C ARG A 53 -2.74 0.10 7.80
N VAL A 54 -2.12 0.73 6.78
CA VAL A 54 -0.68 0.66 6.55
C VAL A 54 0.09 1.32 7.67
N ASP A 55 0.91 0.52 8.34
CA ASP A 55 1.72 0.99 9.46
C ASP A 55 3.19 0.74 9.17
N ASP A 56 3.47 0.20 8.00
CA ASP A 56 4.83 -0.07 7.58
C ASP A 56 4.95 -0.04 6.07
N ILE A 57 6.09 0.41 5.58
CA ILE A 57 6.34 0.46 4.16
C ILE A 57 7.62 -0.31 3.84
N ASP A 58 7.48 -1.50 3.28
CA ASP A 58 8.64 -2.30 2.96
C ASP A 58 9.35 -1.75 1.73
N TRP A 59 10.23 -0.78 1.95
CA TRP A 59 10.98 -0.16 0.86
C TRP A 59 12.10 -1.06 0.37
N ASP A 60 11.88 -2.36 0.44
CA ASP A 60 12.84 -3.34 -0.03
C ASP A 60 12.21 -4.17 -1.13
N GLN A 61 10.89 -4.29 -1.04
CA GLN A 61 10.10 -5.05 -2.00
C GLN A 61 9.32 -4.12 -2.91
N ASN A 62 8.63 -4.70 -3.87
CA ASN A 62 7.79 -3.95 -4.80
C ASN A 62 6.74 -4.89 -5.38
N PRO A 63 5.67 -4.36 -6.00
CA PRO A 63 4.61 -5.21 -6.56
C PRO A 63 5.12 -6.21 -7.60
N LYS A 64 6.42 -6.29 -7.78
CA LYS A 64 7.00 -7.21 -8.72
C LYS A 64 7.78 -8.31 -7.98
N SER A 65 8.24 -7.98 -6.77
CA SER A 65 8.96 -8.92 -5.93
C SER A 65 8.04 -10.02 -5.46
N THR A 66 8.58 -11.14 -5.02
CA THR A 66 7.74 -12.24 -4.55
C THR A 66 7.63 -12.25 -3.03
N PHE A 67 6.50 -12.73 -2.55
CA PHE A 67 6.23 -12.81 -1.12
C PHE A 67 5.34 -13.99 -0.84
N LYS A 68 5.42 -14.53 0.36
CA LYS A 68 4.58 -15.67 0.68
C LYS A 68 3.40 -15.20 1.52
N LYS A 69 2.28 -14.93 0.81
CA LYS A 69 1.00 -14.45 1.39
C LYS A 69 0.91 -14.53 2.89
N ALA A 70 1.83 -13.89 3.58
CA ALA A 70 1.85 -13.90 5.04
C ALA A 70 1.97 -15.33 5.55
N ASP A 71 0.96 -16.16 5.26
CA ASP A 71 0.96 -17.55 5.67
C ASP A 71 2.14 -18.29 5.05
N GLY A 72 2.30 -18.16 3.74
CA GLY A 72 3.41 -18.82 3.09
C GLY A 72 3.24 -19.07 1.60
N SER A 73 2.12 -18.67 1.00
CA SER A 73 1.98 -18.86 -0.43
C SER A 73 2.85 -17.82 -1.14
N GLU A 74 3.90 -18.29 -1.81
CA GLU A 74 4.85 -17.39 -2.45
C GLU A 74 4.45 -16.99 -3.87
N VAL A 75 4.08 -15.72 -4.05
CA VAL A 75 3.71 -15.18 -5.33
C VAL A 75 4.22 -13.75 -5.48
N SER A 76 4.58 -13.38 -6.70
CA SER A 76 5.01 -12.03 -6.95
C SER A 76 3.87 -11.10 -6.60
N PHE A 77 4.13 -10.14 -5.73
CA PHE A 77 3.11 -9.20 -5.30
C PHE A 77 2.10 -8.93 -6.41
N LEU A 78 2.60 -8.66 -7.62
CA LEU A 78 1.74 -8.39 -8.75
C LEU A 78 0.80 -9.57 -8.99
N GLU A 79 1.36 -10.77 -9.03
CA GLU A 79 0.57 -11.97 -9.25
C GLU A 79 -0.56 -12.08 -8.25
N TYR A 80 -0.20 -11.91 -6.98
CA TYR A 80 -1.16 -11.95 -5.91
C TYR A 80 -2.42 -11.14 -6.24
N TYR A 81 -2.21 -9.88 -6.58
CA TYR A 81 -3.31 -8.96 -6.89
C TYR A 81 -3.88 -9.19 -8.29
N ARG A 82 -3.04 -8.97 -9.29
CA ARG A 82 -3.40 -9.11 -10.70
C ARG A 82 -3.96 -10.48 -11.07
N LYS A 83 -3.33 -11.56 -10.60
CA LYS A 83 -3.77 -12.90 -10.96
C LYS A 83 -4.80 -13.51 -10.00
N GLN A 84 -4.67 -13.26 -8.70
CA GLN A 84 -5.62 -13.84 -7.75
C GLN A 84 -6.82 -12.93 -7.52
N TYR A 85 -6.68 -11.66 -7.87
CA TYR A 85 -7.78 -10.71 -7.68
C TYR A 85 -8.15 -9.97 -8.96
N ASN A 86 -7.22 -9.94 -9.91
CA ASN A 86 -7.40 -9.28 -11.20
C ASN A 86 -7.04 -7.79 -11.14
N GLN A 87 -6.06 -7.42 -10.32
CA GLN A 87 -5.64 -6.04 -10.23
C GLN A 87 -4.32 -5.82 -10.96
N GLU A 88 -4.40 -5.45 -12.23
CA GLU A 88 -3.21 -5.19 -13.01
C GLU A 88 -2.49 -3.98 -12.45
N ILE A 89 -1.43 -4.24 -11.73
CA ILE A 89 -0.66 -3.18 -11.12
C ILE A 89 0.05 -2.35 -12.16
N THR A 90 1.04 -2.94 -12.79
CA THR A 90 1.80 -2.27 -13.84
C THR A 90 2.62 -1.11 -13.29
N ASP A 91 2.37 -0.77 -12.03
CA ASP A 91 3.09 0.31 -11.36
C ASP A 91 3.82 -0.32 -10.19
N LEU A 92 4.54 -1.38 -10.51
CA LEU A 92 5.28 -2.13 -9.51
C LEU A 92 6.60 -1.49 -9.23
N LYS A 93 6.66 -0.20 -9.46
CA LYS A 93 7.87 0.54 -9.26
C LYS A 93 7.93 1.17 -7.87
N GLN A 94 6.91 0.95 -7.03
CA GLN A 94 6.95 1.51 -5.70
C GLN A 94 7.11 0.39 -4.69
N PRO A 95 7.46 0.70 -3.44
CA PRO A 95 7.65 -0.33 -2.43
C PRO A 95 6.37 -1.00 -2.03
N VAL A 96 6.32 -1.44 -0.78
CA VAL A 96 5.15 -2.10 -0.26
C VAL A 96 4.68 -1.41 0.97
N LEU A 97 3.45 -1.70 1.33
CA LEU A 97 2.85 -1.13 2.50
C LEU A 97 2.42 -2.25 3.41
N VAL A 98 3.33 -2.68 4.27
CA VAL A 98 3.00 -3.75 5.19
C VAL A 98 2.05 -3.10 6.19
N SER A 99 0.77 -3.35 5.90
CA SER A 99 -0.34 -2.77 6.62
C SER A 99 -0.90 -3.64 7.72
N GLN A 100 -0.83 -3.12 8.94
CA GLN A 100 -1.36 -3.83 10.09
C GLN A 100 -2.89 -3.98 9.93
N PRO A 101 -3.35 -5.17 9.51
CA PRO A 101 -4.75 -5.46 9.22
C PRO A 101 -5.49 -6.34 10.22
N LYS A 102 -6.73 -6.64 9.84
CA LYS A 102 -7.66 -7.44 10.62
C LYS A 102 -7.29 -8.92 10.64
N ARG A 103 -6.59 -9.34 11.68
CA ARG A 103 -6.21 -10.74 11.83
C ARG A 103 -7.29 -11.54 12.56
N ARG A 104 -7.86 -10.95 13.61
CA ARG A 104 -8.91 -11.61 14.39
C ARG A 104 -10.17 -11.81 13.56
N ARG A 105 -11.32 -11.96 14.23
CA ARG A 105 -12.60 -12.15 13.56
C ARG A 105 -12.69 -11.23 12.36
N GLY A 106 -12.54 -9.93 12.62
CA GLY A 106 -12.56 -8.95 11.55
C GLY A 106 -12.71 -7.54 12.04
N PRO A 107 -11.67 -7.02 12.71
CA PRO A 107 -11.64 -5.67 13.25
C PRO A 107 -11.24 -4.64 12.20
N GLY A 108 -10.02 -4.77 11.70
CA GLY A 108 -9.53 -3.85 10.68
C GLY A 108 -8.50 -2.89 11.23
N GLY A 109 -8.35 -2.88 12.54
CA GLY A 109 -7.42 -1.98 13.20
C GLY A 109 -6.01 -2.13 12.71
N THR A 110 -5.08 -1.40 13.32
CA THR A 110 -3.68 -1.53 12.99
C THR A 110 -3.21 -2.82 13.61
N LEU A 111 -4.10 -3.78 13.59
CA LEU A 111 -3.88 -5.05 14.20
C LEU A 111 -2.64 -5.74 13.70
N PRO A 112 -2.25 -6.79 14.41
CA PRO A 112 -1.12 -7.60 14.07
C PRO A 112 -1.28 -8.28 12.69
N GLY A 113 -0.36 -9.18 12.38
CA GLY A 113 -0.37 -9.89 11.09
C GLY A 113 -0.59 -8.96 9.91
N PRO A 114 0.47 -8.22 9.53
CA PRO A 114 0.47 -7.21 8.46
C PRO A 114 -0.20 -7.59 7.12
N ALA A 115 -0.18 -6.60 6.22
CA ALA A 115 -0.74 -6.70 4.86
C ALA A 115 0.22 -6.06 3.88
N MET A 116 1.13 -6.84 3.30
CA MET A 116 2.07 -6.27 2.35
C MET A 116 1.27 -5.81 1.15
N LEU A 117 0.98 -4.52 1.18
CA LEU A 117 0.13 -3.87 0.20
C LEU A 117 0.87 -3.30 -1.00
N ILE A 118 0.10 -3.00 -2.04
CA ILE A 118 0.63 -2.37 -3.24
C ILE A 118 0.27 -0.90 -3.25
N PRO A 119 1.25 -0.01 -3.16
CA PRO A 119 1.00 1.43 -3.15
C PRO A 119 0.07 1.82 -4.29
N GLU A 120 0.13 1.05 -5.37
CA GLU A 120 -0.67 1.31 -6.57
C GLU A 120 -2.14 0.90 -6.44
N LEU A 121 -2.43 -0.09 -5.63
CA LEU A 121 -3.80 -0.57 -5.48
C LEU A 121 -4.47 -0.06 -4.20
N CYS A 122 -3.69 0.40 -3.24
CA CYS A 122 -4.23 0.85 -1.97
C CYS A 122 -4.77 2.28 -2.01
N TYR A 123 -5.98 2.42 -2.57
CA TYR A 123 -6.66 3.72 -2.66
C TYR A 123 -6.64 4.42 -1.31
N LEU A 124 -5.99 5.57 -1.24
CA LEU A 124 -5.92 6.33 -0.01
C LEU A 124 -7.35 6.52 0.54
N THR A 125 -7.60 5.98 1.72
CA THR A 125 -8.92 6.07 2.35
C THR A 125 -9.10 7.36 3.11
N GLY A 126 -8.08 7.72 3.88
CA GLY A 126 -8.16 8.91 4.69
C GLY A 126 -8.90 8.59 5.95
N LEU A 127 -9.15 7.29 6.10
CA LEU A 127 -9.84 6.75 7.24
C LEU A 127 -9.02 6.99 8.48
N THR A 128 -7.73 7.17 8.26
CA THR A 128 -6.78 7.52 9.31
C THR A 128 -6.41 6.35 10.20
N ASP A 129 -7.28 5.38 10.26
CA ASP A 129 -7.02 4.21 11.06
C ASP A 129 -6.73 4.57 12.52
N LYS A 130 -7.79 4.82 13.28
CA LYS A 130 -7.67 5.16 14.69
C LYS A 130 -7.66 3.89 15.54
N MET A 131 -8.60 3.04 15.19
CA MET A 131 -8.82 1.74 15.84
C MET A 131 -7.54 0.95 16.16
N ARG A 132 -7.74 -0.16 16.89
CA ARG A 132 -6.68 -1.07 17.32
C ARG A 132 -6.00 -0.57 18.58
N ASN A 133 -6.73 0.28 19.29
CA ASN A 133 -6.26 0.87 20.56
C ASN A 133 -4.77 1.20 20.54
N ASP A 134 -4.23 1.49 19.36
CA ASP A 134 -2.81 1.83 19.23
C ASP A 134 -2.45 3.01 20.12
N CYS A 1 -20.05 11.59 -26.20
CA CYS A 1 -20.51 11.54 -24.79
C CYS A 1 -19.36 11.15 -23.87
N THR A 2 -18.29 10.59 -24.44
CA THR A 2 -17.13 10.18 -23.67
C THR A 2 -15.85 10.75 -24.26
N ASP A 3 -15.45 11.92 -23.77
CA ASP A 3 -14.23 12.58 -24.23
C ASP A 3 -13.07 12.34 -23.26
N VAL A 4 -11.89 12.85 -23.62
CA VAL A 4 -10.72 12.70 -22.78
C VAL A 4 -10.85 13.46 -21.47
N SER A 5 -10.51 12.79 -20.38
CA SER A 5 -10.57 13.39 -19.07
C SER A 5 -9.39 12.95 -18.21
N HIS A 6 -8.65 13.93 -17.68
CA HIS A 6 -7.50 13.65 -16.83
C HIS A 6 -6.43 12.85 -17.58
N LYS A 7 -5.33 13.52 -17.90
CA LYS A 7 -4.23 12.87 -18.62
C LYS A 7 -3.49 11.93 -17.67
N VAL A 8 -4.08 10.76 -17.45
CA VAL A 8 -3.53 9.74 -16.56
C VAL A 8 -2.38 10.26 -15.72
N LEU A 9 -2.71 11.09 -14.75
CA LEU A 9 -1.71 11.65 -13.86
C LEU A 9 -1.16 10.54 -12.96
N ARG A 10 -2.05 9.96 -12.14
CA ARG A 10 -1.69 8.89 -11.26
C ARG A 10 -2.92 8.39 -10.52
N SER A 11 -2.74 7.35 -9.73
CA SER A 11 -3.84 6.77 -8.98
C SER A 11 -4.36 7.74 -7.93
N GLU A 12 -4.91 7.17 -6.89
CA GLU A 12 -5.41 7.88 -5.74
C GLU A 12 -4.94 7.14 -4.52
N THR A 13 -4.27 6.03 -4.81
CA THR A 13 -3.69 5.16 -3.80
C THR A 13 -2.48 5.82 -3.20
N VAL A 14 -1.74 5.11 -2.37
CA VAL A 14 -0.56 5.70 -1.80
C VAL A 14 0.42 5.99 -2.92
N LEU A 15 0.76 4.99 -3.73
CA LEU A 15 1.65 5.21 -4.85
C LEU A 15 1.27 6.50 -5.54
N ASP A 16 -0.02 6.80 -5.55
CA ASP A 16 -0.50 8.04 -6.14
C ASP A 16 0.02 9.20 -5.30
N PHE A 17 -0.16 9.08 -3.98
CA PHE A 17 0.32 10.10 -3.06
C PHE A 17 1.87 10.12 -3.08
N MET A 18 2.49 9.00 -2.66
CA MET A 18 3.94 8.87 -2.65
C MET A 18 4.52 9.45 -3.96
N PHE A 19 3.76 9.35 -5.06
CA PHE A 19 4.21 9.91 -6.35
C PHE A 19 4.18 11.42 -6.32
N ASN A 20 3.02 11.95 -5.94
CA ASN A 20 2.81 13.39 -5.81
C ASN A 20 4.04 14.02 -5.18
N PHE A 21 4.67 13.21 -4.34
CA PHE A 21 5.86 13.59 -3.62
C PHE A 21 7.10 13.61 -4.48
N TYR A 22 7.34 12.52 -5.21
CA TYR A 22 8.53 12.46 -6.05
C TYR A 22 8.57 13.66 -6.99
N HIS A 23 7.42 14.33 -7.12
CA HIS A 23 7.32 15.52 -7.94
C HIS A 23 7.86 16.73 -7.17
N GLN A 24 7.69 16.69 -5.85
CA GLN A 24 8.14 17.76 -4.96
C GLN A 24 9.42 17.39 -4.21
N THR A 25 9.24 16.70 -3.08
CA THR A 25 10.34 16.29 -2.22
C THR A 25 11.39 15.48 -2.97
N GLU A 26 12.59 15.42 -2.41
CA GLU A 26 13.70 14.68 -3.00
C GLU A 26 13.48 13.18 -2.85
N GLU A 27 14.56 12.43 -2.73
CA GLU A 27 14.48 10.98 -2.54
C GLU A 27 14.40 10.61 -1.07
N HIS A 28 15.46 10.94 -0.31
CA HIS A 28 15.52 10.61 1.11
C HIS A 28 14.38 11.26 1.91
N LYS A 29 14.32 12.59 1.92
CA LYS A 29 13.26 13.29 2.65
C LYS A 29 11.94 12.64 2.32
N PHE A 30 11.68 12.58 1.02
CA PHE A 30 10.47 11.99 0.48
C PHE A 30 10.12 10.70 1.23
N GLN A 31 10.86 9.64 0.96
CA GLN A 31 10.64 8.34 1.58
C GLN A 31 10.21 8.47 3.04
N GLU A 32 10.72 9.49 3.72
CA GLU A 32 10.38 9.73 5.12
C GLU A 32 8.94 10.23 5.27
N GLN A 33 8.70 11.44 4.75
CA GLN A 33 7.36 12.06 4.82
C GLN A 33 6.26 11.11 4.39
N VAL A 34 6.40 10.57 3.20
CA VAL A 34 5.39 9.66 2.65
C VAL A 34 5.22 8.44 3.54
N SER A 35 6.29 7.69 3.76
CA SER A 35 6.20 6.48 4.60
C SER A 35 5.34 6.80 5.79
N LYS A 36 5.61 7.96 6.37
CA LYS A 36 4.86 8.45 7.51
C LYS A 36 3.39 8.54 7.17
N GLU A 37 3.10 9.32 6.14
CA GLU A 37 1.74 9.49 5.70
C GLU A 37 1.06 8.16 5.58
N LEU A 38 1.59 7.28 4.74
CA LEU A 38 1.00 5.96 4.57
C LEU A 38 0.92 5.26 5.92
N ILE A 39 1.82 5.61 6.84
CA ILE A 39 1.85 5.00 8.18
C ILE A 39 0.77 5.54 9.11
N GLY A 40 -0.08 4.62 9.56
CA GLY A 40 -1.13 4.96 10.48
C GLY A 40 -2.46 5.09 9.77
N LEU A 41 -2.42 4.92 8.47
CA LEU A 41 -3.60 5.04 7.66
C LEU A 41 -4.14 3.70 7.23
N VAL A 42 -5.36 3.72 6.72
CA VAL A 42 -5.97 2.54 6.12
C VAL A 42 -6.05 2.79 4.64
N VAL A 43 -5.93 1.75 3.86
CA VAL A 43 -6.01 1.91 2.45
C VAL A 43 -6.80 0.81 1.82
N LEU A 44 -7.85 1.18 1.11
CA LEU A 44 -8.62 0.17 0.45
C LEU A 44 -8.02 -0.09 -0.88
N THR A 45 -7.66 -1.31 -1.08
CA THR A 45 -7.06 -1.73 -2.31
C THR A 45 -8.12 -1.86 -3.37
N LYS A 46 -7.72 -1.78 -4.62
CA LYS A 46 -8.69 -1.78 -5.71
C LYS A 46 -9.19 -3.16 -6.10
N TYR A 47 -8.47 -4.21 -5.74
CA TYR A 47 -8.90 -5.54 -6.15
C TYR A 47 -10.26 -5.89 -5.58
N ASN A 48 -10.26 -6.50 -4.41
CA ASN A 48 -11.48 -6.87 -3.75
C ASN A 48 -11.94 -5.73 -2.85
N ASN A 49 -11.43 -4.54 -3.15
CA ASN A 49 -11.76 -3.35 -2.38
C ASN A 49 -11.49 -3.61 -0.91
N LYS A 50 -10.22 -3.71 -0.51
CA LYS A 50 -9.95 -4.00 0.90
C LYS A 50 -9.10 -2.96 1.60
N THR A 51 -9.62 -2.49 2.73
CA THR A 51 -8.94 -1.48 3.53
C THR A 51 -7.93 -2.11 4.46
N TYR A 52 -6.71 -1.62 4.40
CA TYR A 52 -5.63 -2.14 5.22
C TYR A 52 -4.87 -1.02 5.90
N ARG A 53 -4.71 -1.13 7.21
CA ARG A 53 -4.00 -0.12 7.94
C ARG A 53 -2.50 -0.19 7.67
N VAL A 54 -2.04 0.61 6.71
CA VAL A 54 -0.62 0.66 6.37
C VAL A 54 0.12 1.41 7.46
N ASP A 55 1.03 0.69 8.13
CA ASP A 55 1.83 1.24 9.21
C ASP A 55 3.31 0.97 8.95
N ASP A 56 3.57 0.25 7.87
CA ASP A 56 4.93 -0.09 7.48
C ASP A 56 5.06 -0.06 5.97
N ILE A 57 6.22 0.35 5.48
CA ILE A 57 6.48 0.37 4.05
C ILE A 57 7.74 -0.42 3.75
N ASP A 58 7.58 -1.63 3.23
CA ASP A 58 8.73 -2.44 2.90
C ASP A 58 9.38 -1.92 1.63
N TRP A 59 10.27 -0.94 1.80
CA TRP A 59 10.97 -0.35 0.67
C TRP A 59 12.02 -1.29 0.10
N ASP A 60 12.00 -2.53 0.56
CA ASP A 60 12.92 -3.55 0.08
C ASP A 60 12.24 -4.35 -1.02
N GLN A 61 10.91 -4.41 -0.92
CA GLN A 61 10.08 -5.14 -1.87
C GLN A 61 9.34 -4.18 -2.80
N ASN A 62 8.62 -4.76 -3.74
CA ASN A 62 7.80 -4.02 -4.69
C ASN A 62 6.75 -4.95 -5.27
N PRO A 63 5.69 -4.44 -5.92
CA PRO A 63 4.63 -5.27 -6.49
C PRO A 63 5.12 -6.29 -7.51
N LYS A 64 6.43 -6.46 -7.60
CA LYS A 64 7.01 -7.43 -8.51
C LYS A 64 7.74 -8.53 -7.74
N SER A 65 8.25 -8.18 -6.56
CA SER A 65 8.95 -9.13 -5.72
C SER A 65 7.99 -10.20 -5.22
N THR A 66 8.52 -11.32 -4.75
CA THR A 66 7.66 -12.39 -4.26
C THR A 66 7.51 -12.39 -2.76
N PHE A 67 6.35 -12.84 -2.30
CA PHE A 67 6.04 -12.91 -0.88
C PHE A 67 5.14 -14.09 -0.62
N LYS A 68 5.19 -14.63 0.58
CA LYS A 68 4.34 -15.76 0.90
C LYS A 68 3.13 -15.29 1.69
N LYS A 69 2.03 -15.06 0.95
CA LYS A 69 0.73 -14.59 1.45
C LYS A 69 0.54 -14.64 2.95
N ALA A 70 1.47 -14.07 3.71
CA ALA A 70 1.37 -14.04 5.16
C ALA A 70 1.26 -15.43 5.78
N ASP A 71 0.88 -16.42 4.98
CA ASP A 71 0.72 -17.77 5.46
C ASP A 71 1.79 -18.69 4.88
N GLY A 72 2.13 -18.44 3.63
CA GLY A 72 3.14 -19.24 3.00
C GLY A 72 3.05 -19.31 1.47
N SER A 73 1.87 -19.11 0.91
CA SER A 73 1.75 -19.13 -0.54
C SER A 73 2.64 -18.03 -1.11
N GLU A 74 3.70 -18.41 -1.81
CA GLU A 74 4.65 -17.46 -2.34
C GLU A 74 4.34 -17.04 -3.77
N VAL A 75 3.93 -15.79 -3.94
CA VAL A 75 3.61 -15.22 -5.24
C VAL A 75 4.15 -13.81 -5.34
N SER A 76 4.62 -13.42 -6.53
CA SER A 76 5.09 -12.07 -6.71
C SER A 76 3.90 -11.14 -6.49
N PHE A 77 4.06 -10.19 -5.59
CA PHE A 77 3.00 -9.24 -5.26
C PHE A 77 2.04 -8.99 -6.41
N LEU A 78 2.58 -8.68 -7.59
CA LEU A 78 1.75 -8.42 -8.74
C LEU A 78 0.79 -9.57 -9.00
N GLU A 79 1.31 -10.78 -9.03
CA GLU A 79 0.48 -11.97 -9.26
C GLU A 79 -0.63 -12.05 -8.25
N TYR A 80 -0.29 -11.92 -6.98
CA TYR A 80 -1.25 -11.95 -5.91
C TYR A 80 -2.48 -11.10 -6.25
N TYR A 81 -2.23 -9.85 -6.60
CA TYR A 81 -3.30 -8.91 -6.93
C TYR A 81 -3.87 -9.12 -8.34
N ARG A 82 -3.03 -8.88 -9.33
CA ARG A 82 -3.40 -9.00 -10.73
C ARG A 82 -3.98 -10.37 -11.12
N LYS A 83 -3.38 -11.45 -10.65
CA LYS A 83 -3.83 -12.79 -11.01
C LYS A 83 -4.85 -13.39 -10.05
N GLN A 84 -4.72 -13.18 -8.75
CA GLN A 84 -5.66 -13.76 -7.80
C GLN A 84 -6.83 -12.82 -7.51
N TYR A 85 -6.69 -11.55 -7.90
CA TYR A 85 -7.74 -10.57 -7.66
C TYR A 85 -8.13 -9.82 -8.92
N ASN A 86 -7.23 -9.83 -9.90
CA ASN A 86 -7.42 -9.15 -11.19
C ASN A 86 -7.01 -7.67 -11.16
N GLN A 87 -6.03 -7.32 -10.31
CA GLN A 87 -5.56 -5.94 -10.25
C GLN A 87 -4.22 -5.80 -10.95
N GLU A 88 -4.27 -5.48 -12.22
CA GLU A 88 -3.06 -5.29 -13.01
C GLU A 88 -2.35 -4.05 -12.51
N ILE A 89 -1.25 -4.28 -11.82
CA ILE A 89 -0.46 -3.22 -11.25
C ILE A 89 0.32 -2.45 -12.28
N THR A 90 1.36 -3.08 -12.82
CA THR A 90 2.20 -2.46 -13.84
C THR A 90 3.02 -1.32 -13.24
N ASP A 91 2.63 -0.90 -12.04
CA ASP A 91 3.31 0.16 -11.33
C ASP A 91 4.02 -0.45 -10.15
N LEU A 92 4.72 -1.54 -10.45
CA LEU A 92 5.44 -2.28 -9.43
C LEU A 92 6.77 -1.64 -9.16
N LYS A 93 6.81 -0.34 -9.38
CA LYS A 93 8.02 0.41 -9.19
C LYS A 93 8.06 1.05 -7.81
N GLN A 94 7.02 0.85 -6.99
CA GLN A 94 7.04 1.41 -5.67
C GLN A 94 7.16 0.29 -4.66
N PRO A 95 7.46 0.58 -3.39
CA PRO A 95 7.63 -0.46 -2.39
C PRO A 95 6.33 -1.11 -1.99
N VAL A 96 6.28 -1.56 -0.76
CA VAL A 96 5.10 -2.20 -0.23
C VAL A 96 4.64 -1.46 0.99
N LEU A 97 3.41 -1.71 1.34
CA LEU A 97 2.85 -1.11 2.52
C LEU A 97 2.39 -2.21 3.43
N VAL A 98 3.31 -2.67 4.26
CA VAL A 98 2.98 -3.72 5.18
C VAL A 98 2.08 -3.13 6.24
N SER A 99 0.79 -3.36 6.01
CA SER A 99 -0.24 -2.86 6.88
C SER A 99 -0.22 -3.64 8.17
N GLN A 100 -0.09 -2.95 9.29
CA GLN A 100 -0.05 -3.66 10.54
C GLN A 100 -1.35 -4.41 10.71
N PRO A 101 -1.31 -5.54 11.42
CA PRO A 101 -2.43 -6.41 11.66
C PRO A 101 -3.76 -5.78 11.45
N LYS A 102 -3.97 -4.64 12.08
CA LYS A 102 -5.23 -3.91 11.96
C LYS A 102 -5.75 -3.91 10.52
N ARG A 103 -6.24 -5.08 10.07
CA ARG A 103 -6.78 -5.22 8.71
C ARG A 103 -8.31 -5.27 8.72
N ARG A 104 -8.87 -6.39 9.18
CA ARG A 104 -10.32 -6.57 9.21
C ARG A 104 -10.92 -6.21 10.58
N ARG A 105 -12.25 -6.30 10.69
CA ARG A 105 -12.94 -5.98 11.93
C ARG A 105 -13.52 -7.25 12.56
N GLY A 106 -13.16 -8.39 12.01
CA GLY A 106 -13.66 -9.66 12.52
C GLY A 106 -13.56 -9.79 14.03
N PRO A 107 -12.34 -10.05 14.55
CA PRO A 107 -12.11 -10.22 16.00
C PRO A 107 -12.45 -8.98 16.81
N GLY A 108 -12.09 -9.01 18.10
CA GLY A 108 -12.36 -7.87 18.97
C GLY A 108 -11.16 -6.94 19.09
N GLY A 109 -9.97 -7.52 19.09
CA GLY A 109 -8.75 -6.74 19.19
C GLY A 109 -7.58 -7.44 18.56
N THR A 110 -6.42 -6.76 18.52
CA THR A 110 -5.18 -7.30 17.94
C THR A 110 -5.43 -8.14 16.70
N LEU A 111 -5.01 -7.65 15.54
CA LEU A 111 -5.24 -8.44 14.35
C LEU A 111 -4.07 -9.39 14.06
N PRO A 112 -4.34 -10.45 13.29
CA PRO A 112 -3.35 -11.42 12.84
C PRO A 112 -2.31 -10.82 11.91
N GLY A 113 -1.84 -11.64 10.98
CA GLY A 113 -0.80 -11.25 10.02
C GLY A 113 -1.06 -9.95 9.25
N PRO A 114 -0.02 -9.09 9.10
CA PRO A 114 -0.09 -7.81 8.37
C PRO A 114 -0.57 -7.94 6.91
N ALA A 115 -0.61 -6.79 6.22
CA ALA A 115 -1.05 -6.72 4.82
C ALA A 115 0.01 -6.06 3.94
N MET A 116 0.92 -6.84 3.36
CA MET A 116 1.92 -6.26 2.46
C MET A 116 1.17 -5.76 1.25
N LEU A 117 0.89 -4.47 1.28
CA LEU A 117 0.08 -3.79 0.30
C LEU A 117 0.85 -3.22 -0.90
N ILE A 118 0.10 -2.98 -1.98
CA ILE A 118 0.66 -2.37 -3.19
C ILE A 118 0.29 -0.89 -3.21
N PRO A 119 1.30 -0.01 -3.12
CA PRO A 119 1.05 1.43 -3.12
C PRO A 119 0.13 1.83 -4.26
N GLU A 120 0.21 1.07 -5.35
CA GLU A 120 -0.57 1.33 -6.55
C GLU A 120 -2.05 0.97 -6.43
N LEU A 121 -2.36 -0.06 -5.64
CA LEU A 121 -3.74 -0.51 -5.51
C LEU A 121 -4.41 -0.01 -4.23
N CYS A 122 -3.63 0.43 -3.25
CA CYS A 122 -4.19 0.87 -1.96
C CYS A 122 -4.70 2.31 -1.98
N TYR A 123 -5.92 2.49 -2.49
CA TYR A 123 -6.57 3.80 -2.54
C TYR A 123 -6.53 4.47 -1.17
N LEU A 124 -5.88 5.63 -1.10
CA LEU A 124 -5.79 6.37 0.15
C LEU A 124 -7.17 6.60 0.73
N THR A 125 -7.39 6.14 1.96
CA THR A 125 -8.69 6.29 2.61
C THR A 125 -8.68 7.44 3.60
N GLY A 126 -7.63 7.51 4.41
CA GLY A 126 -7.56 8.53 5.43
C GLY A 126 -8.48 8.18 6.57
N LEU A 127 -8.97 6.95 6.47
CA LEU A 127 -9.90 6.37 7.42
C LEU A 127 -9.24 6.13 8.77
N THR A 128 -7.95 5.84 8.75
CA THR A 128 -7.18 5.60 9.96
C THR A 128 -7.59 4.27 10.62
N ASP A 129 -8.81 3.83 10.34
CA ASP A 129 -9.36 2.59 10.90
C ASP A 129 -8.61 2.16 12.14
N LYS A 130 -8.74 2.97 13.19
CA LYS A 130 -8.10 2.70 14.45
C LYS A 130 -8.11 1.21 14.69
N MET A 131 -9.32 0.67 14.74
CA MET A 131 -9.52 -0.77 14.86
C MET A 131 -8.68 -1.49 15.93
N ARG A 132 -9.06 -2.75 16.19
CA ARG A 132 -8.39 -3.63 17.16
C ARG A 132 -7.66 -2.85 18.26
N ASN A 133 -6.63 -3.45 18.82
CA ASN A 133 -5.84 -2.79 19.87
C ASN A 133 -4.41 -3.30 19.89
N ASP A 134 -4.01 -3.91 18.79
CA ASP A 134 -2.66 -4.46 18.62
C ASP A 134 -2.10 -5.01 19.94
N CYS A 1 13.08 12.08 -24.35
CA CYS A 1 13.00 13.54 -24.60
C CYS A 1 11.69 13.90 -25.29
N THR A 2 11.14 15.06 -24.93
CA THR A 2 9.88 15.54 -25.53
C THR A 2 8.81 14.46 -25.52
N ASP A 3 8.53 13.93 -24.32
CA ASP A 3 7.51 12.89 -24.17
C ASP A 3 6.24 13.45 -23.55
N VAL A 4 5.10 12.91 -23.94
CA VAL A 4 3.82 13.37 -23.42
C VAL A 4 3.37 12.55 -22.23
N SER A 5 2.90 13.26 -21.20
CA SER A 5 2.42 12.62 -20.00
C SER A 5 1.11 13.24 -19.54
N HIS A 6 0.02 12.47 -19.65
CA HIS A 6 -1.29 12.94 -19.25
C HIS A 6 -2.29 11.78 -19.19
N LYS A 7 -3.54 12.11 -18.85
CA LYS A 7 -4.60 11.10 -18.74
C LYS A 7 -4.26 10.08 -17.65
N VAL A 8 -4.73 10.36 -16.43
CA VAL A 8 -4.50 9.51 -15.28
C VAL A 8 -3.28 8.61 -15.44
N LEU A 9 -2.12 9.13 -15.04
CA LEU A 9 -0.88 8.39 -15.13
C LEU A 9 -0.62 7.57 -13.88
N ARG A 10 -1.22 7.99 -12.77
CA ARG A 10 -1.06 7.30 -11.52
C ARG A 10 -2.42 6.94 -10.95
N SER A 11 -2.41 6.41 -9.76
CA SER A 11 -3.64 6.02 -9.10
C SER A 11 -4.20 7.13 -8.25
N GLU A 12 -4.81 6.72 -7.16
CA GLU A 12 -5.35 7.59 -6.16
C GLU A 12 -4.91 7.01 -4.83
N THR A 13 -4.16 5.92 -4.98
CA THR A 13 -3.60 5.15 -3.88
C THR A 13 -2.38 5.86 -3.31
N VAL A 14 -1.68 5.21 -2.40
CA VAL A 14 -0.48 5.83 -1.83
C VAL A 14 0.58 5.95 -2.89
N LEU A 15 0.32 5.34 -4.02
CA LEU A 15 1.20 5.43 -5.17
C LEU A 15 0.97 6.77 -5.81
N ASP A 16 -0.30 7.16 -5.81
CA ASP A 16 -0.71 8.43 -6.35
C ASP A 16 -0.20 9.52 -5.44
N PHE A 17 -0.21 9.22 -4.14
CA PHE A 17 0.28 10.15 -3.15
C PHE A 17 1.81 10.19 -3.19
N MET A 18 2.42 9.07 -2.84
CA MET A 18 3.87 8.91 -2.83
C MET A 18 4.49 9.44 -4.13
N PHE A 19 3.80 9.25 -5.26
CA PHE A 19 4.28 9.79 -6.55
C PHE A 19 4.25 11.30 -6.51
N ASN A 20 3.08 11.84 -6.16
CA ASN A 20 2.87 13.27 -6.03
C ASN A 20 4.09 13.90 -5.38
N PHE A 21 4.64 13.11 -4.48
CA PHE A 21 5.79 13.47 -3.70
C PHE A 21 7.07 13.54 -4.51
N TYR A 22 7.37 12.49 -5.27
CA TYR A 22 8.59 12.48 -6.06
C TYR A 22 8.60 13.68 -7.01
N HIS A 23 7.44 14.30 -7.17
CA HIS A 23 7.30 15.48 -8.02
C HIS A 23 7.60 16.76 -7.22
N GLN A 24 7.98 16.57 -5.95
CA GLN A 24 8.28 17.68 -5.04
C GLN A 24 9.51 17.39 -4.18
N THR A 25 9.28 16.64 -3.11
CA THR A 25 10.32 16.29 -2.17
C THR A 25 11.45 15.52 -2.83
N GLU A 26 12.62 15.53 -2.18
CA GLU A 26 13.79 14.83 -2.70
C GLU A 26 13.59 13.32 -2.64
N GLU A 27 14.69 12.58 -2.51
CA GLU A 27 14.62 11.13 -2.40
C GLU A 27 14.49 10.68 -0.94
N HIS A 28 15.42 11.13 -0.10
CA HIS A 28 15.43 10.76 1.31
C HIS A 28 14.24 11.34 2.06
N LYS A 29 14.14 12.68 2.12
CA LYS A 29 13.04 13.32 2.84
C LYS A 29 11.73 12.68 2.40
N PHE A 30 11.56 12.60 1.09
CA PHE A 30 10.40 12.01 0.48
C PHE A 30 9.97 10.74 1.21
N GLN A 31 10.70 9.64 0.99
CA GLN A 31 10.39 8.35 1.59
C GLN A 31 9.90 8.51 3.03
N GLU A 32 10.54 9.39 3.76
CA GLU A 32 10.19 9.64 5.14
C GLU A 32 8.75 10.13 5.28
N GLN A 33 8.46 11.31 4.73
CA GLN A 33 7.12 11.89 4.80
C GLN A 33 6.05 10.92 4.34
N VAL A 34 6.22 10.37 3.14
CA VAL A 34 5.23 9.46 2.60
C VAL A 34 5.05 8.27 3.52
N SER A 35 6.12 7.52 3.75
CA SER A 35 6.07 6.35 4.63
C SER A 35 5.13 6.64 5.78
N LYS A 36 5.36 7.79 6.39
CA LYS A 36 4.56 8.26 7.52
C LYS A 36 3.10 8.38 7.12
N GLU A 37 2.85 9.17 6.09
CA GLU A 37 1.51 9.38 5.62
C GLU A 37 0.80 8.06 5.49
N LEU A 38 1.40 7.14 4.75
CA LEU A 38 0.85 5.81 4.58
C LEU A 38 0.75 5.11 5.94
N ILE A 39 1.65 5.45 6.86
CA ILE A 39 1.66 4.85 8.19
C ILE A 39 0.42 5.21 9.01
N GLY A 40 -0.12 4.21 9.72
CA GLY A 40 -1.33 4.42 10.49
C GLY A 40 -2.48 4.83 9.60
N LEU A 41 -2.23 4.77 8.29
CA LEU A 41 -3.22 5.16 7.30
C LEU A 41 -3.86 3.96 6.63
N VAL A 42 -5.17 3.84 6.71
CA VAL A 42 -5.88 2.73 6.07
C VAL A 42 -5.99 2.99 4.60
N VAL A 43 -5.84 1.93 3.83
CA VAL A 43 -5.93 2.05 2.41
C VAL A 43 -6.73 0.92 1.85
N LEU A 44 -7.80 1.24 1.16
CA LEU A 44 -8.58 0.18 0.57
C LEU A 44 -7.99 -0.11 -0.78
N THR A 45 -7.61 -1.35 -0.93
CA THR A 45 -7.04 -1.79 -2.15
C THR A 45 -8.11 -2.21 -3.11
N LYS A 46 -7.87 -2.10 -4.39
CA LYS A 46 -8.90 -2.45 -5.33
C LYS A 46 -8.95 -3.97 -5.50
N TYR A 47 -7.97 -4.69 -4.89
CA TYR A 47 -7.94 -6.15 -4.98
C TYR A 47 -9.35 -6.68 -4.92
N ASN A 48 -9.98 -6.33 -3.82
CA ASN A 48 -11.33 -6.69 -3.52
C ASN A 48 -11.84 -5.68 -2.50
N ASN A 49 -11.51 -4.42 -2.77
CA ASN A 49 -11.86 -3.28 -1.92
C ASN A 49 -11.59 -3.57 -0.45
N LYS A 50 -10.30 -3.74 -0.08
CA LYS A 50 -9.98 -4.02 1.29
C LYS A 50 -9.12 -2.94 1.93
N THR A 51 -9.59 -2.45 3.06
CA THR A 51 -8.90 -1.38 3.79
C THR A 51 -7.83 -1.94 4.70
N TYR A 52 -6.63 -1.41 4.54
CA TYR A 52 -5.49 -1.86 5.33
C TYR A 52 -4.70 -0.69 5.89
N ARG A 53 -4.61 -0.62 7.21
CA ARG A 53 -3.85 0.44 7.83
C ARG A 53 -2.37 0.20 7.60
N VAL A 54 -1.81 0.81 6.56
CA VAL A 54 -0.39 0.65 6.31
C VAL A 54 0.35 1.28 7.46
N ASP A 55 1.14 0.47 8.16
CA ASP A 55 1.91 0.93 9.30
C ASP A 55 3.38 0.71 9.06
N ASP A 56 3.69 0.12 7.91
CA ASP A 56 5.05 -0.17 7.53
C ASP A 56 5.17 -0.13 6.01
N ILE A 57 6.31 0.33 5.53
CA ILE A 57 6.57 0.37 4.10
C ILE A 57 7.82 -0.44 3.79
N ASP A 58 7.64 -1.64 3.28
CA ASP A 58 8.78 -2.47 2.96
C ASP A 58 9.44 -1.97 1.68
N TRP A 59 10.34 -0.98 1.84
CA TRP A 59 11.03 -0.41 0.72
C TRP A 59 12.08 -1.36 0.15
N ASP A 60 12.06 -2.58 0.64
CA ASP A 60 12.97 -3.61 0.18
C ASP A 60 12.30 -4.41 -0.93
N GLN A 61 10.98 -4.47 -0.86
CA GLN A 61 10.18 -5.20 -1.84
C GLN A 61 9.44 -4.25 -2.76
N ASN A 62 8.72 -4.82 -3.70
CA ASN A 62 7.91 -4.06 -4.65
C ASN A 62 6.85 -4.98 -5.23
N PRO A 63 5.79 -4.45 -5.87
CA PRO A 63 4.72 -5.28 -6.44
C PRO A 63 5.20 -6.26 -7.51
N LYS A 64 6.51 -6.39 -7.63
CA LYS A 64 7.10 -7.32 -8.59
C LYS A 64 7.85 -8.42 -7.87
N SER A 65 8.25 -8.13 -6.63
CA SER A 65 8.96 -9.09 -5.80
C SER A 65 8.02 -10.19 -5.36
N THR A 66 8.55 -11.32 -4.94
CA THR A 66 7.69 -12.43 -4.50
C THR A 66 7.58 -12.48 -2.99
N PHE A 67 6.41 -12.91 -2.54
CA PHE A 67 6.13 -13.03 -1.11
C PHE A 67 5.27 -14.24 -0.88
N LYS A 68 5.35 -14.84 0.29
CA LYS A 68 4.54 -16.02 0.54
C LYS A 68 3.29 -15.63 1.31
N LYS A 69 2.22 -15.36 0.56
CA LYS A 69 0.89 -14.95 1.05
C LYS A 69 0.73 -14.93 2.55
N ALA A 70 1.69 -14.33 3.25
CA ALA A 70 1.63 -14.24 4.71
C ALA A 70 1.64 -15.62 5.38
N ASP A 71 1.16 -16.63 4.67
CA ASP A 71 1.09 -17.97 5.22
C ASP A 71 2.22 -18.82 4.66
N GLY A 72 2.48 -18.66 3.37
CA GLY A 72 3.56 -19.41 2.75
C GLY A 72 3.44 -19.59 1.25
N SER A 73 2.29 -19.29 0.66
CA SER A 73 2.18 -19.41 -0.80
C SER A 73 2.97 -18.25 -1.41
N GLU A 74 4.06 -18.56 -2.08
CA GLU A 74 4.93 -17.55 -2.64
C GLU A 74 4.51 -17.10 -4.05
N VAL A 75 4.04 -15.86 -4.14
CA VAL A 75 3.64 -15.26 -5.40
C VAL A 75 4.18 -13.84 -5.51
N SER A 76 4.55 -13.45 -6.72
CA SER A 76 5.00 -12.09 -6.93
C SER A 76 3.85 -11.17 -6.59
N PHE A 77 4.09 -10.22 -5.71
CA PHE A 77 3.07 -9.29 -5.29
C PHE A 77 2.09 -8.99 -6.42
N LEU A 78 2.61 -8.66 -7.59
CA LEU A 78 1.77 -8.36 -8.73
C LEU A 78 0.80 -9.50 -9.00
N GLU A 79 1.31 -10.72 -9.05
CA GLU A 79 0.48 -11.90 -9.30
C GLU A 79 -0.65 -11.97 -8.30
N TYR A 80 -0.28 -11.88 -7.03
CA TYR A 80 -1.24 -11.91 -5.95
C TYR A 80 -2.45 -11.04 -6.25
N TYR A 81 -2.21 -9.79 -6.61
CA TYR A 81 -3.27 -8.83 -6.87
C TYR A 81 -3.88 -8.95 -8.27
N ARG A 82 -3.06 -8.71 -9.28
CA ARG A 82 -3.51 -8.76 -10.67
C ARG A 82 -4.08 -10.12 -11.08
N LYS A 83 -3.46 -11.20 -10.64
CA LYS A 83 -3.91 -12.53 -11.05
C LYS A 83 -4.93 -13.16 -10.09
N GLN A 84 -4.87 -12.87 -8.80
CA GLN A 84 -5.82 -13.47 -7.87
C GLN A 84 -6.97 -12.51 -7.55
N TYR A 85 -6.79 -11.23 -7.85
CA TYR A 85 -7.83 -10.24 -7.59
C TYR A 85 -8.19 -9.44 -8.83
N ASN A 86 -7.32 -9.50 -9.84
CA ASN A 86 -7.52 -8.81 -11.11
C ASN A 86 -7.04 -7.36 -11.07
N GLN A 87 -6.08 -7.04 -10.19
CA GLN A 87 -5.57 -5.69 -10.11
C GLN A 87 -4.23 -5.57 -10.81
N GLU A 88 -4.30 -5.24 -12.09
CA GLU A 88 -3.09 -5.06 -12.88
C GLU A 88 -2.35 -3.83 -12.40
N ILE A 89 -1.25 -4.10 -11.73
CA ILE A 89 -0.43 -3.05 -11.15
C ILE A 89 0.31 -2.25 -12.20
N THR A 90 1.35 -2.85 -12.76
CA THR A 90 2.16 -2.20 -13.78
C THR A 90 2.99 -1.08 -13.19
N ASP A 91 2.67 -0.70 -11.96
CA ASP A 91 3.38 0.36 -11.25
C ASP A 91 4.07 -0.29 -10.07
N LEU A 92 4.70 -1.42 -10.36
CA LEU A 92 5.39 -2.21 -9.37
C LEU A 92 6.74 -1.63 -9.09
N LYS A 93 6.90 -0.38 -9.42
CA LYS A 93 8.15 0.30 -9.23
C LYS A 93 8.23 0.95 -7.85
N GLN A 94 7.22 0.74 -6.99
CA GLN A 94 7.28 1.33 -5.68
C GLN A 94 7.37 0.23 -4.63
N PRO A 95 7.62 0.56 -3.36
CA PRO A 95 7.76 -0.45 -2.30
C PRO A 95 6.46 -1.10 -1.95
N VAL A 96 6.39 -1.54 -0.71
CA VAL A 96 5.22 -2.20 -0.18
C VAL A 96 4.75 -1.48 1.05
N LEU A 97 3.54 -1.77 1.44
CA LEU A 97 2.96 -1.17 2.61
C LEU A 97 2.46 -2.25 3.52
N VAL A 98 3.33 -2.73 4.38
CA VAL A 98 2.96 -3.78 5.30
C VAL A 98 2.05 -3.16 6.36
N SER A 99 0.77 -3.38 6.11
CA SER A 99 -0.33 -2.87 6.91
C SER A 99 -0.72 -3.78 8.05
N GLN A 100 -1.39 -3.22 9.03
CA GLN A 100 -1.88 -4.01 10.15
C GLN A 100 -3.35 -4.38 9.90
N PRO A 101 -3.62 -5.62 9.45
CA PRO A 101 -4.96 -6.10 9.19
C PRO A 101 -5.53 -6.93 10.33
N LYS A 102 -6.82 -6.76 10.61
CA LYS A 102 -7.48 -7.47 11.69
C LYS A 102 -7.90 -8.89 11.28
N ARG A 103 -7.02 -9.87 11.50
CA ARG A 103 -7.31 -11.25 11.16
C ARG A 103 -7.41 -12.15 12.40
N ARG A 104 -6.27 -12.59 12.92
CA ARG A 104 -6.25 -13.46 14.10
C ARG A 104 -6.67 -12.73 15.36
N ARG A 105 -6.61 -13.44 16.49
CA ARG A 105 -6.98 -12.86 17.78
C ARG A 105 -6.11 -11.65 18.08
N GLY A 106 -4.79 -11.83 17.96
CA GLY A 106 -3.86 -10.73 18.19
C GLY A 106 -3.19 -10.77 19.55
N PRO A 107 -1.84 -10.69 19.56
CA PRO A 107 -1.04 -10.71 20.81
C PRO A 107 -1.36 -9.54 21.73
N GLY A 108 -0.60 -8.44 21.63
CA GLY A 108 -0.86 -7.29 22.46
C GLY A 108 -2.20 -6.70 22.11
N GLY A 109 -2.30 -6.20 20.89
CA GLY A 109 -3.54 -5.67 20.40
C GLY A 109 -4.32 -6.81 19.78
N THR A 110 -5.58 -6.61 19.43
CA THR A 110 -6.34 -7.70 18.83
C THR A 110 -5.96 -7.93 17.38
N LEU A 111 -4.76 -7.52 17.00
CA LEU A 111 -4.34 -7.70 15.62
C LEU A 111 -3.22 -8.72 15.48
N PRO A 112 -3.19 -9.33 14.29
CA PRO A 112 -2.21 -10.33 13.90
C PRO A 112 -1.18 -9.83 12.88
N GLY A 113 -0.82 -10.74 11.98
CA GLY A 113 0.14 -10.48 10.92
C GLY A 113 -0.24 -9.28 10.08
N PRO A 114 0.64 -8.85 9.15
CA PRO A 114 0.44 -7.67 8.32
C PRO A 114 -0.18 -7.91 6.93
N ALA A 115 -0.34 -6.79 6.20
CA ALA A 115 -0.88 -6.74 4.84
C ALA A 115 0.12 -6.06 3.92
N MET A 116 1.01 -6.84 3.30
CA MET A 116 1.98 -6.26 2.40
C MET A 116 1.21 -5.71 1.22
N LEU A 117 0.92 -4.43 1.29
CA LEU A 117 0.11 -3.73 0.32
C LEU A 117 0.90 -3.18 -0.86
N ILE A 118 0.16 -2.89 -1.91
CA ILE A 118 0.73 -2.29 -3.11
C ILE A 118 0.42 -0.79 -3.09
N PRO A 119 1.45 0.07 -3.09
CA PRO A 119 1.24 1.50 -3.08
C PRO A 119 0.32 1.91 -4.23
N GLU A 120 0.38 1.11 -5.31
CA GLU A 120 -0.39 1.35 -6.53
C GLU A 120 -1.87 0.97 -6.42
N LEU A 121 -2.21 -0.01 -5.59
CA LEU A 121 -3.59 -0.45 -5.47
C LEU A 121 -4.22 -0.01 -4.14
N CYS A 122 -3.39 0.49 -3.23
CA CYS A 122 -3.86 0.93 -1.90
C CYS A 122 -4.56 2.29 -1.98
N TYR A 123 -5.77 2.33 -2.49
CA TYR A 123 -6.50 3.59 -2.60
C TYR A 123 -6.51 4.33 -1.27
N LEU A 124 -5.90 5.51 -1.25
CA LEU A 124 -5.82 6.34 -0.05
C LEU A 124 -7.23 6.57 0.52
N THR A 125 -7.43 6.15 1.77
CA THR A 125 -8.73 6.33 2.42
C THR A 125 -8.74 7.56 3.30
N GLY A 126 -7.69 7.69 4.11
CA GLY A 126 -7.60 8.79 5.04
C GLY A 126 -8.45 8.51 6.25
N LEU A 127 -8.91 7.27 6.27
CA LEU A 127 -9.75 6.75 7.33
C LEU A 127 -8.98 6.64 8.62
N THR A 128 -7.69 6.36 8.49
CA THR A 128 -6.80 6.25 9.64
C THR A 128 -7.07 4.95 10.39
N ASP A 129 -8.35 4.52 10.36
CA ASP A 129 -8.80 3.32 11.04
C ASP A 129 -7.84 2.95 12.16
N LYS A 130 -7.74 3.86 13.11
CA LYS A 130 -6.88 3.73 14.27
C LYS A 130 -6.51 2.30 14.56
N MET A 131 -7.53 1.47 14.72
CA MET A 131 -7.32 0.04 14.95
C MET A 131 -6.41 -0.25 16.14
N ARG A 132 -5.86 -1.48 16.16
CA ARG A 132 -4.98 -1.95 17.23
C ARG A 132 -4.04 -0.87 17.75
N ASN A 133 -3.68 -1.01 19.01
CA ASN A 133 -2.82 -0.05 19.67
C ASN A 133 -1.67 -0.74 20.40
N ASP A 134 -1.66 -2.08 20.35
CA ASP A 134 -0.63 -2.88 21.00
C ASP A 134 -0.25 -2.32 22.37
N CYS A 1 -7.55 33.58 -10.94
CA CYS A 1 -6.99 33.63 -12.33
C CYS A 1 -6.18 32.37 -12.63
N THR A 2 -5.69 31.72 -11.58
CA THR A 2 -4.90 30.52 -11.74
C THR A 2 -5.69 29.41 -12.43
N ASP A 3 -5.14 28.89 -13.51
CA ASP A 3 -5.80 27.84 -14.28
C ASP A 3 -5.57 26.47 -13.62
N VAL A 4 -6.49 25.55 -13.86
CA VAL A 4 -6.41 24.21 -13.29
C VAL A 4 -5.71 23.25 -14.23
N SER A 5 -4.77 22.49 -13.67
CA SER A 5 -4.03 21.50 -14.43
C SER A 5 -3.91 20.19 -13.66
N HIS A 6 -3.53 19.14 -14.37
CA HIS A 6 -3.37 17.83 -13.74
C HIS A 6 -2.66 16.84 -14.67
N LYS A 7 -1.34 16.72 -14.50
CA LYS A 7 -0.54 15.82 -15.31
C LYS A 7 -0.82 14.37 -14.91
N VAL A 8 -1.85 13.78 -15.54
CA VAL A 8 -2.26 12.41 -15.25
C VAL A 8 -1.85 11.97 -13.85
N LEU A 9 -2.68 12.30 -12.87
CA LEU A 9 -2.40 11.92 -11.49
C LEU A 9 -2.55 10.41 -11.34
N ARG A 10 -1.52 9.69 -11.78
CA ARG A 10 -1.50 8.24 -11.72
C ARG A 10 -2.06 7.73 -10.39
N SER A 11 -3.08 6.89 -10.49
CA SER A 11 -3.72 6.31 -9.31
C SER A 11 -4.23 7.36 -8.35
N GLU A 12 -4.73 6.84 -7.25
CA GLU A 12 -5.25 7.63 -6.14
C GLU A 12 -4.84 6.94 -4.87
N THR A 13 -4.10 5.87 -5.06
CA THR A 13 -3.57 5.04 -3.99
C THR A 13 -2.35 5.71 -3.40
N VAL A 14 -1.64 5.02 -2.52
CA VAL A 14 -0.46 5.61 -1.95
C VAL A 14 0.54 5.87 -3.07
N LEU A 15 0.89 4.86 -3.86
CA LEU A 15 1.80 5.07 -4.98
C LEU A 15 1.41 6.36 -5.68
N ASP A 16 0.10 6.60 -5.77
CA ASP A 16 -0.38 7.82 -6.40
C ASP A 16 0.12 9.00 -5.58
N PHE A 17 -0.04 8.89 -4.26
CA PHE A 17 0.42 9.92 -3.35
C PHE A 17 1.95 9.97 -3.31
N MET A 18 2.59 8.88 -2.83
CA MET A 18 4.04 8.79 -2.76
C MET A 18 4.67 9.39 -4.04
N PHE A 19 3.99 9.23 -5.18
CA PHE A 19 4.46 9.78 -6.46
C PHE A 19 4.39 11.29 -6.45
N ASN A 20 3.18 11.79 -6.19
CA ASN A 20 2.92 13.23 -6.10
C ASN A 20 4.07 13.92 -5.41
N PHE A 21 4.67 13.16 -4.52
CA PHE A 21 5.78 13.60 -3.71
C PHE A 21 7.09 13.68 -4.46
N TYR A 22 7.49 12.59 -5.11
CA TYR A 22 8.74 12.58 -5.84
C TYR A 22 8.80 13.78 -6.79
N HIS A 23 7.64 14.37 -7.06
CA HIS A 23 7.57 15.55 -7.91
C HIS A 23 7.96 16.79 -7.12
N GLN A 24 7.61 16.80 -5.83
CA GLN A 24 7.92 17.92 -4.93
C GLN A 24 9.16 17.65 -4.10
N THR A 25 8.96 16.95 -2.98
CA THR A 25 10.02 16.64 -2.04
C THR A 25 11.19 15.91 -2.71
N GLU A 26 12.35 15.95 -2.06
CA GLU A 26 13.55 15.29 -2.58
C GLU A 26 13.45 13.78 -2.41
N GLU A 27 14.59 13.13 -2.20
CA GLU A 27 14.61 11.69 -2.00
C GLU A 27 14.45 11.33 -0.52
N HIS A 28 15.41 11.78 0.31
CA HIS A 28 15.39 11.50 1.74
C HIS A 28 14.13 12.05 2.42
N LYS A 29 13.95 13.37 2.38
CA LYS A 29 12.78 14.00 3.00
C LYS A 29 11.53 13.24 2.59
N PHE A 30 11.37 13.13 1.28
CA PHE A 30 10.26 12.44 0.68
C PHE A 30 9.89 11.18 1.46
N GLN A 31 10.69 10.13 1.29
CA GLN A 31 10.45 8.85 1.96
C GLN A 31 9.90 9.04 3.37
N GLU A 32 10.50 9.96 4.10
CA GLU A 32 10.08 10.24 5.46
C GLU A 32 8.61 10.65 5.53
N GLN A 33 8.28 11.78 4.91
CA GLN A 33 6.90 12.28 4.90
C GLN A 33 5.91 11.23 4.42
N VAL A 34 6.11 10.77 3.20
CA VAL A 34 5.21 9.79 2.61
C VAL A 34 5.10 8.54 3.46
N SER A 35 6.22 7.87 3.72
CA SER A 35 6.18 6.66 4.54
C SER A 35 5.20 6.86 5.67
N LYS A 36 5.37 7.99 6.32
CA LYS A 36 4.53 8.39 7.43
C LYS A 36 3.08 8.43 6.99
N GLU A 37 2.83 9.21 5.94
CA GLU A 37 1.51 9.37 5.41
C GLU A 37 0.85 8.01 5.25
N LEU A 38 1.52 7.13 4.52
CA LEU A 38 1.01 5.78 4.33
C LEU A 38 0.97 5.06 5.68
N ILE A 39 1.88 5.42 6.59
CA ILE A 39 1.93 4.78 7.92
C ILE A 39 0.68 5.09 8.73
N GLY A 40 0.23 4.11 9.52
CA GLY A 40 -0.96 4.26 10.32
C GLY A 40 -2.13 4.72 9.49
N LEU A 41 -1.97 4.66 8.17
CA LEU A 41 -3.00 5.11 7.24
C LEU A 41 -3.74 3.94 6.60
N VAL A 42 -5.05 4.07 6.51
CA VAL A 42 -5.89 3.04 5.91
C VAL A 42 -5.90 3.16 4.42
N VAL A 43 -5.83 2.04 3.75
CA VAL A 43 -5.88 2.07 2.33
C VAL A 43 -6.71 0.92 1.81
N LEU A 44 -7.76 1.23 1.08
CA LEU A 44 -8.56 0.17 0.52
C LEU A 44 -8.02 -0.19 -0.84
N THR A 45 -7.64 -1.43 -0.95
CA THR A 45 -7.11 -1.95 -2.18
C THR A 45 -8.22 -2.40 -3.11
N LYS A 46 -8.20 -1.93 -4.33
CA LYS A 46 -9.25 -2.27 -5.27
C LYS A 46 -9.29 -3.79 -5.53
N TYR A 47 -8.33 -4.55 -4.98
CA TYR A 47 -8.34 -6.01 -5.15
C TYR A 47 -9.76 -6.50 -5.05
N ASN A 48 -10.36 -6.11 -3.95
CA ASN A 48 -11.73 -6.43 -3.62
C ASN A 48 -12.22 -5.39 -2.62
N ASN A 49 -11.56 -4.23 -2.68
CA ASN A 49 -11.85 -3.11 -1.80
C ASN A 49 -11.57 -3.46 -0.35
N LYS A 50 -10.28 -3.66 -0.02
CA LYS A 50 -9.93 -4.00 1.34
C LYS A 50 -9.10 -2.91 1.99
N THR A 51 -9.54 -2.48 3.15
CA THR A 51 -8.87 -1.38 3.86
C THR A 51 -7.80 -1.91 4.77
N TYR A 52 -6.60 -1.40 4.59
CA TYR A 52 -5.47 -1.83 5.38
C TYR A 52 -4.69 -0.66 5.93
N ARG A 53 -4.44 -0.67 7.23
CA ARG A 53 -3.67 0.39 7.82
C ARG A 53 -2.20 0.13 7.56
N VAL A 54 -1.67 0.71 6.51
CA VAL A 54 -0.26 0.56 6.21
C VAL A 54 0.49 1.19 7.35
N ASP A 55 1.15 0.35 8.14
CA ASP A 55 1.92 0.81 9.28
C ASP A 55 3.39 0.54 9.06
N ASP A 56 3.68 -0.02 7.90
CA ASP A 56 5.03 -0.33 7.51
C ASP A 56 5.15 -0.26 6.01
N ILE A 57 6.35 0.04 5.55
CA ILE A 57 6.61 0.16 4.13
C ILE A 57 7.89 -0.57 3.78
N ASP A 58 7.76 -1.75 3.20
CA ASP A 58 8.93 -2.52 2.85
C ASP A 58 9.54 -1.99 1.57
N TRP A 59 10.40 -0.99 1.71
CA TRP A 59 11.09 -0.39 0.58
C TRP A 59 12.13 -1.31 -0.02
N ASP A 60 12.10 -2.57 0.38
CA ASP A 60 13.03 -3.55 -0.14
C ASP A 60 12.33 -4.39 -1.21
N GLN A 61 11.01 -4.52 -1.05
CA GLN A 61 10.20 -5.28 -1.99
C GLN A 61 9.46 -4.36 -2.93
N ASN A 62 8.74 -4.96 -3.87
CA ASN A 62 7.93 -4.23 -4.83
C ASN A 62 6.85 -5.15 -5.38
N PRO A 63 5.80 -4.60 -6.03
CA PRO A 63 4.71 -5.41 -6.57
C PRO A 63 5.17 -6.46 -7.57
N LYS A 64 6.46 -6.68 -7.68
CA LYS A 64 6.99 -7.67 -8.59
C LYS A 64 7.66 -8.80 -7.79
N SER A 65 8.21 -8.43 -6.64
CA SER A 65 8.87 -9.40 -5.75
C SER A 65 7.89 -10.45 -5.29
N THR A 66 8.40 -11.58 -4.81
CA THR A 66 7.52 -12.65 -4.36
C THR A 66 7.37 -12.68 -2.84
N PHE A 67 6.17 -13.04 -2.40
CA PHE A 67 5.85 -13.12 -0.98
C PHE A 67 4.93 -14.30 -0.77
N LYS A 68 4.91 -14.86 0.43
CA LYS A 68 4.04 -16.00 0.65
C LYS A 68 2.78 -15.57 1.38
N LYS A 69 1.75 -15.27 0.57
CA LYS A 69 0.41 -14.82 1.00
C LYS A 69 0.21 -14.70 2.51
N ALA A 70 1.19 -14.12 3.19
CA ALA A 70 1.11 -13.94 4.63
C ALA A 70 1.02 -15.28 5.38
N ASP A 71 0.55 -16.31 4.68
CA ASP A 71 0.41 -17.62 5.28
C ASP A 71 1.50 -18.55 4.80
N GLY A 72 1.82 -18.45 3.52
CA GLY A 72 2.88 -19.28 2.97
C GLY A 72 2.80 -19.53 1.48
N SER A 73 1.70 -19.18 0.82
CA SER A 73 1.64 -19.36 -0.63
C SER A 73 2.46 -18.24 -1.25
N GLU A 74 3.57 -18.60 -1.89
CA GLU A 74 4.47 -17.61 -2.46
C GLU A 74 4.10 -17.18 -3.89
N VAL A 75 3.65 -15.93 -4.00
CA VAL A 75 3.29 -15.34 -5.29
C VAL A 75 3.89 -13.96 -5.41
N SER A 76 4.39 -13.63 -6.59
CA SER A 76 4.91 -12.30 -6.82
C SER A 76 3.78 -11.31 -6.56
N PHE A 77 3.99 -10.39 -5.64
CA PHE A 77 2.99 -9.41 -5.25
C PHE A 77 2.01 -9.11 -6.37
N LEU A 78 2.53 -8.75 -7.53
CA LEU A 78 1.69 -8.42 -8.65
C LEU A 78 0.61 -9.46 -8.86
N GLU A 79 1.02 -10.73 -8.94
CA GLU A 79 0.08 -11.81 -9.17
C GLU A 79 -0.96 -11.90 -8.09
N TYR A 80 -0.51 -11.85 -6.85
CA TYR A 80 -1.44 -11.89 -5.74
C TYR A 80 -2.64 -11.02 -6.06
N TYR A 81 -2.35 -9.81 -6.46
CA TYR A 81 -3.36 -8.82 -6.77
C TYR A 81 -3.96 -9.03 -8.17
N ARG A 82 -3.17 -8.78 -9.19
CA ARG A 82 -3.58 -8.92 -10.58
C ARG A 82 -4.18 -10.30 -10.90
N LYS A 83 -3.46 -11.36 -10.55
CA LYS A 83 -3.90 -12.72 -10.85
C LYS A 83 -5.03 -13.23 -9.96
N GLN A 84 -5.12 -12.81 -8.69
CA GLN A 84 -6.17 -13.33 -7.82
C GLN A 84 -7.36 -12.38 -7.67
N TYR A 85 -7.14 -11.09 -7.90
CA TYR A 85 -8.23 -10.11 -7.78
C TYR A 85 -8.45 -9.32 -9.07
N ASN A 86 -7.36 -9.10 -9.80
CA ASN A 86 -7.38 -8.41 -11.11
C ASN A 86 -7.34 -6.87 -11.05
N GLN A 87 -6.28 -6.28 -10.49
CA GLN A 87 -6.13 -4.83 -10.48
C GLN A 87 -4.83 -4.45 -11.14
N GLU A 88 -4.49 -5.23 -12.15
CA GLU A 88 -3.25 -5.08 -12.92
C GLU A 88 -2.45 -3.87 -12.47
N ILE A 89 -1.35 -4.15 -11.79
CA ILE A 89 -0.48 -3.12 -11.25
C ILE A 89 0.29 -2.38 -12.32
N THR A 90 1.30 -3.04 -12.88
CA THR A 90 2.14 -2.45 -13.92
C THR A 90 3.02 -1.36 -13.34
N ASP A 91 2.70 -0.94 -12.11
CA ASP A 91 3.46 0.08 -11.42
C ASP A 91 4.17 -0.59 -10.25
N LEU A 92 4.86 -1.68 -10.58
CA LEU A 92 5.56 -2.46 -9.59
C LEU A 92 6.91 -1.85 -9.33
N LYS A 93 6.96 -0.54 -9.48
CA LYS A 93 8.18 0.18 -9.27
C LYS A 93 8.24 0.80 -7.89
N GLN A 94 7.16 0.69 -7.11
CA GLN A 94 7.18 1.26 -5.79
C GLN A 94 7.32 0.15 -4.76
N PRO A 95 7.60 0.49 -3.50
CA PRO A 95 7.78 -0.53 -2.47
C PRO A 95 6.48 -1.18 -2.05
N VAL A 96 6.44 -1.60 -0.80
CA VAL A 96 5.26 -2.23 -0.27
C VAL A 96 4.80 -1.53 0.98
N LEU A 97 3.57 -1.78 1.32
CA LEU A 97 2.98 -1.19 2.50
C LEU A 97 2.51 -2.30 3.40
N VAL A 98 3.39 -2.77 4.26
CA VAL A 98 3.03 -3.83 5.16
C VAL A 98 2.11 -3.24 6.22
N SER A 99 0.83 -3.47 5.96
CA SER A 99 -0.26 -2.96 6.77
C SER A 99 -0.62 -3.87 7.93
N GLN A 100 -1.28 -3.29 8.91
CA GLN A 100 -1.75 -4.05 10.05
C GLN A 100 -3.20 -4.50 9.81
N PRO A 101 -3.42 -5.80 9.44
CA PRO A 101 -4.74 -6.43 9.17
C PRO A 101 -5.93 -5.83 9.93
N LYS A 102 -7.12 -6.16 9.44
CA LYS A 102 -8.37 -5.66 10.01
C LYS A 102 -9.01 -6.68 10.97
N ARG A 103 -8.34 -7.80 11.22
CA ARG A 103 -8.89 -8.84 12.08
C ARG A 103 -9.08 -8.35 13.53
N ARG A 104 -8.87 -9.25 14.49
CA ARG A 104 -9.05 -8.94 15.92
C ARG A 104 -8.64 -7.51 16.25
N ARG A 105 -9.39 -6.88 17.14
CA ARG A 105 -9.09 -5.51 17.55
C ARG A 105 -7.85 -5.46 18.42
N GLY A 106 -7.29 -6.64 18.71
CA GLY A 106 -6.10 -6.72 19.52
C GLY A 106 -6.40 -6.58 21.00
N PRO A 107 -5.79 -7.41 21.86
CA PRO A 107 -6.00 -7.35 23.32
C PRO A 107 -5.46 -6.06 23.91
N GLY A 108 -4.16 -5.84 23.72
CA GLY A 108 -3.52 -4.65 24.22
C GLY A 108 -2.82 -3.90 23.10
N GLY A 109 -3.00 -4.40 21.87
CA GLY A 109 -2.38 -3.78 20.73
C GLY A 109 -1.61 -4.79 19.88
N THR A 110 -0.52 -4.32 19.26
CA THR A 110 0.36 -5.13 18.40
C THR A 110 -0.44 -6.05 17.48
N LEU A 111 -0.40 -5.78 16.18
CA LEU A 111 -1.15 -6.60 15.24
C LEU A 111 -0.42 -7.87 14.82
N PRO A 112 -1.17 -8.76 14.14
CA PRO A 112 -0.67 -10.01 13.62
C PRO A 112 -0.16 -9.92 12.19
N GLY A 113 -0.21 -11.06 11.50
CA GLY A 113 0.26 -11.17 10.11
C GLY A 113 -0.16 -10.01 9.23
N PRO A 114 0.75 -9.04 9.00
CA PRO A 114 0.49 -7.83 8.20
C PRO A 114 -0.07 -8.06 6.79
N ALA A 115 -0.29 -6.94 6.10
CA ALA A 115 -0.80 -6.91 4.73
C ALA A 115 0.20 -6.21 3.83
N MET A 116 1.10 -6.97 3.21
CA MET A 116 2.06 -6.36 2.32
C MET A 116 1.29 -5.84 1.14
N LEU A 117 0.99 -4.56 1.21
CA LEU A 117 0.17 -3.87 0.24
C LEU A 117 0.94 -3.28 -0.95
N ILE A 118 0.21 -3.09 -2.05
CA ILE A 118 0.78 -2.49 -3.25
C ILE A 118 0.42 -1.00 -3.27
N PRO A 119 1.42 -0.12 -3.19
CA PRO A 119 1.20 1.32 -3.18
C PRO A 119 0.29 1.73 -4.32
N GLU A 120 0.40 1.02 -5.43
CA GLU A 120 -0.37 1.31 -6.63
C GLU A 120 -1.86 0.99 -6.54
N LEU A 121 -2.22 0.00 -5.75
CA LEU A 121 -3.62 -0.41 -5.65
C LEU A 121 -4.29 -0.07 -4.32
N CYS A 122 -3.52 0.42 -3.35
CA CYS A 122 -4.09 0.77 -2.05
C CYS A 122 -4.64 2.20 -2.06
N TYR A 123 -5.88 2.34 -2.57
CA TYR A 123 -6.56 3.62 -2.66
C TYR A 123 -6.50 4.35 -1.32
N LEU A 124 -5.84 5.51 -1.29
CA LEU A 124 -5.73 6.31 -0.09
C LEU A 124 -7.11 6.56 0.51
N THR A 125 -7.32 6.11 1.75
CA THR A 125 -8.60 6.30 2.42
C THR A 125 -8.55 7.50 3.35
N GLY A 126 -7.50 7.55 4.17
CA GLY A 126 -7.37 8.62 5.12
C GLY A 126 -8.15 8.28 6.37
N LEU A 127 -8.61 7.05 6.39
CA LEU A 127 -9.39 6.50 7.48
C LEU A 127 -8.56 6.34 8.72
N THR A 128 -7.31 5.93 8.54
CA THR A 128 -6.38 5.73 9.63
C THR A 128 -6.76 4.49 10.43
N ASP A 129 -8.06 4.19 10.45
CA ASP A 129 -8.60 3.05 11.19
C ASP A 129 -7.64 2.66 12.29
N LYS A 130 -7.37 3.64 13.15
CA LYS A 130 -6.46 3.52 14.27
C LYS A 130 -6.15 2.07 14.57
N MET A 131 -7.17 1.31 14.94
CA MET A 131 -7.02 -0.11 15.23
C MET A 131 -5.86 -0.45 16.19
N ARG A 132 -6.04 -1.52 16.98
CA ARG A 132 -5.02 -1.99 17.94
C ARG A 132 -4.23 -0.85 18.56
N ASN A 133 -3.05 -1.15 19.10
CA ASN A 133 -2.18 -0.16 19.72
C ASN A 133 -2.83 0.49 20.93
N ASP A 134 -4.02 0.01 21.29
CA ASP A 134 -4.74 0.55 22.44
C ASP A 134 -4.02 0.20 23.75
N CYS A 1 -5.55 25.36 -4.87
CA CYS A 1 -4.15 25.83 -4.71
C CYS A 1 -3.18 24.84 -5.35
N THR A 2 -3.70 24.02 -6.26
CA THR A 2 -2.88 23.02 -6.95
C THR A 2 -3.04 23.14 -8.45
N ASP A 3 -1.95 23.50 -9.13
CA ASP A 3 -1.96 23.66 -10.58
C ASP A 3 -1.95 22.29 -11.27
N VAL A 4 -2.42 22.25 -12.51
CA VAL A 4 -2.46 21.00 -13.27
C VAL A 4 -1.42 20.98 -14.38
N SER A 5 -0.74 19.83 -14.47
CA SER A 5 0.27 19.64 -15.49
C SER A 5 0.16 18.26 -16.11
N HIS A 6 -0.06 17.25 -15.27
CA HIS A 6 -0.19 15.88 -15.73
C HIS A 6 -1.65 15.43 -15.75
N LYS A 7 -2.07 14.84 -16.85
CA LYS A 7 -3.45 14.36 -16.99
C LYS A 7 -3.63 13.06 -16.22
N VAL A 8 -3.84 13.19 -14.91
CA VAL A 8 -4.01 12.05 -14.01
C VAL A 8 -3.36 10.79 -14.58
N LEU A 9 -2.04 10.72 -14.46
CA LEU A 9 -1.28 9.58 -14.94
C LEU A 9 -0.94 8.61 -13.82
N ARG A 10 -1.45 8.89 -12.63
CA ARG A 10 -1.22 8.06 -11.48
C ARG A 10 -2.53 7.69 -10.85
N SER A 11 -2.47 6.97 -9.76
CA SER A 11 -3.67 6.55 -9.07
C SER A 11 -4.16 7.59 -8.09
N GLU A 12 -4.76 7.09 -7.04
CA GLU A 12 -5.24 7.88 -5.93
C GLU A 12 -4.83 7.17 -4.67
N THR A 13 -4.04 6.12 -4.90
CA THR A 13 -3.49 5.28 -3.86
C THR A 13 -2.27 5.92 -3.24
N VAL A 14 -1.57 5.20 -2.38
CA VAL A 14 -0.37 5.75 -1.77
C VAL A 14 0.71 5.89 -2.82
N LEU A 15 0.62 5.07 -3.83
CA LEU A 15 1.57 5.16 -4.95
C LEU A 15 1.29 6.47 -5.67
N ASP A 16 0.03 6.87 -5.63
CA ASP A 16 -0.39 8.13 -6.25
C ASP A 16 0.12 9.28 -5.39
N PHE A 17 -0.09 9.16 -4.08
CA PHE A 17 0.36 10.18 -3.15
C PHE A 17 1.89 10.22 -3.16
N MET A 18 2.49 9.12 -2.73
CA MET A 18 3.94 8.95 -2.70
C MET A 18 4.56 9.48 -4.02
N PHE A 19 3.85 9.28 -5.13
CA PHE A 19 4.30 9.78 -6.44
C PHE A 19 4.34 11.31 -6.42
N ASN A 20 3.16 11.89 -6.13
CA ASN A 20 2.99 13.33 -6.04
C ASN A 20 4.21 13.95 -5.39
N PHE A 21 4.76 13.18 -4.46
CA PHE A 21 5.91 13.57 -3.69
C PHE A 21 7.20 13.59 -4.48
N TYR A 22 7.48 12.50 -5.19
CA TYR A 22 8.71 12.44 -5.97
C TYR A 22 8.80 13.63 -6.91
N HIS A 23 7.65 14.27 -7.14
CA HIS A 23 7.61 15.45 -7.99
C HIS A 23 8.08 16.68 -7.19
N GLN A 24 7.85 16.65 -5.88
CA GLN A 24 8.24 17.74 -4.99
C GLN A 24 9.48 17.38 -4.17
N THR A 25 9.24 16.70 -3.06
CA THR A 25 10.30 16.29 -2.14
C THR A 25 11.35 15.42 -2.81
N GLU A 26 12.47 15.19 -2.11
CA GLU A 26 13.56 14.38 -2.65
C GLU A 26 13.67 13.04 -1.93
N GLU A 27 14.31 12.08 -2.59
CA GLU A 27 14.48 10.72 -2.09
C GLU A 27 14.45 10.60 -0.56
N HIS A 28 15.46 11.13 0.12
CA HIS A 28 15.52 11.04 1.58
C HIS A 28 14.31 11.65 2.26
N LYS A 29 14.10 12.95 2.10
CA LYS A 29 12.94 13.61 2.72
C LYS A 29 11.69 12.84 2.36
N PHE A 30 11.43 12.82 1.06
CA PHE A 30 10.30 12.14 0.47
C PHE A 30 9.93 10.89 1.25
N GLN A 31 10.71 9.82 1.08
CA GLN A 31 10.46 8.55 1.75
C GLN A 31 9.97 8.75 3.18
N GLU A 32 10.59 9.67 3.89
CA GLU A 32 10.21 9.94 5.27
C GLU A 32 8.76 10.42 5.39
N GLN A 33 8.47 11.57 4.78
CA GLN A 33 7.11 12.13 4.82
C GLN A 33 6.05 11.13 4.39
N VAL A 34 6.18 10.64 3.16
CA VAL A 34 5.20 9.70 2.63
C VAL A 34 5.05 8.49 3.54
N SER A 35 6.16 7.79 3.79
CA SER A 35 6.10 6.61 4.65
C SER A 35 5.18 6.86 5.82
N LYS A 36 5.36 8.01 6.40
CA LYS A 36 4.55 8.44 7.54
C LYS A 36 3.09 8.47 7.16
N GLU A 37 2.79 9.23 6.12
CA GLU A 37 1.43 9.38 5.65
C GLU A 37 0.75 8.03 5.50
N LEU A 38 1.41 7.13 4.80
CA LEU A 38 0.87 5.79 4.61
C LEU A 38 0.83 5.05 5.94
N ILE A 39 1.76 5.38 6.84
CA ILE A 39 1.84 4.72 8.15
C ILE A 39 0.65 5.07 9.04
N GLY A 40 0.10 4.05 9.70
CA GLY A 40 -1.06 4.23 10.56
C GLY A 40 -2.28 4.63 9.74
N LEU A 41 -2.09 4.63 8.43
CA LEU A 41 -3.13 5.02 7.48
C LEU A 41 -3.75 3.82 6.77
N VAL A 42 -5.06 3.74 6.76
CA VAL A 42 -5.74 2.65 6.07
C VAL A 42 -5.80 2.93 4.59
N VAL A 43 -5.70 1.88 3.81
CA VAL A 43 -5.76 2.04 2.39
C VAL A 43 -6.60 0.94 1.80
N LEU A 44 -7.66 1.33 1.11
CA LEU A 44 -8.48 0.32 0.48
C LEU A 44 -7.92 0.03 -0.86
N THR A 45 -7.58 -1.21 -1.04
CA THR A 45 -7.05 -1.66 -2.29
C THR A 45 -8.18 -1.84 -3.28
N LYS A 46 -7.86 -1.81 -4.56
CA LYS A 46 -8.90 -1.86 -5.57
C LYS A 46 -9.42 -3.26 -5.86
N TYR A 47 -8.62 -4.28 -5.57
CA TYR A 47 -9.04 -5.64 -5.91
C TYR A 47 -10.37 -5.99 -5.26
N ASN A 48 -10.29 -6.52 -4.05
CA ASN A 48 -11.46 -6.90 -3.32
C ASN A 48 -11.86 -5.75 -2.40
N ASN A 49 -11.52 -4.54 -2.87
CA ASN A 49 -11.79 -3.32 -2.13
C ASN A 49 -11.51 -3.53 -0.65
N LYS A 50 -10.23 -3.65 -0.30
CA LYS A 50 -9.90 -3.91 1.10
C LYS A 50 -9.05 -2.83 1.75
N THR A 51 -9.52 -2.37 2.90
CA THR A 51 -8.83 -1.32 3.64
C THR A 51 -7.80 -1.90 4.59
N TYR A 52 -6.59 -1.41 4.48
CA TYR A 52 -5.49 -1.88 5.33
C TYR A 52 -4.68 -0.76 5.93
N ARG A 53 -4.54 -0.76 7.24
CA ARG A 53 -3.74 0.24 7.90
C ARG A 53 -2.26 -0.01 7.65
N VAL A 54 -1.72 0.66 6.62
CA VAL A 54 -0.31 0.54 6.32
C VAL A 54 0.47 1.22 7.42
N ASP A 55 1.28 0.44 8.10
CA ASP A 55 2.10 0.96 9.19
C ASP A 55 3.57 0.65 8.92
N ASP A 56 3.78 -0.06 7.82
CA ASP A 56 5.09 -0.44 7.39
C ASP A 56 5.17 -0.36 5.88
N ILE A 57 6.36 -0.12 5.37
CA ILE A 57 6.57 0.00 3.93
C ILE A 57 7.80 -0.79 3.54
N ASP A 58 7.58 -1.96 2.97
CA ASP A 58 8.71 -2.78 2.57
C ASP A 58 9.26 -2.29 1.24
N TRP A 59 10.14 -1.30 1.31
CA TRP A 59 10.77 -0.74 0.13
C TRP A 59 11.69 -1.73 -0.55
N ASP A 60 12.04 -2.80 0.17
CA ASP A 60 12.89 -3.84 -0.38
C ASP A 60 12.12 -4.62 -1.43
N GLN A 61 10.80 -4.68 -1.25
CA GLN A 61 9.93 -5.42 -2.15
C GLN A 61 9.18 -4.49 -3.09
N ASN A 62 8.47 -5.11 -4.02
CA ASN A 62 7.64 -4.41 -4.99
C ASN A 62 6.64 -5.43 -5.53
N PRO A 63 5.59 -5.01 -6.23
CA PRO A 63 4.60 -5.94 -6.75
C PRO A 63 5.26 -7.09 -7.50
N LYS A 64 6.09 -6.75 -8.48
CA LYS A 64 6.80 -7.74 -9.25
C LYS A 64 7.56 -8.72 -8.34
N SER A 65 8.02 -8.23 -7.19
CA SER A 65 8.74 -9.07 -6.22
C SER A 65 7.83 -10.14 -5.65
N THR A 66 8.40 -11.23 -5.16
CA THR A 66 7.61 -12.33 -4.61
C THR A 66 7.50 -12.28 -3.09
N PHE A 67 6.38 -12.79 -2.59
CA PHE A 67 6.12 -12.83 -1.15
C PHE A 67 5.30 -14.05 -0.79
N LYS A 68 5.48 -14.55 0.42
CA LYS A 68 4.72 -15.69 0.86
C LYS A 68 3.48 -15.22 1.61
N LYS A 69 2.37 -15.18 0.87
CA LYS A 69 1.04 -14.74 1.32
C LYS A 69 0.78 -14.84 2.82
N ALA A 70 1.63 -14.18 3.62
CA ALA A 70 1.47 -14.18 5.06
C ALA A 70 1.48 -15.58 5.68
N ASP A 71 1.19 -16.60 4.88
CA ASP A 71 1.15 -17.95 5.38
C ASP A 71 2.27 -18.78 4.80
N GLY A 72 2.61 -18.50 3.54
CA GLY A 72 3.69 -19.22 2.90
C GLY A 72 3.61 -19.26 1.40
N SER A 73 2.41 -19.27 0.82
CA SER A 73 2.29 -19.29 -0.63
C SER A 73 3.09 -18.12 -1.20
N GLU A 74 4.18 -18.42 -1.90
CA GLU A 74 5.02 -17.39 -2.43
C GLU A 74 4.66 -17.00 -3.86
N VAL A 75 4.11 -15.81 -4.01
CA VAL A 75 3.70 -15.27 -5.30
C VAL A 75 4.19 -13.84 -5.48
N SER A 76 4.58 -13.49 -6.69
CA SER A 76 4.99 -12.13 -6.94
C SER A 76 3.78 -11.27 -6.66
N PHE A 77 3.92 -10.34 -5.72
CA PHE A 77 2.81 -9.48 -5.33
C PHE A 77 1.86 -9.21 -6.49
N LEU A 78 2.41 -8.90 -7.66
CA LEU A 78 1.60 -8.64 -8.81
C LEU A 78 0.60 -9.76 -9.05
N GLU A 79 1.09 -11.01 -9.06
CA GLU A 79 0.23 -12.16 -9.25
C GLU A 79 -0.87 -12.20 -8.21
N TYR A 80 -0.47 -12.06 -6.96
CA TYR A 80 -1.39 -12.06 -5.86
C TYR A 80 -2.61 -11.20 -6.16
N TYR A 81 -2.37 -9.95 -6.54
CA TYR A 81 -3.42 -8.99 -6.82
C TYR A 81 -4.04 -9.17 -8.21
N ARG A 82 -3.24 -8.94 -9.24
CA ARG A 82 -3.69 -9.04 -10.62
C ARG A 82 -4.25 -10.41 -11.00
N LYS A 83 -3.64 -11.48 -10.52
CA LYS A 83 -4.08 -12.82 -10.88
C LYS A 83 -5.08 -13.44 -9.89
N GLN A 84 -4.88 -13.25 -8.59
CA GLN A 84 -5.80 -13.83 -7.62
C GLN A 84 -6.96 -12.89 -7.30
N TYR A 85 -6.83 -11.62 -7.67
CA TYR A 85 -7.87 -10.65 -7.41
C TYR A 85 -8.30 -9.90 -8.67
N ASN A 86 -7.44 -9.91 -9.67
CA ASN A 86 -7.69 -9.25 -10.96
C ASN A 86 -7.31 -7.78 -10.94
N GLN A 87 -6.31 -7.38 -10.13
CA GLN A 87 -5.87 -6.00 -10.10
C GLN A 87 -4.57 -5.85 -10.86
N GLU A 88 -4.68 -5.55 -12.14
CA GLU A 88 -3.50 -5.38 -12.97
C GLU A 88 -2.63 -4.28 -12.46
N ILE A 89 -1.52 -4.66 -11.88
CA ILE A 89 -0.59 -3.69 -11.40
C ILE A 89 0.36 -3.34 -12.52
N THR A 90 0.52 -2.06 -12.74
CA THR A 90 1.36 -1.59 -13.82
C THR A 90 2.31 -0.52 -13.31
N ASP A 91 2.29 -0.38 -11.99
CA ASP A 91 3.14 0.55 -11.29
C ASP A 91 3.85 -0.26 -10.23
N LEU A 92 4.42 -1.39 -10.68
CA LEU A 92 5.08 -2.31 -9.80
C LEU A 92 6.51 -1.87 -9.55
N LYS A 93 6.70 -0.57 -9.64
CA LYS A 93 7.98 0.02 -9.41
C LYS A 93 8.01 0.65 -8.03
N GLN A 94 6.89 0.60 -7.31
CA GLN A 94 6.82 1.15 -5.99
C GLN A 94 6.99 0.06 -4.96
N PRO A 95 7.24 0.42 -3.70
CA PRO A 95 7.44 -0.57 -2.64
C PRO A 95 6.15 -1.20 -2.19
N VAL A 96 6.16 -1.67 -0.96
CA VAL A 96 5.01 -2.31 -0.38
C VAL A 96 4.60 -1.59 0.88
N LEU A 97 3.38 -1.84 1.29
CA LEU A 97 2.86 -1.25 2.50
C LEU A 97 2.40 -2.36 3.40
N VAL A 98 3.29 -2.86 4.23
CA VAL A 98 2.93 -3.92 5.13
C VAL A 98 2.07 -3.31 6.22
N SER A 99 0.77 -3.54 6.08
CA SER A 99 -0.22 -3.01 7.01
C SER A 99 -0.12 -3.74 8.33
N GLN A 100 0.33 -3.03 9.35
CA GLN A 100 0.52 -3.65 10.65
C GLN A 100 -0.77 -3.63 11.47
N PRO A 101 -1.22 -4.82 11.89
CA PRO A 101 -2.45 -4.95 12.68
C PRO A 101 -2.38 -4.17 13.97
N LYS A 102 -3.46 -3.46 14.26
CA LYS A 102 -3.55 -2.67 15.47
C LYS A 102 -4.31 -3.42 16.54
N ARG A 103 -3.83 -4.61 16.87
CA ARG A 103 -4.44 -5.46 17.89
C ARG A 103 -4.79 -4.66 19.14
N ARG A 104 -5.98 -4.08 19.15
CA ARG A 104 -6.44 -3.28 20.29
C ARG A 104 -7.15 -4.16 21.33
N ARG A 105 -6.72 -4.02 22.58
CA ARG A 105 -7.31 -4.79 23.68
C ARG A 105 -8.46 -4.01 24.32
N GLY A 106 -8.63 -2.77 23.88
CA GLY A 106 -9.70 -1.94 24.41
C GLY A 106 -11.05 -2.28 23.81
N PRO A 107 -11.28 -1.89 22.55
CA PRO A 107 -12.55 -2.15 21.86
C PRO A 107 -12.83 -3.64 21.70
N GLY A 108 -11.77 -4.41 21.44
CA GLY A 108 -11.91 -5.84 21.29
C GLY A 108 -11.45 -6.35 19.93
N GLY A 109 -10.71 -5.51 19.20
CA GLY A 109 -10.23 -5.92 17.89
C GLY A 109 -9.20 -7.03 17.98
N THR A 110 -9.49 -8.10 17.27
CA THR A 110 -8.61 -9.27 17.22
C THR A 110 -8.00 -9.42 15.84
N LEU A 111 -7.45 -8.32 15.34
CA LEU A 111 -6.89 -8.33 14.00
C LEU A 111 -6.00 -9.52 13.72
N PRO A 112 -5.83 -9.78 12.42
CA PRO A 112 -5.02 -10.86 11.91
C PRO A 112 -3.60 -10.41 11.56
N GLY A 113 -3.02 -11.07 10.58
CA GLY A 113 -1.68 -10.77 10.14
C GLY A 113 -1.62 -9.54 9.24
N PRO A 114 -0.43 -8.90 9.11
CA PRO A 114 -0.24 -7.71 8.29
C PRO A 114 -0.76 -7.84 6.86
N ALA A 115 -0.61 -6.76 6.10
CA ALA A 115 -1.04 -6.72 4.71
C ALA A 115 0.02 -6.08 3.84
N MET A 116 0.91 -6.87 3.26
CA MET A 116 1.92 -6.32 2.38
C MET A 116 1.18 -5.81 1.16
N LEU A 117 0.89 -4.53 1.21
CA LEU A 117 0.08 -3.85 0.22
C LEU A 117 0.85 -3.30 -0.98
N ILE A 118 0.11 -3.09 -2.07
CA ILE A 118 0.66 -2.50 -3.27
C ILE A 118 0.32 -1.02 -3.31
N PRO A 119 1.21 -0.12 -2.85
CA PRO A 119 0.99 1.32 -2.93
C PRO A 119 0.20 1.72 -4.17
N GLU A 120 0.35 0.96 -5.27
CA GLU A 120 -0.35 1.26 -6.52
C GLU A 120 -1.85 0.97 -6.45
N LEU A 121 -2.24 -0.09 -5.76
CA LEU A 121 -3.65 -0.48 -5.64
C LEU A 121 -4.32 0.03 -4.35
N CYS A 122 -3.54 0.49 -3.38
CA CYS A 122 -4.10 0.94 -2.09
C CYS A 122 -4.61 2.37 -2.11
N TYR A 123 -5.83 2.57 -2.62
CA TYR A 123 -6.48 3.87 -2.67
C TYR A 123 -6.42 4.54 -1.29
N LEU A 124 -5.80 5.72 -1.23
CA LEU A 124 -5.69 6.47 0.02
C LEU A 124 -7.06 6.70 0.65
N THR A 125 -7.23 6.29 1.91
CA THR A 125 -8.49 6.47 2.60
C THR A 125 -8.43 7.63 3.59
N GLY A 126 -7.34 7.67 4.37
CA GLY A 126 -7.20 8.69 5.37
C GLY A 126 -8.11 8.40 6.53
N LEU A 127 -8.65 7.19 6.46
CA LEU A 127 -9.59 6.66 7.43
C LEU A 127 -8.95 6.38 8.77
N THR A 128 -7.70 5.92 8.76
CA THR A 128 -7.00 5.57 10.00
C THR A 128 -7.59 4.27 10.56
N ASP A 129 -8.83 4.04 10.16
CA ASP A 129 -9.62 2.88 10.57
C ASP A 129 -9.16 2.32 11.91
N LYS A 130 -9.66 2.93 12.97
CA LYS A 130 -9.34 2.54 14.32
C LYS A 130 -9.79 1.12 14.61
N MET A 131 -11.02 0.87 14.20
CA MET A 131 -11.67 -0.44 14.32
C MET A 131 -10.75 -1.61 13.92
N ARG A 132 -11.27 -2.83 14.02
CA ARG A 132 -10.56 -4.02 13.62
C ARG A 132 -10.76 -4.30 12.13
N ASN A 133 -9.71 -4.76 11.44
CA ASN A 133 -9.80 -5.03 10.00
C ASN A 133 -11.16 -5.63 9.61
N ASP A 134 -11.72 -6.45 10.49
CA ASP A 134 -13.01 -7.08 10.23
C ASP A 134 -14.16 -6.13 10.55
N CYS A 1 4.64 30.50 -13.80
CA CYS A 1 4.64 29.01 -13.89
C CYS A 1 3.70 28.52 -14.99
N THR A 2 4.23 28.39 -16.20
CA THR A 2 3.45 27.95 -17.33
C THR A 2 4.13 26.78 -18.05
N ASP A 3 4.89 26.00 -17.30
CA ASP A 3 5.60 24.85 -17.87
C ASP A 3 5.24 23.56 -17.14
N VAL A 4 5.45 22.43 -17.81
CA VAL A 4 5.15 21.12 -17.25
C VAL A 4 3.68 20.96 -16.90
N SER A 5 3.11 19.85 -17.35
CA SER A 5 1.72 19.54 -17.08
C SER A 5 1.48 18.03 -17.02
N HIS A 6 0.88 17.58 -15.93
CA HIS A 6 0.59 16.15 -15.76
C HIS A 6 -0.69 15.94 -14.98
N LYS A 7 -1.76 15.61 -15.69
CA LYS A 7 -3.06 15.37 -15.08
C LYS A 7 -3.08 14.04 -14.34
N VAL A 8 -2.64 14.07 -13.07
CA VAL A 8 -2.58 12.87 -12.23
C VAL A 8 -2.54 11.59 -13.05
N LEU A 9 -1.37 11.27 -13.58
CA LEU A 9 -1.19 10.08 -14.40
C LEU A 9 -0.87 8.86 -13.53
N ARG A 10 -1.57 8.76 -12.40
CA ARG A 10 -1.40 7.67 -11.48
C ARG A 10 -2.70 7.43 -10.74
N SER A 11 -2.72 6.42 -9.90
CA SER A 11 -3.91 6.09 -9.15
C SER A 11 -4.32 7.18 -8.18
N GLU A 12 -4.92 6.73 -7.11
CA GLU A 12 -5.35 7.56 -6.01
C GLU A 12 -4.91 6.87 -4.75
N THR A 13 -4.18 5.79 -4.98
CA THR A 13 -3.61 4.97 -3.94
C THR A 13 -2.40 5.65 -3.34
N VAL A 14 -1.70 5.00 -2.45
CA VAL A 14 -0.53 5.62 -1.88
C VAL A 14 0.46 5.91 -2.99
N LEU A 15 0.84 4.91 -3.79
CA LEU A 15 1.74 5.14 -4.90
C LEU A 15 1.33 6.42 -5.62
N ASP A 16 0.03 6.63 -5.74
CA ASP A 16 -0.46 7.85 -6.37
C ASP A 16 0.02 9.04 -5.56
N PHE A 17 -0.11 8.93 -4.23
CA PHE A 17 0.35 9.96 -3.32
C PHE A 17 1.89 10.01 -3.30
N MET A 18 2.52 8.91 -2.82
CA MET A 18 3.97 8.82 -2.75
C MET A 18 4.60 9.39 -4.05
N PHE A 19 3.86 9.28 -5.18
CA PHE A 19 4.35 9.81 -6.46
C PHE A 19 4.30 11.33 -6.44
N ASN A 20 3.13 11.85 -6.10
CA ASN A 20 2.90 13.29 -5.99
C ASN A 20 4.09 13.92 -5.31
N PHE A 21 4.70 13.13 -4.46
CA PHE A 21 5.85 13.51 -3.68
C PHE A 21 7.14 13.56 -4.46
N TYR A 22 7.46 12.49 -5.19
CA TYR A 22 8.68 12.47 -5.96
C TYR A 22 8.72 13.63 -6.94
N HIS A 23 7.57 14.27 -7.12
CA HIS A 23 7.45 15.43 -7.99
C HIS A 23 7.75 16.72 -7.22
N GLN A 24 8.13 16.56 -5.95
CA GLN A 24 8.43 17.69 -5.06
C GLN A 24 9.63 17.39 -4.17
N THR A 25 9.35 16.71 -3.06
CA THR A 25 10.36 16.37 -2.08
C THR A 25 11.53 15.59 -2.70
N GLU A 26 12.68 15.62 -2.02
CA GLU A 26 13.87 14.92 -2.50
C GLU A 26 13.67 13.41 -2.43
N GLU A 27 14.77 12.68 -2.28
CA GLU A 27 14.72 11.23 -2.16
C GLU A 27 14.55 10.80 -0.70
N HIS A 28 15.53 11.15 0.13
CA HIS A 28 15.52 10.80 1.54
C HIS A 28 14.31 11.39 2.27
N LYS A 29 14.20 12.72 2.27
CA LYS A 29 13.09 13.40 2.91
C LYS A 29 11.80 12.73 2.51
N PHE A 30 11.59 12.70 1.20
CA PHE A 30 10.43 12.10 0.60
C PHE A 30 10.01 10.82 1.33
N GLN A 31 10.74 9.74 1.10
CA GLN A 31 10.44 8.45 1.72
C GLN A 31 9.92 8.60 3.13
N GLU A 32 10.53 9.50 3.88
CA GLU A 32 10.12 9.75 5.25
C GLU A 32 8.69 10.28 5.34
N GLN A 33 8.46 11.47 4.78
CA GLN A 33 7.12 12.08 4.80
C GLN A 33 6.04 11.12 4.32
N VAL A 34 6.23 10.58 3.14
CA VAL A 34 5.26 9.68 2.56
C VAL A 34 5.06 8.46 3.44
N SER A 35 6.12 7.71 3.72
CA SER A 35 6.01 6.52 4.56
C SER A 35 5.07 6.82 5.71
N LYS A 36 5.30 7.98 6.28
CA LYS A 36 4.50 8.48 7.39
C LYS A 36 3.03 8.55 6.99
N GLU A 37 2.77 9.30 5.93
CA GLU A 37 1.43 9.46 5.43
C GLU A 37 0.75 8.11 5.30
N LEU A 38 1.39 7.21 4.56
CA LEU A 38 0.85 5.87 4.39
C LEU A 38 0.76 5.18 5.76
N ILE A 39 1.64 5.56 6.70
CA ILE A 39 1.65 4.96 8.03
C ILE A 39 0.41 5.32 8.86
N GLY A 40 -0.09 4.35 9.63
CA GLY A 40 -1.29 4.54 10.43
C GLY A 40 -2.47 4.90 9.57
N LEU A 41 -2.27 4.83 8.27
CA LEU A 41 -3.28 5.20 7.29
C LEU A 41 -3.90 3.96 6.63
N VAL A 42 -5.22 3.84 6.68
CA VAL A 42 -5.88 2.71 6.03
C VAL A 42 -5.94 2.94 4.55
N VAL A 43 -5.82 1.88 3.81
CA VAL A 43 -5.88 1.98 2.39
C VAL A 43 -6.69 0.86 1.82
N LEU A 44 -7.75 1.19 1.10
CA LEU A 44 -8.53 0.14 0.51
C LEU A 44 -7.93 -0.17 -0.83
N THR A 45 -7.51 -1.40 -0.93
CA THR A 45 -6.91 -1.86 -2.15
C THR A 45 -7.98 -2.18 -3.15
N LYS A 46 -7.65 -2.05 -4.42
CA LYS A 46 -8.65 -2.29 -5.44
C LYS A 46 -8.79 -3.79 -5.70
N TYR A 47 -7.90 -4.59 -5.08
CA TYR A 47 -7.94 -6.05 -5.24
C TYR A 47 -9.37 -6.52 -5.25
N ASN A 48 -10.01 -6.28 -4.12
CA ASN A 48 -11.39 -6.62 -3.89
C ASN A 48 -11.97 -5.62 -2.90
N ASN A 49 -11.33 -4.45 -2.88
CA ASN A 49 -11.71 -3.34 -2.01
C ASN A 49 -11.46 -3.67 -0.54
N LYS A 50 -10.19 -3.79 -0.15
CA LYS A 50 -9.88 -4.09 1.24
C LYS A 50 -9.06 -2.99 1.90
N THR A 51 -9.54 -2.53 3.05
CA THR A 51 -8.86 -1.44 3.76
C THR A 51 -7.82 -1.97 4.73
N TYR A 52 -6.62 -1.43 4.61
CA TYR A 52 -5.51 -1.85 5.47
C TYR A 52 -4.73 -0.68 6.03
N ARG A 53 -4.58 -0.62 7.34
CA ARG A 53 -3.81 0.44 7.95
C ARG A 53 -2.32 0.21 7.67
N VAL A 54 -1.82 0.83 6.61
CA VAL A 54 -0.41 0.71 6.30
C VAL A 54 0.36 1.40 7.41
N ASP A 55 1.17 0.63 8.13
CA ASP A 55 1.95 1.16 9.24
C ASP A 55 3.42 0.90 9.00
N ASP A 56 3.70 0.25 7.88
CA ASP A 56 5.05 -0.09 7.50
C ASP A 56 5.18 -0.08 5.99
N ILE A 57 6.30 0.40 5.51
CA ILE A 57 6.56 0.41 4.09
C ILE A 57 7.82 -0.37 3.79
N ASP A 58 7.67 -1.58 3.30
CA ASP A 58 8.83 -2.39 3.01
C ASP A 58 9.47 -1.89 1.73
N TRP A 59 10.35 -0.89 1.86
CA TRP A 59 11.05 -0.31 0.72
C TRP A 59 12.09 -1.28 0.17
N ASP A 60 12.09 -2.48 0.70
CA ASP A 60 13.00 -3.51 0.24
C ASP A 60 12.32 -4.34 -0.83
N GLN A 61 11.00 -4.42 -0.73
CA GLN A 61 10.18 -5.18 -1.67
C GLN A 61 9.45 -4.25 -2.63
N ASN A 62 8.71 -4.88 -3.55
CA ASN A 62 7.90 -4.18 -4.53
C ASN A 62 6.87 -5.16 -5.06
N PRO A 63 5.84 -4.72 -5.79
CA PRO A 63 4.83 -5.65 -6.31
C PRO A 63 5.48 -6.83 -7.04
N LYS A 64 6.35 -6.52 -7.99
CA LYS A 64 7.05 -7.55 -8.72
C LYS A 64 7.72 -8.57 -7.80
N SER A 65 8.13 -8.11 -6.61
CA SER A 65 8.78 -8.99 -5.62
C SER A 65 7.83 -10.10 -5.23
N THR A 66 8.39 -11.18 -4.68
CA THR A 66 7.56 -12.32 -4.28
C THR A 66 7.36 -12.40 -2.78
N PHE A 67 6.24 -13.01 -2.40
CA PHE A 67 5.88 -13.20 -1.00
C PHE A 67 4.96 -14.40 -0.88
N LYS A 68 5.02 -15.09 0.23
CA LYS A 68 4.15 -16.24 0.39
C LYS A 68 2.85 -15.85 1.09
N LYS A 69 1.83 -15.54 0.27
CA LYS A 69 0.48 -15.14 0.71
C LYS A 69 0.30 -15.05 2.21
N ALA A 70 1.26 -14.45 2.91
CA ALA A 70 1.18 -14.32 4.36
C ALA A 70 1.13 -15.68 5.05
N ASP A 71 0.74 -16.72 4.31
CA ASP A 71 0.63 -18.05 4.85
C ASP A 71 1.78 -18.92 4.39
N GLY A 72 2.12 -18.79 3.11
CA GLY A 72 3.23 -19.57 2.59
C GLY A 72 3.22 -19.80 1.08
N SER A 73 2.15 -19.42 0.38
CA SER A 73 2.16 -19.58 -1.08
C SER A 73 2.89 -18.38 -1.67
N GLU A 74 4.05 -18.62 -2.26
CA GLU A 74 4.88 -17.55 -2.79
C GLU A 74 4.49 -17.08 -4.19
N VAL A 75 3.96 -15.86 -4.25
CA VAL A 75 3.57 -15.22 -5.50
C VAL A 75 4.08 -13.80 -5.52
N SER A 76 4.59 -13.36 -6.66
CA SER A 76 5.03 -11.99 -6.76
C SER A 76 3.81 -11.12 -6.50
N PHE A 77 3.93 -10.21 -5.56
CA PHE A 77 2.81 -9.35 -5.19
C PHE A 77 1.93 -9.03 -6.38
N LEU A 78 2.53 -8.62 -7.49
CA LEU A 78 1.78 -8.29 -8.68
C LEU A 78 0.81 -9.42 -9.02
N GLU A 79 1.31 -10.65 -9.07
CA GLU A 79 0.48 -11.81 -9.37
C GLU A 79 -0.65 -11.92 -8.37
N TYR A 80 -0.32 -11.83 -7.10
CA TYR A 80 -1.30 -11.91 -6.04
C TYR A 80 -2.51 -11.03 -6.36
N TYR A 81 -2.24 -9.79 -6.73
CA TYR A 81 -3.29 -8.82 -7.01
C TYR A 81 -3.84 -8.95 -8.43
N ARG A 82 -2.98 -8.71 -9.40
CA ARG A 82 -3.34 -8.77 -10.81
C ARG A 82 -3.92 -10.11 -11.25
N LYS A 83 -3.35 -11.20 -10.79
CA LYS A 83 -3.79 -12.53 -11.20
C LYS A 83 -4.86 -13.14 -10.28
N GLN A 84 -4.82 -12.88 -8.98
CA GLN A 84 -5.83 -13.47 -8.09
C GLN A 84 -6.99 -12.51 -7.84
N TYR A 85 -6.77 -11.22 -8.09
CA TYR A 85 -7.82 -10.23 -7.88
C TYR A 85 -8.10 -9.43 -9.14
N ASN A 86 -7.21 -9.55 -10.13
CA ASN A 86 -7.35 -8.86 -11.41
C ASN A 86 -6.91 -7.39 -11.34
N GLN A 87 -6.02 -7.06 -10.41
CA GLN A 87 -5.54 -5.70 -10.29
C GLN A 87 -4.21 -5.52 -10.99
N GLU A 88 -4.28 -5.18 -12.26
CA GLU A 88 -3.09 -4.96 -13.04
C GLU A 88 -2.38 -3.72 -12.53
N ILE A 89 -1.28 -3.97 -11.85
CA ILE A 89 -0.49 -2.92 -11.25
C ILE A 89 0.25 -2.07 -12.27
N THR A 90 1.27 -2.66 -12.89
CA THR A 90 2.05 -1.97 -13.91
C THR A 90 2.94 -0.90 -13.30
N ASP A 91 2.66 -0.57 -12.05
CA ASP A 91 3.44 0.42 -11.32
C ASP A 91 4.08 -0.29 -10.15
N LEU A 92 4.71 -1.40 -10.50
CA LEU A 92 5.34 -2.25 -9.53
C LEU A 92 6.75 -1.77 -9.26
N LYS A 93 6.90 -0.47 -9.36
CA LYS A 93 8.17 0.15 -9.13
C LYS A 93 8.25 0.76 -7.74
N GLN A 94 7.15 0.71 -6.97
CA GLN A 94 7.16 1.26 -5.65
C GLN A 94 7.27 0.13 -4.64
N PRO A 95 7.55 0.44 -3.36
CA PRO A 95 7.71 -0.58 -2.35
C PRO A 95 6.40 -1.22 -1.94
N VAL A 96 6.35 -1.65 -0.70
CA VAL A 96 5.16 -2.27 -0.16
C VAL A 96 4.70 -1.53 1.06
N LEU A 97 3.48 -1.78 1.44
CA LEU A 97 2.92 -1.15 2.61
C LEU A 97 2.41 -2.23 3.54
N VAL A 98 3.29 -2.70 4.40
CA VAL A 98 2.92 -3.72 5.35
C VAL A 98 2.06 -3.06 6.41
N SER A 99 0.76 -3.27 6.26
CA SER A 99 -0.23 -2.69 7.14
C SER A 99 -0.22 -3.35 8.50
N GLN A 100 0.22 -2.62 9.51
CA GLN A 100 0.29 -3.17 10.85
C GLN A 100 -0.55 -2.35 11.82
N PRO A 101 -1.77 -2.81 12.10
CA PRO A 101 -2.67 -2.15 13.03
C PRO A 101 -2.42 -2.58 14.47
N LYS A 102 -2.70 -1.68 15.41
CA LYS A 102 -2.51 -1.97 16.83
C LYS A 102 -3.42 -3.12 17.26
N ARG A 103 -2.87 -4.33 17.23
CA ARG A 103 -3.61 -5.52 17.59
C ARG A 103 -4.25 -5.43 18.98
N ARG A 104 -3.43 -5.23 20.02
CA ARG A 104 -3.91 -5.13 21.40
C ARG A 104 -5.14 -6.02 21.65
N ARG A 105 -5.98 -5.61 22.61
CA ARG A 105 -7.19 -6.35 22.94
C ARG A 105 -8.14 -5.48 23.74
N GLY A 106 -7.69 -4.27 24.04
CA GLY A 106 -8.49 -3.33 24.81
C GLY A 106 -9.70 -2.80 24.05
N PRO A 107 -9.48 -2.19 22.87
CA PRO A 107 -10.56 -1.62 22.06
C PRO A 107 -11.52 -2.66 21.50
N GLY A 108 -12.03 -2.42 20.28
CA GLY A 108 -12.97 -3.34 19.68
C GLY A 108 -12.39 -4.21 18.58
N GLY A 109 -11.94 -3.59 17.49
CA GLY A 109 -11.39 -4.34 16.36
C GLY A 109 -10.44 -5.44 16.80
N THR A 110 -10.39 -6.50 16.00
CA THR A 110 -9.53 -7.65 16.26
C THR A 110 -8.77 -8.03 15.00
N LEU A 111 -8.10 -7.05 14.41
CA LEU A 111 -7.41 -7.30 13.16
C LEU A 111 -6.44 -8.45 13.24
N PRO A 112 -6.09 -8.95 12.06
CA PRO A 112 -5.15 -10.03 11.88
C PRO A 112 -3.73 -9.55 11.58
N GLY A 113 -2.97 -10.41 10.96
CA GLY A 113 -1.58 -10.11 10.60
C GLY A 113 -1.45 -8.99 9.59
N PRO A 114 -0.25 -8.40 9.46
CA PRO A 114 0.03 -7.32 8.54
C PRO A 114 -0.51 -7.54 7.13
N ALA A 115 -0.45 -6.47 6.34
CA ALA A 115 -0.90 -6.52 4.96
C ALA A 115 0.14 -5.93 4.02
N MET A 116 0.96 -6.78 3.42
CA MET A 116 1.94 -6.28 2.47
C MET A 116 1.17 -5.76 1.28
N LEU A 117 0.96 -4.46 1.31
CA LEU A 117 0.14 -3.77 0.34
C LEU A 117 0.89 -3.18 -0.86
N ILE A 118 0.16 -3.05 -1.97
CA ILE A 118 0.71 -2.44 -3.19
C ILE A 118 0.37 -0.95 -3.19
N PRO A 119 1.38 -0.08 -3.09
CA PRO A 119 1.16 1.36 -3.09
C PRO A 119 0.25 1.76 -4.23
N GLU A 120 0.34 1.02 -5.33
CA GLU A 120 -0.42 1.32 -6.53
C GLU A 120 -1.89 0.92 -6.47
N LEU A 121 -2.23 -0.05 -5.64
CA LEU A 121 -3.62 -0.50 -5.57
C LEU A 121 -4.31 -0.11 -4.26
N CYS A 122 -3.54 0.37 -3.29
CA CYS A 122 -4.12 0.76 -2.00
C CYS A 122 -4.65 2.20 -2.02
N TYR A 123 -5.85 2.36 -2.56
CA TYR A 123 -6.51 3.66 -2.66
C TYR A 123 -6.48 4.38 -1.31
N LEU A 124 -5.82 5.54 -1.28
CA LEU A 124 -5.73 6.34 -0.08
C LEU A 124 -7.12 6.59 0.48
N THR A 125 -7.34 6.18 1.74
CA THR A 125 -8.64 6.36 2.37
C THR A 125 -8.64 7.55 3.30
N GLY A 126 -7.60 7.65 4.13
CA GLY A 126 -7.53 8.72 5.10
C GLY A 126 -8.45 8.41 6.24
N LEU A 127 -8.94 7.19 6.19
CA LEU A 127 -9.88 6.65 7.17
C LEU A 127 -9.23 6.47 8.52
N THR A 128 -7.94 6.18 8.51
CA THR A 128 -7.18 5.98 9.74
C THR A 128 -7.60 4.67 10.41
N ASP A 129 -8.82 4.23 10.05
CA ASP A 129 -9.43 3.01 10.59
C ASP A 129 -8.71 2.55 11.84
N LYS A 130 -8.92 3.33 12.89
CA LYS A 130 -8.35 3.10 14.19
C LYS A 130 -8.20 1.63 14.48
N MET A 131 -9.28 0.90 14.28
CA MET A 131 -9.27 -0.53 14.49
C MET A 131 -10.20 -1.26 13.53
N ARG A 132 -10.27 -2.59 13.69
CA ARG A 132 -11.10 -3.42 12.83
C ARG A 132 -12.57 -3.01 12.84
N ASN A 133 -13.33 -3.67 11.98
CA ASN A 133 -14.76 -3.41 11.86
C ASN A 133 -15.50 -3.99 13.06
N ASP A 134 -14.97 -5.07 13.63
CA ASP A 134 -15.58 -5.71 14.78
C ASP A 134 -15.49 -4.84 16.01
N CYS A 1 2.44 24.76 -21.39
CA CYS A 1 2.61 23.36 -20.93
C CYS A 1 2.65 23.29 -19.40
N THR A 2 1.47 23.16 -18.79
CA THR A 2 1.36 23.08 -17.35
C THR A 2 0.49 21.90 -16.92
N ASP A 3 0.67 20.77 -17.60
CA ASP A 3 -0.10 19.56 -17.29
C ASP A 3 -1.60 19.81 -17.46
N VAL A 4 -2.13 19.46 -18.62
CA VAL A 4 -3.55 19.64 -18.90
C VAL A 4 -4.33 18.33 -18.78
N SER A 5 -5.57 18.45 -18.34
CA SER A 5 -6.46 17.32 -18.15
C SER A 5 -5.85 16.23 -17.28
N HIS A 6 -4.72 16.56 -16.64
CA HIS A 6 -4.02 15.62 -15.77
C HIS A 6 -3.88 14.24 -16.40
N LYS A 7 -2.80 14.05 -17.17
CA LYS A 7 -2.54 12.77 -17.81
C LYS A 7 -2.27 11.70 -16.77
N VAL A 8 -3.36 11.10 -16.27
CA VAL A 8 -3.30 10.06 -15.24
C VAL A 8 -1.90 9.88 -14.65
N LEU A 9 -1.54 10.79 -13.76
CA LEU A 9 -0.24 10.72 -13.11
C LEU A 9 -0.10 9.39 -12.40
N ARG A 10 -1.19 8.97 -11.76
CA ARG A 10 -1.25 7.72 -11.04
C ARG A 10 -2.63 7.57 -10.43
N SER A 11 -2.82 6.48 -9.70
CA SER A 11 -4.08 6.20 -9.05
C SER A 11 -4.46 7.26 -8.05
N GLU A 12 -5.05 6.80 -6.98
CA GLU A 12 -5.45 7.62 -5.86
C GLU A 12 -4.98 6.90 -4.61
N THR A 13 -4.21 5.85 -4.89
CA THR A 13 -3.62 5.01 -3.88
C THR A 13 -2.39 5.69 -3.32
N VAL A 14 -1.67 5.02 -2.43
CA VAL A 14 -0.48 5.63 -1.89
C VAL A 14 0.46 5.91 -3.05
N LEU A 15 0.79 4.91 -3.87
CA LEU A 15 1.64 5.15 -5.05
C LEU A 15 1.23 6.45 -5.72
N ASP A 16 -0.08 6.71 -5.76
CA ASP A 16 -0.57 7.95 -6.33
C ASP A 16 -0.05 9.11 -5.49
N PHE A 17 -0.15 8.94 -4.17
CA PHE A 17 0.33 9.95 -3.24
C PHE A 17 1.87 10.01 -3.24
N MET A 18 2.51 8.92 -2.79
CA MET A 18 3.97 8.82 -2.74
C MET A 18 4.57 9.41 -4.04
N PHE A 19 3.82 9.33 -5.15
CA PHE A 19 4.28 9.87 -6.44
C PHE A 19 4.27 11.39 -6.41
N ASN A 20 3.11 11.94 -6.05
CA ASN A 20 2.93 13.38 -5.94
C ASN A 20 4.15 13.98 -5.30
N PHE A 21 4.71 13.18 -4.43
CA PHE A 21 5.87 13.52 -3.65
C PHE A 21 7.16 13.56 -4.44
N TYR A 22 7.51 12.45 -5.09
CA TYR A 22 8.75 12.40 -5.86
C TYR A 22 8.84 13.58 -6.81
N HIS A 23 7.70 14.21 -7.08
CA HIS A 23 7.67 15.39 -7.94
C HIS A 23 8.14 16.63 -7.16
N GLN A 24 7.82 16.65 -5.87
CA GLN A 24 8.21 17.76 -4.99
C GLN A 24 9.46 17.45 -4.19
N THR A 25 9.23 16.77 -3.06
CA THR A 25 10.31 16.41 -2.14
C THR A 25 11.41 15.61 -2.83
N GLU A 26 12.60 15.63 -2.23
CA GLU A 26 13.75 14.90 -2.77
C GLU A 26 13.55 13.40 -2.60
N GLU A 27 14.66 12.68 -2.44
CA GLU A 27 14.62 11.24 -2.26
C GLU A 27 14.51 10.87 -0.76
N HIS A 28 15.42 11.40 0.04
CA HIS A 28 15.43 11.10 1.47
C HIS A 28 14.21 11.70 2.19
N LYS A 29 14.08 13.02 2.15
CA LYS A 29 12.94 13.69 2.80
C LYS A 29 11.67 12.97 2.42
N PHE A 30 11.49 12.83 1.12
CA PHE A 30 10.34 12.17 0.55
C PHE A 30 9.98 10.92 1.33
N GLN A 31 10.75 9.85 1.13
CA GLN A 31 10.50 8.58 1.79
C GLN A 31 9.98 8.75 3.21
N GLU A 32 10.56 9.69 3.93
CA GLU A 32 10.15 9.96 5.30
C GLU A 32 8.70 10.42 5.39
N GLN A 33 8.39 11.56 4.79
CA GLN A 33 7.02 12.11 4.83
C GLN A 33 5.98 11.10 4.32
N VAL A 34 6.23 10.53 3.16
CA VAL A 34 5.30 9.58 2.56
C VAL A 34 5.17 8.34 3.41
N SER A 35 6.29 7.77 3.80
CA SER A 35 6.24 6.58 4.64
C SER A 35 5.32 6.85 5.79
N LYS A 36 5.38 8.07 6.28
CA LYS A 36 4.57 8.52 7.39
C LYS A 36 3.11 8.56 6.99
N GLU A 37 2.82 9.36 5.98
CA GLU A 37 1.48 9.52 5.49
C GLU A 37 0.83 8.16 5.33
N LEU A 38 1.58 7.29 4.70
CA LEU A 38 1.18 5.92 4.51
C LEU A 38 0.96 5.24 5.86
N ILE A 39 1.85 5.54 6.80
CA ILE A 39 1.83 4.93 8.13
C ILE A 39 0.62 5.36 8.97
N GLY A 40 0.04 4.38 9.67
CA GLY A 40 -1.13 4.62 10.49
C GLY A 40 -2.32 4.97 9.63
N LEU A 41 -2.10 4.87 8.32
CA LEU A 41 -3.11 5.21 7.33
C LEU A 41 -3.71 3.95 6.70
N VAL A 42 -5.02 3.82 6.73
CA VAL A 42 -5.67 2.69 6.09
C VAL A 42 -5.78 2.93 4.61
N VAL A 43 -5.72 1.87 3.86
CA VAL A 43 -5.83 1.99 2.44
C VAL A 43 -6.67 0.89 1.86
N LEU A 44 -7.73 1.25 1.18
CA LEU A 44 -8.56 0.25 0.57
C LEU A 44 -8.00 -0.04 -0.79
N THR A 45 -7.58 -1.26 -0.94
CA THR A 45 -7.00 -1.70 -2.18
C THR A 45 -8.05 -1.99 -3.22
N LYS A 46 -7.63 -2.06 -4.46
CA LYS A 46 -8.55 -2.29 -5.55
C LYS A 46 -8.66 -3.78 -5.87
N TYR A 47 -7.89 -4.60 -5.14
CA TYR A 47 -7.93 -6.05 -5.35
C TYR A 47 -9.38 -6.50 -5.32
N ASN A 48 -10.06 -6.05 -4.29
CA ASN A 48 -11.45 -6.36 -4.05
C ASN A 48 -12.00 -5.38 -3.02
N ASN A 49 -11.41 -4.18 -3.00
CA ASN A 49 -11.80 -3.13 -2.08
C ASN A 49 -11.54 -3.52 -0.63
N LYS A 50 -10.26 -3.59 -0.23
CA LYS A 50 -9.94 -3.96 1.13
C LYS A 50 -9.09 -2.90 1.84
N THR A 51 -9.54 -2.49 3.01
CA THR A 51 -8.83 -1.45 3.76
C THR A 51 -7.79 -2.04 4.69
N TYR A 52 -6.58 -1.50 4.59
CA TYR A 52 -5.47 -1.97 5.41
C TYR A 52 -4.68 -0.83 6.00
N ARG A 53 -4.46 -0.88 7.30
CA ARG A 53 -3.70 0.17 7.95
C ARG A 53 -2.21 0.02 7.65
N VAL A 54 -1.74 0.73 6.63
CA VAL A 54 -0.33 0.69 6.30
C VAL A 54 0.41 1.44 7.38
N ASP A 55 1.18 0.70 8.15
CA ASP A 55 1.98 1.26 9.23
C ASP A 55 3.44 0.90 9.00
N ASP A 56 3.64 0.14 7.93
CA ASP A 56 4.96 -0.28 7.53
C ASP A 56 5.06 -0.23 6.02
N ILE A 57 6.25 0.04 5.52
CA ILE A 57 6.49 0.13 4.10
C ILE A 57 7.75 -0.65 3.76
N ASP A 58 7.57 -1.84 3.22
CA ASP A 58 8.72 -2.66 2.89
C ASP A 58 9.36 -2.18 1.60
N TRP A 59 10.23 -1.18 1.73
CA TRP A 59 10.94 -0.63 0.59
C TRP A 59 11.92 -1.62 0.01
N ASP A 60 12.06 -2.76 0.66
CA ASP A 60 12.95 -3.80 0.17
C ASP A 60 12.26 -4.58 -0.93
N GLN A 61 10.93 -4.63 -0.84
CA GLN A 61 10.11 -5.34 -1.80
C GLN A 61 9.38 -4.38 -2.73
N ASN A 62 8.64 -4.95 -3.68
CA ASN A 62 7.84 -4.19 -4.62
C ASN A 62 6.75 -5.09 -5.19
N PRO A 63 5.71 -4.53 -5.82
CA PRO A 63 4.61 -5.34 -6.38
C PRO A 63 5.07 -6.35 -7.41
N LYS A 64 6.38 -6.47 -7.58
CA LYS A 64 6.93 -7.42 -8.52
C LYS A 64 7.64 -8.54 -7.77
N SER A 65 8.17 -8.20 -6.59
CA SER A 65 8.86 -9.18 -5.74
C SER A 65 7.90 -10.28 -5.36
N THR A 66 8.40 -11.36 -4.77
CA THR A 66 7.53 -12.47 -4.39
C THR A 66 7.37 -12.55 -2.87
N PHE A 67 6.20 -13.06 -2.46
CA PHE A 67 5.86 -13.22 -1.06
C PHE A 67 4.96 -14.43 -0.94
N LYS A 68 4.88 -15.04 0.23
CA LYS A 68 4.02 -16.19 0.34
C LYS A 68 2.74 -15.86 1.09
N LYS A 69 1.71 -15.49 0.30
CA LYS A 69 0.36 -15.13 0.76
C LYS A 69 0.17 -14.98 2.24
N ALA A 70 1.18 -14.48 2.96
CA ALA A 70 1.07 -14.34 4.40
C ALA A 70 0.90 -15.71 5.06
N ASP A 71 0.45 -16.68 4.25
CA ASP A 71 0.22 -18.03 4.71
C ASP A 71 1.32 -18.92 4.19
N GLY A 72 1.69 -18.75 2.93
CA GLY A 72 2.76 -19.55 2.39
C GLY A 72 2.79 -19.77 0.88
N SER A 73 1.75 -19.41 0.13
CA SER A 73 1.85 -19.59 -1.32
C SER A 73 2.74 -18.48 -1.85
N GLU A 74 3.92 -18.82 -2.35
CA GLU A 74 4.83 -17.80 -2.81
C GLU A 74 4.45 -17.32 -4.20
N VAL A 75 3.93 -16.09 -4.26
CA VAL A 75 3.53 -15.46 -5.50
C VAL A 75 3.98 -14.02 -5.52
N SER A 76 4.39 -13.57 -6.70
CA SER A 76 4.81 -12.20 -6.87
C SER A 76 3.68 -11.28 -6.44
N PHE A 77 4.00 -10.26 -5.67
CA PHE A 77 3.00 -9.33 -5.19
C PHE A 77 1.99 -9.01 -6.30
N LEU A 78 2.50 -8.78 -7.50
CA LEU A 78 1.65 -8.45 -8.64
C LEU A 78 0.73 -9.61 -8.93
N GLU A 79 1.30 -10.80 -8.94
CA GLU A 79 0.58 -12.00 -9.20
C GLU A 79 -0.59 -12.14 -8.26
N TYR A 80 -0.30 -12.06 -6.96
CA TYR A 80 -1.30 -12.13 -5.93
C TYR A 80 -2.51 -11.24 -6.23
N TYR A 81 -2.26 -9.98 -6.52
CA TYR A 81 -3.31 -9.00 -6.79
C TYR A 81 -3.92 -9.14 -8.18
N ARG A 82 -3.08 -8.89 -9.18
CA ARG A 82 -3.47 -8.95 -10.58
C ARG A 82 -4.10 -10.28 -11.01
N LYS A 83 -3.56 -11.40 -10.53
CA LYS A 83 -4.06 -12.70 -10.94
C LYS A 83 -5.15 -13.27 -10.03
N GLN A 84 -5.05 -13.06 -8.72
CA GLN A 84 -6.06 -13.60 -7.81
C GLN A 84 -7.19 -12.61 -7.56
N TYR A 85 -6.95 -11.33 -7.85
CA TYR A 85 -7.97 -10.32 -7.64
C TYR A 85 -8.27 -9.51 -8.89
N ASN A 86 -7.37 -9.59 -9.87
CA ASN A 86 -7.51 -8.90 -11.15
C ASN A 86 -7.09 -7.43 -11.07
N GLN A 87 -6.09 -7.12 -10.26
CA GLN A 87 -5.62 -5.75 -10.16
C GLN A 87 -4.29 -5.58 -10.86
N GLU A 88 -4.36 -5.23 -12.14
CA GLU A 88 -3.16 -5.02 -12.93
C GLU A 88 -2.38 -3.85 -12.38
N ILE A 89 -1.32 -4.17 -11.68
CA ILE A 89 -0.48 -3.16 -11.08
C ILE A 89 0.25 -2.37 -12.14
N THR A 90 1.22 -3.01 -12.77
CA THR A 90 1.99 -2.39 -13.83
C THR A 90 2.82 -1.22 -13.32
N ASP A 91 2.63 -0.90 -12.04
CA ASP A 91 3.36 0.16 -11.38
C ASP A 91 4.01 -0.46 -10.17
N LEU A 92 4.67 -1.57 -10.43
CA LEU A 92 5.32 -2.34 -9.41
C LEU A 92 6.68 -1.78 -9.10
N LYS A 93 6.84 -0.52 -9.43
CA LYS A 93 8.10 0.14 -9.21
C LYS A 93 8.19 0.74 -7.82
N GLN A 94 7.09 0.70 -7.04
CA GLN A 94 7.17 1.23 -5.71
C GLN A 94 7.30 0.11 -4.70
N PRO A 95 7.52 0.41 -3.42
CA PRO A 95 7.68 -0.63 -2.41
C PRO A 95 6.37 -1.27 -2.02
N VAL A 96 6.32 -1.73 -0.79
CA VAL A 96 5.14 -2.34 -0.26
C VAL A 96 4.68 -1.61 0.97
N LEU A 97 3.46 -1.83 1.33
CA LEU A 97 2.91 -1.20 2.50
C LEU A 97 2.39 -2.27 3.42
N VAL A 98 3.25 -2.77 4.27
CA VAL A 98 2.86 -3.80 5.19
C VAL A 98 2.00 -3.16 6.25
N SER A 99 0.71 -3.43 6.15
CA SER A 99 -0.25 -2.88 7.06
C SER A 99 -0.06 -3.53 8.40
N GLN A 100 0.57 -2.79 9.30
CA GLN A 100 0.90 -3.34 10.61
C GLN A 100 -0.32 -3.41 11.50
N PRO A 101 -0.52 -4.56 12.17
CA PRO A 101 -1.64 -4.75 13.05
C PRO A 101 -1.38 -4.28 14.46
N LYS A 102 -2.39 -3.64 15.05
CA LYS A 102 -2.28 -3.14 16.41
C LYS A 102 -2.64 -4.26 17.38
N ARG A 103 -2.04 -5.44 17.16
CA ARG A 103 -2.28 -6.61 17.98
C ARG A 103 -1.67 -6.46 19.38
N ARG A 104 -1.55 -5.21 19.83
CA ARG A 104 -0.99 -4.94 21.15
C ARG A 104 -1.63 -5.84 22.22
N ARG A 105 -0.79 -6.53 22.98
CA ARG A 105 -1.26 -7.43 24.02
C ARG A 105 -2.05 -6.68 25.10
N GLY A 106 -1.97 -5.35 25.07
CA GLY A 106 -2.68 -4.55 26.05
C GLY A 106 -4.18 -4.72 25.96
N PRO A 107 -4.86 -3.86 25.18
CA PRO A 107 -6.32 -3.91 25.00
C PRO A 107 -6.79 -5.22 24.38
N GLY A 108 -8.10 -5.43 24.39
CA GLY A 108 -8.67 -6.64 23.82
C GLY A 108 -8.92 -6.53 22.33
N GLY A 109 -8.99 -5.30 21.84
CA GLY A 109 -9.21 -5.06 20.42
C GLY A 109 -8.31 -5.89 19.54
N THR A 110 -7.04 -5.88 19.90
CA THR A 110 -5.98 -6.61 19.19
C THR A 110 -6.16 -6.53 17.68
N LEU A 111 -5.33 -7.25 16.95
CA LEU A 111 -5.46 -7.25 15.51
C LEU A 111 -4.99 -8.56 14.89
N PRO A 112 -5.26 -8.72 13.59
CA PRO A 112 -4.85 -9.87 12.82
C PRO A 112 -3.45 -9.72 12.23
N GLY A 113 -3.20 -10.40 11.13
CA GLY A 113 -1.89 -10.35 10.48
C GLY A 113 -1.74 -9.17 9.52
N PRO A 114 -0.51 -8.62 9.37
CA PRO A 114 -0.25 -7.49 8.48
C PRO A 114 -0.78 -7.66 7.06
N ALA A 115 -0.55 -6.63 6.25
CA ALA A 115 -0.97 -6.64 4.86
C ALA A 115 0.09 -6.01 3.96
N MET A 116 0.95 -6.84 3.37
CA MET A 116 1.96 -6.30 2.47
C MET A 116 1.20 -5.79 1.26
N LEU A 117 0.95 -4.49 1.29
CA LEU A 117 0.14 -3.81 0.30
C LEU A 117 0.89 -3.25 -0.90
N ILE A 118 0.13 -2.99 -1.96
CA ILE A 118 0.68 -2.40 -3.18
C ILE A 118 0.36 -0.91 -3.24
N PRO A 119 1.38 -0.06 -3.17
CA PRO A 119 1.17 1.39 -3.20
C PRO A 119 0.28 1.78 -4.36
N GLU A 120 0.35 1.00 -5.43
CA GLU A 120 -0.42 1.28 -6.65
C GLU A 120 -1.91 0.92 -6.55
N LEU A 121 -2.27 -0.05 -5.73
CA LEU A 121 -3.66 -0.47 -5.64
C LEU A 121 -4.33 -0.06 -4.32
N CYS A 122 -3.56 0.40 -3.34
CA CYS A 122 -4.13 0.79 -2.03
C CYS A 122 -4.66 2.23 -2.04
N TYR A 123 -5.88 2.40 -2.55
CA TYR A 123 -6.53 3.71 -2.60
C TYR A 123 -6.47 4.40 -1.24
N LEU A 124 -5.82 5.56 -1.20
CA LEU A 124 -5.70 6.34 0.02
C LEU A 124 -7.08 6.58 0.63
N THR A 125 -7.26 6.16 1.88
CA THR A 125 -8.55 6.33 2.55
C THR A 125 -8.54 7.52 3.50
N GLY A 126 -7.47 7.64 4.27
CA GLY A 126 -7.39 8.72 5.24
C GLY A 126 -8.29 8.39 6.40
N LEU A 127 -8.75 7.16 6.36
CA LEU A 127 -9.67 6.59 7.34
C LEU A 127 -9.02 6.37 8.69
N THR A 128 -7.72 6.05 8.68
CA THR A 128 -6.99 5.80 9.92
C THR A 128 -7.45 4.49 10.55
N ASP A 129 -8.60 4.02 10.06
CA ASP A 129 -9.27 2.79 10.51
C ASP A 129 -8.76 2.32 11.87
N LYS A 130 -9.26 2.97 12.90
CA LYS A 130 -8.91 2.64 14.26
C LYS A 130 -9.06 1.14 14.45
N MET A 131 -10.22 0.64 14.10
CA MET A 131 -10.50 -0.80 14.14
C MET A 131 -10.24 -1.44 15.52
N ARG A 132 -10.47 -2.76 15.57
CA ARG A 132 -10.29 -3.57 16.76
C ARG A 132 -10.91 -2.95 18.01
N ASN A 133 -12.21 -3.18 18.18
CA ASN A 133 -12.95 -2.67 19.32
C ASN A 133 -13.07 -1.15 19.29
N ASP A 134 -12.01 -0.48 18.85
CA ASP A 134 -12.01 0.97 18.77
C ASP A 134 -12.55 1.46 17.43
N CYS A 1 -15.41 11.78 -20.94
CA CYS A 1 -15.37 10.91 -19.73
C CYS A 1 -14.07 10.11 -19.67
N THR A 2 -13.10 10.62 -18.92
CA THR A 2 -11.81 9.95 -18.78
C THR A 2 -11.21 9.62 -20.14
N ASP A 3 -11.50 10.45 -21.13
CA ASP A 3 -10.98 10.25 -22.48
C ASP A 3 -9.79 11.14 -22.75
N VAL A 4 -8.94 11.24 -21.74
CA VAL A 4 -7.74 12.06 -21.82
C VAL A 4 -6.50 11.19 -22.03
N SER A 5 -5.43 11.81 -22.54
CA SER A 5 -4.18 11.09 -22.78
C SER A 5 -3.11 11.51 -21.77
N HIS A 6 -3.18 10.94 -20.57
CA HIS A 6 -2.22 11.24 -19.53
C HIS A 6 -1.47 9.98 -19.08
N LYS A 7 -0.15 10.06 -19.09
CA LYS A 7 0.69 8.94 -18.70
C LYS A 7 0.56 8.68 -17.20
N VAL A 8 -0.46 7.89 -16.82
CA VAL A 8 -0.73 7.56 -15.43
C VAL A 8 -0.15 8.59 -14.46
N LEU A 9 -0.91 9.65 -14.23
CA LEU A 9 -0.47 10.72 -13.34
C LEU A 9 -1.20 10.66 -11.99
N ARG A 10 -2.07 9.67 -11.82
CA ARG A 10 -2.80 9.53 -10.58
C ARG A 10 -3.30 8.11 -10.37
N SER A 11 -3.49 7.78 -9.12
CA SER A 11 -3.99 6.47 -8.74
C SER A 11 -4.82 6.51 -7.48
N GLU A 12 -4.88 7.68 -6.89
CA GLU A 12 -5.60 7.93 -5.66
C GLU A 12 -5.07 7.07 -4.52
N THR A 13 -4.11 6.19 -4.84
CA THR A 13 -3.51 5.31 -3.86
C THR A 13 -2.29 5.97 -3.25
N VAL A 14 -1.62 5.29 -2.32
CA VAL A 14 -0.45 5.86 -1.71
C VAL A 14 0.66 5.94 -2.74
N LEU A 15 0.42 5.34 -3.88
CA LEU A 15 1.34 5.43 -5.00
C LEU A 15 1.08 6.76 -5.63
N ASP A 16 -0.20 7.07 -5.75
CA ASP A 16 -0.62 8.34 -6.32
C ASP A 16 -0.05 9.42 -5.44
N PHE A 17 -0.11 9.17 -4.14
CA PHE A 17 0.38 10.09 -3.15
C PHE A 17 1.92 10.12 -3.13
N MET A 18 2.51 8.93 -2.95
CA MET A 18 3.96 8.77 -2.87
C MET A 18 4.69 9.24 -4.15
N PHE A 19 4.25 8.83 -5.34
CA PHE A 19 4.94 9.30 -6.54
C PHE A 19 4.70 10.80 -6.71
N ASN A 20 3.49 11.23 -6.38
CA ASN A 20 3.15 12.65 -6.43
C ASN A 20 4.27 13.43 -5.76
N PHE A 21 4.77 12.81 -4.71
CA PHE A 21 5.85 13.35 -3.90
C PHE A 21 7.16 13.40 -4.67
N TYR A 22 7.48 12.34 -5.39
CA TYR A 22 8.72 12.33 -6.14
C TYR A 22 8.75 13.49 -7.12
N HIS A 23 7.59 14.04 -7.39
CA HIS A 23 7.47 15.20 -8.27
C HIS A 23 7.79 16.48 -7.50
N GLN A 24 8.17 16.31 -6.22
CA GLN A 24 8.48 17.43 -5.33
C GLN A 24 9.66 17.09 -4.42
N THR A 25 9.36 16.42 -3.32
CA THR A 25 10.35 16.04 -2.32
C THR A 25 11.44 15.15 -2.89
N GLU A 26 12.56 15.04 -2.16
CA GLU A 26 13.70 14.22 -2.59
C GLU A 26 13.72 12.88 -1.88
N GLU A 27 14.28 11.87 -2.55
CA GLU A 27 14.38 10.51 -2.04
C GLU A 27 14.36 10.41 -0.50
N HIS A 28 15.43 10.86 0.15
CA HIS A 28 15.52 10.77 1.61
C HIS A 28 14.31 11.40 2.29
N LYS A 29 14.11 12.71 2.11
CA LYS A 29 12.97 13.40 2.71
C LYS A 29 11.70 12.67 2.35
N PHE A 30 11.44 12.65 1.05
CA PHE A 30 10.30 11.99 0.46
C PHE A 30 9.91 10.73 1.23
N GLN A 31 10.68 9.66 1.04
CA GLN A 31 10.41 8.40 1.71
C GLN A 31 9.91 8.58 3.14
N GLU A 32 10.55 9.49 3.86
CA GLU A 32 10.16 9.79 5.23
C GLU A 32 8.72 10.29 5.32
N GLN A 33 8.45 11.43 4.70
CA GLN A 33 7.11 12.02 4.71
C GLN A 33 6.05 11.02 4.30
N VAL A 34 6.15 10.53 3.07
CA VAL A 34 5.17 9.59 2.55
C VAL A 34 5.01 8.40 3.47
N SER A 35 6.07 7.64 3.71
CA SER A 35 6.00 6.45 4.58
C SER A 35 5.05 6.76 5.73
N LYS A 36 5.34 7.87 6.39
CA LYS A 36 4.55 8.36 7.51
C LYS A 36 3.07 8.43 7.14
N GLU A 37 2.78 9.20 6.11
CA GLU A 37 1.42 9.37 5.65
C GLU A 37 0.72 8.03 5.54
N LEU A 38 1.34 7.12 4.81
CA LEU A 38 0.80 5.79 4.64
C LEU A 38 0.75 5.06 5.98
N ILE A 39 1.67 5.42 6.89
CA ILE A 39 1.73 4.77 8.20
C ILE A 39 0.46 5.04 9.01
N GLY A 40 0.06 4.02 9.78
CA GLY A 40 -1.16 4.11 10.57
C GLY A 40 -2.37 4.52 9.74
N LEU A 41 -2.18 4.53 8.42
CA LEU A 41 -3.22 4.95 7.48
C LEU A 41 -3.84 3.76 6.76
N VAL A 42 -5.16 3.66 6.79
CA VAL A 42 -5.83 2.56 6.09
C VAL A 42 -5.89 2.86 4.61
N VAL A 43 -5.83 1.81 3.83
CA VAL A 43 -5.90 1.97 2.43
C VAL A 43 -6.77 0.90 1.82
N LEU A 44 -7.82 1.32 1.13
CA LEU A 44 -8.66 0.35 0.50
C LEU A 44 -8.08 0.08 -0.86
N THR A 45 -7.63 -1.13 -1.00
CA THR A 45 -7.00 -1.59 -2.21
C THR A 45 -8.02 -1.89 -3.27
N LYS A 46 -7.57 -1.95 -4.51
CA LYS A 46 -8.48 -2.19 -5.59
C LYS A 46 -8.57 -3.70 -5.88
N TYR A 47 -7.80 -4.50 -5.15
CA TYR A 47 -7.83 -5.95 -5.32
C TYR A 47 -9.27 -6.41 -5.37
N ASN A 48 -10.02 -5.91 -4.40
CA ASN A 48 -11.42 -6.21 -4.24
C ASN A 48 -11.98 -5.27 -3.17
N ASN A 49 -11.41 -4.08 -3.12
CA ASN A 49 -11.80 -3.05 -2.16
C ASN A 49 -11.50 -3.50 -0.74
N LYS A 50 -10.21 -3.47 -0.36
CA LYS A 50 -9.82 -3.90 0.98
C LYS A 50 -9.05 -2.83 1.73
N THR A 51 -9.50 -2.51 2.93
CA THR A 51 -8.87 -1.46 3.72
C THR A 51 -7.84 -2.01 4.68
N TYR A 52 -6.64 -1.47 4.59
CA TYR A 52 -5.54 -1.89 5.45
C TYR A 52 -4.75 -0.74 6.03
N ARG A 53 -4.62 -0.73 7.35
CA ARG A 53 -3.83 0.31 7.99
C ARG A 53 -2.35 0.03 7.74
N VAL A 54 -1.80 0.66 6.71
CA VAL A 54 -0.39 0.51 6.41
C VAL A 54 0.39 1.19 7.53
N ASP A 55 1.13 0.39 8.27
CA ASP A 55 1.92 0.91 9.38
C ASP A 55 3.39 0.63 9.14
N ASP A 56 3.67 0.10 7.96
CA ASP A 56 5.02 -0.20 7.55
C ASP A 56 5.12 -0.14 6.04
N ILE A 57 6.25 0.34 5.55
CA ILE A 57 6.49 0.43 4.13
C ILE A 57 7.73 -0.36 3.76
N ASP A 58 7.55 -1.55 3.21
CA ASP A 58 8.68 -2.37 2.83
C ASP A 58 9.29 -1.84 1.55
N TRP A 59 10.20 -0.86 1.71
CA TRP A 59 10.86 -0.25 0.56
C TRP A 59 11.90 -1.17 -0.05
N ASP A 60 11.97 -2.39 0.46
CA ASP A 60 12.89 -3.37 -0.06
C ASP A 60 12.21 -4.17 -1.17
N GLN A 61 10.90 -4.29 -1.05
CA GLN A 61 10.09 -5.02 -2.01
C GLN A 61 9.32 -4.08 -2.93
N ASN A 62 8.62 -4.66 -3.89
CA ASN A 62 7.79 -3.92 -4.83
C ASN A 62 6.74 -4.86 -5.40
N PRO A 63 5.67 -4.34 -6.05
CA PRO A 63 4.61 -5.18 -6.61
C PRO A 63 5.11 -6.19 -7.63
N LYS A 64 6.42 -6.31 -7.78
CA LYS A 64 7.00 -7.27 -8.70
C LYS A 64 7.73 -8.37 -7.94
N SER A 65 8.23 -8.00 -6.75
CA SER A 65 8.94 -8.93 -5.89
C SER A 65 8.00 -10.02 -5.42
N THR A 66 8.54 -11.15 -4.99
CA THR A 66 7.70 -12.24 -4.52
C THR A 66 7.59 -12.26 -3.01
N PHE A 67 6.44 -12.69 -2.53
CA PHE A 67 6.18 -12.75 -1.10
C PHE A 67 5.31 -13.94 -0.80
N LYS A 68 5.43 -14.49 0.40
CA LYS A 68 4.62 -15.63 0.74
C LYS A 68 3.43 -15.17 1.58
N LYS A 69 2.30 -14.94 0.88
CA LYS A 69 1.03 -14.48 1.45
C LYS A 69 0.93 -14.55 2.95
N ALA A 70 1.84 -13.88 3.65
CA ALA A 70 1.85 -13.91 5.10
C ALA A 70 2.00 -15.34 5.62
N ASP A 71 1.01 -16.17 5.32
CA ASP A 71 1.03 -17.57 5.72
C ASP A 71 2.25 -18.28 5.14
N GLY A 72 2.43 -18.16 3.83
CA GLY A 72 3.58 -18.80 3.21
C GLY A 72 3.42 -19.09 1.72
N SER A 73 2.32 -18.71 1.11
CA SER A 73 2.17 -18.93 -0.34
C SER A 73 2.98 -17.85 -1.05
N GLU A 74 4.05 -18.26 -1.72
CA GLU A 74 4.94 -17.31 -2.38
C GLU A 74 4.51 -16.95 -3.80
N VAL A 75 4.10 -15.69 -3.97
CA VAL A 75 3.69 -15.16 -5.26
C VAL A 75 4.18 -13.74 -5.44
N SER A 76 4.55 -13.38 -6.65
CA SER A 76 4.97 -12.02 -6.92
C SER A 76 3.82 -11.10 -6.57
N PHE A 77 4.08 -10.12 -5.73
CA PHE A 77 3.05 -9.18 -5.31
C PHE A 77 2.04 -8.93 -6.44
N LEU A 78 2.54 -8.64 -7.63
CA LEU A 78 1.69 -8.39 -8.76
C LEU A 78 0.73 -9.55 -9.00
N GLU A 79 1.27 -10.77 -9.01
CA GLU A 79 0.46 -11.96 -9.21
C GLU A 79 -0.66 -12.02 -8.20
N TYR A 80 -0.30 -11.91 -6.93
CA TYR A 80 -1.24 -11.92 -5.84
C TYR A 80 -2.47 -11.07 -6.15
N TYR A 81 -2.24 -9.83 -6.56
CA TYR A 81 -3.31 -8.88 -6.84
C TYR A 81 -3.93 -9.07 -8.22
N ARG A 82 -3.12 -8.84 -9.25
CA ARG A 82 -3.56 -8.95 -10.64
C ARG A 82 -4.15 -10.32 -11.00
N LYS A 83 -3.56 -11.39 -10.50
CA LYS A 83 -4.02 -12.72 -10.84
C LYS A 83 -5.04 -13.30 -9.86
N GLN A 84 -4.94 -13.02 -8.56
CA GLN A 84 -5.89 -13.58 -7.61
C GLN A 84 -7.04 -12.60 -7.33
N TYR A 85 -6.84 -11.33 -7.64
CA TYR A 85 -7.89 -10.33 -7.41
C TYR A 85 -8.24 -9.58 -8.68
N ASN A 86 -7.39 -9.72 -9.70
CA ASN A 86 -7.58 -9.07 -10.99
C ASN A 86 -7.17 -7.60 -10.98
N GLN A 87 -6.18 -7.24 -10.14
CA GLN A 87 -5.71 -5.87 -10.09
C GLN A 87 -4.40 -5.70 -10.83
N GLU A 88 -4.50 -5.39 -12.11
CA GLU A 88 -3.32 -5.17 -12.92
C GLU A 88 -2.58 -3.98 -12.39
N ILE A 89 -1.37 -4.22 -11.96
CA ILE A 89 -0.54 -3.18 -11.40
C ILE A 89 0.24 -2.44 -12.47
N THR A 90 1.27 -3.09 -13.00
CA THR A 90 2.10 -2.50 -14.04
C THR A 90 2.88 -1.30 -13.51
N ASP A 91 2.56 -0.91 -12.30
CA ASP A 91 3.22 0.19 -11.62
C ASP A 91 3.98 -0.40 -10.47
N LEU A 92 4.62 -1.53 -10.72
CA LEU A 92 5.34 -2.24 -9.68
C LEU A 92 6.66 -1.58 -9.40
N LYS A 93 6.68 -0.27 -9.55
CA LYS A 93 7.87 0.49 -9.34
C LYS A 93 7.90 1.14 -7.96
N GLN A 94 6.87 0.93 -7.12
CA GLN A 94 6.89 1.50 -5.81
C GLN A 94 7.07 0.41 -4.76
N PRO A 95 7.36 0.77 -3.51
CA PRO A 95 7.58 -0.22 -2.45
C PRO A 95 6.33 -0.94 -2.04
N VAL A 96 6.28 -1.34 -0.78
CA VAL A 96 5.13 -2.04 -0.23
C VAL A 96 4.67 -1.36 1.02
N LEU A 97 3.49 -1.71 1.45
CA LEU A 97 2.92 -1.15 2.65
C LEU A 97 2.44 -2.27 3.54
N VAL A 98 3.33 -2.75 4.38
CA VAL A 98 2.99 -3.81 5.28
C VAL A 98 2.11 -3.22 6.37
N SER A 99 0.81 -3.47 6.19
CA SER A 99 -0.21 -2.99 7.11
C SER A 99 -0.16 -3.75 8.41
N GLN A 100 0.14 -3.04 9.49
CA GLN A 100 0.24 -3.69 10.79
C GLN A 100 -1.15 -3.91 11.37
N PRO A 101 -1.44 -5.13 11.81
CA PRO A 101 -2.73 -5.47 12.40
C PRO A 101 -3.15 -4.49 13.49
N LYS A 102 -4.41 -4.10 13.45
CA LYS A 102 -4.97 -3.17 14.42
C LYS A 102 -5.40 -3.93 15.67
N ARG A 103 -4.80 -5.11 15.84
CA ARG A 103 -5.09 -5.99 16.96
C ARG A 103 -5.33 -5.22 18.26
N ARG A 104 -6.60 -4.92 18.53
CA ARG A 104 -6.97 -4.20 19.74
C ARG A 104 -6.55 -4.99 20.98
N ARG A 105 -7.33 -6.01 21.33
CA ARG A 105 -7.04 -6.84 22.50
C ARG A 105 -8.00 -8.01 22.62
N GLY A 106 -8.81 -8.27 21.60
CA GLY A 106 -9.75 -9.37 21.67
C GLY A 106 -11.05 -9.12 20.94
N PRO A 107 -11.98 -8.45 21.62
CA PRO A 107 -13.31 -8.13 21.10
C PRO A 107 -13.31 -7.65 19.65
N GLY A 108 -13.00 -6.37 19.46
CA GLY A 108 -12.97 -5.82 18.12
C GLY A 108 -11.55 -5.60 17.64
N GLY A 109 -10.69 -6.57 17.90
CA GLY A 109 -9.31 -6.47 17.49
C GLY A 109 -8.65 -7.81 17.31
N THR A 110 -7.45 -7.94 17.86
CA THR A 110 -6.66 -9.16 17.74
C THR A 110 -6.67 -9.62 16.30
N LEU A 111 -6.38 -8.64 15.44
CA LEU A 111 -6.35 -8.81 14.00
C LEU A 111 -5.53 -9.99 13.53
N PRO A 112 -5.56 -10.24 12.21
CA PRO A 112 -4.78 -11.29 11.59
C PRO A 112 -3.39 -10.80 11.20
N GLY A 113 -2.77 -11.47 10.25
CA GLY A 113 -1.43 -11.11 9.81
C GLY A 113 -1.41 -9.81 9.01
N PRO A 114 -0.26 -9.08 8.99
CA PRO A 114 -0.12 -7.83 8.27
C PRO A 114 -0.58 -7.90 6.81
N ALA A 115 -0.47 -6.78 6.12
CA ALA A 115 -0.88 -6.70 4.72
C ALA A 115 0.17 -6.00 3.87
N MET A 116 1.06 -6.77 3.25
CA MET A 116 2.05 -6.17 2.37
C MET A 116 1.27 -5.66 1.18
N LEU A 117 0.93 -4.39 1.25
CA LEU A 117 0.10 -3.73 0.26
C LEU A 117 0.85 -3.15 -0.92
N ILE A 118 0.11 -2.91 -1.98
CA ILE A 118 0.66 -2.29 -3.18
C ILE A 118 0.32 -0.80 -3.11
N PRO A 119 1.33 0.08 -3.03
CA PRO A 119 1.10 1.52 -2.96
C PRO A 119 0.23 1.96 -4.14
N GLU A 120 0.30 1.19 -5.23
CA GLU A 120 -0.45 1.49 -6.47
C GLU A 120 -1.92 1.11 -6.37
N LEU A 121 -2.24 0.06 -5.62
CA LEU A 121 -3.62 -0.40 -5.51
C LEU A 121 -4.27 0.08 -4.21
N CYS A 122 -3.46 0.56 -3.27
CA CYS A 122 -3.94 1.03 -1.97
C CYS A 122 -4.60 2.41 -2.03
N TYR A 123 -5.84 2.48 -2.52
CA TYR A 123 -6.53 3.77 -2.60
C TYR A 123 -6.53 4.48 -1.24
N LEU A 124 -5.82 5.60 -1.16
CA LEU A 124 -5.72 6.40 0.06
C LEU A 124 -7.10 6.62 0.68
N THR A 125 -7.24 6.25 1.96
CA THR A 125 -8.52 6.42 2.65
C THR A 125 -8.45 7.58 3.66
N GLY A 126 -7.38 7.59 4.45
CA GLY A 126 -7.24 8.62 5.46
C GLY A 126 -8.16 8.31 6.62
N LEU A 127 -8.69 7.11 6.54
CA LEU A 127 -9.62 6.56 7.52
C LEU A 127 -8.97 6.24 8.86
N THR A 128 -7.73 5.77 8.84
CA THR A 128 -7.02 5.40 10.06
C THR A 128 -7.60 4.10 10.61
N ASP A 129 -8.86 3.87 10.23
CA ASP A 129 -9.64 2.71 10.65
C ASP A 129 -9.09 2.06 11.92
N LYS A 130 -9.46 2.65 13.04
CA LYS A 130 -9.04 2.17 14.34
C LYS A 130 -9.43 0.72 14.54
N MET A 131 -10.66 0.45 14.13
CA MET A 131 -11.29 -0.87 14.15
C MET A 131 -10.32 -2.03 13.84
N ARG A 132 -10.84 -3.25 13.91
CA ARG A 132 -10.06 -4.44 13.59
C ARG A 132 -9.91 -4.57 12.08
N ASN A 133 -11.01 -4.97 11.48
CA ASN A 133 -11.10 -5.17 10.03
C ASN A 133 -12.46 -5.79 9.70
N ASP A 134 -13.00 -6.55 10.65
CA ASP A 134 -14.30 -7.20 10.47
C ASP A 134 -15.41 -6.17 10.30
N CYS A 1 5.66 20.55 -26.00
CA CYS A 1 5.89 19.20 -25.44
C CYS A 1 4.63 18.68 -24.75
N THR A 2 3.49 19.25 -25.10
CA THR A 2 2.21 18.84 -24.51
C THR A 2 1.60 17.68 -25.28
N ASP A 3 1.46 16.54 -24.60
CA ASP A 3 0.89 15.35 -25.22
C ASP A 3 -0.63 15.35 -25.11
N VAL A 4 -1.30 14.83 -26.13
CA VAL A 4 -2.75 14.77 -26.16
C VAL A 4 -3.23 13.32 -26.24
N SER A 5 -2.41 12.43 -25.74
CA SER A 5 -2.72 11.01 -25.73
C SER A 5 -3.35 10.60 -24.41
N HIS A 6 -2.80 11.09 -23.31
CA HIS A 6 -3.31 10.78 -21.99
C HIS A 6 -3.21 12.00 -21.06
N LYS A 7 -4.31 12.28 -20.36
CA LYS A 7 -4.36 13.41 -19.44
C LYS A 7 -3.82 13.02 -18.08
N VAL A 8 -2.49 13.02 -17.96
CA VAL A 8 -1.80 12.65 -16.72
C VAL A 8 -2.65 11.73 -15.85
N LEU A 9 -2.67 10.44 -16.20
CA LEU A 9 -3.46 9.46 -15.47
C LEU A 9 -2.63 8.74 -14.41
N ARG A 10 -2.98 8.96 -13.15
CA ARG A 10 -2.31 8.33 -12.04
C ARG A 10 -3.36 7.81 -11.08
N SER A 11 -2.95 7.01 -10.11
CA SER A 11 -3.90 6.46 -9.16
C SER A 11 -4.35 7.49 -8.16
N GLU A 12 -4.88 6.99 -7.05
CA GLU A 12 -5.31 7.80 -5.94
C GLU A 12 -4.91 7.06 -4.68
N THR A 13 -4.21 5.96 -4.93
CA THR A 13 -3.67 5.11 -3.89
C THR A 13 -2.44 5.77 -3.31
N VAL A 14 -1.72 5.08 -2.45
CA VAL A 14 -0.51 5.66 -1.92
C VAL A 14 0.47 5.87 -3.07
N LEU A 15 0.72 4.82 -3.86
CA LEU A 15 1.58 4.94 -5.04
C LEU A 15 1.25 6.24 -5.76
N ASP A 16 -0.03 6.62 -5.73
CA ASP A 16 -0.46 7.87 -6.35
C ASP A 16 0.07 9.03 -5.53
N PHE A 17 -0.08 8.91 -4.21
CA PHE A 17 0.40 9.91 -3.29
C PHE A 17 1.95 9.93 -3.26
N MET A 18 2.55 8.84 -2.77
CA MET A 18 4.00 8.70 -2.72
C MET A 18 4.63 9.28 -4.01
N PHE A 19 3.96 9.05 -5.15
CA PHE A 19 4.45 9.56 -6.43
C PHE A 19 4.39 11.08 -6.47
N ASN A 20 3.19 11.59 -6.18
CA ASN A 20 2.95 13.04 -6.13
C ASN A 20 4.14 13.73 -5.49
N PHE A 21 4.75 13.01 -4.57
CA PHE A 21 5.90 13.48 -3.83
C PHE A 21 7.17 13.49 -4.64
N TYR A 22 7.49 12.37 -5.28
CA TYR A 22 8.70 12.29 -6.07
C TYR A 22 8.72 13.37 -7.15
N HIS A 23 7.55 13.95 -7.40
CA HIS A 23 7.42 15.03 -8.38
C HIS A 23 7.81 16.35 -7.72
N GLN A 24 8.23 16.24 -6.45
CA GLN A 24 8.62 17.40 -5.64
C GLN A 24 9.73 17.03 -4.66
N THR A 25 9.31 16.40 -3.56
CA THR A 25 10.20 15.96 -2.49
C THR A 25 11.44 15.26 -3.03
N GLU A 26 12.54 15.41 -2.30
CA GLU A 26 13.80 14.78 -2.68
C GLU A 26 13.71 13.27 -2.54
N GLU A 27 14.85 12.61 -2.30
CA GLU A 27 14.86 11.17 -2.10
C GLU A 27 14.67 10.82 -0.61
N HIS A 28 15.57 11.31 0.22
CA HIS A 28 15.53 11.05 1.66
C HIS A 28 14.29 11.65 2.32
N LYS A 29 14.15 12.98 2.28
CA LYS A 29 12.99 13.64 2.88
C LYS A 29 11.73 12.92 2.45
N PHE A 30 11.54 12.90 1.14
CA PHE A 30 10.41 12.24 0.53
C PHE A 30 10.00 10.99 1.31
N GLN A 31 10.76 9.92 1.16
CA GLN A 31 10.47 8.66 1.83
C GLN A 31 9.93 8.86 3.23
N GLU A 32 10.54 9.77 3.97
CA GLU A 32 10.12 10.05 5.34
C GLU A 32 8.66 10.52 5.39
N GLN A 33 8.39 11.68 4.79
CA GLN A 33 7.03 12.25 4.79
C GLN A 33 5.99 11.24 4.33
N VAL A 34 6.17 10.72 3.13
CA VAL A 34 5.22 9.76 2.58
C VAL A 34 5.09 8.54 3.48
N SER A 35 6.20 7.86 3.75
CA SER A 35 6.16 6.67 4.60
C SER A 35 5.25 6.94 5.78
N LYS A 36 5.39 8.13 6.31
CA LYS A 36 4.59 8.58 7.44
C LYS A 36 3.13 8.55 7.06
N GLU A 37 2.82 9.28 6.00
CA GLU A 37 1.47 9.38 5.51
C GLU A 37 0.83 8.02 5.36
N LEU A 38 1.48 7.14 4.60
CA LEU A 38 0.95 5.80 4.42
C LEU A 38 0.88 5.09 5.76
N ILE A 39 1.79 5.41 6.70
CA ILE A 39 1.81 4.79 8.01
C ILE A 39 0.59 5.20 8.86
N GLY A 40 0.08 4.24 9.64
CA GLY A 40 -1.09 4.48 10.47
C GLY A 40 -2.30 4.84 9.65
N LEU A 41 -2.12 4.78 8.33
CA LEU A 41 -3.15 5.13 7.36
C LEU A 41 -3.76 3.90 6.71
N VAL A 42 -5.07 3.76 6.80
CA VAL A 42 -5.75 2.63 6.15
C VAL A 42 -5.87 2.90 4.68
N VAL A 43 -5.77 1.85 3.90
CA VAL A 43 -5.86 2.00 2.49
C VAL A 43 -6.69 0.88 1.91
N LEU A 44 -7.75 1.24 1.21
CA LEU A 44 -8.55 0.21 0.60
C LEU A 44 -7.98 -0.08 -0.75
N THR A 45 -7.64 -1.32 -0.94
CA THR A 45 -7.07 -1.75 -2.18
C THR A 45 -8.16 -1.88 -3.21
N LYS A 46 -7.81 -1.86 -4.47
CA LYS A 46 -8.82 -1.87 -5.51
C LYS A 46 -9.18 -3.27 -6.02
N TYR A 47 -8.51 -4.33 -5.56
CA TYR A 47 -8.87 -5.64 -6.06
C TYR A 47 -10.24 -6.04 -5.54
N ASN A 48 -10.25 -6.58 -4.34
CA ASN A 48 -11.48 -6.99 -3.70
C ASN A 48 -11.96 -5.86 -2.78
N ASN A 49 -11.38 -4.68 -3.00
CA ASN A 49 -11.71 -3.50 -2.20
C ASN A 49 -11.48 -3.78 -0.72
N LYS A 50 -10.22 -3.74 -0.29
CA LYS A 50 -9.95 -4.01 1.13
C LYS A 50 -9.08 -2.97 1.81
N THR A 51 -9.57 -2.48 2.94
CA THR A 51 -8.88 -1.44 3.71
C THR A 51 -7.83 -2.05 4.62
N TYR A 52 -6.62 -1.52 4.53
CA TYR A 52 -5.51 -1.98 5.35
C TYR A 52 -4.71 -0.83 5.90
N ARG A 53 -4.57 -0.78 7.21
CA ARG A 53 -3.82 0.27 7.82
C ARG A 53 -2.33 0.06 7.64
N VAL A 54 -1.77 0.69 6.62
CA VAL A 54 -0.35 0.59 6.35
C VAL A 54 0.38 1.30 7.46
N ASP A 55 1.15 0.54 8.22
CA ASP A 55 1.93 1.09 9.33
C ASP A 55 3.39 0.75 9.14
N ASP A 56 3.65 0.11 8.01
CA ASP A 56 4.99 -0.29 7.63
C ASP A 56 5.11 -0.22 6.12
N ILE A 57 6.31 0.07 5.66
CA ILE A 57 6.57 0.19 4.24
C ILE A 57 7.86 -0.52 3.89
N ASP A 58 7.74 -1.70 3.33
CA ASP A 58 8.93 -2.46 2.98
C ASP A 58 9.58 -1.88 1.73
N TRP A 59 10.44 -0.87 1.94
CA TRP A 59 11.15 -0.24 0.84
C TRP A 59 12.25 -1.12 0.28
N ASP A 60 12.01 -2.42 0.33
CA ASP A 60 12.94 -3.39 -0.21
C ASP A 60 12.25 -4.22 -1.28
N GLN A 61 10.93 -4.32 -1.12
CA GLN A 61 10.10 -5.06 -2.06
C GLN A 61 9.40 -4.12 -3.02
N ASN A 62 8.39 -4.66 -3.68
CA ASN A 62 7.57 -3.93 -4.64
C ASN A 62 6.57 -4.89 -5.28
N PRO A 63 5.51 -4.39 -5.93
CA PRO A 63 4.49 -5.23 -6.55
C PRO A 63 5.04 -6.20 -7.60
N LYS A 64 6.36 -6.30 -7.70
CA LYS A 64 6.97 -7.22 -8.64
C LYS A 64 7.75 -8.31 -7.90
N SER A 65 8.14 -7.99 -6.66
CA SER A 65 8.86 -8.94 -5.82
C SER A 65 7.91 -10.03 -5.38
N THR A 66 8.45 -11.13 -4.87
CA THR A 66 7.60 -12.23 -4.44
C THR A 66 7.39 -12.22 -2.92
N PHE A 67 6.27 -12.80 -2.49
CA PHE A 67 5.92 -12.88 -1.09
C PHE A 67 5.03 -14.07 -0.85
N LYS A 68 5.13 -14.68 0.32
CA LYS A 68 4.28 -15.82 0.57
C LYS A 68 3.07 -15.36 1.38
N LYS A 69 1.98 -15.07 0.64
CA LYS A 69 0.70 -14.60 1.19
C LYS A 69 0.57 -14.69 2.69
N ALA A 70 1.46 -14.05 3.42
CA ALA A 70 1.44 -14.08 4.87
C ALA A 70 1.55 -15.53 5.37
N ASP A 71 0.53 -16.33 5.06
CA ASP A 71 0.51 -17.73 5.44
C ASP A 71 1.71 -18.46 4.87
N GLY A 72 1.94 -18.30 3.57
CA GLY A 72 3.07 -18.94 2.95
C GLY A 72 2.92 -19.23 1.47
N SER A 73 1.87 -18.72 0.82
CA SER A 73 1.74 -18.93 -0.61
C SER A 73 2.62 -17.90 -1.31
N GLU A 74 3.69 -18.35 -1.94
CA GLU A 74 4.65 -17.46 -2.56
C GLU A 74 4.30 -17.04 -3.99
N VAL A 75 3.95 -15.77 -4.14
CA VAL A 75 3.64 -15.19 -5.43
C VAL A 75 4.23 -13.80 -5.54
N SER A 76 4.53 -13.38 -6.75
CA SER A 76 5.01 -12.03 -6.97
C SER A 76 3.85 -11.10 -6.69
N PHE A 77 4.03 -10.18 -5.76
CA PHE A 77 2.99 -9.25 -5.37
C PHE A 77 2.02 -8.96 -6.51
N LEU A 78 2.54 -8.68 -7.69
CA LEU A 78 1.69 -8.38 -8.83
C LEU A 78 0.73 -9.52 -9.11
N GLU A 79 1.26 -10.74 -9.16
CA GLU A 79 0.45 -11.92 -9.43
C GLU A 79 -0.70 -12.02 -8.44
N TYR A 80 -0.37 -11.93 -7.17
CA TYR A 80 -1.36 -11.97 -6.11
C TYR A 80 -2.57 -11.11 -6.44
N TYR A 81 -2.32 -9.84 -6.72
CA TYR A 81 -3.38 -8.89 -7.00
C TYR A 81 -3.95 -9.03 -8.42
N ARG A 82 -3.11 -8.81 -9.41
CA ARG A 82 -3.53 -8.87 -10.82
C ARG A 82 -4.03 -10.24 -11.27
N LYS A 83 -3.37 -11.31 -10.86
CA LYS A 83 -3.76 -12.64 -11.29
C LYS A 83 -4.77 -13.33 -10.37
N GLN A 84 -4.71 -13.09 -9.07
CA GLN A 84 -5.66 -13.73 -8.15
C GLN A 84 -6.85 -12.82 -7.85
N TYR A 85 -6.71 -11.52 -8.11
CA TYR A 85 -7.79 -10.57 -7.86
C TYR A 85 -8.17 -9.77 -9.10
N ASN A 86 -7.27 -9.77 -10.08
CA ASN A 86 -7.48 -9.05 -11.34
C ASN A 86 -7.08 -7.58 -11.26
N GLN A 87 -6.10 -7.25 -10.41
CA GLN A 87 -5.65 -5.86 -10.30
C GLN A 87 -4.31 -5.67 -10.99
N GLU A 88 -4.36 -5.34 -12.26
CA GLU A 88 -3.14 -5.10 -13.03
C GLU A 88 -2.44 -3.88 -12.48
N ILE A 89 -1.34 -4.14 -11.80
CA ILE A 89 -0.57 -3.09 -11.18
C ILE A 89 0.19 -2.23 -12.17
N THR A 90 1.24 -2.79 -12.75
CA THR A 90 2.05 -2.07 -13.73
C THR A 90 2.86 -0.95 -13.08
N ASP A 91 2.48 -0.60 -11.86
CA ASP A 91 3.18 0.44 -11.10
C ASP A 91 3.91 -0.24 -9.98
N LEU A 92 4.54 -1.34 -10.32
CA LEU A 92 5.26 -2.15 -9.37
C LEU A 92 6.62 -1.56 -9.09
N LYS A 93 6.72 -0.29 -9.33
CA LYS A 93 7.96 0.40 -9.14
C LYS A 93 8.08 1.00 -7.75
N GLN A 94 7.08 0.79 -6.88
CA GLN A 94 7.21 1.31 -5.55
C GLN A 94 7.23 0.16 -4.55
N PRO A 95 7.64 0.42 -3.30
CA PRO A 95 7.75 -0.65 -2.32
C PRO A 95 6.42 -1.21 -1.90
N VAL A 96 6.37 -1.68 -0.68
CA VAL A 96 5.16 -2.26 -0.15
C VAL A 96 4.72 -1.53 1.08
N LEU A 97 3.47 -1.73 1.41
CA LEU A 97 2.91 -1.12 2.58
C LEU A 97 2.42 -2.21 3.48
N VAL A 98 3.31 -2.71 4.32
CA VAL A 98 2.95 -3.76 5.22
C VAL A 98 2.10 -3.15 6.30
N SER A 99 0.79 -3.38 6.16
CA SER A 99 -0.18 -2.85 7.08
C SER A 99 -0.02 -3.55 8.40
N GLN A 100 0.39 -2.80 9.40
CA GLN A 100 0.61 -3.36 10.71
C GLN A 100 -0.59 -3.10 11.61
N PRO A 101 -1.43 -4.12 11.79
CA PRO A 101 -2.61 -4.04 12.62
C PRO A 101 -2.40 -4.62 14.00
N LYS A 102 -1.50 -5.56 14.05
CA LYS A 102 -1.17 -6.26 15.28
C LYS A 102 -0.38 -5.38 16.25
N ARG A 103 -1.04 -4.36 16.78
CA ARG A 103 -0.42 -3.46 17.74
C ARG A 103 0.03 -4.24 18.99
N ARG A 104 -0.85 -5.12 19.47
CA ARG A 104 -0.56 -5.93 20.65
C ARG A 104 -1.09 -7.35 20.46
N ARG A 105 -1.15 -8.11 21.55
CA ARG A 105 -1.68 -9.47 21.48
C ARG A 105 -3.07 -9.48 20.88
N GLY A 106 -3.85 -8.46 21.23
CA GLY A 106 -5.20 -8.32 20.72
C GLY A 106 -6.15 -9.36 21.25
N PRO A 107 -7.05 -8.96 22.16
CA PRO A 107 -8.05 -9.86 22.76
C PRO A 107 -9.15 -10.24 21.77
N GLY A 108 -9.56 -9.26 20.96
CA GLY A 108 -10.60 -9.49 19.97
C GLY A 108 -10.28 -8.84 18.63
N GLY A 109 -9.73 -7.62 18.68
CA GLY A 109 -9.37 -6.90 17.48
C GLY A 109 -8.71 -7.76 16.44
N THR A 110 -8.92 -7.42 15.18
CA THR A 110 -8.31 -8.16 14.06
C THR A 110 -6.87 -7.72 13.89
N LEU A 111 -6.30 -7.34 15.01
CA LEU A 111 -4.93 -6.86 15.08
C LEU A 111 -3.96 -7.69 14.25
N PRO A 112 -3.86 -8.98 14.59
CA PRO A 112 -2.93 -9.90 13.96
C PRO A 112 -3.04 -10.02 12.46
N GLY A 113 -1.88 -10.30 11.89
CA GLY A 113 -1.71 -10.51 10.46
C GLY A 113 -1.67 -9.23 9.62
N PRO A 114 -0.46 -8.73 9.30
CA PRO A 114 -0.26 -7.54 8.48
C PRO A 114 -0.80 -7.68 7.07
N ALA A 115 -0.60 -6.61 6.28
CA ALA A 115 -1.05 -6.58 4.88
C ALA A 115 0.01 -5.97 3.99
N MET A 116 0.87 -6.80 3.40
CA MET A 116 1.88 -6.28 2.49
C MET A 116 1.13 -5.77 1.28
N LEU A 117 0.89 -4.47 1.31
CA LEU A 117 0.08 -3.78 0.33
C LEU A 117 0.84 -3.21 -0.86
N ILE A 118 0.09 -3.03 -1.96
CA ILE A 118 0.64 -2.43 -3.17
C ILE A 118 0.29 -0.96 -3.19
N PRO A 119 1.30 -0.07 -3.10
CA PRO A 119 1.06 1.36 -3.11
C PRO A 119 0.10 1.75 -4.23
N GLU A 120 0.22 1.02 -5.35
CA GLU A 120 -0.59 1.28 -6.55
C GLU A 120 -2.05 0.92 -6.41
N LEU A 121 -2.36 -0.10 -5.61
CA LEU A 121 -3.74 -0.55 -5.46
C LEU A 121 -4.41 -0.07 -4.18
N CYS A 122 -3.62 0.40 -3.23
CA CYS A 122 -4.18 0.84 -1.94
C CYS A 122 -4.68 2.28 -1.98
N TYR A 123 -5.91 2.45 -2.51
CA TYR A 123 -6.55 3.76 -2.58
C TYR A 123 -6.50 4.45 -1.22
N LEU A 124 -5.84 5.61 -1.17
CA LEU A 124 -5.73 6.37 0.06
C LEU A 124 -7.11 6.60 0.66
N THR A 125 -7.32 6.13 1.88
CA THR A 125 -8.61 6.28 2.55
C THR A 125 -8.62 7.49 3.47
N GLY A 126 -7.55 7.63 4.25
CA GLY A 126 -7.47 8.70 5.22
C GLY A 126 -8.37 8.37 6.38
N LEU A 127 -8.83 7.14 6.34
CA LEU A 127 -9.73 6.58 7.33
C LEU A 127 -9.07 6.40 8.68
N THR A 128 -7.79 6.03 8.67
CA THR A 128 -7.06 5.81 9.92
C THR A 128 -7.61 4.57 10.63
N ASP A 129 -8.79 4.16 10.18
CA ASP A 129 -9.55 3.03 10.73
C ASP A 129 -9.00 2.57 12.05
N LYS A 130 -9.16 3.43 13.05
CA LYS A 130 -8.71 3.16 14.40
C LYS A 130 -8.80 1.68 14.67
N MET A 131 -10.00 1.14 14.51
CA MET A 131 -10.23 -0.31 14.66
C MET A 131 -9.53 -0.90 15.89
N ARG A 132 -9.64 -2.22 16.03
CA ARG A 132 -8.96 -2.96 17.06
C ARG A 132 -9.43 -2.65 18.46
N ASN A 133 -8.79 -3.30 19.43
CA ASN A 133 -9.12 -3.13 20.82
C ASN A 133 -10.63 -3.29 21.00
N ASP A 134 -11.26 -3.88 19.99
CA ASP A 134 -12.70 -4.11 20.01
C ASP A 134 -13.05 -5.28 20.92
N CYS A 1 2.65 22.52 -30.46
CA CYS A 1 2.63 22.22 -29.00
C CYS A 1 1.22 21.97 -28.51
N THR A 2 1.00 20.78 -27.96
CA THR A 2 -0.32 20.40 -27.45
C THR A 2 -0.53 20.94 -26.04
N ASP A 3 -1.80 21.07 -25.66
CA ASP A 3 -2.16 21.57 -24.33
C ASP A 3 -2.59 20.43 -23.41
N VAL A 4 -1.83 20.21 -22.34
CA VAL A 4 -2.13 19.15 -21.39
C VAL A 4 -2.50 19.71 -20.03
N SER A 5 -3.49 19.07 -19.41
CA SER A 5 -3.94 19.49 -18.10
C SER A 5 -3.83 18.34 -17.09
N HIS A 6 -4.22 18.60 -15.86
CA HIS A 6 -4.17 17.59 -14.80
C HIS A 6 -2.75 17.08 -14.60
N LYS A 7 -2.01 17.76 -13.71
CA LYS A 7 -0.63 17.40 -13.40
C LYS A 7 -0.45 15.90 -13.29
N VAL A 8 -0.15 15.30 -14.45
CA VAL A 8 0.07 13.86 -14.58
C VAL A 8 -0.53 13.06 -13.42
N LEU A 9 -1.78 12.66 -13.59
CA LEU A 9 -2.47 11.88 -12.59
C LEU A 9 -2.15 10.39 -12.76
N ARG A 10 -2.21 9.66 -11.67
CA ARG A 10 -1.92 8.25 -11.68
C ARG A 10 -2.31 7.67 -10.34
N SER A 11 -3.44 7.00 -10.36
CA SER A 11 -3.98 6.40 -9.17
C SER A 11 -4.41 7.41 -8.13
N GLU A 12 -4.91 6.86 -7.05
CA GLU A 12 -5.36 7.63 -5.91
C GLU A 12 -4.91 6.92 -4.65
N THR A 13 -4.17 5.84 -4.91
CA THR A 13 -3.60 5.01 -3.87
C THR A 13 -2.41 5.70 -3.25
N VAL A 14 -1.72 5.02 -2.35
CA VAL A 14 -0.55 5.65 -1.76
C VAL A 14 0.44 5.94 -2.86
N LEU A 15 0.82 4.94 -3.65
CA LEU A 15 1.72 5.17 -4.77
C LEU A 15 1.30 6.44 -5.49
N ASP A 16 -0.01 6.66 -5.60
CA ASP A 16 -0.51 7.87 -6.25
C ASP A 16 -0.01 9.06 -5.45
N PHE A 17 -0.12 8.94 -4.12
CA PHE A 17 0.36 9.96 -3.21
C PHE A 17 1.90 9.99 -3.20
N MET A 18 2.54 8.89 -2.73
CA MET A 18 4.00 8.78 -2.70
C MET A 18 4.61 9.36 -3.99
N PHE A 19 3.85 9.28 -5.10
CA PHE A 19 4.32 9.81 -6.39
C PHE A 19 4.28 11.34 -6.38
N ASN A 20 3.09 11.85 -6.04
CA ASN A 20 2.87 13.29 -5.92
C ASN A 20 4.09 13.93 -5.29
N PHE A 21 4.67 13.14 -4.42
CA PHE A 21 5.84 13.50 -3.65
C PHE A 21 7.12 13.55 -4.45
N TYR A 22 7.43 12.47 -5.15
CA TYR A 22 8.65 12.43 -5.95
C TYR A 22 8.69 13.60 -6.93
N HIS A 23 7.53 14.25 -7.11
CA HIS A 23 7.43 15.40 -8.00
C HIS A 23 7.70 16.71 -7.24
N GLN A 24 8.02 16.58 -5.95
CA GLN A 24 8.29 17.73 -5.09
C GLN A 24 9.52 17.49 -4.23
N THR A 25 9.29 16.81 -3.11
CA THR A 25 10.34 16.49 -2.15
C THR A 25 11.46 15.69 -2.81
N GLU A 26 12.66 15.76 -2.22
CA GLU A 26 13.80 15.03 -2.73
C GLU A 26 13.59 13.53 -2.59
N GLU A 27 14.68 12.78 -2.45
CA GLU A 27 14.59 11.35 -2.28
C GLU A 27 14.46 10.96 -0.81
N HIS A 28 15.41 11.42 0.01
CA HIS A 28 15.42 11.12 1.43
C HIS A 28 14.23 11.75 2.16
N LYS A 29 14.12 13.08 2.15
CA LYS A 29 13.00 13.74 2.82
C LYS A 29 11.72 13.04 2.44
N PHE A 30 11.55 12.89 1.13
CA PHE A 30 10.40 12.22 0.56
C PHE A 30 10.07 10.95 1.32
N GLN A 31 10.86 9.91 1.11
CA GLN A 31 10.65 8.62 1.76
C GLN A 31 10.19 8.76 3.20
N GLU A 32 10.62 9.82 3.87
CA GLU A 32 10.22 10.05 5.25
C GLU A 32 8.77 10.48 5.38
N GLN A 33 8.44 11.63 4.81
CA GLN A 33 7.08 12.17 4.85
C GLN A 33 6.04 11.18 4.36
N VAL A 34 6.29 10.60 3.18
CA VAL A 34 5.34 9.66 2.60
C VAL A 34 5.21 8.45 3.48
N SER A 35 6.31 7.76 3.74
CA SER A 35 6.27 6.57 4.58
C SER A 35 5.36 6.83 5.75
N LYS A 36 5.53 7.99 6.31
CA LYS A 36 4.74 8.46 7.44
C LYS A 36 3.28 8.48 7.07
N GLU A 37 2.99 9.22 6.01
CA GLU A 37 1.64 9.37 5.53
C GLU A 37 0.98 8.02 5.38
N LEU A 38 1.59 7.14 4.61
CA LEU A 38 1.05 5.81 4.42
C LEU A 38 1.00 5.11 5.78
N ILE A 39 1.95 5.44 6.67
CA ILE A 39 2.00 4.81 7.99
C ILE A 39 0.89 5.34 8.88
N GLY A 40 0.40 4.46 9.75
CA GLY A 40 -0.68 4.84 10.62
C GLY A 40 -1.94 5.16 9.84
N LEU A 41 -1.84 5.06 8.52
CA LEU A 41 -2.96 5.34 7.64
C LEU A 41 -3.57 4.05 7.14
N VAL A 42 -4.79 4.12 6.65
CA VAL A 42 -5.44 2.94 6.08
C VAL A 42 -5.65 3.14 4.61
N VAL A 43 -5.63 2.04 3.88
CA VAL A 43 -5.78 2.12 2.47
C VAL A 43 -6.62 0.99 1.92
N LEU A 44 -7.68 1.34 1.24
CA LEU A 44 -8.50 0.32 0.64
C LEU A 44 -7.97 0.03 -0.73
N THR A 45 -7.55 -1.20 -0.88
CA THR A 45 -6.98 -1.64 -2.13
C THR A 45 -8.05 -1.95 -3.14
N LYS A 46 -7.64 -2.11 -4.39
CA LYS A 46 -8.60 -2.36 -5.43
C LYS A 46 -8.68 -3.86 -5.75
N TYR A 47 -7.86 -4.66 -5.04
CA TYR A 47 -7.88 -6.11 -5.24
C TYR A 47 -9.31 -6.57 -5.17
N ASN A 48 -9.95 -6.13 -4.10
CA ASN A 48 -11.33 -6.44 -3.81
C ASN A 48 -11.82 -5.45 -2.77
N ASN A 49 -11.47 -4.18 -2.99
CA ASN A 49 -11.82 -3.08 -2.11
C ASN A 49 -11.58 -3.43 -0.64
N LYS A 50 -10.31 -3.51 -0.22
CA LYS A 50 -10.03 -3.85 1.17
C LYS A 50 -9.14 -2.82 1.85
N THR A 51 -9.59 -2.35 3.01
CA THR A 51 -8.85 -1.34 3.76
C THR A 51 -7.79 -1.98 4.62
N TYR A 52 -6.58 -1.45 4.52
CA TYR A 52 -5.46 -1.96 5.28
C TYR A 52 -4.70 -0.81 5.84
N ARG A 53 -4.64 -0.76 7.14
CA ARG A 53 -3.97 0.31 7.80
C ARG A 53 -2.45 0.12 7.71
N VAL A 54 -1.87 0.71 6.67
CA VAL A 54 -0.42 0.65 6.42
C VAL A 54 0.34 1.35 7.53
N ASP A 55 1.20 0.58 8.19
CA ASP A 55 2.03 1.08 9.27
C ASP A 55 3.49 0.76 9.00
N ASP A 56 3.72 0.02 7.91
CA ASP A 56 5.04 -0.36 7.50
C ASP A 56 5.15 -0.31 5.99
N ILE A 57 6.35 -0.07 5.50
CA ILE A 57 6.59 0.01 4.06
C ILE A 57 7.82 -0.78 3.70
N ASP A 58 7.63 -1.97 3.15
CA ASP A 58 8.75 -2.79 2.77
C ASP A 58 9.32 -2.31 1.46
N TRP A 59 10.22 -1.33 1.53
CA TRP A 59 10.85 -0.79 0.35
C TRP A 59 11.80 -1.79 -0.27
N ASP A 60 12.11 -2.83 0.47
CA ASP A 60 12.98 -3.88 -0.03
C ASP A 60 12.24 -4.66 -1.11
N GLN A 61 10.91 -4.70 -0.97
CA GLN A 61 10.07 -5.40 -1.92
C GLN A 61 9.34 -4.43 -2.84
N ASN A 62 8.63 -5.00 -3.81
CA ASN A 62 7.84 -4.24 -4.75
C ASN A 62 6.77 -5.16 -5.33
N PRO A 63 5.73 -4.61 -6.00
CA PRO A 63 4.66 -5.44 -6.57
C PRO A 63 5.17 -6.43 -7.60
N LYS A 64 6.47 -6.57 -7.72
CA LYS A 64 7.05 -7.51 -8.66
C LYS A 64 7.80 -8.62 -7.93
N SER A 65 8.24 -8.32 -6.71
CA SER A 65 8.94 -9.29 -5.87
C SER A 65 7.96 -10.34 -5.40
N THR A 66 8.47 -11.49 -4.97
CA THR A 66 7.60 -12.57 -4.52
C THR A 66 7.49 -12.61 -3.00
N PHE A 67 6.30 -12.99 -2.53
CA PHE A 67 6.04 -13.05 -1.10
C PHE A 67 5.16 -14.25 -0.80
N LYS A 68 5.27 -14.79 0.40
CA LYS A 68 4.46 -15.93 0.77
C LYS A 68 3.24 -15.47 1.57
N LYS A 69 2.12 -15.28 0.84
CA LYS A 69 0.83 -14.84 1.36
C LYS A 69 0.66 -14.89 2.87
N ALA A 70 1.58 -14.26 3.60
CA ALA A 70 1.50 -14.22 5.05
C ALA A 70 1.44 -15.61 5.69
N ASP A 71 1.14 -16.63 4.90
CA ASP A 71 1.02 -17.97 5.41
C ASP A 71 2.04 -18.89 4.77
N GLY A 72 2.29 -18.66 3.48
CA GLY A 72 3.26 -19.49 2.78
C GLY A 72 3.15 -19.46 1.27
N SER A 73 1.94 -19.41 0.72
CA SER A 73 1.81 -19.38 -0.74
C SER A 73 2.69 -18.25 -1.27
N GLU A 74 3.73 -18.61 -1.99
CA GLU A 74 4.66 -17.62 -2.51
C GLU A 74 4.33 -17.20 -3.95
N VAL A 75 3.88 -15.96 -4.09
CA VAL A 75 3.54 -15.40 -5.38
C VAL A 75 4.06 -13.98 -5.50
N SER A 76 4.45 -13.60 -6.71
CA SER A 76 4.91 -12.25 -6.95
C SER A 76 3.77 -11.31 -6.59
N PHE A 77 4.04 -10.34 -5.74
CA PHE A 77 3.02 -9.40 -5.32
C PHE A 77 2.03 -9.11 -6.44
N LEU A 78 2.54 -8.80 -7.62
CA LEU A 78 1.70 -8.50 -8.75
C LEU A 78 0.70 -9.62 -9.00
N GLU A 79 1.21 -10.85 -9.06
CA GLU A 79 0.37 -12.01 -9.30
C GLU A 79 -0.75 -12.09 -8.29
N TYR A 80 -0.38 -12.03 -7.02
CA TYR A 80 -1.34 -12.07 -5.94
C TYR A 80 -2.55 -11.18 -6.24
N TYR A 81 -2.27 -9.93 -6.59
CA TYR A 81 -3.32 -8.96 -6.84
C TYR A 81 -3.97 -9.09 -8.21
N ARG A 82 -3.17 -8.91 -9.25
CA ARG A 82 -3.66 -8.98 -10.63
C ARG A 82 -4.22 -10.35 -11.01
N LYS A 83 -3.53 -11.41 -10.65
CA LYS A 83 -3.95 -12.75 -11.02
C LYS A 83 -4.98 -13.38 -10.07
N GLN A 84 -4.97 -13.02 -8.78
CA GLN A 84 -5.94 -13.60 -7.86
C GLN A 84 -7.09 -12.64 -7.53
N TYR A 85 -6.88 -11.35 -7.76
CA TYR A 85 -7.90 -10.36 -7.48
C TYR A 85 -8.27 -9.55 -8.72
N ASN A 86 -7.43 -9.66 -9.74
CA ASN A 86 -7.64 -8.96 -11.02
C ASN A 86 -7.18 -7.50 -10.97
N GLN A 87 -6.18 -7.19 -10.13
CA GLN A 87 -5.67 -5.83 -10.07
C GLN A 87 -4.34 -5.70 -10.78
N GLU A 88 -4.40 -5.41 -12.07
CA GLU A 88 -3.19 -5.24 -12.87
C GLU A 88 -2.46 -4.00 -12.41
N ILE A 89 -1.37 -4.25 -11.73
CA ILE A 89 -0.54 -3.19 -11.18
C ILE A 89 0.22 -2.42 -12.23
N THR A 90 1.24 -3.06 -12.79
CA THR A 90 2.07 -2.46 -13.84
C THR A 90 2.95 -1.34 -13.26
N ASP A 91 2.62 -0.92 -12.04
CA ASP A 91 3.38 0.10 -11.35
C ASP A 91 4.08 -0.55 -10.18
N LEU A 92 4.75 -1.64 -10.51
CA LEU A 92 5.45 -2.44 -9.51
C LEU A 92 6.79 -1.85 -9.22
N LYS A 93 6.94 -0.59 -9.53
CA LYS A 93 8.18 0.10 -9.31
C LYS A 93 8.22 0.75 -7.93
N GLN A 94 7.14 0.60 -7.15
CA GLN A 94 7.13 1.17 -5.83
C GLN A 94 7.25 0.08 -4.79
N PRO A 95 7.43 0.44 -3.50
CA PRO A 95 7.59 -0.56 -2.44
C PRO A 95 6.30 -1.22 -2.04
N VAL A 96 6.27 -1.66 -0.81
CA VAL A 96 5.10 -2.31 -0.25
C VAL A 96 4.66 -1.60 1.01
N LEU A 97 3.44 -1.85 1.39
CA LEU A 97 2.89 -1.25 2.59
C LEU A 97 2.40 -2.34 3.51
N VAL A 98 3.28 -2.83 4.36
CA VAL A 98 2.89 -3.88 5.27
C VAL A 98 2.01 -3.25 6.35
N SER A 99 0.71 -3.43 6.12
CA SER A 99 -0.34 -2.88 6.95
C SER A 99 -0.69 -3.74 8.15
N GLN A 100 -1.24 -3.11 9.18
CA GLN A 100 -1.69 -3.81 10.37
C GLN A 100 -3.16 -4.17 10.20
N PRO A 101 -3.46 -5.47 10.06
CA PRO A 101 -4.84 -5.97 9.85
C PRO A 101 -5.87 -5.41 10.80
N LYS A 102 -7.09 -5.92 10.67
CA LYS A 102 -8.21 -5.47 11.48
C LYS A 102 -7.99 -5.67 12.98
N ARG A 103 -8.03 -6.91 13.45
CA ARG A 103 -7.91 -7.18 14.88
C ARG A 103 -6.98 -8.35 15.21
N ARG A 104 -6.98 -9.39 14.37
CA ARG A 104 -6.16 -10.58 14.62
C ARG A 104 -6.19 -10.98 16.09
N ARG A 105 -5.20 -10.51 16.85
CA ARG A 105 -5.12 -10.80 18.27
C ARG A 105 -4.96 -9.49 19.03
N GLY A 106 -4.20 -8.58 18.41
CA GLY A 106 -3.96 -7.28 18.99
C GLY A 106 -2.89 -7.30 20.06
N PRO A 107 -1.62 -7.14 19.65
CA PRO A 107 -0.47 -7.13 20.55
C PRO A 107 -0.28 -5.79 21.24
N GLY A 108 -1.39 -5.18 21.68
CA GLY A 108 -1.31 -3.89 22.32
C GLY A 108 -0.87 -2.82 21.35
N GLY A 109 -1.42 -2.90 20.14
CA GLY A 109 -1.08 -1.97 19.08
C GLY A 109 -0.47 -2.69 17.90
N THR A 110 -0.11 -1.94 16.85
CA THR A 110 0.51 -2.51 15.66
C THR A 110 0.09 -3.96 15.47
N LEU A 111 -1.06 -4.19 14.83
CA LEU A 111 -1.54 -5.55 14.66
C LEU A 111 -0.48 -6.47 14.07
N PRO A 112 -0.73 -7.79 14.16
CA PRO A 112 0.13 -8.81 13.60
C PRO A 112 -0.33 -9.23 12.22
N GLY A 113 0.25 -10.32 11.72
CA GLY A 113 -0.09 -10.84 10.38
C GLY A 113 -0.48 -9.75 9.41
N PRO A 114 0.45 -8.82 9.17
CA PRO A 114 0.28 -7.65 8.32
C PRO A 114 -0.29 -7.89 6.92
N ALA A 115 -0.43 -6.78 6.19
CA ALA A 115 -0.93 -6.75 4.82
C ALA A 115 0.10 -6.12 3.90
N MET A 116 0.97 -6.92 3.31
CA MET A 116 1.97 -6.37 2.41
C MET A 116 1.21 -5.85 1.22
N LEU A 117 0.97 -4.55 1.26
CA LEU A 117 0.15 -3.86 0.28
C LEU A 117 0.92 -3.29 -0.91
N ILE A 118 0.17 -3.11 -2.00
CA ILE A 118 0.73 -2.51 -3.21
C ILE A 118 0.33 -1.03 -3.23
N PRO A 119 1.29 -0.13 -3.00
CA PRO A 119 1.03 1.32 -3.00
C PRO A 119 0.21 1.74 -4.21
N GLU A 120 0.33 0.97 -5.30
CA GLU A 120 -0.39 1.27 -6.54
C GLU A 120 -1.88 0.91 -6.47
N LEU A 121 -2.24 -0.09 -5.70
CA LEU A 121 -3.64 -0.53 -5.60
C LEU A 121 -4.32 -0.09 -4.29
N CYS A 122 -3.55 0.40 -3.32
CA CYS A 122 -4.12 0.82 -2.03
C CYS A 122 -4.68 2.24 -2.06
N TYR A 123 -5.89 2.39 -2.60
CA TYR A 123 -6.54 3.69 -2.68
C TYR A 123 -6.50 4.39 -1.33
N LEU A 124 -5.86 5.56 -1.28
CA LEU A 124 -5.79 6.32 -0.05
C LEU A 124 -7.19 6.51 0.53
N THR A 125 -7.42 5.98 1.72
CA THR A 125 -8.73 6.08 2.36
C THR A 125 -8.90 7.39 3.09
N GLY A 126 -7.85 7.78 3.81
CA GLY A 126 -7.92 8.99 4.59
C GLY A 126 -8.65 8.68 5.86
N LEU A 127 -8.88 7.38 6.03
CA LEU A 127 -9.57 6.83 7.17
C LEU A 127 -8.74 7.07 8.41
N THR A 128 -7.45 7.27 8.17
CA THR A 128 -6.47 7.62 9.21
C THR A 128 -6.02 6.44 10.02
N ASP A 129 -6.83 5.42 10.08
CA ASP A 129 -6.48 4.26 10.84
C ASP A 129 -6.12 4.62 12.28
N LYS A 130 -7.15 4.74 13.09
CA LYS A 130 -6.98 5.04 14.49
C LYS A 130 -6.49 3.81 15.23
N MET A 131 -7.02 2.70 14.77
CA MET A 131 -6.72 1.35 15.25
C MET A 131 -5.31 1.20 15.84
N ARG A 132 -5.18 0.17 16.69
CA ARG A 132 -3.92 -0.20 17.35
C ARG A 132 -3.02 1.00 17.66
N ASN A 133 -2.95 1.32 18.95
CA ASN A 133 -2.13 2.42 19.44
C ASN A 133 -0.67 2.25 19.01
N ASP A 134 -0.34 1.07 18.47
CA ASP A 134 1.01 0.77 18.03
C ASP A 134 2.07 1.40 18.93
N CYS A 1 7.46 22.86 -10.37
CA CYS A 1 7.35 22.50 -8.93
C CYS A 1 6.51 23.52 -8.19
N THR A 2 6.79 24.80 -8.42
CA THR A 2 6.04 25.87 -7.77
C THR A 2 4.93 26.39 -8.66
N ASP A 3 4.66 25.66 -9.74
CA ASP A 3 3.60 26.04 -10.68
C ASP A 3 2.90 24.81 -11.23
N VAL A 4 1.59 24.72 -10.99
CA VAL A 4 0.81 23.58 -11.46
C VAL A 4 0.83 23.47 -12.97
N SER A 5 1.01 22.24 -13.45
CA SER A 5 1.03 21.97 -14.87
C SER A 5 0.29 20.68 -15.21
N HIS A 6 0.38 19.70 -14.31
CA HIS A 6 -0.28 18.42 -14.52
C HIS A 6 -1.38 18.19 -13.49
N LYS A 7 -2.54 17.76 -13.97
CA LYS A 7 -3.68 17.49 -13.09
C LYS A 7 -3.62 16.06 -12.58
N VAL A 8 -2.83 15.85 -11.52
CA VAL A 8 -2.63 14.53 -10.92
C VAL A 8 -2.96 13.40 -11.89
N LEU A 9 -2.02 13.09 -12.78
CA LEU A 9 -2.19 12.04 -13.75
C LEU A 9 -1.67 10.71 -13.19
N ARG A 10 -2.27 10.27 -12.09
CA ARG A 10 -1.88 9.04 -11.44
C ARG A 10 -3.05 8.53 -10.62
N SER A 11 -2.84 7.44 -9.92
CA SER A 11 -3.88 6.86 -9.10
C SER A 11 -4.32 7.81 -8.00
N GLU A 12 -4.83 7.22 -6.95
CA GLU A 12 -5.26 7.94 -5.76
C GLU A 12 -4.81 7.14 -4.56
N THR A 13 -4.01 6.12 -4.87
CA THR A 13 -3.45 5.24 -3.88
C THR A 13 -2.23 5.87 -3.26
N VAL A 14 -1.50 5.12 -2.45
CA VAL A 14 -0.31 5.68 -1.82
C VAL A 14 0.78 5.87 -2.84
N LEU A 15 0.71 5.13 -3.92
CA LEU A 15 1.66 5.30 -4.99
C LEU A 15 1.34 6.62 -5.66
N ASP A 16 0.04 6.92 -5.73
CA ASP A 16 -0.40 8.17 -6.31
C ASP A 16 0.11 9.31 -5.46
N PHE A 17 -0.03 9.14 -4.14
CA PHE A 17 0.44 10.14 -3.20
C PHE A 17 1.97 10.19 -3.19
N MET A 18 2.57 9.09 -2.75
CA MET A 18 4.02 8.94 -2.71
C MET A 18 4.68 9.50 -3.98
N PHE A 19 4.01 9.32 -5.13
CA PHE A 19 4.51 9.87 -6.40
C PHE A 19 4.43 11.40 -6.37
N ASN A 20 3.23 11.89 -6.07
CA ASN A 20 2.97 13.33 -5.97
C ASN A 20 4.16 13.98 -5.30
N PHE A 21 4.70 13.23 -4.38
CA PHE A 21 5.84 13.62 -3.58
C PHE A 21 7.12 13.74 -4.38
N TYR A 22 7.48 12.65 -5.08
CA TYR A 22 8.70 12.67 -5.86
C TYR A 22 8.76 13.90 -6.75
N HIS A 23 7.58 14.49 -6.98
CA HIS A 23 7.49 15.70 -7.78
C HIS A 23 7.90 16.92 -6.96
N GLN A 24 7.55 16.90 -5.67
CA GLN A 24 7.89 17.98 -4.74
C GLN A 24 9.17 17.70 -3.97
N THR A 25 9.01 16.96 -2.88
CA THR A 25 10.12 16.60 -2.00
C THR A 25 11.22 15.84 -2.75
N GLU A 26 12.42 15.87 -2.19
CA GLU A 26 13.57 15.18 -2.78
C GLU A 26 13.40 13.67 -2.66
N GLU A 27 14.51 12.96 -2.52
CA GLU A 27 14.48 11.52 -2.35
C GLU A 27 14.39 11.12 -0.87
N HIS A 28 15.39 11.52 -0.10
CA HIS A 28 15.45 11.18 1.33
C HIS A 28 14.24 11.72 2.11
N LYS A 29 14.08 13.05 2.14
CA LYS A 29 12.96 13.65 2.86
C LYS A 29 11.67 12.96 2.45
N PHE A 30 11.51 12.86 1.14
CA PHE A 30 10.35 12.23 0.54
C PHE A 30 9.98 10.94 1.26
N GLN A 31 10.74 9.88 1.03
CA GLN A 31 10.48 8.57 1.63
C GLN A 31 10.02 8.70 3.07
N GLU A 32 10.60 9.64 3.79
CA GLU A 32 10.25 9.87 5.18
C GLU A 32 8.78 10.30 5.34
N GLN A 33 8.46 11.47 4.80
CA GLN A 33 7.09 12.00 4.89
C GLN A 33 6.05 11.02 4.41
N VAL A 34 6.24 10.49 3.21
CA VAL A 34 5.27 9.56 2.64
C VAL A 34 5.10 8.37 3.54
N SER A 35 6.21 7.67 3.80
CA SER A 35 6.17 6.50 4.66
C SER A 35 5.23 6.75 5.82
N LYS A 36 5.43 7.91 6.42
CA LYS A 36 4.62 8.34 7.55
C LYS A 36 3.16 8.39 7.17
N GLU A 37 2.88 9.17 6.14
CA GLU A 37 1.54 9.34 5.64
C GLU A 37 0.83 8.00 5.49
N LEU A 38 1.46 7.10 4.77
CA LEU A 38 0.91 5.77 4.57
C LEU A 38 0.86 5.02 5.91
N ILE A 39 1.80 5.33 6.81
CA ILE A 39 1.88 4.66 8.12
C ILE A 39 0.69 4.99 9.01
N GLY A 40 0.17 3.95 9.69
CA GLY A 40 -0.99 4.11 10.55
C GLY A 40 -2.21 4.52 9.76
N LEU A 41 -2.03 4.57 8.44
CA LEU A 41 -3.07 4.99 7.52
C LEU A 41 -3.67 3.79 6.78
N VAL A 42 -4.99 3.67 6.82
CA VAL A 42 -5.65 2.58 6.10
C VAL A 42 -5.74 2.92 4.63
N VAL A 43 -5.67 1.90 3.82
CA VAL A 43 -5.76 2.07 2.41
C VAL A 43 -6.60 0.98 1.80
N LEU A 44 -7.66 1.38 1.12
CA LEU A 44 -8.50 0.38 0.50
C LEU A 44 -7.96 0.09 -0.85
N THR A 45 -7.64 -1.15 -1.05
CA THR A 45 -7.13 -1.59 -2.32
C THR A 45 -8.27 -1.73 -3.30
N LYS A 46 -7.97 -1.64 -4.58
CA LYS A 46 -9.02 -1.67 -5.59
C LYS A 46 -9.43 -3.10 -5.99
N TYR A 47 -8.74 -4.11 -5.46
CA TYR A 47 -9.08 -5.49 -5.78
C TYR A 47 -10.53 -5.79 -5.47
N ASN A 48 -10.71 -6.30 -4.27
CA ASN A 48 -12.00 -6.65 -3.74
C ASN A 48 -12.35 -5.61 -2.70
N ASN A 49 -11.88 -4.38 -2.98
CA ASN A 49 -12.06 -3.22 -2.10
C ASN A 49 -11.75 -3.57 -0.66
N LYS A 50 -10.46 -3.55 -0.29
CA LYS A 50 -10.10 -3.88 1.08
C LYS A 50 -9.19 -2.86 1.73
N THR A 51 -9.61 -2.39 2.90
CA THR A 51 -8.87 -1.37 3.64
C THR A 51 -7.81 -1.97 4.54
N TYR A 52 -6.60 -1.44 4.44
CA TYR A 52 -5.48 -1.92 5.25
C TYR A 52 -4.63 -0.81 5.81
N ARG A 53 -4.45 -0.77 7.13
CA ARG A 53 -3.64 0.26 7.73
C ARG A 53 -2.15 0.01 7.49
N VAL A 54 -1.64 0.65 6.46
CA VAL A 54 -0.23 0.54 6.16
C VAL A 54 0.52 1.21 7.29
N ASP A 55 1.28 0.42 8.03
CA ASP A 55 2.05 0.92 9.14
C ASP A 55 3.51 0.56 8.93
N ASP A 56 3.73 -0.13 7.80
CA ASP A 56 5.04 -0.54 7.39
C ASP A 56 5.14 -0.46 5.89
N ILE A 57 6.34 -0.19 5.41
CA ILE A 57 6.58 -0.05 3.99
C ILE A 57 7.82 -0.83 3.61
N ASP A 58 7.63 -2.00 3.03
CA ASP A 58 8.76 -2.82 2.66
C ASP A 58 9.33 -2.34 1.34
N TRP A 59 10.21 -1.35 1.42
CA TRP A 59 10.85 -0.80 0.24
C TRP A 59 11.80 -1.80 -0.40
N ASP A 60 12.05 -2.89 0.31
CA ASP A 60 12.91 -3.94 -0.20
C ASP A 60 12.17 -4.72 -1.28
N GLN A 61 10.85 -4.76 -1.13
CA GLN A 61 9.99 -5.46 -2.08
C GLN A 61 9.27 -4.49 -2.99
N ASN A 62 8.53 -5.05 -3.93
CA ASN A 62 7.73 -4.27 -4.88
C ASN A 62 6.65 -5.17 -5.44
N PRO A 63 5.60 -4.61 -6.09
CA PRO A 63 4.51 -5.43 -6.64
C PRO A 63 4.98 -6.40 -7.72
N LYS A 64 6.28 -6.57 -7.84
CA LYS A 64 6.85 -7.49 -8.81
C LYS A 64 7.65 -8.58 -8.09
N SER A 65 8.04 -8.29 -6.86
CA SER A 65 8.80 -9.22 -6.03
C SER A 65 7.88 -10.32 -5.53
N THR A 66 8.43 -11.44 -5.08
CA THR A 66 7.61 -12.53 -4.60
C THR A 66 7.51 -12.52 -3.07
N PHE A 67 6.38 -13.01 -2.58
CA PHE A 67 6.12 -13.07 -1.15
C PHE A 67 5.24 -14.27 -0.83
N LYS A 68 5.37 -14.79 0.36
CA LYS A 68 4.55 -15.92 0.73
C LYS A 68 3.36 -15.41 1.53
N LYS A 69 2.25 -15.20 0.79
CA LYS A 69 0.97 -14.69 1.30
C LYS A 69 0.76 -14.84 2.79
N ALA A 70 1.62 -14.19 3.57
CA ALA A 70 1.54 -14.26 5.02
C ALA A 70 1.66 -15.69 5.53
N ASP A 71 0.70 -16.54 5.15
CA ASP A 71 0.71 -17.93 5.56
C ASP A 71 1.95 -18.64 5.02
N GLY A 72 2.22 -18.46 3.74
CA GLY A 72 3.38 -19.09 3.15
C GLY A 72 3.27 -19.37 1.65
N SER A 73 2.16 -19.00 1.02
CA SER A 73 2.06 -19.21 -0.42
C SER A 73 2.89 -18.13 -1.12
N GLU A 74 3.98 -18.54 -1.76
CA GLU A 74 4.89 -17.61 -2.39
C GLU A 74 4.49 -17.23 -3.83
N VAL A 75 4.06 -15.99 -4.00
CA VAL A 75 3.66 -15.47 -5.30
C VAL A 75 4.13 -14.03 -5.46
N SER A 76 4.49 -13.65 -6.68
CA SER A 76 4.89 -12.28 -6.93
C SER A 76 3.72 -11.39 -6.59
N PHE A 77 3.96 -10.37 -5.78
CA PHE A 77 2.90 -9.46 -5.39
C PHE A 77 1.92 -9.23 -6.54
N LEU A 78 2.46 -8.91 -7.70
CA LEU A 78 1.65 -8.65 -8.86
C LEU A 78 0.70 -9.83 -9.12
N GLU A 79 1.22 -11.05 -9.04
CA GLU A 79 0.41 -12.25 -9.23
C GLU A 79 -0.72 -12.31 -8.22
N TYR A 80 -0.34 -12.29 -6.95
CA TYR A 80 -1.28 -12.30 -5.85
C TYR A 80 -2.48 -11.42 -6.15
N TYR A 81 -2.17 -10.25 -6.64
CA TYR A 81 -3.16 -9.22 -6.93
C TYR A 81 -3.84 -9.38 -8.28
N ARG A 82 -3.09 -9.12 -9.32
CA ARG A 82 -3.59 -9.23 -10.69
C ARG A 82 -4.25 -10.56 -11.00
N LYS A 83 -3.67 -11.64 -10.49
CA LYS A 83 -4.18 -12.96 -10.79
C LYS A 83 -5.20 -13.52 -9.78
N GLN A 84 -5.12 -13.12 -8.50
CA GLN A 84 -6.07 -13.64 -7.52
C GLN A 84 -7.17 -12.62 -7.22
N TYR A 85 -7.00 -11.38 -7.67
CA TYR A 85 -7.99 -10.33 -7.42
C TYR A 85 -8.38 -9.62 -8.71
N ASN A 86 -7.42 -9.54 -9.62
CA ASN A 86 -7.58 -8.93 -10.94
C ASN A 86 -7.16 -7.46 -11.02
N GLN A 87 -6.23 -6.99 -10.16
CA GLN A 87 -5.77 -5.62 -10.28
C GLN A 87 -4.45 -5.58 -11.01
N GLU A 88 -4.53 -5.35 -12.32
CA GLU A 88 -3.33 -5.30 -13.14
C GLU A 88 -2.38 -4.25 -12.65
N ILE A 89 -1.34 -4.68 -11.99
CA ILE A 89 -0.36 -3.76 -11.54
C ILE A 89 0.61 -3.51 -12.66
N THR A 90 0.84 -2.26 -12.94
CA THR A 90 1.72 -1.87 -14.01
C THR A 90 2.58 -0.71 -13.55
N ASP A 91 2.55 -0.53 -12.24
CA ASP A 91 3.32 0.50 -11.57
C ASP A 91 3.97 -0.17 -10.38
N LEU A 92 4.47 -1.36 -10.64
CA LEU A 92 5.09 -2.20 -9.64
C LEU A 92 6.49 -1.72 -9.34
N LYS A 93 6.73 -0.48 -9.69
CA LYS A 93 8.02 0.11 -9.48
C LYS A 93 8.10 0.75 -8.09
N GLN A 94 7.06 0.59 -7.28
CA GLN A 94 7.09 1.14 -5.95
C GLN A 94 7.20 0.04 -4.92
N PRO A 95 7.40 0.37 -3.64
CA PRO A 95 7.57 -0.65 -2.60
C PRO A 95 6.28 -1.31 -2.18
N VAL A 96 6.25 -1.75 -0.94
CA VAL A 96 5.08 -2.38 -0.39
C VAL A 96 4.66 -1.66 0.86
N LEU A 97 3.44 -1.91 1.25
CA LEU A 97 2.89 -1.29 2.42
C LEU A 97 2.34 -2.37 3.32
N VAL A 98 3.19 -2.91 4.17
CA VAL A 98 2.75 -3.95 5.06
C VAL A 98 1.91 -3.29 6.14
N SER A 99 0.60 -3.45 5.96
CA SER A 99 -0.38 -2.86 6.86
C SER A 99 -0.33 -3.58 8.17
N GLN A 100 0.43 -3.00 9.09
CA GLN A 100 0.65 -3.60 10.38
C GLN A 100 -0.53 -3.36 11.32
N PRO A 101 -1.03 -4.42 11.97
CA PRO A 101 -2.13 -4.29 12.89
C PRO A 101 -1.65 -3.93 14.29
N LYS A 102 -2.34 -3.00 14.92
CA LYS A 102 -1.99 -2.56 16.26
C LYS A 102 -2.53 -3.53 17.32
N ARG A 103 -2.44 -4.82 17.02
CA ARG A 103 -2.92 -5.85 17.94
C ARG A 103 -2.25 -5.75 19.31
N ARG A 104 -2.97 -6.15 20.34
CA ARG A 104 -2.47 -6.13 21.70
C ARG A 104 -2.58 -7.52 22.34
N ARG A 105 -2.72 -7.57 23.66
CA ARG A 105 -2.85 -8.85 24.36
C ARG A 105 -3.97 -9.68 23.76
N GLY A 106 -4.95 -8.99 23.18
CA GLY A 106 -6.07 -9.67 22.55
C GLY A 106 -7.39 -9.38 23.25
N PRO A 107 -8.03 -8.26 22.88
CA PRO A 107 -9.30 -7.82 23.46
C PRO A 107 -10.49 -8.51 22.81
N GLY A 108 -11.62 -7.82 22.76
CA GLY A 108 -12.80 -8.38 22.14
C GLY A 108 -12.76 -8.23 20.64
N GLY A 109 -12.24 -7.09 20.18
CA GLY A 109 -12.13 -6.83 18.76
C GLY A 109 -11.00 -7.59 18.12
N THR A 110 -9.92 -7.72 18.87
CA THR A 110 -8.70 -8.40 18.43
C THR A 110 -8.38 -8.14 16.97
N LEU A 111 -7.37 -7.31 16.74
CA LEU A 111 -6.96 -6.95 15.39
C LEU A 111 -6.58 -8.15 14.54
N PRO A 112 -6.38 -7.89 13.24
CA PRO A 112 -5.97 -8.88 12.26
C PRO A 112 -4.46 -8.96 12.07
N GLY A 113 -4.05 -9.42 10.90
CA GLY A 113 -2.64 -9.54 10.56
C GLY A 113 -2.22 -8.55 9.48
N PRO A 114 -0.91 -8.25 9.33
CA PRO A 114 -0.44 -7.29 8.35
C PRO A 114 -0.94 -7.53 6.93
N ALA A 115 -0.71 -6.53 6.08
CA ALA A 115 -1.11 -6.60 4.68
C ALA A 115 -0.04 -5.99 3.79
N MET A 116 0.83 -6.83 3.23
CA MET A 116 1.85 -6.33 2.33
C MET A 116 1.11 -5.81 1.11
N LEU A 117 0.87 -4.52 1.14
CA LEU A 117 0.07 -3.82 0.14
C LEU A 117 0.84 -3.26 -1.04
N ILE A 118 0.09 -2.96 -2.11
CA ILE A 118 0.65 -2.35 -3.31
C ILE A 118 0.35 -0.86 -3.30
N PRO A 119 1.38 0.00 -3.25
CA PRO A 119 1.19 1.43 -3.23
C PRO A 119 0.29 1.85 -4.37
N GLU A 120 0.39 1.13 -5.49
CA GLU A 120 -0.36 1.41 -6.70
C GLU A 120 -1.85 1.09 -6.58
N LEU A 121 -2.19 0.06 -5.83
CA LEU A 121 -3.58 -0.38 -5.72
C LEU A 121 -4.25 0.02 -4.41
N CYS A 122 -3.50 0.54 -3.44
CA CYS A 122 -4.06 0.93 -2.15
C CYS A 122 -4.56 2.38 -2.11
N TYR A 123 -5.78 2.59 -2.60
CA TYR A 123 -6.41 3.92 -2.62
C TYR A 123 -6.34 4.56 -1.24
N LEU A 124 -5.71 5.72 -1.16
CA LEU A 124 -5.58 6.44 0.10
C LEU A 124 -6.96 6.67 0.72
N THR A 125 -7.14 6.22 1.96
CA THR A 125 -8.43 6.39 2.65
C THR A 125 -8.39 7.54 3.64
N GLY A 126 -7.31 7.60 4.41
CA GLY A 126 -7.21 8.62 5.44
C GLY A 126 -8.17 8.30 6.55
N LEU A 127 -8.68 7.08 6.45
CA LEU A 127 -9.65 6.52 7.38
C LEU A 127 -9.08 6.23 8.74
N THR A 128 -7.80 5.84 8.79
CA THR A 128 -7.16 5.48 10.04
C THR A 128 -7.73 4.15 10.55
N ASP A 129 -8.89 3.82 9.98
CA ASP A 129 -9.67 2.63 10.31
C ASP A 129 -9.25 2.00 11.62
N LYS A 130 -9.59 2.70 12.69
CA LYS A 130 -9.29 2.29 14.05
C LYS A 130 -9.31 0.78 14.19
N MET A 131 -10.31 0.18 13.59
CA MET A 131 -10.45 -1.28 13.52
C MET A 131 -10.91 -1.92 14.82
N ARG A 132 -11.25 -3.22 14.71
CA ARG A 132 -11.72 -4.04 15.82
C ARG A 132 -12.45 -3.21 16.88
N ASN A 133 -12.22 -3.55 18.13
CA ASN A 133 -12.86 -2.88 19.26
C ASN A 133 -14.31 -3.27 19.26
N ASP A 134 -14.62 -4.19 18.35
CA ASP A 134 -15.97 -4.71 18.17
C ASP A 134 -17.02 -3.61 18.31
N CYS A 1 1.46 -4.75 -26.74
CA CYS A 1 0.01 -4.90 -27.00
C CYS A 1 -0.81 -4.14 -25.98
N THR A 2 -0.29 -2.98 -25.55
CA THR A 2 -0.98 -2.15 -24.57
C THR A 2 -1.51 -0.88 -25.22
N ASP A 3 -2.26 -0.11 -24.44
CA ASP A 3 -2.85 1.14 -24.93
C ASP A 3 -3.23 2.06 -23.77
N VAL A 4 -2.95 3.36 -23.93
CA VAL A 4 -3.27 4.33 -22.90
C VAL A 4 -3.71 5.66 -23.50
N SER A 5 -4.73 6.25 -22.90
CA SER A 5 -5.24 7.53 -23.36
C SER A 5 -5.22 8.55 -22.23
N HIS A 6 -4.97 8.09 -21.01
CA HIS A 6 -4.92 8.96 -19.84
C HIS A 6 -3.79 9.97 -19.95
N LYS A 7 -4.14 11.25 -19.85
CA LYS A 7 -3.14 12.32 -19.92
C LYS A 7 -2.23 12.26 -18.69
N VAL A 8 -1.18 11.45 -18.79
CA VAL A 8 -0.23 11.25 -17.70
C VAL A 8 -0.86 11.44 -16.33
N LEU A 9 -1.51 10.39 -15.87
CA LEU A 9 -2.17 10.39 -14.58
C LEU A 9 -1.66 9.23 -13.73
N ARG A 10 -2.09 9.22 -12.48
CA ARG A 10 -1.71 8.18 -11.56
C ARG A 10 -2.94 7.79 -10.75
N SER A 11 -2.80 6.80 -9.91
CA SER A 11 -3.92 6.34 -9.11
C SER A 11 -4.37 7.38 -8.10
N GLU A 12 -4.93 6.85 -7.03
CA GLU A 12 -5.37 7.64 -5.90
C GLU A 12 -4.92 6.91 -4.66
N THR A 13 -4.21 5.82 -4.92
CA THR A 13 -3.63 4.98 -3.89
C THR A 13 -2.43 5.67 -3.30
N VAL A 14 -1.71 5.00 -2.41
CA VAL A 14 -0.55 5.63 -1.84
C VAL A 14 0.44 5.93 -2.96
N LEU A 15 0.81 4.92 -3.75
CA LEU A 15 1.70 5.15 -4.88
C LEU A 15 1.29 6.43 -5.59
N ASP A 16 -0.01 6.67 -5.68
CA ASP A 16 -0.50 7.89 -6.32
C ASP A 16 0.01 9.07 -5.51
N PHE A 17 -0.12 8.95 -4.18
CA PHE A 17 0.36 9.97 -3.27
C PHE A 17 1.90 10.00 -3.26
N MET A 18 2.53 8.89 -2.83
CA MET A 18 3.98 8.78 -2.80
C MET A 18 4.59 9.34 -4.12
N PHE A 19 3.79 9.31 -5.22
CA PHE A 19 4.24 9.86 -6.51
C PHE A 19 4.14 11.37 -6.47
N ASN A 20 2.98 11.84 -6.02
CA ASN A 20 2.70 13.27 -5.85
C ASN A 20 3.84 13.89 -5.08
N PHE A 21 4.64 13.01 -4.53
CA PHE A 21 5.79 13.36 -3.74
C PHE A 21 7.10 13.35 -4.50
N TYR A 22 7.36 12.30 -5.27
CA TYR A 22 8.62 12.21 -5.96
C TYR A 22 8.86 13.33 -6.96
N HIS A 23 7.79 14.02 -7.37
CA HIS A 23 7.97 15.12 -8.29
C HIS A 23 8.27 16.43 -7.53
N GLN A 24 8.34 16.32 -6.20
CA GLN A 24 8.63 17.47 -5.34
C GLN A 24 9.81 17.16 -4.42
N THR A 25 9.51 16.44 -3.35
CA THR A 25 10.50 16.10 -2.35
C THR A 25 11.57 15.15 -2.90
N GLU A 26 12.71 15.11 -2.22
CA GLU A 26 13.82 14.24 -2.64
C GLU A 26 13.82 12.92 -1.88
N GLU A 27 14.36 11.89 -2.52
CA GLU A 27 14.43 10.54 -1.98
C GLU A 27 14.43 10.47 -0.44
N HIS A 28 15.45 11.04 0.20
CA HIS A 28 15.53 10.98 1.66
C HIS A 28 14.31 11.61 2.34
N LYS A 29 14.10 12.92 2.15
CA LYS A 29 12.96 13.59 2.77
C LYS A 29 11.69 12.86 2.38
N PHE A 30 11.49 12.77 1.07
CA PHE A 30 10.35 12.10 0.49
C PHE A 30 9.97 10.85 1.28
N GLN A 31 10.73 9.78 1.10
CA GLN A 31 10.47 8.51 1.79
C GLN A 31 9.98 8.70 3.21
N GLU A 32 10.59 9.63 3.92
CA GLU A 32 10.21 9.91 5.30
C GLU A 32 8.75 10.37 5.40
N GLN A 33 8.44 11.50 4.78
CA GLN A 33 7.09 12.06 4.81
C GLN A 33 6.04 11.07 4.33
N VAL A 34 6.26 10.50 3.16
CA VAL A 34 5.29 9.57 2.58
C VAL A 34 5.13 8.36 3.47
N SER A 35 6.21 7.62 3.71
CA SER A 35 6.14 6.42 4.55
C SER A 35 5.24 6.73 5.73
N LYS A 36 5.50 7.89 6.30
CA LYS A 36 4.75 8.40 7.43
C LYS A 36 3.27 8.46 7.07
N GLU A 37 3.00 9.20 6.01
CA GLU A 37 1.64 9.38 5.53
C GLU A 37 0.93 8.05 5.37
N LEU A 38 1.53 7.16 4.58
CA LEU A 38 0.96 5.84 4.39
C LEU A 38 0.86 5.12 5.73
N ILE A 39 1.79 5.41 6.65
CA ILE A 39 1.78 4.78 7.97
C ILE A 39 0.57 5.25 8.79
N GLY A 40 0.02 4.33 9.58
CA GLY A 40 -1.15 4.63 10.38
C GLY A 40 -2.33 5.02 9.51
N LEU A 41 -2.13 4.91 8.21
CA LEU A 41 -3.14 5.28 7.24
C LEU A 41 -3.80 4.04 6.61
N VAL A 42 -5.11 3.95 6.70
CA VAL A 42 -5.82 2.82 6.09
C VAL A 42 -5.93 3.04 4.61
N VAL A 43 -5.81 1.96 3.86
CA VAL A 43 -5.90 2.06 2.43
C VAL A 43 -6.71 0.92 1.88
N LEU A 44 -7.77 1.24 1.16
CA LEU A 44 -8.56 0.19 0.57
C LEU A 44 -7.98 -0.12 -0.77
N THR A 45 -7.58 -1.35 -0.92
CA THR A 45 -7.01 -1.80 -2.15
C THR A 45 -8.10 -2.11 -3.13
N LYS A 46 -7.78 -2.06 -4.41
CA LYS A 46 -8.81 -2.31 -5.40
C LYS A 46 -8.95 -3.81 -5.66
N TYR A 47 -8.07 -4.61 -5.03
CA TYR A 47 -8.10 -6.06 -5.19
C TYR A 47 -9.54 -6.54 -5.15
N ASN A 48 -10.13 -6.33 -3.98
CA ASN A 48 -11.50 -6.69 -3.71
C ASN A 48 -12.05 -5.65 -2.75
N ASN A 49 -11.44 -4.46 -2.81
CA ASN A 49 -11.83 -3.33 -1.96
C ASN A 49 -11.58 -3.64 -0.50
N LYS A 50 -10.29 -3.72 -0.10
CA LYS A 50 -9.99 -4.01 1.30
C LYS A 50 -9.13 -2.94 1.94
N THR A 51 -9.60 -2.43 3.08
CA THR A 51 -8.91 -1.36 3.79
C THR A 51 -7.86 -1.92 4.74
N TYR A 52 -6.66 -1.38 4.61
CA TYR A 52 -5.54 -1.82 5.44
C TYR A 52 -4.76 -0.66 5.99
N ARG A 53 -4.64 -0.59 7.30
CA ARG A 53 -3.88 0.47 7.91
C ARG A 53 -2.40 0.22 7.65
N VAL A 54 -1.85 0.82 6.60
CA VAL A 54 -0.44 0.67 6.31
C VAL A 54 0.33 1.32 7.44
N ASP A 55 1.14 0.53 8.14
CA ASP A 55 1.92 1.02 9.26
C ASP A 55 3.39 0.74 9.03
N ASP A 56 3.68 0.17 7.87
CA ASP A 56 5.03 -0.14 7.50
C ASP A 56 5.16 -0.11 5.99
N ILE A 57 6.29 0.37 5.51
CA ILE A 57 6.53 0.39 4.08
C ILE A 57 7.78 -0.39 3.77
N ASP A 58 7.61 -1.61 3.27
CA ASP A 58 8.75 -2.43 2.95
C ASP A 58 9.39 -1.94 1.66
N TRP A 59 10.27 -0.97 1.80
CA TRP A 59 10.97 -0.40 0.65
C TRP A 59 12.00 -1.35 0.09
N ASP A 60 12.04 -2.56 0.63
CA ASP A 60 12.95 -3.58 0.16
C ASP A 60 12.27 -4.39 -0.93
N GLN A 61 10.95 -4.47 -0.84
CA GLN A 61 10.13 -5.21 -1.80
C GLN A 61 9.43 -4.26 -2.76
N ASN A 62 8.66 -4.85 -3.67
CA ASN A 62 7.88 -4.11 -4.64
C ASN A 62 6.81 -5.01 -5.23
N PRO A 63 5.78 -4.46 -5.90
CA PRO A 63 4.69 -5.26 -6.48
C PRO A 63 5.17 -6.28 -7.49
N LYS A 64 6.48 -6.46 -7.59
CA LYS A 64 7.05 -7.44 -8.49
C LYS A 64 7.75 -8.53 -7.70
N SER A 65 8.30 -8.14 -6.53
CA SER A 65 8.99 -9.07 -5.65
C SER A 65 8.04 -10.15 -5.17
N THR A 66 8.56 -11.25 -4.66
CA THR A 66 7.71 -12.34 -4.19
C THR A 66 7.50 -12.31 -2.69
N PHE A 67 6.35 -12.80 -2.27
CA PHE A 67 5.99 -12.86 -0.85
C PHE A 67 5.11 -14.06 -0.60
N LYS A 68 5.15 -14.61 0.60
CA LYS A 68 4.32 -15.76 0.88
C LYS A 68 3.08 -15.32 1.65
N LYS A 69 2.01 -15.08 0.88
CA LYS A 69 0.69 -14.62 1.36
C LYS A 69 0.48 -14.62 2.87
N ALA A 70 1.41 -14.06 3.61
CA ALA A 70 1.31 -13.99 5.06
C ALA A 70 1.25 -15.38 5.71
N ASP A 71 0.77 -16.37 4.96
CA ASP A 71 0.65 -17.72 5.45
C ASP A 71 1.78 -18.58 4.92
N GLY A 72 2.13 -18.35 3.66
CA GLY A 72 3.20 -19.11 3.07
C GLY A 72 3.11 -19.28 1.55
N SER A 73 1.97 -18.97 0.94
CA SER A 73 1.90 -19.08 -0.51
C SER A 73 2.76 -17.98 -1.11
N GLU A 74 3.86 -18.37 -1.74
CA GLU A 74 4.80 -17.40 -2.28
C GLU A 74 4.50 -16.98 -3.72
N VAL A 75 4.05 -15.74 -3.89
CA VAL A 75 3.77 -15.18 -5.20
C VAL A 75 4.37 -13.81 -5.34
N SER A 76 4.73 -13.44 -6.56
CA SER A 76 5.22 -12.10 -6.78
C SER A 76 4.03 -11.17 -6.60
N PHE A 77 4.15 -10.25 -5.64
CA PHE A 77 3.07 -9.33 -5.30
C PHE A 77 2.10 -9.06 -6.44
N LEU A 78 2.61 -8.69 -7.60
CA LEU A 78 1.77 -8.40 -8.74
C LEU A 78 0.76 -9.52 -8.99
N GLU A 79 1.25 -10.76 -9.03
CA GLU A 79 0.40 -11.91 -9.26
C GLU A 79 -0.73 -11.97 -8.25
N TYR A 80 -0.37 -11.95 -6.98
CA TYR A 80 -1.35 -11.99 -5.92
C TYR A 80 -2.54 -11.08 -6.21
N TYR A 81 -2.26 -9.83 -6.52
CA TYR A 81 -3.29 -8.84 -6.77
C TYR A 81 -3.94 -8.96 -8.15
N ARG A 82 -3.13 -8.79 -9.19
CA ARG A 82 -3.60 -8.83 -10.57
C ARG A 82 -4.18 -10.18 -10.99
N LYS A 83 -3.54 -11.27 -10.60
CA LYS A 83 -3.98 -12.60 -11.01
C LYS A 83 -5.02 -13.22 -10.07
N GLN A 84 -5.00 -12.89 -8.78
CA GLN A 84 -5.97 -13.47 -7.86
C GLN A 84 -7.12 -12.51 -7.56
N TYR A 85 -6.90 -11.22 -7.79
CA TYR A 85 -7.94 -10.23 -7.53
C TYR A 85 -8.25 -9.39 -8.77
N ASN A 86 -7.41 -9.53 -9.79
CA ASN A 86 -7.59 -8.81 -11.05
C ASN A 86 -7.11 -7.36 -10.98
N GLN A 87 -6.14 -7.06 -10.09
CA GLN A 87 -5.63 -5.72 -9.98
C GLN A 87 -4.28 -5.59 -10.68
N GLU A 88 -4.34 -5.27 -11.97
CA GLU A 88 -3.12 -5.11 -12.75
C GLU A 88 -2.36 -3.88 -12.29
N ILE A 89 -1.22 -4.13 -11.69
CA ILE A 89 -0.37 -3.09 -11.16
C ILE A 89 0.39 -2.36 -12.23
N THR A 90 1.41 -3.01 -12.78
CA THR A 90 2.24 -2.44 -13.83
C THR A 90 3.09 -1.30 -13.28
N ASP A 91 2.80 -0.91 -12.05
CA ASP A 91 3.52 0.15 -11.38
C ASP A 91 4.20 -0.46 -10.17
N LEU A 92 4.92 -1.54 -10.44
CA LEU A 92 5.60 -2.30 -9.41
C LEU A 92 6.93 -1.68 -9.12
N LYS A 93 7.00 -0.39 -9.35
CA LYS A 93 8.21 0.34 -9.13
C LYS A 93 8.24 0.95 -7.74
N GLN A 94 7.15 0.81 -6.96
CA GLN A 94 7.15 1.36 -5.64
C GLN A 94 7.26 0.24 -4.62
N PRO A 95 7.50 0.57 -3.35
CA PRO A 95 7.66 -0.45 -2.30
C PRO A 95 6.37 -1.12 -1.93
N VAL A 96 6.30 -1.53 -0.68
CA VAL A 96 5.12 -2.18 -0.16
C VAL A 96 4.65 -1.47 1.07
N LEU A 97 3.43 -1.75 1.45
CA LEU A 97 2.86 -1.15 2.62
C LEU A 97 2.35 -2.23 3.54
N VAL A 98 3.23 -2.70 4.40
CA VAL A 98 2.87 -3.74 5.33
C VAL A 98 2.00 -3.12 6.41
N SER A 99 0.70 -3.33 6.22
CA SER A 99 -0.34 -2.80 7.09
C SER A 99 -0.56 -3.64 8.33
N GLN A 100 -1.07 -3.01 9.39
CA GLN A 100 -1.38 -3.71 10.63
C GLN A 100 -2.89 -4.01 10.67
N PRO A 101 -3.29 -5.25 10.36
CA PRO A 101 -4.70 -5.64 10.31
C PRO A 101 -5.24 -6.29 11.57
N LYS A 102 -6.49 -6.75 11.46
CA LYS A 102 -7.19 -7.39 12.56
C LYS A 102 -6.89 -8.88 12.61
N ARG A 103 -5.89 -9.26 13.41
CA ARG A 103 -5.52 -10.65 13.57
C ARG A 103 -6.76 -11.52 13.78
N ARG A 104 -7.69 -11.01 14.59
CA ARG A 104 -8.94 -11.73 14.89
C ARG A 104 -10.10 -10.74 14.97
N ARG A 105 -11.21 -11.18 15.56
CA ARG A 105 -12.38 -10.32 15.71
C ARG A 105 -12.03 -9.07 16.51
N GLY A 106 -11.25 -9.27 17.57
CA GLY A 106 -10.84 -8.16 18.42
C GLY A 106 -10.56 -8.59 19.84
N PRO A 107 -9.59 -9.49 20.03
CA PRO A 107 -9.19 -9.98 21.35
C PRO A 107 -8.63 -8.88 22.25
N GLY A 108 -7.38 -8.52 22.00
CA GLY A 108 -6.74 -7.48 22.78
C GLY A 108 -5.98 -6.51 21.90
N GLY A 109 -6.36 -6.47 20.63
CA GLY A 109 -5.71 -5.59 19.68
C GLY A 109 -5.65 -6.18 18.30
N THR A 110 -5.99 -5.35 17.31
CA THR A 110 -5.99 -5.77 15.91
C THR A 110 -4.75 -5.21 15.19
N LEU A 111 -3.61 -5.80 15.48
CA LEU A 111 -2.34 -5.36 14.88
C LEU A 111 -1.65 -6.36 13.95
N PRO A 112 -1.42 -7.60 14.46
CA PRO A 112 -0.64 -8.60 13.76
C PRO A 112 -1.30 -9.18 12.52
N GLY A 113 -0.45 -9.90 11.81
CA GLY A 113 -0.82 -10.54 10.56
C GLY A 113 -0.95 -9.52 9.46
N PRO A 114 0.10 -8.71 9.29
CA PRO A 114 0.17 -7.58 8.37
C PRO A 114 -0.36 -7.83 6.95
N ALA A 115 -0.48 -6.71 6.22
CA ALA A 115 -0.94 -6.69 4.85
C ALA A 115 0.10 -6.05 3.95
N MET A 116 0.98 -6.85 3.34
CA MET A 116 1.96 -6.29 2.45
C MET A 116 1.20 -5.76 1.25
N LEU A 117 0.94 -4.47 1.32
CA LEU A 117 0.12 -3.78 0.34
C LEU A 117 0.88 -3.19 -0.84
N ILE A 118 0.17 -3.05 -1.96
CA ILE A 118 0.74 -2.44 -3.15
C ILE A 118 0.39 -0.96 -3.17
N PRO A 119 1.39 -0.08 -3.08
CA PRO A 119 1.16 1.36 -3.09
C PRO A 119 0.25 1.76 -4.24
N GLU A 120 0.36 1.01 -5.32
CA GLU A 120 -0.40 1.28 -6.54
C GLU A 120 -1.88 0.91 -6.48
N LEU A 121 -2.23 -0.05 -5.64
CA LEU A 121 -3.63 -0.49 -5.58
C LEU A 121 -4.32 -0.09 -4.27
N CYS A 122 -3.57 0.39 -3.29
CA CYS A 122 -4.14 0.79 -2.00
C CYS A 122 -4.69 2.21 -2.04
N TYR A 123 -5.90 2.36 -2.58
CA TYR A 123 -6.58 3.65 -2.67
C TYR A 123 -6.54 4.37 -1.33
N LEU A 124 -5.88 5.53 -1.30
CA LEU A 124 -5.79 6.33 -0.09
C LEU A 124 -7.19 6.56 0.47
N THR A 125 -7.43 6.13 1.71
CA THR A 125 -8.74 6.30 2.32
C THR A 125 -8.81 7.55 3.17
N GLY A 126 -7.75 7.79 3.93
CA GLY A 126 -7.74 8.93 4.83
C GLY A 126 -8.61 8.62 6.02
N LEU A 127 -9.03 7.38 6.05
CA LEU A 127 -9.89 6.84 7.08
C LEU A 127 -9.18 6.78 8.41
N THR A 128 -7.88 6.53 8.37
CA THR A 128 -7.08 6.45 9.59
C THR A 128 -7.42 5.20 10.40
N ASP A 129 -8.62 4.68 10.13
CA ASP A 129 -9.16 3.49 10.80
C ASP A 129 -8.39 3.19 12.07
N LYS A 130 -8.41 4.17 12.97
CA LYS A 130 -7.74 4.10 14.25
C LYS A 130 -7.41 2.68 14.63
N MET A 131 -8.43 1.83 14.67
CA MET A 131 -8.25 0.41 14.96
C MET A 131 -7.42 0.16 16.23
N ARG A 132 -7.35 -1.12 16.63
CA ARG A 132 -6.59 -1.54 17.79
C ARG A 132 -7.10 -0.86 19.07
N ASN A 133 -7.34 -1.68 20.09
CA ASN A 133 -7.84 -1.19 21.37
C ASN A 133 -7.03 0.00 21.89
N ASP A 134 -5.79 0.10 21.43
CA ASP A 134 -4.91 1.20 21.85
C ASP A 134 -4.86 2.29 20.79
N CYS A 1 -8.99 26.40 -5.49
CA CYS A 1 -7.73 26.28 -6.29
C CYS A 1 -7.87 25.24 -7.39
N THR A 2 -7.38 25.55 -8.57
CA THR A 2 -7.44 24.65 -9.71
C THR A 2 -6.10 24.55 -10.42
N ASP A 3 -5.64 23.32 -10.65
CA ASP A 3 -4.38 23.09 -11.32
C ASP A 3 -4.57 23.05 -12.84
N VAL A 4 -3.46 23.02 -13.57
CA VAL A 4 -3.51 22.99 -15.03
C VAL A 4 -2.76 21.78 -15.58
N SER A 5 -3.33 21.22 -16.64
CA SER A 5 -2.77 20.05 -17.30
C SER A 5 -2.43 18.93 -16.32
N HIS A 6 -1.85 17.86 -16.85
CA HIS A 6 -1.45 16.72 -16.03
C HIS A 6 -2.59 16.24 -15.15
N LYS A 7 -3.63 15.68 -15.77
CA LYS A 7 -4.77 15.18 -15.03
C LYS A 7 -4.44 13.86 -14.34
N VAL A 8 -3.94 13.97 -13.10
CA VAL A 8 -3.55 12.82 -12.30
C VAL A 8 -3.27 11.57 -13.14
N LEU A 9 -2.03 11.46 -13.61
CA LEU A 9 -1.62 10.33 -14.43
C LEU A 9 -1.18 9.14 -13.57
N ARG A 10 -1.81 9.00 -12.41
CA ARG A 10 -1.51 7.92 -11.50
C ARG A 10 -2.77 7.57 -10.73
N SER A 11 -2.69 6.56 -9.89
CA SER A 11 -3.83 6.14 -9.12
C SER A 11 -4.28 7.21 -8.15
N GLU A 12 -4.86 6.73 -7.06
CA GLU A 12 -5.32 7.56 -5.97
C GLU A 12 -4.88 6.88 -4.69
N THR A 13 -4.15 5.79 -4.92
CA THR A 13 -3.58 4.98 -3.87
C THR A 13 -2.37 5.67 -3.30
N VAL A 14 -1.70 5.06 -2.32
CA VAL A 14 -0.52 5.73 -1.80
C VAL A 14 0.45 5.96 -2.93
N LEU A 15 0.81 4.94 -3.70
CA LEU A 15 1.71 5.13 -4.83
C LEU A 15 1.32 6.39 -5.58
N ASP A 16 0.01 6.64 -5.69
CA ASP A 16 -0.45 7.85 -6.35
C ASP A 16 0.06 9.04 -5.55
N PHE A 17 -0.06 8.92 -4.23
CA PHE A 17 0.41 9.95 -3.32
C PHE A 17 1.95 9.98 -3.29
N MET A 18 2.57 8.90 -2.79
CA MET A 18 4.03 8.78 -2.72
C MET A 18 4.67 9.34 -4.02
N PHE A 19 3.98 9.16 -5.15
CA PHE A 19 4.48 9.67 -6.44
C PHE A 19 4.49 11.19 -6.45
N ASN A 20 3.30 11.76 -6.22
CA ASN A 20 3.14 13.18 -6.17
C ASN A 20 4.34 13.82 -5.52
N PHE A 21 4.78 13.15 -4.47
CA PHE A 21 5.92 13.56 -3.69
C PHE A 21 7.21 13.60 -4.47
N TYR A 22 7.54 12.50 -5.13
CA TYR A 22 8.77 12.45 -5.90
C TYR A 22 8.83 13.65 -6.84
N HIS A 23 7.68 14.27 -7.08
CA HIS A 23 7.62 15.46 -7.91
C HIS A 23 8.07 16.68 -7.11
N GLN A 24 7.71 16.71 -5.82
CA GLN A 24 8.10 17.82 -4.92
C GLN A 24 9.37 17.49 -4.15
N THR A 25 9.16 16.78 -3.04
CA THR A 25 10.23 16.41 -2.13
C THR A 25 11.35 15.63 -2.83
N GLU A 26 12.53 15.64 -2.23
CA GLU A 26 13.69 14.93 -2.77
C GLU A 26 13.54 13.42 -2.60
N GLU A 27 14.66 12.75 -2.39
CA GLU A 27 14.66 11.31 -2.17
C GLU A 27 14.51 10.96 -0.69
N HIS A 28 15.51 11.37 0.11
CA HIS A 28 15.51 11.09 1.56
C HIS A 28 14.28 11.68 2.26
N LYS A 29 14.15 13.01 2.22
CA LYS A 29 13.01 13.67 2.87
C LYS A 29 11.74 12.95 2.49
N PHE A 30 11.54 12.87 1.18
CA PHE A 30 10.39 12.21 0.60
C PHE A 30 10.01 10.97 1.39
N GLN A 31 10.77 9.90 1.23
CA GLN A 31 10.49 8.64 1.91
C GLN A 31 9.97 8.87 3.33
N GLU A 32 10.60 9.79 4.04
CA GLU A 32 10.19 10.10 5.40
C GLU A 32 8.74 10.57 5.47
N GLN A 33 8.44 11.68 4.83
CA GLN A 33 7.08 12.24 4.82
C GLN A 33 6.04 11.22 4.36
N VAL A 34 6.21 10.73 3.13
CA VAL A 34 5.28 9.77 2.57
C VAL A 34 5.12 8.55 3.45
N SER A 35 6.22 7.86 3.74
CA SER A 35 6.16 6.66 4.58
C SER A 35 5.20 6.89 5.71
N LYS A 36 5.30 8.06 6.27
CA LYS A 36 4.46 8.46 7.39
C LYS A 36 3.01 8.49 6.95
N GLU A 37 2.75 9.26 5.91
CA GLU A 37 1.41 9.39 5.39
C GLU A 37 0.76 8.03 5.23
N LEU A 38 1.45 7.13 4.55
CA LEU A 38 0.94 5.79 4.36
C LEU A 38 0.85 5.07 5.71
N ILE A 39 1.75 5.44 6.63
CA ILE A 39 1.79 4.82 7.96
C ILE A 39 0.57 5.20 8.80
N GLY A 40 0.04 4.22 9.55
CA GLY A 40 -1.14 4.44 10.35
C GLY A 40 -2.33 4.81 9.49
N LEU A 41 -2.14 4.72 8.18
CA LEU A 41 -3.16 5.08 7.21
C LEU A 41 -3.80 3.85 6.57
N VAL A 42 -5.12 3.77 6.63
CA VAL A 42 -5.82 2.64 6.01
C VAL A 42 -5.92 2.86 4.53
N VAL A 43 -5.78 1.79 3.80
CA VAL A 43 -5.86 1.87 2.38
C VAL A 43 -6.69 0.75 1.83
N LEU A 44 -7.75 1.08 1.12
CA LEU A 44 -8.57 0.04 0.55
C LEU A 44 -7.99 -0.30 -0.79
N THR A 45 -7.66 -1.56 -0.93
CA THR A 45 -7.10 -2.05 -2.15
C THR A 45 -8.17 -2.48 -3.12
N LYS A 46 -8.03 -2.07 -4.36
CA LYS A 46 -9.01 -2.39 -5.37
C LYS A 46 -9.13 -3.91 -5.56
N TYR A 47 -8.22 -4.70 -4.95
CA TYR A 47 -8.27 -6.16 -5.07
C TYR A 47 -9.71 -6.61 -4.95
N ASN A 48 -10.24 -6.34 -3.77
CA ASN A 48 -11.60 -6.65 -3.41
C ASN A 48 -12.03 -5.61 -2.40
N ASN A 49 -11.61 -4.37 -2.66
CA ASN A 49 -11.89 -3.22 -1.81
C ASN A 49 -11.61 -3.55 -0.35
N LYS A 50 -10.34 -3.78 0.00
CA LYS A 50 -10.01 -4.10 1.38
C LYS A 50 -9.12 -3.03 2.01
N THR A 51 -9.56 -2.54 3.14
CA THR A 51 -8.85 -1.48 3.85
C THR A 51 -7.80 -2.02 4.79
N TYR A 52 -6.58 -1.52 4.63
CA TYR A 52 -5.47 -1.94 5.46
C TYR A 52 -4.66 -0.77 5.99
N ARG A 53 -4.52 -0.68 7.30
CA ARG A 53 -3.74 0.38 7.88
C ARG A 53 -2.27 0.13 7.62
N VAL A 54 -1.73 0.73 6.56
CA VAL A 54 -0.32 0.58 6.27
C VAL A 54 0.44 1.25 7.38
N ASP A 55 1.24 0.47 8.10
CA ASP A 55 2.04 0.97 9.21
C ASP A 55 3.49 0.67 8.96
N ASP A 56 3.75 -0.01 7.85
CA ASP A 56 5.07 -0.37 7.45
C ASP A 56 5.19 -0.29 5.94
N ILE A 57 6.39 -0.02 5.48
CA ILE A 57 6.64 0.11 4.05
C ILE A 57 7.88 -0.66 3.68
N ASP A 58 7.69 -1.84 3.11
CA ASP A 58 8.83 -2.65 2.73
C ASP A 58 9.41 -2.14 1.42
N TRP A 59 10.30 -1.15 1.54
CA TRP A 59 10.95 -0.59 0.37
C TRP A 59 11.93 -1.57 -0.26
N ASP A 60 12.09 -2.71 0.38
CA ASP A 60 12.95 -3.75 -0.15
C ASP A 60 12.23 -4.52 -1.24
N GLN A 61 10.90 -4.59 -1.10
CA GLN A 61 10.07 -5.30 -2.04
C GLN A 61 9.33 -4.34 -2.96
N ASN A 62 8.64 -4.90 -3.93
CA ASN A 62 7.83 -4.14 -4.87
C ASN A 62 6.77 -5.07 -5.46
N PRO A 63 5.71 -4.54 -6.08
CA PRO A 63 4.63 -5.36 -6.65
C PRO A 63 5.11 -6.37 -7.69
N LYS A 64 6.42 -6.52 -7.83
CA LYS A 64 6.97 -7.47 -8.77
C LYS A 64 7.71 -8.58 -8.03
N SER A 65 8.18 -8.26 -6.82
CA SER A 65 8.88 -9.21 -5.98
C SER A 65 7.93 -10.30 -5.53
N THR A 66 8.44 -11.43 -5.10
CA THR A 66 7.59 -12.53 -4.66
C THR A 66 7.46 -12.55 -3.13
N PHE A 67 6.28 -12.96 -2.67
CA PHE A 67 6.01 -13.03 -1.25
C PHE A 67 5.15 -14.23 -0.92
N LYS A 68 5.32 -14.77 0.28
CA LYS A 68 4.53 -15.91 0.69
C LYS A 68 3.30 -15.42 1.42
N LYS A 69 2.21 -15.31 0.65
CA LYS A 69 0.88 -14.83 1.09
C LYS A 69 0.62 -14.90 2.58
N ALA A 70 1.48 -14.24 3.36
CA ALA A 70 1.32 -14.19 4.80
C ALA A 70 1.25 -15.57 5.46
N ASP A 71 1.01 -16.61 4.65
CA ASP A 71 0.90 -17.95 5.17
C ASP A 71 1.97 -18.84 4.59
N GLY A 72 2.31 -18.61 3.33
CA GLY A 72 3.33 -19.41 2.69
C GLY A 72 3.28 -19.41 1.18
N SER A 73 2.09 -19.40 0.59
CA SER A 73 2.01 -19.41 -0.86
C SER A 73 2.84 -18.25 -1.40
N GLU A 74 3.93 -18.57 -2.08
CA GLU A 74 4.82 -17.56 -2.59
C GLU A 74 4.50 -17.14 -4.03
N VAL A 75 3.99 -15.92 -4.17
CA VAL A 75 3.61 -15.36 -5.46
C VAL A 75 4.13 -13.94 -5.60
N SER A 76 4.46 -13.55 -6.82
CA SER A 76 4.91 -12.20 -7.06
C SER A 76 3.77 -11.27 -6.70
N PHE A 77 4.02 -10.30 -5.84
CA PHE A 77 3.01 -9.37 -5.41
C PHE A 77 2.00 -9.08 -6.50
N LEU A 78 2.50 -8.79 -7.70
CA LEU A 78 1.63 -8.49 -8.82
C LEU A 78 0.66 -9.63 -9.07
N GLU A 79 1.19 -10.86 -9.10
CA GLU A 79 0.37 -12.04 -9.32
C GLU A 79 -0.76 -12.10 -8.30
N TYR A 80 -0.38 -12.06 -7.04
CA TYR A 80 -1.33 -12.09 -5.96
C TYR A 80 -2.52 -11.19 -6.23
N TYR A 81 -2.24 -9.93 -6.50
CA TYR A 81 -3.28 -8.95 -6.73
C TYR A 81 -3.94 -9.08 -8.11
N ARG A 82 -3.19 -8.77 -9.15
CA ARG A 82 -3.70 -8.81 -10.52
C ARG A 82 -4.29 -10.16 -10.92
N LYS A 83 -3.59 -11.25 -10.65
CA LYS A 83 -4.06 -12.56 -11.07
C LYS A 83 -5.16 -13.13 -10.17
N GLN A 84 -5.11 -12.88 -8.87
CA GLN A 84 -6.12 -13.41 -7.97
C GLN A 84 -7.35 -12.51 -7.88
N TYR A 85 -7.12 -11.22 -7.72
CA TYR A 85 -8.22 -10.27 -7.58
C TYR A 85 -8.54 -9.50 -8.87
N ASN A 86 -7.51 -9.22 -9.68
CA ASN A 86 -7.65 -8.55 -11.01
C ASN A 86 -7.33 -7.04 -11.06
N GLN A 87 -6.38 -6.52 -10.26
CA GLN A 87 -6.04 -5.10 -10.36
C GLN A 87 -4.66 -4.92 -10.95
N GLU A 88 -4.58 -5.14 -12.23
CA GLU A 88 -3.32 -5.03 -12.97
C GLU A 88 -2.52 -3.83 -12.49
N ILE A 89 -1.44 -4.14 -11.79
CA ILE A 89 -0.56 -3.14 -11.21
C ILE A 89 0.19 -2.35 -12.27
N THR A 90 1.20 -2.98 -12.85
CA THR A 90 2.03 -2.34 -13.87
C THR A 90 2.89 -1.24 -13.27
N ASP A 91 2.56 -0.86 -12.04
CA ASP A 91 3.28 0.17 -11.32
C ASP A 91 4.01 -0.49 -10.18
N LEU A 92 4.70 -1.57 -10.51
CA LEU A 92 5.43 -2.34 -9.54
C LEU A 92 6.77 -1.72 -9.26
N LYS A 93 6.85 -0.45 -9.54
CA LYS A 93 8.08 0.28 -9.34
C LYS A 93 8.12 0.94 -7.98
N GLN A 94 7.08 0.75 -7.15
CA GLN A 94 7.10 1.33 -5.83
C GLN A 94 7.21 0.21 -4.80
N PRO A 95 7.48 0.54 -3.52
CA PRO A 95 7.64 -0.48 -2.49
C PRO A 95 6.35 -1.14 -2.09
N VAL A 96 6.31 -1.59 -0.86
CA VAL A 96 5.15 -2.23 -0.31
C VAL A 96 4.74 -1.53 0.95
N LEU A 97 3.52 -1.79 1.34
CA LEU A 97 3.00 -1.20 2.56
C LEU A 97 2.49 -2.30 3.46
N VAL A 98 3.36 -2.82 4.29
CA VAL A 98 2.97 -3.87 5.18
C VAL A 98 2.13 -3.27 6.29
N SER A 99 0.83 -3.53 6.19
CA SER A 99 -0.13 -3.03 7.15
C SER A 99 0.06 -3.77 8.46
N GLN A 100 -0.32 -3.18 9.58
CA GLN A 100 -0.10 -3.82 10.86
C GLN A 100 -1.35 -4.56 11.38
N PRO A 101 -1.14 -5.75 11.98
CA PRO A 101 -2.20 -6.55 12.58
C PRO A 101 -2.55 -6.03 13.98
N LYS A 102 -3.05 -6.92 14.83
CA LYS A 102 -3.42 -6.57 16.19
C LYS A 102 -2.19 -6.47 17.09
N ARG A 103 -1.13 -5.83 16.59
CA ARG A 103 0.10 -5.68 17.36
C ARG A 103 -0.15 -4.99 18.70
N ARG A 104 -1.16 -4.11 18.73
CA ARG A 104 -1.50 -3.40 19.95
C ARG A 104 -2.42 -4.23 20.82
N ARG A 105 -2.19 -5.55 20.83
CA ARG A 105 -3.02 -6.47 21.60
C ARG A 105 -4.45 -6.41 21.11
N GLY A 106 -5.17 -5.38 21.54
CA GLY A 106 -6.54 -5.19 21.12
C GLY A 106 -7.53 -5.38 22.25
N PRO A 107 -8.14 -4.27 22.71
CA PRO A 107 -9.14 -4.29 23.79
C PRO A 107 -10.45 -4.94 23.36
N GLY A 108 -10.40 -5.61 22.22
CA GLY A 108 -11.58 -6.27 21.67
C GLY A 108 -11.40 -6.60 20.20
N GLY A 109 -10.60 -5.80 19.52
CA GLY A 109 -10.33 -5.99 18.11
C GLY A 109 -9.52 -7.25 17.85
N THR A 110 -9.61 -7.76 16.62
CA THR A 110 -8.88 -8.95 16.22
C THR A 110 -8.27 -8.79 14.84
N LEU A 111 -7.26 -7.94 14.72
CA LEU A 111 -6.66 -7.74 13.42
C LEU A 111 -5.93 -8.97 12.94
N PRO A 112 -5.81 -9.10 11.63
CA PRO A 112 -5.11 -10.19 11.01
C PRO A 112 -3.70 -9.81 10.59
N GLY A 113 -2.93 -10.84 10.29
CA GLY A 113 -1.55 -10.67 9.88
C GLY A 113 -1.33 -9.47 8.99
N PRO A 114 -0.14 -8.83 9.04
CA PRO A 114 0.15 -7.66 8.24
C PRO A 114 -0.30 -7.78 6.80
N ALA A 115 -0.50 -6.64 6.16
CA ALA A 115 -0.93 -6.63 4.77
C ALA A 115 0.11 -5.97 3.88
N MET A 116 0.96 -6.79 3.25
CA MET A 116 1.95 -6.23 2.35
C MET A 116 1.17 -5.68 1.18
N LEU A 117 0.91 -4.39 1.26
CA LEU A 117 0.08 -3.69 0.29
C LEU A 117 0.85 -3.12 -0.88
N ILE A 118 0.15 -3.00 -1.99
CA ILE A 118 0.71 -2.40 -3.20
C ILE A 118 0.35 -0.93 -3.24
N PRO A 119 1.31 -0.04 -2.92
CA PRO A 119 1.11 1.40 -3.01
C PRO A 119 0.22 1.78 -4.19
N GLU A 120 0.33 1.03 -5.28
CA GLU A 120 -0.42 1.33 -6.51
C GLU A 120 -1.91 0.99 -6.44
N LEU A 121 -2.29 -0.05 -5.71
CA LEU A 121 -3.69 -0.45 -5.63
C LEU A 121 -4.32 -0.10 -4.28
N CYS A 122 -3.50 0.37 -3.35
CA CYS A 122 -3.97 0.75 -2.01
C CYS A 122 -4.62 2.15 -2.03
N TYR A 123 -5.84 2.23 -2.55
CA TYR A 123 -6.53 3.51 -2.62
C TYR A 123 -6.48 4.25 -1.29
N LEU A 124 -5.86 5.43 -1.30
CA LEU A 124 -5.75 6.25 -0.12
C LEU A 124 -7.14 6.51 0.48
N THR A 125 -7.34 6.11 1.72
CA THR A 125 -8.63 6.30 2.38
C THR A 125 -8.60 7.51 3.29
N GLY A 126 -7.54 7.65 4.06
CA GLY A 126 -7.44 8.75 4.99
C GLY A 126 -8.34 8.48 6.16
N LEU A 127 -8.83 7.26 6.17
CA LEU A 127 -9.73 6.75 7.18
C LEU A 127 -9.05 6.61 8.52
N THR A 128 -7.75 6.31 8.46
CA THR A 128 -6.94 6.10 9.66
C THR A 128 -7.30 4.79 10.31
N ASP A 129 -8.58 4.44 10.18
CA ASP A 129 -9.14 3.25 10.79
C ASP A 129 -8.37 2.95 12.05
N LYS A 130 -8.53 3.84 13.04
CA LYS A 130 -7.88 3.73 14.32
C LYS A 130 -7.39 2.32 14.56
N MET A 131 -8.32 1.38 14.42
CA MET A 131 -8.01 -0.03 14.56
C MET A 131 -9.20 -0.95 14.40
N ARG A 132 -8.99 -2.18 14.83
CA ARG A 132 -9.97 -3.24 14.77
C ARG A 132 -11.32 -2.77 15.30
N ASN A 133 -12.37 -3.57 15.05
CA ASN A 133 -13.72 -3.24 15.50
C ASN A 133 -13.73 -2.87 16.98
N ASP A 134 -12.87 -3.53 17.75
CA ASP A 134 -12.78 -3.30 19.19
C ASP A 134 -14.17 -3.24 19.84
#